data_7Z3A
#
_entry.id   7Z3A
#
_cell.length_a   1.00
_cell.length_b   1.00
_cell.length_c   1.00
_cell.angle_alpha   90.00
_cell.angle_beta   90.00
_cell.angle_gamma   90.00
#
_symmetry.space_group_name_H-M   'P 1'
#
loop_
_entity.id
_entity.type
_entity.pdbx_description
1 polymer 'AMC009 SOSIPv5.2 envelope glycoprotein gp120'
2 polymer 'AMC009 SOSIP.v5.2 envelope glycoprotein gp41'
3 polymer 'ACS124 heavy chain'
4 polymer 'ACS124 light chain'
5 polymer 'ACS101 heavy chain'
6 polymer 'ACS101 light chain'
7 branched 2-acetamido-2-deoxy-beta-D-glucopyranose-(1-4)-2-acetamido-2-deoxy-beta-D-glucopyranose
8 branched beta-D-mannopyranose-(1-4)-2-acetamido-2-deoxy-beta-D-glucopyranose-(1-4)-2-acetamido-2-deoxy-beta-D-glucopyranose
9 branched alpha-D-mannopyranose-(1-3)-[alpha-D-mannopyranose-(1-6)]beta-D-mannopyranose-(1-4)-2-acetamido-2-deoxy-beta-D-glucopyranose-(1-4)-2-acetamido-2-deoxy-beta-D-glucopyranose
10 branched beta-D-mannopyranose-(1-4)-2-acetamido-2-deoxy-beta-D-glucopyranose-(1-6)-2-acetamido-2-deoxy-beta-D-glucopyranose
11 non-polymer 2-acetamido-2-deoxy-beta-D-glucopyranose
#
loop_
_entity_poly.entity_id
_entity_poly.type
_entity_poly.pdbx_seq_one_letter_code
_entity_poly.pdbx_strand_id
1 'polypeptide(L)'
;ARADKLWVTVYYGVPVWKEATTTLFCASDAKAYDTEVRNVWATHCCVPTDPNPQEVVLENVTENFNMWKNDMVEQMHEDI
ISLWDQSLKPCVKLTPLCVTLNCTDYVGNATNASTTNATGGIGGTVERGEIKNCSFNITTSIRDKVQKEYALFYKLDIVP
IDNDNTNNSYRLINCNTSVIKQACPKVSFEPIPIHYCAPAGFAILKCNDKKFNGTGPCTNVSTVQCTHGIRPVVSTQLLL
NGSLAEKEVVIRSQNFTNNAKVIIVQLNESVVINCTRPNNNTRKSIHIAPGRWFYTTGAIIGDIRQAHCNISRVKWNNTL
KQIATKLREQFKNKTIAFNQSSGGDPEIVMHSFNCGGEFFYCNTTQLFNSTWNDTEVSNYNDITHITLPCRIKQIINMWQ
KVGKAMYAPPIRGQIRCSSNITGLLLTRDGGSNENKTSETETFRPAGGDMRDNWRSELYKYKVVKIEPLGVAPTKCKRRV
VQ
;
A,C,D
2 'polypeptide(L)'
;AVGAIGAVFLGFLGAAGSTMGAASMTLTVQARQLLSGIVQQQNNLLRAPECQQHMLKLTVWGIKQLQARVLAVERYLRDQ
QLLGIWGCSGKLICCTAVPWNNSWSNRSLDMIWNNMTWIEWEREIDNYTGLIYNLLEESQNQQEKNEQELLELD
;
B,E,F
3 'polypeptide(L)'
;EVQLLESGPGLVKPSETLSLTCTVSGVPISRHYWNWIRQSPGKGLEWIGYIFFNGNANYNPSLKSRVTISVDMSKNQFSL
TLRSVTAADTAVYYCVREKSIAEEDNMVRWFDPWGQGTLVTVSS
;
G,M
4 'polypeptide(L)'
;SYELTQPPSVSVAPGKTARITCGGNNLGTKSVHWYQQKPGQAPVNVIYYDSDRPSGIPERFSGSKSGNTATLTISRVEAG
DEADYYCQVWDSSRDQCVFGIGTKVTVL
;
I,O
5 'polypeptide(L)'
;EVQLLESGAEVKKPGASVRVSCEASGYTFTKYFIHWVRQAPGHGLEWIGWINTLTSGVNYARNFQGRLTLTRDLSTETVY
MDLRNLKSDDTAVYYCARGGRGYDEPWGAYTWLDPWGQGSLVTVSS
;
H,J,K
6 'polypeptide(L)'
;VTSYELTQPASVSGSPGQSITISCTGSSIGSYDLVSWYQQYPGKAPKVIIFEVSKRPSGVSHRFSGSKSGNTAALTISGL
QVEDEAIYHCYSYDDMIIFGGGTRLTVL
;
L,N,P
#
# COMPACT_ATOMS: atom_id res chain seq x y z
N TRP A 7 -23.40 10.41 -38.41
CA TRP A 7 -22.65 11.21 -37.44
C TRP A 7 -22.40 10.35 -36.21
N VAL A 8 -21.18 10.43 -35.64
CA VAL A 8 -20.76 9.61 -34.49
C VAL A 8 -20.86 10.36 -33.19
N THR A 9 -21.76 10.00 -32.29
CA THR A 9 -21.85 10.74 -31.03
C THR A 9 -21.48 9.90 -29.85
N VAL A 10 -21.19 10.60 -28.76
CA VAL A 10 -20.69 9.93 -27.56
C VAL A 10 -21.66 9.88 -26.44
N TYR A 11 -21.85 8.68 -25.90
CA TYR A 11 -22.77 8.46 -24.81
C TYR A 11 -22.04 7.94 -23.59
N TYR A 12 -22.19 8.62 -22.46
CA TYR A 12 -21.51 8.17 -21.26
C TYR A 12 -22.49 7.73 -20.20
N GLY A 13 -22.25 6.57 -19.59
CA GLY A 13 -23.13 6.01 -18.58
C GLY A 13 -23.93 4.88 -19.20
N VAL A 14 -23.40 4.34 -20.28
CA VAL A 14 -24.01 3.27 -21.03
C VAL A 14 -24.00 1.97 -20.23
N PRO A 15 -25.14 1.28 -20.07
CA PRO A 15 -25.29 0.08 -19.27
C PRO A 15 -24.75 -1.19 -19.88
N VAL A 16 -23.44 -1.25 -20.05
CA VAL A 16 -22.81 -2.43 -20.61
C VAL A 16 -21.65 -2.92 -19.76
N TRP A 17 -21.26 -4.16 -19.95
CA TRP A 17 -20.15 -4.72 -19.21
C TRP A 17 -19.48 -5.84 -19.95
N LYS A 18 -18.28 -6.16 -19.50
CA LYS A 18 -17.53 -7.28 -20.00
C LYS A 18 -17.04 -8.11 -18.83
N GLU A 19 -16.89 -9.41 -19.03
CA GLU A 19 -16.37 -10.23 -17.94
C GLU A 19 -14.98 -9.80 -17.58
N ALA A 20 -14.70 -9.69 -16.30
CA ALA A 20 -13.39 -9.24 -15.88
C ALA A 20 -13.10 -9.68 -14.49
N THR A 21 -11.84 -9.72 -14.11
CA THR A 21 -11.53 -10.06 -12.75
C THR A 21 -10.85 -8.92 -12.05
N THR A 22 -11.00 -8.88 -10.74
CA THR A 22 -10.38 -7.89 -9.90
C THR A 22 -10.38 -8.39 -8.47
N THR A 23 -9.49 -7.86 -7.66
CA THR A 23 -9.44 -8.19 -6.25
C THR A 23 -10.70 -7.74 -5.56
N LEU A 24 -11.33 -8.62 -4.79
CA LEU A 24 -12.54 -8.22 -4.09
C LEU A 24 -12.28 -7.81 -2.66
N PHE A 25 -13.10 -6.90 -2.19
CA PHE A 25 -13.05 -6.35 -0.85
C PHE A 25 -13.74 -7.24 0.18
N CYS A 26 -13.12 -7.42 1.37
CA CYS A 26 -13.67 -8.18 2.49
C CYS A 26 -14.53 -7.30 3.41
N ALA A 27 -15.81 -7.66 3.51
CA ALA A 27 -16.74 -6.95 4.37
C ALA A 27 -17.23 -7.86 5.49
N SER A 28 -17.06 -7.37 6.71
CA SER A 28 -17.40 -8.06 7.95
C SER A 28 -18.83 -7.90 8.42
N ASP A 29 -19.22 -8.68 9.41
CA ASP A 29 -20.54 -8.52 10.05
C ASP A 29 -20.63 -7.33 11.03
N ALA A 30 -19.51 -7.03 11.75
CA ALA A 30 -19.42 -5.98 12.78
C ALA A 30 -17.97 -5.62 12.99
N ARG A 38 -6.70 -12.41 17.69
CA ARG A 38 -8.01 -13.04 17.76
C ARG A 38 -8.80 -12.67 16.51
N ASN A 39 -9.85 -13.47 16.22
CA ASN A 39 -10.84 -13.24 15.16
C ASN A 39 -10.31 -13.03 13.75
N VAL A 40 -9.39 -13.83 13.28
CA VAL A 40 -8.90 -13.53 11.95
C VAL A 40 -9.89 -13.95 10.87
N TRP A 41 -10.58 -15.07 11.09
CA TRP A 41 -11.62 -15.54 10.15
C TRP A 41 -12.97 -15.01 10.60
N ALA A 42 -12.89 -14.19 11.64
CA ALA A 42 -14.01 -13.48 12.24
C ALA A 42 -13.69 -12.02 12.02
N THR A 43 -13.00 -11.85 10.91
CA THR A 43 -12.52 -10.65 10.29
C THR A 43 -12.01 -9.48 11.12
N HIS A 44 -10.93 -9.66 11.85
CA HIS A 44 -10.38 -8.57 12.63
C HIS A 44 -9.76 -7.53 11.71
N CYS A 45 -9.55 -7.94 10.47
CA CYS A 45 -8.97 -7.14 9.41
C CYS A 45 -9.92 -6.78 8.25
N CYS A 46 -11.27 -6.74 8.46
CA CYS A 46 -12.24 -6.38 7.42
C CYS A 46 -13.14 -5.28 7.97
N VAL A 47 -13.93 -4.67 7.10
CA VAL A 47 -14.76 -3.55 7.52
C VAL A 47 -16.24 -3.87 7.33
N PRO A 48 -17.14 -3.59 8.29
CA PRO A 48 -18.56 -3.88 8.18
C PRO A 48 -19.31 -2.91 7.29
N THR A 49 -18.96 -2.94 6.03
CA THR A 49 -19.53 -2.08 5.03
C THR A 49 -20.86 -2.64 4.58
N ASP A 50 -21.86 -2.58 5.44
CA ASP A 50 -23.14 -3.21 5.13
C ASP A 50 -24.37 -2.30 5.29
N PRO A 51 -24.48 -1.21 4.51
CA PRO A 51 -25.57 -0.26 4.55
C PRO A 51 -26.78 -0.77 3.79
N ASN A 52 -27.32 -1.90 4.22
CA ASN A 52 -28.47 -2.48 3.54
C ASN A 52 -28.31 -2.53 2.00
N PRO A 53 -27.31 -3.24 1.47
CA PRO A 53 -26.96 -3.30 0.06
C PRO A 53 -27.93 -4.13 -0.76
N GLN A 54 -29.11 -3.58 -1.00
CA GLN A 54 -30.18 -4.24 -1.74
C GLN A 54 -29.88 -4.41 -3.22
N GLU A 55 -30.42 -5.47 -3.78
CA GLU A 55 -30.23 -5.86 -5.18
C GLU A 55 -31.15 -5.18 -6.18
N VAL A 56 -30.65 -5.11 -7.40
CA VAL A 56 -31.43 -4.64 -8.53
C VAL A 56 -31.59 -5.78 -9.50
N VAL A 57 -32.80 -5.99 -9.97
CA VAL A 57 -33.01 -7.06 -10.92
C VAL A 57 -32.76 -6.53 -12.30
N LEU A 58 -32.02 -7.27 -13.12
CA LEU A 58 -31.77 -6.81 -14.45
C LEU A 58 -32.86 -7.40 -15.29
N GLU A 59 -33.65 -6.58 -15.91
CA GLU A 59 -34.79 -7.17 -16.59
C GLU A 59 -34.45 -7.59 -18.01
N ASN A 60 -34.83 -8.82 -18.41
CA ASN A 60 -34.66 -9.39 -19.76
C ASN A 60 -33.21 -9.30 -20.27
N VAL A 61 -32.27 -9.82 -19.46
CA VAL A 61 -30.86 -9.96 -19.80
C VAL A 61 -30.57 -11.40 -19.52
N THR A 62 -29.52 -11.95 -20.09
CA THR A 62 -29.11 -13.28 -19.72
C THR A 62 -27.66 -13.22 -19.46
N GLU A 63 -27.13 -14.20 -18.76
CA GLU A 63 -25.69 -14.22 -18.54
C GLU A 63 -25.19 -15.64 -18.38
N ASN A 64 -23.95 -15.88 -18.81
CA ASN A 64 -23.31 -17.19 -18.71
C ASN A 64 -22.43 -17.35 -17.50
N PHE A 65 -22.78 -18.32 -16.70
CA PHE A 65 -22.06 -18.59 -15.47
C PHE A 65 -21.38 -19.93 -15.56
N ASN A 66 -20.24 -20.05 -14.93
CA ASN A 66 -19.56 -21.32 -14.87
C ASN A 66 -18.83 -21.41 -13.56
N MET A 67 -19.39 -22.14 -12.63
CA MET A 67 -18.86 -22.20 -11.29
C MET A 67 -17.51 -22.87 -11.20
N TRP A 68 -17.14 -23.58 -12.24
CA TRP A 68 -15.91 -24.32 -12.25
C TRP A 68 -14.76 -23.46 -12.74
N LYS A 69 -15.07 -22.28 -13.23
CA LYS A 69 -14.07 -21.35 -13.76
C LYS A 69 -14.16 -20.03 -13.04
N ASN A 70 -14.75 -20.04 -11.86
CA ASN A 70 -15.00 -18.84 -11.09
C ASN A 70 -13.78 -18.37 -10.27
N ASP A 71 -13.22 -17.23 -10.63
CA ASP A 71 -12.01 -16.75 -9.99
C ASP A 71 -12.27 -16.28 -8.57
N MET A 72 -13.53 -16.15 -8.21
CA MET A 72 -13.88 -15.73 -6.88
C MET A 72 -13.49 -16.85 -5.95
N VAL A 73 -13.56 -18.10 -6.45
CA VAL A 73 -13.23 -19.27 -5.67
C VAL A 73 -11.75 -19.26 -5.50
N GLU A 74 -11.05 -18.91 -6.57
CA GLU A 74 -9.61 -18.89 -6.49
C GLU A 74 -9.17 -17.84 -5.49
N GLN A 75 -9.86 -16.71 -5.44
CA GLN A 75 -9.45 -15.75 -4.46
C GLN A 75 -9.71 -16.26 -3.07
N MET A 76 -10.82 -16.96 -2.83
CA MET A 76 -11.02 -17.38 -1.45
C MET A 76 -9.89 -18.25 -1.01
N HIS A 77 -9.43 -19.11 -1.89
CA HIS A 77 -8.35 -20.00 -1.57
C HIS A 77 -7.09 -19.25 -1.25
N GLU A 78 -6.72 -18.33 -2.11
CA GLU A 78 -5.48 -17.64 -1.86
C GLU A 78 -5.55 -16.73 -0.65
N ASP A 79 -6.70 -16.10 -0.43
CA ASP A 79 -6.82 -15.19 0.67
C ASP A 79 -6.86 -15.88 1.99
N ILE A 80 -7.52 -17.02 2.07
CA ILE A 80 -7.60 -17.65 3.35
C ILE A 80 -6.24 -18.20 3.72
N ILE A 81 -5.50 -18.70 2.75
CA ILE A 81 -4.20 -19.23 3.08
C ILE A 81 -3.30 -18.11 3.49
N SER A 82 -3.30 -17.04 2.75
CA SER A 82 -2.43 -15.95 3.08
C SER A 82 -2.74 -15.40 4.45
N LEU A 83 -4.02 -15.23 4.78
CA LEU A 83 -4.34 -14.67 6.07
C LEU A 83 -3.90 -15.61 7.16
N TRP A 84 -4.10 -16.91 6.97
CA TRP A 84 -3.69 -17.91 7.95
C TRP A 84 -2.22 -17.74 8.26
N ASP A 85 -1.40 -17.68 7.22
CA ASP A 85 0.02 -17.53 7.45
C ASP A 85 0.40 -16.21 8.05
N GLN A 86 -0.26 -15.13 7.68
CA GLN A 86 0.12 -13.86 8.26
C GLN A 86 -0.14 -13.88 9.76
N SER A 87 -1.24 -14.51 10.16
CA SER A 87 -1.61 -14.57 11.55
C SER A 87 -0.68 -15.46 12.36
N LEU A 88 -0.25 -16.58 11.79
CA LEU A 88 0.60 -17.46 12.55
C LEU A 88 2.08 -17.28 12.32
N LYS A 89 2.45 -16.45 11.35
CA LYS A 89 3.86 -16.22 11.10
C LYS A 89 4.71 -16.00 12.34
N PRO A 90 4.36 -15.12 13.31
CA PRO A 90 5.17 -14.81 14.47
C PRO A 90 5.07 -15.74 15.69
N CYS A 91 4.39 -16.90 15.57
CA CYS A 91 4.15 -17.83 16.68
C CYS A 91 5.37 -18.72 16.93
N VAL A 92 5.38 -19.38 18.07
CA VAL A 92 6.50 -20.18 18.54
C VAL A 92 6.86 -21.42 17.72
N LYS A 93 8.14 -21.51 17.38
CA LYS A 93 8.64 -22.67 16.65
C LYS A 93 8.78 -23.81 17.63
N LEU A 94 8.44 -25.01 17.22
CA LEU A 94 8.56 -26.15 18.11
C LEU A 94 9.77 -27.03 17.86
N THR A 95 10.71 -26.55 17.07
CA THR A 95 11.90 -27.30 16.75
C THR A 95 12.56 -27.99 17.96
N PRO A 96 12.71 -27.33 19.15
CA PRO A 96 13.34 -27.89 20.33
C PRO A 96 12.71 -29.17 20.85
N LEU A 97 11.52 -29.53 20.38
CA LEU A 97 10.90 -30.77 20.85
C LEU A 97 11.29 -32.03 20.03
N CYS A 98 12.09 -31.89 18.94
CA CYS A 98 12.54 -32.99 18.09
C CYS A 98 13.68 -33.79 18.72
N VAL A 99 13.29 -34.56 19.70
CA VAL A 99 14.20 -35.45 20.38
C VAL A 99 13.57 -36.81 20.45
N THR A 100 14.34 -37.83 20.72
CA THR A 100 13.77 -39.13 20.92
C THR A 100 12.99 -39.06 22.20
N LEU A 101 11.79 -39.57 22.16
CA LEU A 101 10.89 -39.57 23.28
C LEU A 101 10.82 -40.96 23.91
N ASN A 102 10.70 -41.00 25.26
CA ASN A 102 10.52 -42.19 26.09
C ASN A 102 9.04 -42.26 26.48
N CYS A 103 8.23 -43.13 25.81
CA CYS A 103 6.76 -43.09 25.92
C CYS A 103 6.12 -44.37 26.44
N THR A 104 5.08 -44.16 27.26
CA THR A 104 4.21 -45.22 27.78
C THR A 104 2.75 -45.02 27.42
N ASP A 105 1.94 -46.01 27.73
CA ASP A 105 0.53 -46.02 27.35
C ASP A 105 -0.45 -45.31 28.29
N TYR A 106 -0.36 -43.98 28.32
CA TYR A 106 -1.23 -43.07 29.10
C TYR A 106 -1.01 -41.66 28.56
N GLU A 127 -9.25 -48.77 24.38
CA GLU A 127 -8.50 -47.62 23.88
C GLU A 127 -7.06 -48.00 23.48
N ARG A 128 -6.40 -48.86 24.30
CA ARG A 128 -5.06 -49.40 24.10
C ARG A 128 -3.93 -48.39 23.85
N GLY A 129 -3.78 -47.43 24.76
CA GLY A 129 -2.70 -46.46 24.62
C GLY A 129 -3.01 -45.30 23.67
N GLU A 130 -4.28 -44.94 23.54
CA GLU A 130 -4.69 -43.86 22.66
C GLU A 130 -3.91 -42.59 22.97
N ILE A 131 -3.64 -42.36 24.25
CA ILE A 131 -2.87 -41.23 24.68
C ILE A 131 -1.54 -41.75 25.13
N LYS A 132 -0.47 -41.14 24.65
CA LYS A 132 0.84 -41.53 25.09
C LYS A 132 1.33 -40.51 26.13
N ASN A 133 2.12 -40.99 27.11
CA ASN A 133 2.79 -40.18 28.12
C ASN A 133 4.30 -40.26 27.84
N CYS A 134 4.85 -39.18 27.27
CA CYS A 134 6.23 -39.13 26.80
C CYS A 134 7.07 -38.19 27.61
N SER A 135 8.28 -38.64 27.93
CA SER A 135 9.23 -37.79 28.61
C SER A 135 10.41 -37.56 27.70
N PHE A 136 11.04 -36.41 27.88
CA PHE A 136 12.15 -36.07 27.03
C PHE A 136 13.17 -35.06 27.60
N ASN A 137 14.37 -35.03 26.98
CA ASN A 137 15.49 -34.13 27.26
C ASN A 137 15.45 -32.89 26.36
N ILE A 138 15.12 -31.71 26.92
CA ILE A 138 15.00 -30.43 26.17
C ILE A 138 16.18 -29.53 26.56
N THR A 139 16.83 -28.93 25.55
CA THR A 139 18.03 -28.10 25.80
C THR A 139 18.03 -26.69 25.22
N THR A 140 16.89 -26.03 25.06
CA THR A 140 16.95 -24.71 24.40
C THR A 140 16.77 -23.45 25.26
N SER A 141 15.99 -23.47 26.33
CA SER A 141 15.80 -22.20 27.03
C SER A 141 17.09 -21.69 27.66
N ILE A 142 17.90 -22.62 28.14
CA ILE A 142 19.20 -22.35 28.73
C ILE A 142 20.24 -23.06 27.91
N ARG A 143 21.18 -22.32 27.36
CA ARG A 143 22.12 -22.94 26.45
C ARG A 143 23.02 -24.03 27.01
N ASP A 144 23.36 -23.99 28.29
CA ASP A 144 24.25 -25.01 28.82
C ASP A 144 23.53 -26.00 29.74
N LYS A 145 22.19 -26.10 29.66
CA LYS A 145 21.46 -27.04 30.53
C LYS A 145 20.43 -27.89 29.81
N VAL A 146 20.15 -29.05 30.39
CA VAL A 146 19.10 -29.93 29.89
C VAL A 146 18.07 -30.17 30.96
N GLN A 147 16.80 -30.14 30.58
CA GLN A 147 15.74 -30.42 31.53
C GLN A 147 14.90 -31.58 31.11
N LYS A 148 14.31 -32.22 32.10
CA LYS A 148 13.35 -33.26 31.83
C LYS A 148 11.95 -32.68 31.83
N GLU A 149 11.25 -32.93 30.74
CA GLU A 149 9.88 -32.45 30.53
C GLU A 149 9.05 -33.62 30.07
N TYR A 150 7.74 -33.52 30.23
CA TYR A 150 6.91 -34.60 29.73
C TYR A 150 5.65 -33.98 29.19
N ALA A 151 4.97 -34.74 28.35
CA ALA A 151 3.70 -34.29 27.83
C ALA A 151 2.76 -35.44 27.54
N LEU A 152 1.46 -35.17 27.63
CA LEU A 152 0.49 -36.18 27.26
C LEU A 152 -0.10 -35.80 25.93
N PHE A 153 -0.14 -36.74 24.99
CA PHE A 153 -0.72 -36.43 23.70
C PHE A 153 -1.19 -37.62 22.89
N TYR A 154 -2.01 -37.35 21.91
CA TYR A 154 -2.61 -38.37 21.08
C TYR A 154 -1.56 -39.16 20.31
N LYS A 155 -1.72 -40.48 20.28
CA LYS A 155 -0.78 -41.38 19.61
C LYS A 155 -0.76 -41.18 18.11
N LEU A 156 -1.75 -40.53 17.63
CA LEU A 156 -1.92 -40.31 16.22
C LEU A 156 -0.92 -39.33 15.68
N ASP A 157 -0.24 -38.60 16.58
CA ASP A 157 0.78 -37.67 16.20
C ASP A 157 2.20 -38.21 16.44
N ILE A 158 2.37 -39.49 16.80
CA ILE A 158 3.74 -39.94 17.11
C ILE A 158 4.17 -41.20 16.33
N VAL A 159 5.47 -41.29 16.01
CA VAL A 159 6.10 -42.41 15.30
C VAL A 159 6.80 -43.40 16.20
N PRO A 160 6.40 -44.67 16.24
CA PRO A 160 7.09 -45.74 16.95
C PRO A 160 8.47 -45.89 16.36
N ILE A 161 9.49 -46.06 17.22
CA ILE A 161 10.91 -46.25 16.89
C ILE A 161 11.47 -47.25 17.91
N ASN A 167 10.33 -51.67 22.32
CA ASN A 167 11.00 -50.63 23.08
C ASN A 167 9.98 -49.49 23.30
N ASN A 168 10.42 -48.40 23.99
CA ASN A 168 9.62 -47.22 24.34
C ASN A 168 10.10 -46.00 23.56
N SER A 169 10.82 -46.24 22.45
CA SER A 169 11.38 -45.14 21.69
C SER A 169 10.44 -44.70 20.60
N TYR A 170 10.13 -43.42 20.62
CA TYR A 170 9.26 -42.72 19.67
C TYR A 170 9.77 -41.35 19.26
N ARG A 171 9.28 -40.81 18.16
CA ARG A 171 9.54 -39.40 17.81
C ARG A 171 8.31 -38.81 17.16
N LEU A 172 8.13 -37.51 17.23
CA LEU A 172 6.98 -36.82 16.62
C LEU A 172 6.85 -37.02 15.10
N ILE A 173 5.63 -37.31 14.60
CA ILE A 173 5.41 -37.59 13.16
C ILE A 173 5.78 -36.51 12.22
N ASN A 174 5.49 -35.30 12.54
CA ASN A 174 5.84 -34.26 11.59
C ASN A 174 7.14 -33.52 11.89
N CYS A 175 8.04 -34.10 12.73
CA CYS A 175 9.33 -33.52 13.08
C CYS A 175 10.21 -33.31 11.86
N ASN A 176 10.37 -34.33 11.03
CA ASN A 176 11.22 -34.14 9.88
C ASN A 176 10.39 -33.73 8.67
N THR A 177 11.06 -33.13 7.66
CA THR A 177 10.57 -32.63 6.36
C THR A 177 9.72 -31.35 6.48
N SER A 178 9.36 -30.96 7.69
CA SER A 178 8.47 -29.83 7.89
C SER A 178 8.72 -29.08 9.20
N VAL A 179 8.50 -27.77 9.17
CA VAL A 179 8.60 -26.91 10.35
C VAL A 179 7.27 -26.85 11.05
N ILE A 180 7.27 -27.03 12.36
CA ILE A 180 6.00 -26.97 13.07
C ILE A 180 5.97 -25.77 13.99
N LYS A 181 4.91 -24.98 13.89
CA LYS A 181 4.74 -23.86 14.81
C LYS A 181 3.52 -24.10 15.66
N GLN A 182 3.53 -23.66 16.90
CA GLN A 182 2.35 -23.75 17.73
C GLN A 182 1.49 -22.57 17.44
N ALA A 183 0.21 -22.77 17.32
CA ALA A 183 -0.63 -21.61 17.08
C ALA A 183 -0.59 -20.72 18.31
N CYS A 184 -0.62 -19.38 18.12
CA CYS A 184 -0.63 -18.37 19.16
C CYS A 184 -1.93 -18.43 19.98
N PRO A 185 -1.84 -18.36 21.32
CA PRO A 185 -2.95 -18.44 22.28
C PRO A 185 -3.92 -17.28 22.16
N LYS A 186 -3.49 -16.23 21.51
CA LYS A 186 -4.31 -15.05 21.34
C LYS A 186 -4.83 -14.91 19.92
N VAL A 187 -4.78 -15.99 19.16
CA VAL A 187 -5.28 -16.04 17.79
C VAL A 187 -6.37 -17.08 17.70
N SER A 188 -7.46 -16.73 17.04
CA SER A 188 -8.54 -17.67 16.88
C SER A 188 -9.05 -17.62 15.47
N PHE A 189 -9.63 -18.75 15.07
CA PHE A 189 -10.17 -18.96 13.75
C PHE A 189 -11.59 -19.43 13.86
N GLU A 190 -12.48 -18.51 14.15
CA GLU A 190 -13.86 -18.84 14.40
C GLU A 190 -14.65 -18.19 13.29
N PRO A 191 -14.87 -18.88 12.18
CA PRO A 191 -15.32 -18.29 10.96
C PRO A 191 -16.70 -17.67 11.08
N ILE A 192 -16.87 -16.52 10.45
CA ILE A 192 -18.16 -15.84 10.42
C ILE A 192 -18.47 -15.64 8.96
N PRO A 193 -19.69 -15.37 8.55
CA PRO A 193 -19.99 -15.06 7.17
C PRO A 193 -19.20 -13.86 6.71
N ILE A 194 -18.58 -13.93 5.56
CA ILE A 194 -17.85 -12.81 5.02
C ILE A 194 -18.43 -12.43 3.69
N HIS A 195 -18.67 -11.16 3.47
CA HIS A 195 -19.28 -10.72 2.24
C HIS A 195 -18.20 -10.19 1.32
N TYR A 196 -18.19 -10.61 0.06
CA TYR A 196 -17.20 -10.02 -0.83
C TYR A 196 -17.82 -8.98 -1.72
N CYS A 197 -17.17 -7.81 -1.82
CA CYS A 197 -17.69 -6.65 -2.52
C CYS A 197 -16.81 -6.24 -3.69
N ALA A 198 -17.45 -5.91 -4.79
CA ALA A 198 -16.71 -5.43 -5.93
C ALA A 198 -16.28 -4.00 -5.64
N PRO A 199 -15.15 -3.53 -6.16
CA PRO A 199 -14.68 -2.16 -6.10
C PRO A 199 -15.51 -1.31 -7.03
N ALA A 200 -15.49 0.00 -6.84
CA ALA A 200 -16.22 0.83 -7.77
C ALA A 200 -15.72 0.57 -9.17
N GLY A 201 -16.66 0.50 -10.12
CA GLY A 201 -16.36 0.21 -11.52
C GLY A 201 -16.68 -1.23 -11.87
N PHE A 202 -16.90 -2.02 -10.83
CA PHE A 202 -17.23 -3.43 -10.93
C PHE A 202 -18.50 -3.79 -10.20
N ALA A 203 -19.09 -4.89 -10.62
CA ALA A 203 -20.29 -5.37 -9.98
C ALA A 203 -20.36 -6.87 -10.00
N ILE A 204 -21.17 -7.43 -9.10
CA ILE A 204 -21.32 -8.86 -9.04
C ILE A 204 -22.69 -9.29 -9.53
N LEU A 205 -22.71 -10.16 -10.51
CA LEU A 205 -23.97 -10.63 -11.04
C LEU A 205 -24.31 -11.92 -10.35
N LYS A 206 -25.58 -12.15 -10.09
CA LYS A 206 -25.97 -13.36 -9.41
C LYS A 206 -27.10 -14.10 -10.14
N CYS A 207 -27.07 -15.46 -10.09
CA CYS A 207 -28.15 -16.31 -10.59
C CYS A 207 -29.23 -16.45 -9.53
N ASN A 208 -30.46 -16.19 -9.94
CA ASN A 208 -31.59 -16.35 -9.07
C ASN A 208 -32.45 -17.48 -9.57
N ASP A 209 -31.90 -18.20 -10.52
CA ASP A 209 -32.61 -19.30 -11.12
C ASP A 209 -32.71 -20.46 -10.20
N LYS A 210 -33.83 -21.13 -10.27
CA LYS A 210 -33.95 -22.34 -9.52
C LYS A 210 -33.42 -23.38 -10.45
N LYS A 211 -32.95 -24.47 -9.90
CA LYS A 211 -32.43 -25.56 -10.68
C LYS A 211 -31.28 -25.11 -11.58
N PHE A 212 -30.40 -24.28 -11.03
CA PHE A 212 -29.20 -23.90 -11.76
C PHE A 212 -28.17 -24.96 -11.46
N ASN A 213 -27.64 -25.61 -12.50
CA ASN A 213 -26.73 -26.76 -12.41
C ASN A 213 -25.22 -26.39 -12.33
N GLY A 214 -24.87 -25.09 -12.29
CA GLY A 214 -23.50 -24.56 -12.19
C GLY A 214 -22.91 -24.07 -13.51
N THR A 215 -23.48 -24.46 -14.65
CA THR A 215 -22.97 -24.02 -15.93
C THR A 215 -24.06 -23.55 -16.88
N GLY A 216 -23.66 -22.87 -17.95
CA GLY A 216 -24.64 -22.44 -18.92
C GLY A 216 -25.26 -21.11 -18.52
N PRO A 217 -26.21 -20.61 -19.27
CA PRO A 217 -26.87 -19.36 -19.03
C PRO A 217 -27.82 -19.44 -17.85
N CYS A 218 -28.03 -18.29 -17.19
CA CYS A 218 -29.04 -18.02 -16.19
C CYS A 218 -29.95 -17.01 -16.83
N THR A 219 -31.23 -17.16 -16.56
CA THR A 219 -32.25 -16.24 -17.08
C THR A 219 -32.59 -15.12 -16.11
N ASN A 220 -32.79 -15.44 -14.81
CA ASN A 220 -33.07 -14.47 -13.76
C ASN A 220 -31.74 -14.03 -13.15
N VAL A 221 -31.26 -12.83 -13.53
CA VAL A 221 -29.96 -12.28 -13.13
C VAL A 221 -30.17 -10.96 -12.44
N SER A 222 -29.54 -10.84 -11.29
CA SER A 222 -29.63 -9.61 -10.52
C SER A 222 -28.24 -9.11 -10.24
N THR A 223 -28.14 -7.84 -9.91
CA THR A 223 -26.86 -7.28 -9.57
C THR A 223 -26.80 -6.80 -8.15
N VAL A 224 -25.73 -7.20 -7.51
CA VAL A 224 -25.51 -6.83 -6.15
C VAL A 224 -24.12 -6.26 -6.03
N GLN A 225 -23.92 -5.31 -5.14
CA GLN A 225 -22.54 -4.87 -4.99
C GLN A 225 -21.66 -5.91 -4.25
N CYS A 226 -22.25 -6.63 -3.26
CA CYS A 226 -21.62 -7.60 -2.37
C CYS A 226 -22.35 -8.95 -2.38
N THR A 227 -21.61 -10.02 -2.17
CA THR A 227 -22.21 -11.34 -2.07
C THR A 227 -22.79 -11.44 -0.70
N HIS A 228 -23.56 -12.48 -0.46
CA HIS A 228 -24.09 -12.68 0.86
C HIS A 228 -22.93 -13.15 1.68
N GLY A 229 -23.10 -13.27 2.98
CA GLY A 229 -21.94 -13.70 3.71
C GLY A 229 -21.75 -15.19 3.58
N ILE A 230 -20.52 -15.58 3.26
CA ILE A 230 -20.15 -16.96 3.19
C ILE A 230 -19.17 -17.25 4.29
N ARG A 231 -19.50 -18.21 5.13
CA ARG A 231 -18.66 -18.52 6.25
C ARG A 231 -17.52 -19.45 5.80
N PRO A 232 -16.24 -19.12 6.04
CA PRO A 232 -15.07 -19.89 5.65
C PRO A 232 -14.83 -21.08 6.52
N VAL A 233 -15.71 -22.04 6.41
CA VAL A 233 -15.66 -23.25 7.22
C VAL A 233 -14.76 -24.27 6.57
N VAL A 234 -13.87 -24.86 7.34
CA VAL A 234 -12.99 -25.86 6.81
C VAL A 234 -13.48 -27.26 7.18
N SER A 235 -13.65 -28.10 6.18
CA SER A 235 -14.09 -29.48 6.36
C SER A 235 -13.77 -30.29 5.12
N THR A 236 -13.92 -31.60 5.23
CA THR A 236 -13.73 -32.44 4.03
C THR A 236 -14.96 -33.18 3.50
N GLN A 237 -15.25 -34.36 4.02
CA GLN A 237 -16.33 -35.17 3.42
C GLN A 237 -17.73 -34.52 3.42
N LEU A 238 -18.06 -33.80 4.47
CA LEU A 238 -19.35 -33.13 4.60
C LEU A 238 -19.12 -31.65 4.73
N LEU A 239 -19.98 -30.89 4.09
CA LEU A 239 -19.96 -29.44 4.08
C LEU A 239 -20.79 -28.95 5.22
N LEU A 240 -20.16 -28.20 6.11
CA LEU A 240 -20.83 -27.74 7.31
C LEU A 240 -21.00 -26.23 7.34
N ASN A 241 -22.06 -25.76 8.04
CA ASN A 241 -22.38 -24.36 8.36
C ASN A 241 -22.42 -23.46 7.10
N GLY A 242 -22.96 -23.97 5.97
CA GLY A 242 -23.10 -23.28 4.68
C GLY A 242 -24.55 -22.93 4.41
N SER A 243 -24.91 -22.83 3.14
CA SER A 243 -26.29 -22.48 2.78
C SER A 243 -27.06 -23.68 2.29
N LEU A 244 -28.37 -23.55 2.33
CA LEU A 244 -29.26 -24.58 1.85
C LEU A 244 -29.90 -24.21 0.55
N ALA A 245 -30.22 -25.24 -0.22
CA ALA A 245 -30.95 -25.12 -1.48
C ALA A 245 -32.36 -24.65 -1.18
N GLU A 246 -32.95 -23.84 -2.04
CA GLU A 246 -34.27 -23.33 -1.76
C GLU A 246 -35.43 -24.32 -1.74
N LYS A 247 -35.45 -25.29 -2.67
CA LYS A 247 -36.60 -26.18 -2.75
C LYS A 247 -36.36 -27.67 -2.57
N GLU A 248 -35.23 -28.16 -3.01
CA GLU A 248 -34.98 -29.59 -3.01
C GLU A 248 -33.50 -29.86 -3.00
N VAL A 249 -33.13 -31.10 -2.76
CA VAL A 249 -31.75 -31.45 -2.85
C VAL A 249 -31.32 -31.36 -4.30
N VAL A 250 -30.22 -30.67 -4.56
CA VAL A 250 -29.75 -30.53 -5.93
C VAL A 250 -28.34 -31.00 -6.07
N ILE A 251 -28.04 -31.56 -7.22
CA ILE A 251 -26.71 -32.07 -7.45
C ILE A 251 -26.03 -31.43 -8.61
N ARG A 252 -24.83 -30.94 -8.39
CA ARG A 252 -24.09 -30.28 -9.44
C ARG A 252 -22.75 -30.95 -9.71
N SER A 253 -22.35 -30.94 -10.95
CA SER A 253 -21.05 -31.43 -11.35
C SER A 253 -20.64 -30.75 -12.60
N GLN A 254 -19.35 -30.62 -12.81
CA GLN A 254 -18.88 -30.08 -14.07
C GLN A 254 -19.26 -30.97 -15.25
N ASN A 255 -19.24 -32.30 -15.02
CA ASN A 255 -19.56 -33.35 -15.98
C ASN A 255 -19.97 -34.59 -15.17
N PHE A 256 -21.05 -35.29 -15.57
CA PHE A 256 -21.52 -36.50 -14.86
C PHE A 256 -21.06 -37.82 -15.46
N THR A 257 -20.30 -37.80 -16.54
CA THR A 257 -19.84 -39.07 -17.08
C THR A 257 -18.38 -39.21 -16.69
N ASN A 258 -17.75 -38.09 -16.37
CA ASN A 258 -16.38 -38.10 -15.95
C ASN A 258 -16.37 -38.45 -14.48
N ASN A 259 -15.94 -39.66 -14.12
CA ASN A 259 -16.04 -40.06 -12.73
C ASN A 259 -14.96 -39.47 -11.86
N ALA A 260 -14.09 -38.70 -12.47
CA ALA A 260 -12.99 -38.09 -11.75
C ALA A 260 -13.42 -36.77 -11.14
N LYS A 261 -14.65 -36.34 -11.41
CA LYS A 261 -15.13 -35.10 -10.86
C LYS A 261 -15.81 -35.28 -9.53
N VAL A 262 -15.75 -34.25 -8.72
CA VAL A 262 -16.42 -34.27 -7.45
C VAL A 262 -17.81 -33.72 -7.62
N ILE A 263 -18.75 -34.45 -7.11
CA ILE A 263 -20.14 -34.12 -7.16
C ILE A 263 -20.49 -33.34 -5.93
N ILE A 264 -21.07 -32.18 -6.11
CA ILE A 264 -21.41 -31.35 -4.99
C ILE A 264 -22.90 -31.44 -4.74
N VAL A 265 -23.24 -31.90 -3.56
CA VAL A 265 -24.64 -32.09 -3.25
C VAL A 265 -25.08 -31.05 -2.26
N GLN A 266 -26.09 -30.29 -2.62
CA GLN A 266 -26.59 -29.26 -1.73
C GLN A 266 -27.95 -29.64 -1.20
N LEU A 267 -28.08 -29.63 0.10
CA LEU A 267 -29.31 -30.03 0.73
C LEU A 267 -30.18 -28.82 0.90
N ASN A 268 -31.53 -28.98 0.96
CA ASN A 268 -32.49 -27.90 1.27
C ASN A 268 -32.90 -27.85 2.75
N GLU A 269 -32.35 -28.77 3.61
CA GLU A 269 -32.59 -28.87 5.05
C GLU A 269 -31.28 -29.16 5.71
N SER A 270 -31.05 -28.58 6.89
CA SER A 270 -29.85 -28.86 7.62
C SER A 270 -29.99 -30.08 8.51
N VAL A 271 -28.86 -30.69 8.83
CA VAL A 271 -28.85 -31.77 9.81
C VAL A 271 -27.95 -31.36 10.96
N VAL A 272 -28.43 -31.38 12.19
CA VAL A 272 -27.58 -30.94 13.29
C VAL A 272 -26.84 -32.06 14.00
N ILE A 273 -25.54 -31.87 14.12
CA ILE A 273 -24.64 -32.82 14.74
C ILE A 273 -24.10 -32.33 16.09
N ASN A 274 -24.26 -33.15 17.15
CA ASN A 274 -23.80 -32.89 18.51
C ASN A 274 -22.46 -33.56 18.77
N CYS A 275 -21.35 -32.81 18.75
CA CYS A 275 -19.99 -33.35 18.91
C CYS A 275 -19.41 -32.93 20.24
N THR A 276 -18.79 -33.87 20.90
CA THR A 276 -18.20 -33.53 22.16
C THR A 276 -17.05 -34.39 22.54
N ARG A 277 -16.18 -33.80 23.31
CA ARG A 277 -15.11 -34.51 23.92
C ARG A 277 -15.23 -34.25 25.41
N PRO A 278 -15.78 -35.20 26.18
CA PRO A 278 -16.05 -35.09 27.60
C PRO A 278 -14.85 -35.43 28.45
N ASN A 279 -13.73 -35.68 27.81
CA ASN A 279 -12.53 -36.04 28.51
C ASN A 279 -11.89 -34.72 28.98
N ASN A 280 -12.00 -34.43 30.29
CA ASN A 280 -11.57 -33.23 30.98
C ASN A 280 -10.04 -33.23 31.12
N ASN A 281 -9.37 -32.06 30.94
CA ASN A 281 -7.90 -31.99 31.07
C ASN A 281 -7.44 -30.68 31.63
N THR A 282 -6.13 -30.60 31.79
CA THR A 282 -5.49 -29.39 32.22
C THR A 282 -4.17 -29.21 31.51
N ARG A 283 -3.83 -27.95 31.33
CA ARG A 283 -2.66 -27.45 30.64
C ARG A 283 -1.36 -27.37 31.44
N LYS A 284 -0.28 -27.73 30.78
CA LYS A 284 1.08 -27.60 31.27
C LYS A 284 1.87 -26.64 30.40
N SER A 285 2.43 -25.63 31.05
CA SER A 285 3.22 -24.62 30.37
C SER A 285 4.70 -24.94 30.44
N ILE A 286 5.29 -25.14 29.30
CA ILE A 286 6.69 -25.52 29.17
C ILE A 286 7.54 -24.42 28.59
N HIS A 287 8.61 -24.10 29.29
CA HIS A 287 9.47 -23.05 28.81
C HIS A 287 10.34 -23.63 27.74
N ILE A 288 9.86 -23.57 26.50
CA ILE A 288 10.60 -24.18 25.35
C ILE A 288 11.77 -23.33 24.92
N ALA A 289 11.55 -22.05 24.63
CA ALA A 289 12.63 -21.21 24.08
C ALA A 289 12.63 -19.86 24.79
N PRO A 290 13.65 -19.01 24.66
CA PRO A 290 13.67 -17.77 25.41
C PRO A 290 12.42 -16.95 25.11
N GLY A 291 11.75 -16.49 26.17
CA GLY A 291 10.53 -15.67 26.00
C GLY A 291 9.54 -16.42 25.15
N ARG A 292 9.47 -17.72 25.32
CA ARG A 292 8.61 -18.52 24.42
C ARG A 292 8.02 -19.66 25.23
N TRP A 293 6.73 -19.87 25.08
CA TRP A 293 6.09 -20.92 25.82
C TRP A 293 5.33 -21.86 24.94
N PHE A 294 5.45 -23.12 25.29
CA PHE A 294 4.78 -24.21 24.66
C PHE A 294 3.70 -24.74 25.55
N TYR A 295 2.55 -25.00 24.99
CA TYR A 295 1.51 -25.51 25.85
C TYR A 295 1.07 -26.87 25.44
N THR A 296 1.08 -27.79 26.39
CA THR A 296 0.68 -29.17 26.16
C THR A 296 -0.27 -29.67 27.22
N THR A 297 -0.74 -30.89 27.08
CA THR A 297 -1.61 -31.44 28.11
C THR A 297 -0.76 -31.95 29.25
N GLY A 298 -1.09 -31.47 30.45
CA GLY A 298 -0.35 -31.82 31.66
C GLY A 298 -0.97 -33.00 32.36
N ALA A 299 -2.30 -33.04 32.33
CA ALA A 299 -2.98 -34.11 33.02
C ALA A 299 -4.34 -34.38 32.45
N ILE A 300 -4.79 -35.61 32.75
CA ILE A 300 -6.09 -36.14 32.43
C ILE A 300 -6.89 -36.17 33.68
N ILE A 301 -8.08 -35.62 33.63
CA ILE A 301 -8.93 -35.54 34.79
C ILE A 301 -10.14 -36.41 34.61
N GLY A 302 -10.36 -37.32 35.54
CA GLY A 302 -11.49 -38.22 35.41
C GLY A 302 -11.12 -39.38 34.54
N ASP A 303 -12.12 -40.03 33.96
CA ASP A 303 -11.88 -41.25 33.22
C ASP A 303 -11.48 -40.97 31.78
N ILE A 304 -11.22 -42.03 31.04
CA ILE A 304 -10.86 -41.88 29.65
C ILE A 304 -12.09 -41.98 28.78
N ARG A 305 -12.27 -40.97 27.98
CA ARG A 305 -13.37 -40.85 27.07
C ARG A 305 -12.86 -40.39 25.72
N GLN A 306 -13.62 -40.68 24.68
CA GLN A 306 -13.23 -40.29 23.34
C GLN A 306 -14.24 -39.32 22.81
N ALA A 307 -13.80 -38.54 21.85
CA ALA A 307 -14.73 -37.64 21.23
C ALA A 307 -15.71 -38.45 20.42
N HIS A 308 -16.96 -38.01 20.47
CA HIS A 308 -18.03 -38.64 19.71
C HIS A 308 -18.97 -37.60 19.12
N CYS A 309 -19.63 -37.93 17.99
CA CYS A 309 -20.66 -37.08 17.33
C CYS A 309 -22.01 -37.81 17.18
N ASN A 310 -23.07 -37.12 17.58
CA ASN A 310 -24.44 -37.62 17.56
C ASN A 310 -25.25 -37.06 16.39
N ILE A 311 -25.66 -37.95 15.44
CA ILE A 311 -26.46 -37.61 14.26
C ILE A 311 -27.80 -38.33 14.38
N SER A 312 -28.89 -37.63 14.09
CA SER A 312 -30.17 -38.29 14.18
C SER A 312 -30.22 -39.43 13.21
N ARG A 313 -30.61 -40.60 13.71
CA ARG A 313 -30.60 -41.76 12.81
C ARG A 313 -31.50 -41.60 11.62
N VAL A 314 -32.70 -41.12 11.90
CA VAL A 314 -33.71 -40.96 10.90
C VAL A 314 -33.44 -39.79 10.01
N LYS A 315 -33.01 -38.68 10.59
CA LYS A 315 -32.87 -37.56 9.71
C LYS A 315 -31.83 -37.90 8.66
N TRP A 316 -30.76 -38.57 9.07
CA TRP A 316 -29.74 -38.95 8.13
C TRP A 316 -30.21 -39.89 7.03
N ASN A 317 -30.94 -41.00 7.39
CA ASN A 317 -31.35 -41.98 6.39
C ASN A 317 -32.39 -41.40 5.40
N ASN A 318 -33.26 -40.44 5.85
CA ASN A 318 -34.24 -39.78 4.99
C ASN A 318 -33.53 -38.82 4.04
N THR A 319 -32.45 -38.20 4.52
CA THR A 319 -31.68 -37.31 3.67
C THR A 319 -31.05 -38.11 2.57
N LEU A 320 -30.51 -39.29 2.90
CA LEU A 320 -29.91 -40.08 1.86
C LEU A 320 -30.95 -40.51 0.85
N LYS A 321 -32.15 -40.83 1.30
CA LYS A 321 -33.16 -41.22 0.34
C LYS A 321 -33.35 -40.12 -0.69
N GLN A 322 -33.40 -38.87 -0.24
CA GLN A 322 -33.59 -37.75 -1.15
C GLN A 322 -32.44 -37.58 -2.12
N ILE A 323 -31.22 -37.78 -1.63
CA ILE A 323 -30.06 -37.64 -2.50
C ILE A 323 -30.09 -38.73 -3.53
N ALA A 324 -30.39 -39.94 -3.10
CA ALA A 324 -30.44 -41.07 -3.98
C ALA A 324 -31.48 -40.86 -5.04
N THR A 325 -32.59 -40.22 -4.68
CA THR A 325 -33.62 -39.98 -5.65
C THR A 325 -33.11 -39.11 -6.75
N LYS A 326 -32.40 -38.05 -6.38
CA LYS A 326 -31.91 -37.13 -7.38
C LYS A 326 -30.85 -37.80 -8.24
N LEU A 327 -30.02 -38.65 -7.65
CA LEU A 327 -29.04 -39.36 -8.42
C LEU A 327 -29.73 -40.33 -9.38
N ARG A 328 -30.81 -40.97 -8.95
CA ARG A 328 -31.52 -41.86 -9.85
C ARG A 328 -32.03 -41.10 -11.03
N GLU A 329 -32.49 -39.87 -10.83
CA GLU A 329 -32.94 -39.12 -11.97
C GLU A 329 -31.77 -38.86 -12.92
N GLN A 330 -30.59 -38.52 -12.37
CA GLN A 330 -29.42 -38.23 -13.19
C GLN A 330 -28.94 -39.40 -14.01
N PHE A 331 -29.06 -40.59 -13.45
CA PHE A 331 -28.58 -41.77 -14.13
C PHE A 331 -29.69 -42.68 -14.67
N LYS A 332 -30.91 -42.14 -14.78
CA LYS A 332 -32.06 -42.94 -15.28
C LYS A 332 -32.16 -44.23 -14.47
N ASN A 333 -32.65 -44.13 -13.23
CA ASN A 333 -32.74 -45.31 -12.32
C ASN A 333 -31.32 -45.82 -12.03
N LYS A 334 -30.91 -46.90 -12.72
CA LYS A 334 -29.84 -47.81 -12.21
C LYS A 334 -30.13 -48.09 -10.72
N THR A 335 -29.10 -48.13 -9.88
CA THR A 335 -29.35 -48.26 -8.44
C THR A 335 -28.31 -47.47 -7.69
N ILE A 336 -28.73 -46.74 -6.69
CA ILE A 336 -27.76 -45.94 -5.98
C ILE A 336 -27.28 -46.59 -4.71
N ALA A 337 -25.98 -46.68 -4.56
CA ALA A 337 -25.44 -47.21 -3.33
C ALA A 337 -24.42 -46.27 -2.77
N PHE A 338 -24.34 -46.23 -1.45
CA PHE A 338 -23.36 -45.42 -0.76
C PHE A 338 -22.39 -46.35 -0.06
N ASN A 339 -21.08 -46.02 -0.12
CA ASN A 339 -19.98 -46.81 0.42
C ASN A 339 -18.92 -45.90 1.06
N GLN A 340 -17.85 -46.51 1.60
CA GLN A 340 -16.73 -45.91 2.33
C GLN A 340 -15.75 -45.17 1.43
N SER A 341 -15.10 -44.18 2.01
CA SER A 341 -14.17 -43.33 1.29
C SER A 341 -12.91 -43.98 0.69
N SER A 342 -12.37 -45.00 1.34
CA SER A 342 -11.16 -45.69 0.86
C SER A 342 -10.04 -44.73 0.43
N GLY A 343 -9.88 -43.63 1.16
CA GLY A 343 -8.92 -42.59 0.75
C GLY A 343 -7.45 -42.70 1.13
N GLY A 344 -7.04 -43.63 1.99
CA GLY A 344 -5.62 -43.70 2.37
C GLY A 344 -5.20 -42.61 3.40
N ASP A 345 -5.23 -41.36 2.94
CA ASP A 345 -4.90 -40.14 3.70
C ASP A 345 -5.98 -39.84 4.74
N PRO A 346 -5.68 -39.82 6.05
CA PRO A 346 -6.62 -39.62 7.13
C PRO A 346 -7.57 -38.44 6.98
N GLU A 347 -7.16 -37.34 6.32
CA GLU A 347 -8.09 -36.21 6.20
C GLU A 347 -9.20 -36.48 5.20
N ILE A 348 -8.95 -37.46 4.39
CA ILE A 348 -9.80 -37.86 3.30
C ILE A 348 -10.62 -39.03 3.73
N VAL A 349 -9.97 -39.94 4.44
CA VAL A 349 -10.59 -41.17 4.89
C VAL A 349 -11.68 -40.88 5.89
N MET A 350 -11.36 -40.05 6.86
CA MET A 350 -12.25 -39.64 7.93
C MET A 350 -12.79 -38.28 7.67
N HIS A 351 -13.88 -37.94 8.32
CA HIS A 351 -14.34 -36.59 8.14
C HIS A 351 -13.47 -35.66 8.94
N SER A 352 -12.99 -34.62 8.29
CA SER A 352 -12.16 -33.60 8.92
C SER A 352 -13.06 -32.50 9.40
N PHE A 353 -13.02 -32.31 10.70
CA PHE A 353 -13.90 -31.40 11.41
C PHE A 353 -13.22 -30.49 12.42
N ASN A 354 -13.58 -29.21 12.39
CA ASN A 354 -12.93 -28.24 13.25
C ASN A 354 -13.87 -27.57 14.27
N CYS A 355 -13.59 -27.77 15.59
CA CYS A 355 -14.35 -27.23 16.72
C CYS A 355 -13.46 -26.33 17.57
N GLY A 356 -13.40 -25.07 17.25
CA GLY A 356 -12.47 -24.24 17.99
C GLY A 356 -11.06 -24.79 17.71
N GLY A 357 -10.31 -25.08 18.77
CA GLY A 357 -8.96 -25.59 18.61
C GLY A 357 -8.87 -27.11 18.56
N GLU A 358 -10.01 -27.76 18.55
CA GLU A 358 -10.05 -29.21 18.55
C GLU A 358 -10.22 -29.76 17.14
N PHE A 359 -9.27 -30.58 16.72
CA PHE A 359 -9.25 -31.14 15.38
C PHE A 359 -9.65 -32.59 15.35
N PHE A 360 -10.79 -32.83 14.73
CA PHE A 360 -11.44 -34.11 14.66
C PHE A 360 -11.27 -34.83 13.34
N TYR A 361 -11.15 -36.13 13.45
CA TYR A 361 -11.12 -37.09 12.36
C TYR A 361 -12.16 -38.17 12.65
N CYS A 362 -13.41 -37.92 12.20
CA CYS A 362 -14.58 -38.72 12.56
C CYS A 362 -14.81 -39.88 11.60
N ASN A 363 -15.18 -41.00 12.19
CA ASN A 363 -15.45 -42.20 11.43
C ASN A 363 -16.88 -42.16 10.87
N THR A 364 -17.01 -42.08 9.53
CA THR A 364 -18.27 -41.95 8.79
C THR A 364 -18.69 -43.22 8.08
N THR A 365 -18.09 -44.35 8.42
CA THR A 365 -18.46 -45.57 7.71
C THR A 365 -19.82 -46.03 8.15
N GLN A 366 -20.32 -45.47 9.24
CA GLN A 366 -21.64 -45.81 9.74
C GLN A 366 -22.68 -45.00 9.00
N LEU A 367 -22.25 -44.03 8.21
CA LEU A 367 -23.20 -43.20 7.53
C LEU A 367 -23.34 -43.59 6.08
N PHE A 368 -22.21 -43.80 5.43
CA PHE A 368 -22.23 -44.13 4.02
C PHE A 368 -22.25 -45.62 3.76
N ASN A 369 -23.37 -46.27 4.15
CA ASN A 369 -23.56 -47.71 4.08
C ASN A 369 -25.03 -48.06 3.75
N SER A 370 -25.43 -47.95 2.45
CA SER A 370 -26.83 -48.20 2.03
C SER A 370 -27.01 -48.47 0.54
N THR A 371 -28.17 -49.06 0.20
CA THR A 371 -28.59 -49.25 -1.19
C THR A 371 -30.01 -48.74 -1.39
N TRP A 372 -30.22 -48.04 -2.49
CA TRP A 372 -31.49 -47.44 -2.82
C TRP A 372 -31.96 -47.74 -4.27
N ASN A 373 -32.65 -48.88 -4.49
CA ASN A 373 -33.16 -49.31 -5.82
C ASN A 373 -34.70 -49.14 -5.97
N ASP A 374 -35.39 -48.50 -5.00
CA ASP A 374 -36.86 -48.36 -4.88
C ASP A 374 -37.60 -49.64 -5.31
N HIS A 385 -29.79 -43.25 18.42
CA HIS A 385 -29.22 -42.49 17.32
C HIS A 385 -27.89 -43.10 16.89
N ILE A 386 -27.23 -42.51 15.86
CA ILE A 386 -25.94 -42.99 15.35
C ILE A 386 -24.84 -42.16 15.96
N THR A 387 -23.93 -42.82 16.64
CA THR A 387 -22.85 -42.08 17.26
C THR A 387 -21.56 -42.46 16.60
N LEU A 388 -20.87 -41.47 16.09
CA LEU A 388 -19.63 -41.70 15.40
C LEU A 388 -18.49 -41.38 16.34
N PRO A 389 -17.53 -42.28 16.56
CA PRO A 389 -16.37 -42.02 17.36
C PRO A 389 -15.55 -41.11 16.51
N CYS A 390 -14.73 -40.25 17.13
CA CYS A 390 -13.83 -39.34 16.44
C CYS A 390 -12.45 -39.35 17.06
N ARG A 391 -11.47 -39.37 16.19
CA ARG A 391 -10.10 -39.28 16.59
C ARG A 391 -9.65 -37.85 16.69
N ILE A 392 -8.78 -37.56 17.64
CA ILE A 392 -8.28 -36.21 17.80
C ILE A 392 -6.81 -36.11 17.54
N LYS A 393 -6.43 -35.11 16.77
CA LYS A 393 -5.01 -34.89 16.49
C LYS A 393 -4.62 -33.47 16.75
N GLN A 394 -3.36 -33.25 17.09
CA GLN A 394 -2.91 -31.89 17.24
C GLN A 394 -1.97 -31.37 16.15
N ILE A 395 -1.40 -32.23 15.28
CA ILE A 395 -0.56 -31.64 14.23
C ILE A 395 -1.30 -31.61 12.92
N ILE A 396 -1.45 -30.43 12.38
CA ILE A 396 -2.19 -30.25 11.17
C ILE A 396 -1.34 -29.77 10.02
N ASN A 397 -1.35 -30.53 8.94
CA ASN A 397 -0.65 -30.09 7.74
C ASN A 397 -1.63 -29.29 6.94
N MET A 398 -1.84 -28.09 7.43
CA MET A 398 -2.87 -27.25 6.94
C MET A 398 -2.61 -26.97 5.48
N TRP A 399 -3.68 -26.97 4.70
CA TRP A 399 -3.70 -26.68 3.28
C TRP A 399 -2.88 -27.66 2.46
N GLN A 400 -2.46 -28.76 3.08
CA GLN A 400 -1.65 -29.78 2.47
C GLN A 400 -0.30 -29.27 1.98
N LYS A 401 0.32 -28.37 2.72
CA LYS A 401 1.63 -27.92 2.31
C LYS A 401 2.72 -28.40 3.23
N VAL A 402 3.84 -28.76 2.64
CA VAL A 402 4.97 -29.19 3.43
C VAL A 402 5.62 -27.94 3.99
N GLY A 403 5.88 -27.93 5.30
CA GLY A 403 6.47 -26.76 5.92
C GLY A 403 5.45 -25.83 6.58
N LYS A 404 4.16 -26.14 6.49
CA LYS A 404 3.15 -25.30 7.12
C LYS A 404 2.48 -25.99 8.30
N ALA A 405 3.11 -27.01 8.84
CA ALA A 405 2.53 -27.76 9.94
C ALA A 405 2.28 -26.88 11.14
N MET A 406 1.14 -27.11 11.77
CA MET A 406 0.76 -26.35 12.95
C MET A 406 0.37 -27.24 14.11
N TYR A 407 0.72 -26.81 15.32
CA TYR A 407 0.34 -27.54 16.51
C TYR A 407 -0.75 -26.88 17.29
N ALA A 408 -1.83 -27.60 17.45
CA ALA A 408 -2.95 -27.08 18.17
C ALA A 408 -2.60 -27.08 19.65
N PRO A 409 -3.01 -26.09 20.43
CA PRO A 409 -2.85 -26.01 21.86
C PRO A 409 -3.92 -26.88 22.52
N PRO A 410 -3.76 -27.22 23.78
CA PRO A 410 -4.77 -27.76 24.64
C PRO A 410 -5.87 -26.75 24.85
N ILE A 411 -7.07 -27.24 25.06
CA ILE A 411 -8.23 -26.40 25.34
C ILE A 411 -8.88 -26.77 26.67
N ARG A 412 -8.08 -27.38 27.56
CA ARG A 412 -8.50 -27.89 28.87
C ARG A 412 -9.45 -29.09 28.76
N GLY A 413 -9.29 -29.84 27.68
CA GLY A 413 -10.00 -31.08 27.46
C GLY A 413 -11.45 -30.99 26.98
N GLN A 414 -12.29 -30.45 27.86
CA GLN A 414 -13.73 -30.38 27.66
C GLN A 414 -14.19 -29.40 26.61
N ILE A 415 -14.97 -29.95 25.68
CA ILE A 415 -15.57 -29.16 24.61
C ILE A 415 -16.90 -29.68 24.11
N ARG A 416 -17.82 -28.76 23.87
CA ARG A 416 -19.08 -29.06 23.23
C ARG A 416 -19.10 -28.28 21.91
N CYS A 417 -19.50 -28.94 20.80
CA CYS A 417 -19.54 -28.40 19.45
C CYS A 417 -20.85 -28.82 18.77
N SER A 418 -21.52 -27.87 18.13
CA SER A 418 -22.78 -28.19 17.45
C SER A 418 -22.84 -27.59 16.07
N SER A 419 -22.86 -28.46 15.07
CA SER A 419 -22.76 -28.00 13.67
C SER A 419 -23.90 -28.45 12.74
N ASN A 420 -24.13 -27.69 11.64
CA ASN A 420 -25.14 -27.96 10.61
C ASN A 420 -24.55 -28.56 9.34
N ILE A 421 -25.03 -29.75 8.89
CA ILE A 421 -24.61 -30.32 7.60
C ILE A 421 -25.50 -29.68 6.56
N THR A 422 -24.87 -29.03 5.60
CA THR A 422 -25.59 -28.35 4.54
C THR A 422 -25.33 -29.01 3.19
N GLY A 423 -24.33 -29.87 3.12
CA GLY A 423 -24.03 -30.52 1.85
C GLY A 423 -22.98 -31.60 1.95
N LEU A 424 -22.76 -32.27 0.83
CA LEU A 424 -21.82 -33.38 0.73
C LEU A 424 -20.89 -33.28 -0.45
N LEU A 425 -19.71 -33.86 -0.33
CA LEU A 425 -18.84 -34.00 -1.49
C LEU A 425 -18.68 -35.49 -1.78
N LEU A 426 -19.13 -35.91 -2.96
CA LEU A 426 -19.11 -37.32 -3.36
C LEU A 426 -18.36 -37.62 -4.65
N THR A 427 -17.85 -38.82 -4.77
CA THR A 427 -17.21 -39.25 -6.02
C THR A 427 -17.90 -40.49 -6.56
N ARG A 428 -17.99 -40.57 -7.88
CA ARG A 428 -18.61 -41.67 -8.60
C ARG A 428 -17.68 -42.87 -8.80
N ASP A 429 -18.23 -44.06 -8.61
CA ASP A 429 -17.52 -45.33 -8.75
C ASP A 429 -18.31 -46.38 -9.56
N GLY A 430 -17.84 -46.65 -10.78
CA GLY A 430 -18.52 -47.56 -11.68
C GLY A 430 -17.77 -47.63 -13.00
N GLY A 431 -18.29 -48.42 -13.95
CA GLY A 431 -17.69 -48.60 -15.29
C GLY A 431 -16.81 -49.84 -15.42
N SER A 432 -16.49 -50.46 -14.28
CA SER A 432 -15.67 -51.67 -14.28
C SER A 432 -16.52 -52.84 -14.73
N ASN A 433 -16.06 -53.59 -15.74
CA ASN A 433 -16.82 -54.72 -16.23
C ASN A 433 -18.27 -54.38 -16.54
N GLU A 434 -18.46 -53.31 -17.30
CA GLU A 434 -19.75 -52.76 -17.67
C GLU A 434 -20.70 -53.80 -18.28
N ASN A 435 -20.14 -54.82 -18.91
CA ASN A 435 -20.91 -55.84 -19.57
C ASN A 435 -21.82 -56.66 -18.63
N LYS A 436 -21.45 -56.82 -17.37
CA LYS A 436 -22.24 -57.67 -16.47
C LYS A 436 -22.48 -57.04 -15.11
N THR A 437 -23.63 -57.35 -14.51
CA THR A 437 -23.99 -56.86 -13.16
C THR A 437 -23.48 -55.44 -12.95
N SER A 438 -23.91 -54.54 -13.84
CA SER A 438 -23.47 -53.16 -13.90
C SER A 438 -24.60 -52.19 -13.60
N GLU A 439 -25.71 -52.72 -13.12
CA GLU A 439 -26.93 -51.97 -12.79
C GLU A 439 -26.89 -51.06 -11.56
N THR A 440 -25.84 -51.15 -10.76
CA THR A 440 -25.69 -50.35 -9.54
C THR A 440 -24.48 -49.45 -9.67
N GLU A 441 -24.66 -48.20 -9.27
CA GLU A 441 -23.64 -47.17 -9.29
C GLU A 441 -23.31 -46.75 -7.85
N THR A 442 -22.03 -46.72 -7.50
CA THR A 442 -21.65 -46.41 -6.14
C THR A 442 -21.06 -45.04 -5.93
N PHE A 443 -21.49 -44.40 -4.86
CA PHE A 443 -20.95 -43.13 -4.50
C PHE A 443 -20.22 -43.23 -3.18
N ARG A 444 -19.11 -42.53 -3.10
CA ARG A 444 -18.29 -42.55 -1.90
C ARG A 444 -18.01 -41.12 -1.49
N PRO A 445 -17.71 -40.85 -0.23
CA PRO A 445 -17.27 -39.57 0.24
C PRO A 445 -16.02 -39.17 -0.50
N ALA A 446 -15.89 -37.88 -0.71
CA ALA A 446 -14.79 -37.26 -1.39
C ALA A 446 -14.48 -35.93 -0.75
N GLY A 447 -13.29 -35.40 -0.94
CA GLY A 447 -13.00 -34.10 -0.35
C GLY A 447 -11.52 -33.83 -0.37
N GLY A 448 -11.11 -32.79 0.32
CA GLY A 448 -9.71 -32.40 0.42
C GLY A 448 -9.31 -31.23 -0.46
N ASP A 449 -10.09 -30.95 -1.48
CA ASP A 449 -9.78 -29.81 -2.32
C ASP A 449 -10.58 -28.68 -1.77
N MET A 450 -9.92 -27.76 -1.12
CA MET A 450 -10.61 -26.70 -0.42
C MET A 450 -11.45 -25.84 -1.33
N ARG A 451 -11.12 -25.81 -2.60
CA ARG A 451 -11.83 -24.94 -3.49
C ARG A 451 -13.25 -25.41 -3.69
N ASP A 452 -13.55 -26.65 -3.32
CA ASP A 452 -14.91 -27.12 -3.46
C ASP A 452 -15.75 -26.57 -2.34
N ASN A 453 -15.16 -26.25 -1.19
CA ASN A 453 -15.96 -25.75 -0.11
C ASN A 453 -16.40 -24.37 -0.44
N TRP A 454 -15.58 -23.66 -1.17
CA TRP A 454 -15.96 -22.32 -1.54
C TRP A 454 -16.80 -22.32 -2.79
N ARG A 455 -16.56 -23.24 -3.70
CA ARG A 455 -17.34 -23.31 -4.91
C ARG A 455 -18.78 -23.58 -4.61
N SER A 456 -19.02 -24.42 -3.61
CA SER A 456 -20.37 -24.79 -3.27
C SER A 456 -21.19 -23.61 -2.76
N GLU A 457 -20.55 -22.50 -2.42
CA GLU A 457 -21.27 -21.32 -2.00
C GLU A 457 -21.23 -20.20 -3.05
N LEU A 458 -20.10 -20.08 -3.76
CA LEU A 458 -19.89 -19.03 -4.74
C LEU A 458 -20.37 -19.31 -6.14
N TYR A 459 -20.91 -20.48 -6.38
CA TYR A 459 -21.39 -20.87 -7.69
C TYR A 459 -22.38 -19.95 -8.35
N LYS A 460 -23.10 -19.16 -7.58
CA LYS A 460 -24.09 -18.31 -8.18
C LYS A 460 -23.57 -16.92 -8.51
N TYR A 461 -22.29 -16.65 -8.29
CA TYR A 461 -21.80 -15.30 -8.55
C TYR A 461 -20.76 -15.15 -9.66
N LYS A 462 -20.82 -14.01 -10.36
CA LYS A 462 -19.86 -13.66 -11.40
C LYS A 462 -19.39 -12.20 -11.28
N VAL A 463 -18.12 -11.93 -11.56
CA VAL A 463 -17.64 -10.54 -11.54
C VAL A 463 -17.49 -9.93 -12.92
N VAL A 464 -18.07 -8.73 -13.10
CA VAL A 464 -17.93 -8.07 -14.39
C VAL A 464 -17.47 -6.63 -14.24
N LYS A 465 -16.84 -6.12 -15.28
CA LYS A 465 -16.38 -4.74 -15.34
C LYS A 465 -17.35 -3.90 -16.09
N ILE A 466 -17.68 -2.76 -15.53
CA ILE A 466 -18.60 -1.84 -16.14
C ILE A 466 -17.85 -0.99 -17.14
N GLU A 467 -18.39 -0.86 -18.34
CA GLU A 467 -17.77 -0.07 -19.40
C GLU A 467 -18.71 1.02 -19.88
N PRO A 468 -18.81 2.16 -19.18
CA PRO A 468 -19.80 3.20 -19.38
C PRO A 468 -19.64 4.05 -20.62
N LEU A 469 -18.51 3.97 -21.30
CA LEU A 469 -18.33 4.86 -22.44
C LEU A 469 -18.44 4.19 -23.79
N GLY A 470 -19.26 4.74 -24.67
CA GLY A 470 -19.37 4.17 -26.02
C GLY A 470 -20.00 5.15 -27.02
N VAL A 471 -20.08 4.73 -28.27
CA VAL A 471 -20.60 5.58 -29.33
C VAL A 471 -21.67 4.90 -30.14
N ALA A 472 -22.41 5.71 -30.88
CA ALA A 472 -23.44 5.21 -31.78
C ALA A 472 -23.73 6.26 -32.86
N PRO A 473 -24.25 5.89 -34.04
CA PRO A 473 -24.65 6.77 -35.09
C PRO A 473 -25.89 7.58 -34.77
N THR A 474 -25.90 8.79 -35.30
CA THR A 474 -26.98 9.76 -35.23
C THR A 474 -27.03 10.69 -36.44
N LYS A 475 -27.89 11.69 -36.31
CA LYS A 475 -28.10 12.72 -37.32
C LYS A 475 -27.49 14.04 -36.89
N CYS A 476 -27.20 14.16 -35.61
CA CYS A 476 -26.70 15.38 -35.01
C CYS A 476 -25.31 15.78 -35.53
N LYS A 477 -25.15 17.09 -35.92
CA LYS A 477 -23.94 17.71 -36.46
C LYS A 477 -23.57 17.19 -37.84
N LEU B 13 -29.70 0.45 -12.54
CA LEU B 13 -28.73 -0.14 -13.46
C LEU B 13 -29.27 -1.38 -14.25
N GLY B 14 -30.60 -1.64 -14.16
CA GLY B 14 -31.33 -2.79 -14.73
C GLY B 14 -31.87 -2.61 -16.14
N ALA B 15 -31.51 -1.50 -16.76
CA ALA B 15 -31.96 -1.12 -18.09
C ALA B 15 -31.13 -1.75 -19.19
N ALA B 16 -30.15 -2.56 -18.84
CA ALA B 16 -29.29 -3.16 -19.85
C ALA B 16 -30.06 -3.98 -20.87
N GLY B 17 -31.17 -4.60 -20.49
CA GLY B 17 -31.92 -5.40 -21.45
C GLY B 17 -32.84 -4.55 -22.33
N SER B 18 -32.93 -3.27 -22.07
CA SER B 18 -33.80 -2.40 -22.82
C SER B 18 -33.08 -1.93 -24.06
N THR B 19 -33.80 -1.36 -25.02
CA THR B 19 -33.09 -0.94 -26.21
C THR B 19 -32.21 0.23 -25.93
N MET B 20 -31.32 0.49 -26.87
CA MET B 20 -30.40 1.59 -26.72
C MET B 20 -31.11 2.88 -26.49
N GLY B 21 -32.17 3.11 -27.26
CA GLY B 21 -32.92 4.33 -27.11
C GLY B 21 -33.53 4.39 -25.72
N ALA B 22 -34.21 3.32 -25.34
CA ALA B 22 -34.91 3.32 -24.08
C ALA B 22 -33.99 3.55 -22.89
N ALA B 23 -32.81 2.97 -22.97
CA ALA B 23 -31.85 3.07 -21.91
C ALA B 23 -31.19 4.44 -21.92
N SER B 24 -31.06 5.06 -23.07
CA SER B 24 -30.36 6.33 -23.08
C SER B 24 -31.16 7.40 -22.39
N MET B 25 -32.48 7.22 -22.36
CA MET B 25 -33.40 8.16 -21.75
C MET B 25 -33.12 8.28 -20.25
N THR B 26 -32.42 7.30 -19.69
CA THR B 26 -32.07 7.26 -18.30
C THR B 26 -30.57 7.38 -18.02
N LEU B 27 -29.75 7.87 -18.96
CA LEU B 27 -28.32 7.96 -18.62
C LEU B 27 -28.12 8.90 -17.43
N THR B 28 -28.91 9.97 -17.35
CA THR B 28 -28.76 10.90 -16.24
C THR B 28 -29.09 10.21 -14.95
N VAL B 29 -30.14 9.44 -14.98
CA VAL B 29 -30.63 8.74 -13.82
C VAL B 29 -29.61 7.73 -13.34
N GLN B 30 -28.98 7.05 -14.27
CA GLN B 30 -28.02 6.03 -13.96
C GLN B 30 -26.60 6.56 -13.84
N ALA B 31 -26.40 7.87 -13.95
CA ALA B 31 -25.07 8.44 -13.85
C ALA B 31 -24.76 8.62 -12.38
N ARG B 32 -24.65 7.50 -11.70
CA ARG B 32 -24.52 7.42 -10.26
C ARG B 32 -23.14 7.73 -9.80
N GLN B 33 -22.19 7.66 -10.73
CA GLN B 33 -20.77 7.90 -10.54
C GLN B 33 -20.12 6.79 -9.74
N LEU B 34 -20.62 6.58 -8.52
CA LEU B 34 -20.15 5.55 -7.62
C LEU B 34 -18.69 5.75 -7.27
N LEU B 35 -18.29 7.00 -7.15
CA LEU B 35 -16.92 7.35 -6.85
C LEU B 35 -16.68 7.63 -5.38
N SER B 36 -17.68 8.18 -4.70
CA SER B 36 -17.51 8.49 -3.29
C SER B 36 -17.53 7.20 -2.55
N GLY B 37 -16.67 7.05 -1.56
CA GLY B 37 -16.70 5.84 -0.79
C GLY B 37 -17.50 6.01 0.49
N ILE B 38 -17.47 4.97 1.30
CA ILE B 38 -18.15 4.91 2.58
C ILE B 38 -17.10 4.53 3.58
N VAL B 39 -17.48 4.41 4.85
CA VAL B 39 -16.53 4.09 5.94
C VAL B 39 -15.18 4.82 5.79
N GLN B 40 -15.26 6.16 5.59
CA GLN B 40 -14.15 7.07 5.36
C GLN B 40 -13.57 7.50 6.71
N THR B 59 1.33 -7.27 6.30
CA THR B 59 0.87 -6.07 5.61
C THR B 59 0.40 -6.32 4.13
N VAL B 60 0.28 -7.60 3.70
CA VAL B 60 -0.14 -8.01 2.35
C VAL B 60 -1.55 -7.62 2.03
N TRP B 61 -2.47 -7.73 2.97
CA TRP B 61 -3.81 -7.28 2.64
C TRP B 61 -3.81 -5.80 2.39
N GLY B 62 -2.98 -5.07 3.14
CA GLY B 62 -2.91 -3.64 3.00
C GLY B 62 -2.44 -3.30 1.60
N ILE B 63 -1.49 -4.08 1.10
CA ILE B 63 -1.00 -3.84 -0.24
C ILE B 63 -2.07 -4.09 -1.25
N LYS B 64 -2.79 -5.20 -1.12
CA LYS B 64 -3.81 -5.49 -2.10
C LYS B 64 -4.89 -4.43 -2.13
N GLN B 65 -5.29 -3.95 -0.97
CA GLN B 65 -6.34 -2.96 -0.96
C GLN B 65 -5.84 -1.61 -1.42
N LEU B 66 -4.59 -1.31 -1.15
CA LEU B 66 -4.08 -0.04 -1.59
C LEU B 66 -4.04 -0.07 -3.10
N GLN B 67 -3.63 -1.21 -3.68
CA GLN B 67 -3.58 -1.31 -5.12
C GLN B 67 -4.95 -1.14 -5.71
N ALA B 68 -5.95 -1.74 -5.07
CA ALA B 68 -7.29 -1.62 -5.59
C ALA B 68 -7.77 -0.18 -5.60
N ARG B 69 -7.45 0.57 -4.56
CA ARG B 69 -7.89 1.95 -4.52
C ARG B 69 -7.19 2.78 -5.57
N VAL B 70 -5.90 2.54 -5.75
CA VAL B 70 -5.17 3.31 -6.72
C VAL B 70 -5.71 3.06 -8.09
N LEU B 71 -5.99 1.81 -8.42
CA LEU B 71 -6.50 1.53 -9.72
C LEU B 71 -7.87 2.15 -9.90
N ALA B 72 -8.72 2.12 -8.90
CA ALA B 72 -10.02 2.72 -9.11
C ALA B 72 -9.87 4.19 -9.49
N VAL B 73 -8.91 4.88 -8.87
CA VAL B 73 -8.69 6.26 -9.23
C VAL B 73 -8.20 6.36 -10.64
N GLU B 74 -7.26 5.52 -11.01
CA GLU B 74 -6.73 5.58 -12.34
C GLU B 74 -7.84 5.37 -13.37
N ARG B 75 -8.75 4.43 -13.15
CA ARG B 75 -9.79 4.24 -14.14
C ARG B 75 -10.65 5.46 -14.27
N TYR B 76 -10.98 6.06 -13.14
CA TYR B 76 -11.79 7.26 -13.18
C TYR B 76 -11.15 8.33 -14.01
N LEU B 77 -9.88 8.57 -13.76
CA LEU B 77 -9.21 9.60 -14.46
C LEU B 77 -9.10 9.29 -15.93
N ARG B 78 -8.94 8.03 -16.31
CA ARG B 78 -8.84 7.75 -17.74
C ARG B 78 -10.10 8.16 -18.45
N ASP B 79 -11.28 7.91 -17.87
CA ASP B 79 -12.46 8.34 -18.58
C ASP B 79 -12.56 9.84 -18.66
N GLN B 80 -12.16 10.52 -17.61
CA GLN B 80 -12.28 11.95 -17.67
C GLN B 80 -11.30 12.55 -18.66
N GLN B 81 -10.12 11.98 -18.75
CA GLN B 81 -9.13 12.53 -19.65
C GLN B 81 -9.59 12.29 -21.06
N LEU B 82 -10.19 11.13 -21.31
CA LEU B 82 -10.63 10.83 -22.64
C LEU B 82 -11.79 11.73 -23.05
N LEU B 83 -12.72 11.96 -22.15
CA LEU B 83 -13.79 12.84 -22.57
C LEU B 83 -13.24 14.22 -22.84
N GLY B 84 -12.30 14.68 -22.03
CA GLY B 84 -11.75 16.00 -22.25
C GLY B 84 -11.01 16.09 -23.58
N ILE B 85 -10.25 15.06 -23.95
CA ILE B 85 -9.49 15.14 -25.18
C ILE B 85 -10.42 15.20 -26.38
N TRP B 86 -11.63 14.65 -26.28
CA TRP B 86 -12.60 14.69 -27.36
C TRP B 86 -13.41 15.95 -27.37
N GLY B 87 -13.16 16.85 -26.44
CA GLY B 87 -13.94 18.06 -26.39
C GLY B 87 -15.28 17.95 -25.63
N CYS B 88 -15.44 16.93 -24.74
CA CYS B 88 -16.64 16.70 -23.95
C CYS B 88 -16.51 17.38 -22.59
N SER B 89 -17.56 18.08 -22.24
CA SER B 89 -17.70 18.85 -21.01
C SER B 89 -18.09 18.05 -19.80
N GLY B 90 -18.41 16.80 -20.01
CA GLY B 90 -18.93 15.94 -18.95
C GLY B 90 -20.38 15.66 -19.24
N LYS B 91 -20.89 16.38 -20.23
CA LYS B 91 -22.24 16.21 -20.68
C LYS B 91 -22.36 14.75 -21.09
N LEU B 92 -23.42 14.10 -20.68
CA LEU B 92 -23.57 12.68 -20.95
C LEU B 92 -23.66 12.37 -22.43
N ILE B 93 -24.28 13.23 -23.21
CA ILE B 93 -24.30 12.99 -24.65
C ILE B 93 -23.60 14.15 -25.37
N CYS B 94 -22.47 13.88 -26.05
CA CYS B 94 -21.65 14.90 -26.74
C CYS B 94 -21.99 14.98 -28.21
N CYS B 95 -21.90 16.20 -28.72
CA CYS B 95 -22.04 16.49 -30.13
C CYS B 95 -20.80 15.96 -30.79
N THR B 96 -20.80 15.90 -32.09
CA THR B 96 -19.62 15.42 -32.76
C THR B 96 -19.18 16.20 -33.96
N ALA B 97 -18.04 15.81 -34.47
CA ALA B 97 -17.52 16.39 -35.68
C ALA B 97 -17.00 15.30 -36.61
N VAL B 98 -17.44 14.08 -36.36
CA VAL B 98 -17.03 12.94 -37.16
C VAL B 98 -18.26 12.26 -37.73
N PRO B 99 -18.35 12.05 -39.04
CA PRO B 99 -19.44 11.39 -39.70
C PRO B 99 -19.41 9.92 -39.38
N TRP B 100 -20.55 9.28 -39.34
CA TRP B 100 -20.61 7.84 -39.17
C TRP B 100 -20.43 7.28 -40.56
N ASN B 101 -19.75 6.12 -40.76
CA ASN B 101 -19.65 5.50 -42.09
C ASN B 101 -19.90 3.98 -42.03
N ASN B 102 -20.14 3.42 -43.24
CA ASN B 102 -20.56 2.05 -43.49
C ASN B 102 -19.54 0.98 -43.27
N SER B 103 -18.30 1.34 -43.00
CA SER B 103 -17.34 0.29 -42.77
C SER B 103 -17.51 -0.16 -41.34
N TRP B 104 -18.19 0.66 -40.54
CA TRP B 104 -18.37 0.37 -39.16
C TRP B 104 -19.69 -0.32 -39.07
N SER B 105 -20.67 0.33 -39.63
CA SER B 105 -21.99 -0.24 -39.69
C SER B 105 -22.85 0.49 -40.72
N ASN B 106 -23.56 -0.27 -41.57
CA ASN B 106 -24.54 0.24 -42.54
C ASN B 106 -25.99 -0.15 -42.14
N ARG B 107 -26.21 -0.45 -40.83
CA ARG B 107 -27.51 -0.77 -40.23
C ARG B 107 -28.25 0.55 -40.03
N SER B 108 -29.54 0.58 -40.32
CA SER B 108 -30.30 1.80 -40.17
C SER B 108 -30.49 2.21 -38.73
N LEU B 109 -30.85 3.46 -38.51
CA LEU B 109 -30.97 3.96 -37.15
C LEU B 109 -32.06 3.32 -36.34
N ASP B 110 -33.17 2.91 -36.92
CA ASP B 110 -34.19 2.31 -36.07
C ASP B 110 -33.71 0.92 -35.69
N MET B 111 -33.03 0.31 -36.63
CA MET B 111 -32.45 -1.00 -36.42
C MET B 111 -31.37 -0.96 -35.36
N ILE B 112 -30.74 0.17 -35.16
CA ILE B 112 -29.77 0.26 -34.11
C ILE B 112 -30.41 0.69 -32.80
N TRP B 113 -31.14 1.80 -32.82
CA TRP B 113 -31.65 2.36 -31.60
C TRP B 113 -32.85 1.68 -30.96
N ASN B 114 -33.71 1.09 -31.76
CA ASN B 114 -34.92 0.49 -31.22
C ASN B 114 -35.00 -1.04 -31.32
N ASN B 115 -34.15 -1.67 -32.15
CA ASN B 115 -34.09 -3.11 -32.38
C ASN B 115 -32.92 -3.82 -31.64
N MET B 116 -32.07 -3.08 -30.88
CA MET B 116 -30.85 -3.58 -30.18
C MET B 116 -30.65 -3.01 -28.80
N THR B 117 -29.94 -3.77 -27.96
CA THR B 117 -29.53 -3.30 -26.65
C THR B 117 -28.14 -2.71 -26.76
N TRP B 118 -27.70 -1.99 -25.73
CA TRP B 118 -26.37 -1.43 -25.81
C TRP B 118 -25.29 -2.47 -25.80
N ILE B 119 -25.53 -3.59 -25.13
CA ILE B 119 -24.48 -4.58 -25.08
C ILE B 119 -24.25 -5.15 -26.46
N GLU B 120 -25.34 -5.46 -27.14
CA GLU B 120 -25.21 -6.03 -28.45
C GLU B 120 -24.50 -5.08 -29.39
N TRP B 121 -24.85 -3.81 -29.27
CA TRP B 121 -24.26 -2.78 -30.10
C TRP B 121 -22.78 -2.66 -29.88
N GLU B 122 -22.36 -2.66 -28.64
CA GLU B 122 -20.95 -2.52 -28.43
C GLU B 122 -20.22 -3.66 -29.06
N ARG B 123 -20.76 -4.88 -29.00
CA ARG B 123 -20.02 -5.94 -29.64
C ARG B 123 -19.94 -5.75 -31.15
N GLU B 124 -21.04 -5.31 -31.75
CA GLU B 124 -21.09 -5.14 -33.19
C GLU B 124 -20.02 -4.20 -33.73
N ILE B 125 -19.70 -3.14 -33.01
CA ILE B 125 -18.71 -2.18 -33.49
C ILE B 125 -17.41 -2.19 -32.68
N ASP B 126 -17.16 -3.25 -31.92
CA ASP B 126 -16.02 -3.26 -31.01
C ASP B 126 -14.62 -3.09 -31.63
N ASN B 127 -14.36 -3.60 -32.87
CA ASN B 127 -13.02 -3.54 -33.49
C ASN B 127 -12.72 -2.16 -34.08
N TYR B 128 -13.65 -1.18 -33.99
CA TYR B 128 -13.48 0.18 -34.48
C TYR B 128 -13.33 1.10 -33.32
N THR B 129 -13.24 0.58 -32.11
CA THR B 129 -13.17 1.52 -31.01
C THR B 129 -11.95 2.41 -31.12
N GLY B 130 -10.79 1.82 -31.41
CA GLY B 130 -9.58 2.64 -31.47
C GLY B 130 -9.69 3.66 -32.59
N LEU B 131 -10.22 3.25 -33.71
CA LEU B 131 -10.32 4.12 -34.85
C LEU B 131 -11.25 5.26 -34.59
N ILE B 132 -12.41 4.96 -34.05
CA ILE B 132 -13.35 6.00 -33.82
C ILE B 132 -12.83 6.94 -32.80
N TYR B 133 -12.24 6.44 -31.73
CA TYR B 133 -11.75 7.35 -30.74
C TYR B 133 -10.72 8.28 -31.32
N ASN B 134 -9.84 7.79 -32.18
CA ASN B 134 -8.85 8.68 -32.74
C ASN B 134 -9.52 9.72 -33.62
N LEU B 135 -10.54 9.33 -34.35
CA LEU B 135 -11.21 10.28 -35.22
C LEU B 135 -11.96 11.32 -34.41
N LEU B 136 -12.56 10.93 -33.29
CA LEU B 136 -13.33 11.88 -32.51
C LEU B 136 -12.41 12.93 -32.04
N GLU B 137 -11.24 12.51 -31.61
CA GLU B 137 -10.29 13.44 -31.14
C GLU B 137 -9.84 14.38 -32.24
N GLU B 138 -9.48 13.83 -33.39
CA GLU B 138 -8.93 14.67 -34.42
C GLU B 138 -9.86 15.73 -34.90
N SER B 139 -11.11 15.42 -35.05
CA SER B 139 -11.97 16.46 -35.56
C SER B 139 -12.52 17.36 -34.49
N GLN B 140 -13.19 16.77 -33.49
CA GLN B 140 -13.93 17.53 -32.51
C GLN B 140 -13.07 18.38 -31.64
N ASN B 141 -11.85 17.96 -31.34
CA ASN B 141 -11.10 18.80 -30.47
C ASN B 141 -9.76 19.21 -31.08
N GLN B 142 -9.11 18.39 -31.89
CA GLN B 142 -7.81 18.87 -32.30
C GLN B 142 -7.99 19.97 -33.34
N GLN B 143 -8.79 19.68 -34.36
CA GLN B 143 -9.00 20.66 -35.39
C GLN B 143 -9.82 21.81 -34.86
N GLU B 144 -10.83 21.50 -34.06
CA GLU B 144 -11.65 22.57 -33.56
C GLU B 144 -10.86 23.55 -32.73
N LYS B 145 -9.92 23.11 -31.92
CA LYS B 145 -9.20 24.09 -31.15
C LYS B 145 -8.30 24.92 -32.03
N ASN B 146 -7.79 24.33 -33.10
CA ASN B 146 -6.95 25.09 -34.01
C ASN B 146 -7.80 26.21 -34.63
N GLU B 147 -9.06 25.90 -34.92
CA GLU B 147 -9.93 26.88 -35.53
C GLU B 147 -10.22 27.99 -34.53
N GLN B 148 -10.32 27.63 -33.25
CA GLN B 148 -10.58 28.64 -32.26
C GLN B 148 -9.39 29.56 -32.13
N GLU B 149 -8.17 29.03 -32.28
CA GLU B 149 -7.03 29.92 -32.19
C GLU B 149 -7.10 30.92 -33.32
N LEU B 150 -7.50 30.49 -34.51
CA LEU B 150 -7.57 31.41 -35.63
C LEU B 150 -8.57 32.54 -35.37
N LEU B 151 -9.67 32.20 -34.70
CA LEU B 151 -10.66 33.22 -34.36
C LEU B 151 -10.09 34.22 -33.37
N GLU B 152 -9.25 33.73 -32.45
CA GLU B 152 -8.60 34.60 -31.48
C GLU B 152 -7.53 35.47 -32.13
N LEU B 153 -6.85 34.94 -33.15
CA LEU B 153 -5.85 35.76 -33.83
C LEU B 153 -6.53 36.96 -34.52
N ASP B 154 -7.72 36.73 -35.12
CA ASP B 154 -8.58 37.68 -35.81
C ASP B 154 -9.25 38.62 -34.79
N TRP C 7 1.26 37.31 -27.30
CA TRP C 7 0.38 36.78 -26.27
C TRP C 7 0.80 35.36 -25.89
N VAL C 8 0.86 35.09 -24.58
CA VAL C 8 1.40 33.85 -24.01
C VAL C 8 0.37 32.75 -23.98
N THR C 9 0.18 32.11 -25.11
CA THR C 9 -0.82 31.05 -25.19
C THR C 9 -0.25 29.78 -24.67
N VAL C 10 -1.07 29.09 -23.90
CA VAL C 10 -0.65 27.85 -23.30
C VAL C 10 -0.98 26.67 -24.18
N TYR C 11 0.01 25.85 -24.43
CA TYR C 11 -0.18 24.69 -25.26
C TYR C 11 0.06 23.42 -24.45
N TYR C 12 -0.89 22.50 -24.49
CA TYR C 12 -0.80 21.26 -23.73
C TYR C 12 -0.65 20.05 -24.62
N GLY C 13 0.30 19.18 -24.26
CA GLY C 13 0.61 17.97 -25.01
C GLY C 13 1.82 18.22 -25.89
N VAL C 14 2.59 19.21 -25.51
CA VAL C 14 3.75 19.60 -26.26
C VAL C 14 4.73 18.44 -26.29
N PRO C 15 5.22 18.02 -27.46
CA PRO C 15 6.11 16.88 -27.64
C PRO C 15 7.56 17.13 -27.27
N VAL C 16 7.79 17.39 -26.01
CA VAL C 16 9.13 17.64 -25.49
C VAL C 16 9.42 16.77 -24.30
N TRP C 17 10.69 16.65 -23.96
CA TRP C 17 11.08 15.86 -22.83
C TRP C 17 12.34 16.35 -22.18
N LYS C 18 12.54 15.86 -20.97
CA LYS C 18 13.74 16.13 -20.21
C LYS C 18 14.31 14.83 -19.69
N GLU C 19 15.61 14.75 -19.55
CA GLU C 19 16.20 13.54 -19.01
C GLU C 19 15.71 13.28 -17.61
N ALA C 20 15.36 12.03 -17.31
CA ALA C 20 14.86 11.71 -15.99
C ALA C 20 15.08 10.26 -15.61
N THR C 21 15.11 9.99 -14.32
CA THR C 21 15.25 8.62 -13.88
C THR C 21 14.00 8.10 -13.19
N THR C 22 13.58 6.91 -13.58
CA THR C 22 12.42 6.24 -13.03
C THR C 22 12.67 4.75 -12.89
N THR C 23 11.64 3.99 -12.55
CA THR C 23 11.80 2.56 -12.37
C THR C 23 11.09 1.75 -13.44
N LEU C 24 11.87 0.98 -14.17
CA LEU C 24 11.41 0.17 -15.27
C LEU C 24 10.87 -1.13 -14.76
N PHE C 25 9.99 -1.76 -15.51
CA PHE C 25 9.48 -3.05 -15.08
C PHE C 25 9.90 -4.21 -15.99
N CYS C 26 9.91 -5.44 -15.41
CA CYS C 26 10.24 -6.71 -16.05
C CYS C 26 9.11 -7.18 -16.96
N ALA C 27 9.52 -7.71 -18.10
CA ALA C 27 8.63 -8.31 -19.06
C ALA C 27 9.31 -9.47 -19.76
N SER C 28 8.53 -10.47 -20.16
CA SER C 28 9.11 -11.64 -20.83
C SER C 28 8.20 -12.28 -21.85
N ASP C 29 8.74 -13.22 -22.63
CA ASP C 29 7.91 -13.91 -23.64
C ASP C 29 7.14 -15.15 -23.14
N ALA C 30 7.67 -15.86 -22.13
CA ALA C 30 7.13 -17.11 -21.57
C ALA C 30 5.83 -16.81 -20.83
N ARG C 38 9.90 -23.93 -12.27
CA ARG C 38 9.97 -22.59 -11.72
C ARG C 38 11.35 -22.01 -12.03
N ASN C 39 11.43 -20.66 -12.18
CA ASN C 39 12.64 -19.93 -12.52
C ASN C 39 12.71 -18.55 -11.92
N VAL C 40 13.88 -18.01 -12.00
CA VAL C 40 14.17 -16.64 -11.66
C VAL C 40 13.66 -15.91 -12.86
N TRP C 41 13.01 -14.78 -12.67
CA TRP C 41 12.38 -14.06 -13.77
C TRP C 41 11.18 -14.90 -14.13
N ALA C 42 10.50 -15.30 -13.07
CA ALA C 42 9.28 -16.04 -13.10
C ALA C 42 8.24 -15.21 -13.77
N THR C 43 7.32 -15.84 -14.47
CA THR C 43 6.29 -15.07 -15.13
C THR C 43 5.37 -14.35 -14.14
N HIS C 44 5.20 -14.87 -12.93
CA HIS C 44 4.33 -14.16 -11.97
C HIS C 44 4.88 -12.76 -11.63
N CYS C 45 6.19 -12.55 -11.80
CA CYS C 45 6.81 -11.27 -11.50
C CYS C 45 7.14 -10.39 -12.75
N CYS C 46 6.83 -10.86 -13.99
CA CYS C 46 7.16 -10.18 -15.25
C CYS C 46 5.90 -10.14 -16.13
N VAL C 47 5.60 -9.01 -16.71
CA VAL C 47 4.41 -8.93 -17.54
C VAL C 47 4.70 -9.61 -18.86
N PRO C 48 3.77 -10.32 -19.49
CA PRO C 48 4.00 -10.85 -20.80
C PRO C 48 4.34 -9.66 -21.68
N THR C 49 5.32 -9.85 -22.54
CA THR C 49 5.75 -8.80 -23.42
C THR C 49 4.79 -8.71 -24.58
N ASP C 50 4.35 -7.51 -24.90
CA ASP C 50 3.46 -7.32 -26.02
C ASP C 50 4.19 -7.65 -27.31
N PRO C 51 3.54 -8.25 -28.30
CA PRO C 51 4.12 -8.51 -29.59
C PRO C 51 4.26 -7.19 -30.29
N ASN C 52 5.30 -7.05 -31.10
CA ASN C 52 5.49 -5.86 -31.91
C ASN C 52 5.25 -4.51 -31.22
N PRO C 53 5.97 -4.13 -30.15
CA PRO C 53 5.84 -2.81 -29.59
C PRO C 53 6.18 -1.94 -30.77
N GLN C 54 5.49 -0.83 -30.98
CA GLN C 54 5.85 -0.07 -32.16
C GLN C 54 6.92 0.98 -31.92
N GLU C 55 8.02 0.81 -32.63
CA GLU C 55 9.11 1.76 -32.58
C GLU C 55 8.79 2.94 -33.46
N VAL C 56 9.00 4.13 -32.95
CA VAL C 56 8.71 5.30 -33.75
C VAL C 56 9.90 6.18 -33.99
N VAL C 57 10.24 6.36 -35.24
CA VAL C 57 11.40 7.18 -35.55
C VAL C 57 11.06 8.61 -35.41
N LEU C 58 11.89 9.34 -34.70
CA LEU C 58 11.64 10.74 -34.52
C LEU C 58 12.51 11.44 -35.53
N GLU C 59 11.90 12.02 -36.52
CA GLU C 59 12.73 12.64 -37.53
C GLU C 59 13.19 13.98 -36.99
N ASN C 60 14.38 14.45 -37.43
CA ASN C 60 15.02 15.74 -37.08
C ASN C 60 15.19 15.96 -35.57
N VAL C 61 15.61 14.90 -34.85
CA VAL C 61 15.90 14.88 -33.41
C VAL C 61 17.32 14.45 -33.17
N THR C 62 18.06 15.25 -32.42
CA THR C 62 19.42 14.88 -32.07
C THR C 62 19.44 14.74 -30.57
N GLU C 63 19.99 13.64 -30.07
CA GLU C 63 19.99 13.40 -28.64
C GLU C 63 21.33 12.94 -28.13
N ASN C 64 21.79 13.52 -27.01
CA ASN C 64 23.06 13.14 -26.43
C ASN C 64 22.98 11.97 -25.48
N PHE C 65 23.71 10.94 -25.82
CA PHE C 65 23.75 9.70 -25.07
C PHE C 65 25.06 9.57 -24.32
N ASN C 66 25.04 8.82 -23.22
CA ASN C 66 26.25 8.52 -22.47
C ASN C 66 26.10 7.20 -21.77
N MET C 67 26.69 6.17 -22.33
CA MET C 67 26.50 4.84 -21.82
C MET C 67 27.08 4.60 -20.45
N TRP C 68 27.96 5.46 -19.97
CA TRP C 68 28.55 5.20 -18.68
C TRP C 68 27.86 5.96 -17.57
N LYS C 69 26.83 6.72 -17.91
CA LYS C 69 26.10 7.50 -16.92
C LYS C 69 24.66 7.07 -16.96
N ASN C 70 24.44 5.92 -17.56
CA ASN C 70 23.11 5.43 -17.80
C ASN C 70 22.52 4.75 -16.56
N ASP C 71 21.50 5.34 -15.99
CA ASP C 71 20.92 4.85 -14.76
C ASP C 71 20.19 3.55 -14.97
N MET C 72 19.94 3.21 -16.22
CA MET C 72 19.27 1.96 -16.53
C MET C 72 20.20 0.84 -16.11
N VAL C 73 21.52 1.08 -16.21
CA VAL C 73 22.51 0.10 -15.88
C VAL C 73 22.56 -0.08 -14.41
N GLU C 74 22.50 1.04 -13.71
CA GLU C 74 22.56 0.95 -12.27
C GLU C 74 21.35 0.22 -11.77
N GLN C 75 20.23 0.46 -12.42
CA GLN C 75 19.03 -0.20 -12.02
C GLN C 75 19.11 -1.69 -12.28
N MET C 76 19.68 -2.12 -13.41
CA MET C 76 19.73 -3.56 -13.64
C MET C 76 20.54 -4.21 -12.58
N HIS C 77 21.62 -3.57 -12.18
CA HIS C 77 22.50 -4.12 -11.19
C HIS C 77 21.77 -4.29 -9.88
N GLU C 78 21.08 -3.25 -9.44
CA GLU C 78 20.44 -3.38 -8.16
C GLU C 78 19.30 -4.37 -8.18
N ASP C 79 18.58 -4.43 -9.28
CA ASP C 79 17.45 -5.34 -9.32
C ASP C 79 17.86 -6.77 -9.48
N ILE C 80 18.91 -7.05 -10.24
CA ILE C 80 19.26 -8.44 -10.38
C ILE C 80 19.76 -8.96 -9.05
N ILE C 81 20.45 -8.12 -8.29
CA ILE C 81 20.94 -8.60 -7.03
C ILE C 81 19.80 -8.86 -6.10
N SER C 82 18.86 -7.94 -6.03
CA SER C 82 17.75 -8.14 -5.13
C SER C 82 16.97 -9.36 -5.49
N LEU C 83 16.72 -9.59 -6.77
CA LEU C 83 15.94 -10.74 -7.15
C LEU C 83 16.67 -12.01 -6.77
N TRP C 84 17.98 -12.02 -6.99
CA TRP C 84 18.79 -13.16 -6.70
C TRP C 84 18.60 -13.51 -5.23
N ASP C 85 18.70 -12.50 -4.35
CA ASP C 85 18.54 -12.72 -2.93
C ASP C 85 17.14 -13.14 -2.56
N GLN C 86 16.13 -12.64 -3.26
CA GLN C 86 14.79 -13.04 -2.91
C GLN C 86 14.64 -14.54 -3.11
N SER C 87 15.26 -15.06 -4.17
CA SER C 87 15.19 -16.48 -4.47
C SER C 87 15.99 -17.33 -3.49
N LEU C 88 17.15 -16.85 -3.04
CA LEU C 88 17.95 -17.65 -2.13
C LEU C 88 17.56 -17.51 -0.67
N LYS C 89 16.98 -16.38 -0.32
CA LYS C 89 16.64 -16.12 1.06
C LYS C 89 16.06 -17.30 1.86
N PRO C 90 15.01 -18.03 1.40
CA PRO C 90 14.38 -19.12 2.14
C PRO C 90 15.03 -20.51 2.06
N CYS C 91 16.21 -20.64 1.40
CA CYS C 91 16.88 -21.91 1.13
C CYS C 91 17.73 -22.37 2.31
N VAL C 92 18.27 -23.57 2.18
CA VAL C 92 18.96 -24.22 3.28
C VAL C 92 20.30 -23.64 3.69
N LYS C 93 20.45 -23.37 4.98
CA LYS C 93 21.73 -22.89 5.49
C LYS C 93 22.61 -24.09 5.64
N LEU C 94 23.88 -23.95 5.31
CA LEU C 94 24.81 -25.05 5.43
C LEU C 94 25.73 -24.89 6.63
N THR C 95 25.36 -24.03 7.56
CA THR C 95 26.19 -23.78 8.73
C THR C 95 26.47 -25.02 9.59
N PRO C 96 25.57 -26.04 9.73
CA PRO C 96 25.80 -27.25 10.49
C PRO C 96 26.98 -28.04 9.96
N LEU C 97 27.41 -27.73 8.73
CA LEU C 97 28.52 -28.42 8.12
C LEU C 97 29.90 -27.76 8.29
N CYS C 98 30.03 -26.61 9.02
CA CYS C 98 31.31 -25.93 9.18
C CYS C 98 32.13 -26.61 10.28
N VAL C 99 32.60 -27.78 9.95
CA VAL C 99 33.32 -28.61 10.91
C VAL C 99 34.64 -29.05 10.36
N THR C 100 35.50 -29.55 11.22
CA THR C 100 36.75 -30.07 10.72
C THR C 100 36.42 -31.35 10.01
N LEU C 101 36.97 -31.50 8.84
CA LEU C 101 36.77 -32.65 7.98
C LEU C 101 37.95 -33.60 8.07
N ASN C 102 37.64 -34.89 7.99
CA ASN C 102 38.51 -36.07 7.89
C ASN C 102 38.52 -36.37 6.38
N CYS C 103 39.56 -35.90 5.62
CA CYS C 103 39.48 -35.91 4.15
C CYS C 103 40.82 -36.20 3.48
N THR C 104 40.76 -37.04 2.43
CA THR C 104 41.95 -37.45 1.67
C THR C 104 41.95 -37.19 0.16
N ASP C 105 41.43 -38.14 -0.61
CA ASP C 105 41.51 -38.07 -2.08
C ASP C 105 40.29 -38.76 -2.74
N TYR C 106 40.23 -38.77 -4.10
CA TYR C 106 39.20 -39.32 -5.01
C TYR C 106 37.81 -39.42 -4.37
N GLU C 127 44.83 -34.61 -13.61
CA GLU C 127 44.01 -33.91 -12.63
C GLU C 127 44.51 -34.07 -11.17
N ARG C 128 45.03 -35.27 -10.82
CA ARG C 128 45.52 -35.70 -9.49
C ARG C 128 44.42 -35.57 -8.42
N GLY C 129 44.74 -35.03 -7.24
CA GLY C 129 43.77 -34.93 -6.14
C GLY C 129 42.84 -33.73 -6.24
N GLU C 130 42.14 -33.64 -7.36
CA GLU C 130 41.24 -32.54 -7.69
C GLU C 130 39.97 -32.64 -6.86
N ILE C 131 39.55 -33.88 -6.66
CA ILE C 131 38.34 -34.22 -5.94
C ILE C 131 38.69 -35.09 -4.77
N LYS C 132 38.18 -34.75 -3.60
CA LYS C 132 38.51 -35.53 -2.44
C LYS C 132 37.27 -36.12 -1.76
N ASN C 133 37.42 -37.32 -1.13
CA ASN C 133 36.41 -37.94 -0.27
C ASN C 133 36.62 -37.50 1.18
N CYS C 134 35.72 -36.62 1.66
CA CYS C 134 35.75 -35.99 2.97
C CYS C 134 34.64 -36.58 3.81
N SER C 135 34.87 -36.64 5.11
CA SER C 135 33.83 -37.08 6.02
C SER C 135 33.77 -36.23 7.26
N PHE C 136 32.62 -36.29 7.87
CA PHE C 136 32.32 -35.49 9.03
C PHE C 136 31.25 -36.09 9.93
N ASN C 137 31.18 -35.61 11.19
CA ASN C 137 30.17 -35.97 12.19
C ASN C 137 29.07 -34.91 12.24
N ILE C 138 27.88 -35.22 11.67
CA ILE C 138 26.73 -34.29 11.64
C ILE C 138 25.85 -34.65 12.82
N THR C 139 25.54 -33.66 13.65
CA THR C 139 24.77 -33.89 14.86
C THR C 139 23.36 -33.32 14.81
N THR C 140 23.00 -32.75 13.67
CA THR C 140 21.74 -32.06 13.51
C THR C 140 20.70 -32.70 12.59
N SER C 141 20.95 -33.85 11.96
CA SER C 141 19.98 -34.33 10.96
C SER C 141 18.60 -34.65 11.51
N ILE C 142 18.55 -35.25 12.70
CA ILE C 142 17.28 -35.56 13.35
C ILE C 142 17.24 -34.81 14.67
N ARG C 143 18.27 -34.01 14.84
CA ARG C 143 18.58 -33.14 15.94
C ARG C 143 18.92 -33.75 17.32
N ASP C 144 19.13 -35.06 17.43
CA ASP C 144 19.68 -35.60 18.67
C ASP C 144 20.66 -36.77 18.47
N LYS C 145 21.15 -36.98 17.24
CA LYS C 145 22.04 -38.11 16.98
C LYS C 145 23.26 -37.68 16.18
N VAL C 146 24.39 -38.35 16.40
CA VAL C 146 25.57 -38.04 15.60
C VAL C 146 25.81 -39.12 14.59
N GLN C 147 26.01 -38.69 13.35
CA GLN C 147 26.24 -39.62 12.27
C GLN C 147 27.41 -39.28 11.38
N LYS C 148 28.27 -40.26 11.15
CA LYS C 148 29.35 -40.03 10.21
C LYS C 148 28.79 -40.07 8.80
N GLU C 149 29.10 -39.05 8.03
CA GLU C 149 28.65 -38.87 6.66
C GLU C 149 29.81 -38.51 5.79
N TYR C 150 29.70 -38.76 4.49
CA TYR C 150 30.77 -38.36 3.61
C TYR C 150 30.21 -37.66 2.41
N ALA C 151 31.05 -36.88 1.76
CA ALA C 151 30.67 -36.24 0.51
C ALA C 151 31.90 -35.98 -0.33
N LEU C 152 31.71 -35.90 -1.63
CA LEU C 152 32.83 -35.55 -2.47
C LEU C 152 32.86 -34.06 -2.73
N PHE C 153 34.06 -33.50 -2.66
CA PHE C 153 34.25 -32.08 -2.89
C PHE C 153 35.39 -31.74 -3.81
N TYR C 154 35.29 -30.61 -4.46
CA TYR C 154 36.41 -30.13 -5.24
C TYR C 154 37.38 -29.47 -4.27
N LYS C 155 38.68 -29.60 -4.53
CA LYS C 155 39.67 -29.01 -3.64
C LYS C 155 39.62 -27.51 -3.60
N LEU C 156 38.99 -26.89 -4.58
CA LEU C 156 38.92 -25.45 -4.62
C LEU C 156 37.98 -24.89 -3.59
N ASP C 157 37.19 -25.74 -2.97
CA ASP C 157 36.29 -25.34 -1.92
C ASP C 157 36.80 -25.81 -0.56
N ILE C 158 38.06 -26.28 -0.51
CA ILE C 158 38.60 -26.81 0.74
C ILE C 158 39.83 -26.09 1.32
N VAL C 159 39.74 -25.79 2.60
CA VAL C 159 40.76 -25.17 3.42
C VAL C 159 41.65 -26.22 4.04
N PRO C 160 42.96 -26.21 3.85
CA PRO C 160 43.83 -27.12 4.53
C PRO C 160 43.87 -26.61 5.96
N ILE C 161 43.95 -27.50 6.97
CA ILE C 161 44.03 -27.14 8.39
C ILE C 161 44.38 -28.40 9.19
N ASN C 167 48.91 -33.64 7.58
CA ASN C 167 47.77 -34.26 8.22
C ASN C 167 46.65 -34.37 7.15
N ASN C 168 45.46 -34.85 7.56
CA ASN C 168 44.24 -35.02 6.75
C ASN C 168 43.12 -34.11 7.23
N SER C 169 43.49 -33.01 7.89
CA SER C 169 42.51 -32.09 8.42
C SER C 169 42.22 -30.95 7.49
N TYR C 170 40.95 -30.85 7.14
CA TYR C 170 40.42 -29.89 6.18
C TYR C 170 39.16 -29.17 6.65
N ARG C 171 38.86 -28.03 6.06
CA ARG C 171 37.62 -27.31 6.39
C ARG C 171 36.94 -26.66 5.17
N LEU C 172 35.65 -26.43 5.23
CA LEU C 172 34.98 -25.74 4.11
C LEU C 172 35.42 -24.27 3.97
N ILE C 173 35.71 -23.82 2.73
CA ILE C 173 36.15 -22.44 2.57
C ILE C 173 35.14 -21.40 2.87
N ASN C 174 35.59 -20.49 3.72
CA ASN C 174 34.87 -19.34 4.23
C ASN C 174 33.60 -19.66 5.01
N CYS C 175 33.47 -20.90 5.56
CA CYS C 175 32.29 -21.32 6.33
C CYS C 175 32.31 -20.61 7.66
N ASN C 176 33.48 -20.11 8.00
CA ASN C 176 33.73 -19.39 9.23
C ASN C 176 33.72 -17.86 9.07
N THR C 177 33.34 -17.28 7.89
CA THR C 177 33.31 -15.82 7.71
C THR C 177 31.96 -15.43 7.18
N SER C 178 31.35 -16.34 6.46
CA SER C 178 30.11 -16.07 5.77
C SER C 178 29.11 -17.15 5.95
N VAL C 179 27.86 -16.80 5.85
CA VAL C 179 26.85 -17.83 5.87
C VAL C 179 26.62 -18.31 4.46
N ILE C 180 26.77 -19.60 4.28
CA ILE C 180 26.63 -20.22 3.01
C ILE C 180 25.27 -20.86 2.90
N LYS C 181 24.52 -20.51 1.87
CA LYS C 181 23.22 -21.14 1.66
C LYS C 181 23.23 -21.92 0.38
N GLN C 182 22.54 -23.04 0.37
CA GLN C 182 22.41 -23.84 -0.84
C GLN C 182 21.31 -23.30 -1.69
N ALA C 183 21.59 -23.11 -2.96
CA ALA C 183 20.52 -22.65 -3.82
C ALA C 183 19.46 -23.75 -3.91
N CYS C 184 18.15 -23.37 -3.89
CA CYS C 184 17.03 -24.30 -3.98
C CYS C 184 16.96 -24.94 -5.39
N PRO C 185 16.96 -26.28 -5.46
CA PRO C 185 17.00 -27.10 -6.67
C PRO C 185 15.75 -27.00 -7.51
N LYS C 186 14.72 -26.41 -6.91
CA LYS C 186 13.44 -26.26 -7.56
C LYS C 186 13.41 -25.06 -8.50
N VAL C 187 14.42 -24.20 -8.42
CA VAL C 187 14.40 -23.00 -9.23
C VAL C 187 15.54 -22.89 -10.21
N SER C 188 15.18 -22.64 -11.47
CA SER C 188 16.16 -22.41 -12.51
C SER C 188 16.65 -20.98 -12.51
N PHE C 189 17.94 -20.81 -12.65
CA PHE C 189 18.53 -19.48 -12.70
C PHE C 189 19.00 -19.16 -14.10
N GLU C 190 18.55 -19.93 -15.08
CA GLU C 190 18.93 -19.75 -16.47
C GLU C 190 18.44 -18.41 -17.03
N PRO C 191 19.31 -17.53 -17.53
CA PRO C 191 18.97 -16.25 -18.11
C PRO C 191 18.07 -16.36 -19.32
N ILE C 192 17.05 -15.52 -19.38
CA ILE C 192 16.18 -15.45 -20.53
C ILE C 192 16.19 -13.99 -20.88
N PRO C 193 15.91 -13.55 -22.10
CA PRO C 193 15.87 -12.15 -22.42
C PRO C 193 14.80 -11.45 -21.63
N ILE C 194 15.13 -10.31 -21.04
CA ILE C 194 14.16 -9.52 -20.32
C ILE C 194 14.00 -8.19 -20.99
N HIS C 195 12.77 -7.81 -21.20
CA HIS C 195 12.47 -6.56 -21.87
C HIS C 195 12.12 -5.53 -20.83
N TYR C 196 12.93 -4.52 -20.65
CA TYR C 196 12.59 -3.55 -19.63
C TYR C 196 11.77 -2.45 -20.23
N CYS C 197 10.62 -2.16 -19.59
CA CYS C 197 9.60 -1.25 -20.08
C CYS C 197 9.47 -0.01 -19.21
N ALA C 198 9.23 1.12 -19.87
CA ALA C 198 9.03 2.37 -19.15
C ALA C 198 7.67 2.42 -18.47
N PRO C 199 7.56 3.05 -17.30
CA PRO C 199 6.33 3.33 -16.62
C PRO C 199 5.65 4.45 -17.35
N ALA C 200 4.36 4.57 -17.19
CA ALA C 200 3.66 5.65 -17.87
C ALA C 200 4.21 7.00 -17.44
N GLY C 201 4.28 7.89 -18.42
CA GLY C 201 4.83 9.23 -18.26
C GLY C 201 6.26 9.32 -18.75
N PHE C 202 6.85 8.17 -19.03
CA PHE C 202 8.23 8.07 -19.48
C PHE C 202 8.36 7.38 -20.81
N ALA C 203 9.47 7.66 -21.46
CA ALA C 203 9.76 7.05 -22.75
C ALA C 203 11.21 6.67 -22.85
N ILE C 204 11.49 5.65 -23.65
CA ILE C 204 12.86 5.25 -23.83
C ILE C 204 13.32 5.66 -25.20
N LEU C 205 14.42 6.37 -25.27
CA LEU C 205 14.95 6.78 -26.54
C LEU C 205 16.06 5.84 -26.93
N LYS C 206 15.92 5.27 -28.11
CA LYS C 206 16.89 4.32 -28.62
C LYS C 206 17.72 4.96 -29.74
N CYS C 207 19.06 4.80 -29.67
CA CYS C 207 19.99 5.28 -30.67
C CYS C 207 20.25 4.20 -31.71
N ASN C 208 19.93 4.52 -32.95
CA ASN C 208 20.11 3.60 -34.06
C ASN C 208 21.28 3.97 -34.97
N ASP C 209 22.11 4.93 -34.57
CA ASP C 209 23.19 5.30 -35.45
C ASP C 209 24.13 4.15 -35.66
N LYS C 210 24.66 4.04 -36.87
CA LYS C 210 25.57 2.97 -37.14
C LYS C 210 26.89 3.37 -36.57
N LYS C 211 27.61 2.40 -36.02
CA LYS C 211 28.92 2.63 -35.46
C LYS C 211 28.89 3.75 -34.43
N PHE C 212 27.84 3.79 -33.63
CA PHE C 212 27.77 4.80 -32.61
C PHE C 212 28.72 4.41 -31.51
N ASN C 213 29.55 5.37 -31.03
CA ASN C 213 30.48 5.19 -29.93
C ASN C 213 29.71 5.40 -28.61
N GLY C 214 30.38 5.42 -27.45
CA GLY C 214 29.67 5.47 -26.16
C GLY C 214 29.01 6.79 -25.76
N THR C 215 29.44 7.92 -26.30
CA THR C 215 28.82 9.17 -25.89
C THR C 215 28.59 10.08 -27.06
N GLY C 216 27.81 11.13 -26.82
CA GLY C 216 27.64 12.17 -27.82
C GLY C 216 26.33 12.09 -28.54
N PRO C 217 26.07 13.02 -29.46
CA PRO C 217 24.85 13.14 -30.18
C PRO C 217 24.66 11.98 -31.11
N CYS C 218 23.42 11.49 -31.20
CA CYS C 218 22.93 10.44 -32.06
C CYS C 218 21.89 11.12 -32.93
N THR C 219 22.00 10.95 -34.23
CA THR C 219 21.03 11.60 -35.12
C THR C 219 19.86 10.73 -35.61
N ASN C 220 19.95 9.38 -35.52
CA ASN C 220 18.85 8.47 -35.83
C ASN C 220 18.27 7.95 -34.50
N VAL C 221 17.26 8.66 -33.97
CA VAL C 221 16.70 8.42 -32.64
C VAL C 221 15.25 8.06 -32.76
N SER C 222 14.88 6.99 -32.11
CA SER C 222 13.51 6.53 -32.12
C SER C 222 13.03 6.32 -30.71
N THR C 223 11.73 6.29 -30.54
CA THR C 223 11.18 6.04 -29.23
C THR C 223 10.59 4.67 -29.13
N VAL C 224 10.87 4.01 -28.02
CA VAL C 224 10.35 2.70 -27.78
C VAL C 224 9.70 2.59 -26.42
N GLN C 225 8.88 1.58 -26.31
CA GLN C 225 8.20 1.25 -25.08
C GLN C 225 9.06 0.43 -24.11
N CYS C 226 9.88 -0.51 -24.67
CA CYS C 226 10.69 -1.46 -23.94
C CYS C 226 11.96 -1.74 -24.72
N THR C 227 12.93 -2.32 -24.04
CA THR C 227 14.16 -2.74 -24.69
C THR C 227 13.91 -4.02 -25.46
N HIS C 228 14.88 -4.40 -26.28
CA HIS C 228 14.79 -5.55 -27.17
C HIS C 228 14.86 -6.91 -26.52
N GLY C 229 15.24 -6.95 -25.28
CA GLY C 229 15.37 -8.19 -24.53
C GLY C 229 16.81 -8.54 -24.30
N ILE C 230 17.27 -8.34 -23.09
CA ILE C 230 18.65 -8.61 -22.75
C ILE C 230 18.74 -9.74 -21.78
N ARG C 231 19.54 -10.74 -22.10
CA ARG C 231 19.69 -11.86 -21.20
C ARG C 231 20.59 -11.45 -20.04
N PRO C 232 20.19 -11.67 -18.78
CA PRO C 232 20.94 -11.36 -17.58
C PRO C 232 22.03 -12.38 -17.32
N VAL C 233 23.00 -12.40 -18.20
CA VAL C 233 24.11 -13.33 -18.15
C VAL C 233 25.22 -12.81 -17.27
N VAL C 234 25.73 -13.66 -16.41
CA VAL C 234 26.82 -13.26 -15.54
C VAL C 234 28.10 -13.94 -15.95
N SER C 235 29.11 -13.15 -16.30
CA SER C 235 30.41 -13.65 -16.72
C SER C 235 31.49 -12.60 -16.47
N THR C 236 32.76 -13.00 -16.60
CA THR C 236 33.83 -12.02 -16.42
C THR C 236 34.61 -11.65 -17.67
N GLN C 237 35.66 -12.37 -18.02
CA GLN C 237 36.51 -11.93 -19.14
C GLN C 237 35.83 -11.80 -20.50
N LEU C 238 34.92 -12.72 -20.82
CA LEU C 238 34.23 -12.70 -22.09
C LEU C 238 32.76 -12.56 -21.87
N LEU C 239 32.15 -11.78 -22.75
CA LEU C 239 30.74 -11.49 -22.75
C LEU C 239 30.04 -12.49 -23.62
N LEU C 240 29.09 -13.17 -23.03
CA LEU C 240 28.38 -14.21 -23.74
C LEU C 240 26.91 -13.88 -24.00
N ASN C 241 26.37 -14.38 -25.14
CA ASN C 241 24.99 -14.34 -25.62
C ASN C 241 24.40 -12.90 -25.71
N GLY C 242 25.22 -11.89 -26.08
CA GLY C 242 24.80 -10.51 -26.22
C GLY C 242 24.45 -10.23 -27.65
N SER C 243 24.28 -8.97 -27.96
CA SER C 243 23.94 -8.58 -29.32
C SER C 243 25.21 -8.35 -30.10
N LEU C 244 25.08 -8.37 -31.40
CA LEU C 244 26.22 -8.08 -32.25
C LEU C 244 26.12 -6.74 -32.90
N ALA C 245 27.28 -6.20 -33.17
CA ALA C 245 27.43 -4.96 -33.89
C ALA C 245 27.16 -5.22 -35.35
N GLU C 246 26.79 -4.21 -36.09
CA GLU C 246 26.65 -4.44 -37.51
C GLU C 246 27.94 -3.99 -38.18
N LYS C 247 28.31 -4.67 -39.27
CA LYS C 247 29.43 -4.29 -40.15
C LYS C 247 30.86 -4.40 -39.63
N GLU C 248 31.14 -3.78 -38.50
CA GLU C 248 32.48 -3.74 -37.94
C GLU C 248 32.49 -3.97 -36.44
N VAL C 249 33.64 -4.37 -35.93
CA VAL C 249 33.79 -4.47 -34.51
C VAL C 249 33.84 -3.05 -33.98
N VAL C 250 33.07 -2.78 -32.95
CA VAL C 250 33.04 -1.44 -32.42
C VAL C 250 33.59 -1.43 -31.03
N ILE C 251 34.57 -0.57 -30.82
CA ILE C 251 35.18 -0.53 -29.52
C ILE C 251 34.80 0.74 -28.80
N ARG C 252 34.21 0.60 -27.63
CA ARG C 252 33.75 1.75 -26.91
C ARG C 252 34.39 1.88 -25.53
N SER C 253 34.80 3.09 -25.22
CA SER C 253 35.39 3.37 -23.93
C SER C 253 35.06 4.74 -23.52
N GLN C 254 34.89 4.96 -22.24
CA GLN C 254 34.63 6.32 -21.80
C GLN C 254 35.77 7.26 -22.18
N ASN C 255 37.01 6.76 -22.10
CA ASN C 255 38.23 7.48 -22.37
C ASN C 255 39.34 6.45 -22.58
N PHE C 256 39.91 6.34 -23.81
CA PHE C 256 40.97 5.36 -24.12
C PHE C 256 42.29 5.77 -23.49
N THR C 257 42.46 7.08 -23.37
CA THR C 257 43.64 7.69 -22.79
C THR C 257 43.73 7.31 -21.32
N ASN C 258 42.60 7.25 -20.64
CA ASN C 258 42.62 6.87 -19.23
C ASN C 258 42.75 5.35 -19.13
N ASN C 259 43.90 4.85 -18.73
CA ASN C 259 44.11 3.40 -18.77
C ASN C 259 43.40 2.65 -17.66
N ALA C 260 42.74 3.36 -16.78
CA ALA C 260 42.04 2.71 -15.70
C ALA C 260 40.63 2.32 -16.11
N LYS C 261 40.22 2.69 -17.32
CA LYS C 261 38.88 2.37 -17.78
C LYS C 261 38.83 1.08 -18.56
N VAL C 262 37.70 0.41 -18.48
CA VAL C 262 37.48 -0.80 -19.23
C VAL C 262 36.93 -0.51 -20.59
N ILE C 263 37.55 -1.11 -21.57
CA ILE C 263 37.18 -1.00 -22.95
C ILE C 263 36.25 -2.13 -23.31
N ILE C 264 35.10 -1.80 -23.87
CA ILE C 264 34.15 -2.83 -24.24
C ILE C 264 34.21 -3.07 -25.73
N VAL C 265 34.52 -4.31 -26.08
CA VAL C 265 34.63 -4.65 -27.48
C VAL C 265 33.43 -5.43 -27.92
N GLN C 266 32.68 -4.87 -28.86
CA GLN C 266 31.50 -5.53 -29.38
C GLN C 266 31.76 -6.08 -30.76
N LEU C 267 31.64 -7.38 -30.89
CA LEU C 267 31.95 -8.02 -32.14
C LEU C 267 30.74 -7.90 -33.05
N ASN C 268 30.94 -7.93 -34.39
CA ASN C 268 29.85 -7.96 -35.38
C ASN C 268 29.51 -9.38 -35.91
N GLU C 269 30.18 -10.43 -35.37
CA GLU C 269 30.01 -11.84 -35.68
C GLU C 269 30.39 -12.57 -34.43
N SER C 270 29.67 -13.62 -34.09
CA SER C 270 30.00 -14.35 -32.87
C SER C 270 30.86 -15.56 -33.09
N VAL C 271 31.46 -16.03 -32.02
CA VAL C 271 32.21 -17.28 -32.05
C VAL C 271 31.60 -18.23 -31.05
N VAL C 272 31.18 -19.40 -31.49
CA VAL C 272 30.53 -20.30 -30.54
C VAL C 272 31.48 -21.29 -29.91
N ILE C 273 31.45 -21.29 -28.58
CA ILE C 273 32.32 -22.14 -27.80
C ILE C 273 31.54 -23.25 -27.10
N ASN C 274 31.98 -24.51 -27.24
CA ASN C 274 31.32 -25.66 -26.61
C ASN C 274 32.07 -26.07 -25.33
N CYS C 275 31.51 -25.72 -24.15
CA CYS C 275 32.11 -26.01 -22.85
C CYS C 275 31.41 -27.16 -22.19
N THR C 276 32.20 -28.08 -21.70
CA THR C 276 31.67 -29.26 -21.06
C THR C 276 32.37 -29.68 -19.81
N ARG C 277 31.60 -30.36 -19.00
CA ARG C 277 32.04 -31.00 -17.79
C ARG C 277 31.66 -32.46 -18.01
N PRO C 278 32.56 -33.25 -18.63
CA PRO C 278 32.38 -34.60 -19.12
C PRO C 278 32.56 -35.63 -18.03
N ASN C 279 32.69 -35.16 -16.82
CA ASN C 279 32.82 -36.02 -15.67
C ASN C 279 31.39 -36.52 -15.49
N ASN C 280 31.24 -37.68 -14.81
CA ASN C 280 29.98 -38.36 -14.54
C ASN C 280 29.94 -38.71 -13.05
N ASN C 281 28.76 -38.52 -12.36
CA ASN C 281 28.63 -38.77 -10.93
C ASN C 281 27.23 -39.20 -10.48
N THR C 282 27.13 -39.49 -9.19
CA THR C 282 25.85 -39.82 -8.57
C THR C 282 25.42 -38.72 -7.62
N ARG C 283 24.16 -38.74 -7.24
CA ARG C 283 23.65 -37.73 -6.32
C ARG C 283 23.43 -38.31 -4.93
N LYS C 284 23.68 -37.49 -3.93
CA LYS C 284 23.48 -37.86 -2.54
C LYS C 284 22.78 -36.76 -1.74
N SER C 285 21.97 -37.16 -0.76
CA SER C 285 21.31 -36.18 0.10
C SER C 285 21.55 -36.50 1.56
N ILE C 286 22.19 -35.58 2.23
CA ILE C 286 22.53 -35.73 3.62
C ILE C 286 21.64 -34.84 4.43
N HIS C 287 20.75 -35.46 5.20
CA HIS C 287 19.79 -34.64 5.97
C HIS C 287 20.59 -33.89 7.04
N ILE C 288 20.33 -32.60 7.24
CA ILE C 288 21.19 -31.88 8.22
C ILE C 288 20.29 -31.07 9.15
N ALA C 289 19.02 -30.91 8.79
CA ALA C 289 18.11 -30.10 9.62
C ALA C 289 16.67 -30.38 9.24
N PRO C 290 15.63 -29.88 9.95
CA PRO C 290 14.26 -30.23 9.64
C PRO C 290 13.87 -29.73 8.25
N GLY C 291 13.46 -30.64 7.38
CA GLY C 291 13.14 -30.20 6.01
C GLY C 291 14.32 -29.39 5.53
N ARG C 292 15.53 -29.78 5.95
CA ARG C 292 16.71 -28.97 5.62
C ARG C 292 17.82 -29.95 5.31
N TRP C 293 18.01 -30.20 4.02
CA TRP C 293 18.92 -31.25 3.60
C TRP C 293 19.99 -30.68 2.68
N PHE C 294 21.17 -31.26 2.76
CA PHE C 294 22.30 -30.90 1.94
C PHE C 294 22.46 -31.80 0.73
N TYR C 295 22.51 -31.19 -0.43
CA TYR C 295 22.62 -31.99 -1.64
C TYR C 295 24.02 -31.92 -2.17
N THR C 296 24.58 -33.10 -2.36
CA THR C 296 25.96 -33.26 -2.77
C THR C 296 26.19 -34.40 -3.74
N THR C 297 27.47 -34.66 -4.00
CA THR C 297 27.89 -35.71 -4.92
C THR C 297 28.27 -36.94 -4.11
N GLY C 298 27.64 -38.06 -4.46
CA GLY C 298 27.85 -39.32 -3.75
C GLY C 298 28.99 -40.18 -4.27
N ALA C 299 29.24 -40.10 -5.56
CA ALA C 299 30.25 -40.96 -6.17
C ALA C 299 30.69 -40.47 -7.52
N ILE C 300 31.87 -40.93 -7.91
CA ILE C 300 32.41 -40.70 -9.23
C ILE C 300 32.12 -41.91 -10.09
N ILE C 301 31.59 -41.70 -11.27
CA ILE C 301 31.33 -42.82 -12.16
C ILE C 301 32.45 -42.90 -13.16
N GLY C 302 33.23 -43.97 -13.09
CA GLY C 302 34.38 -44.10 -13.96
C GLY C 302 35.53 -43.22 -13.46
N ASP C 303 36.33 -42.74 -14.40
CA ASP C 303 37.51 -41.98 -14.06
C ASP C 303 37.17 -40.50 -13.93
N ILE C 304 38.18 -39.71 -13.59
CA ILE C 304 38.01 -38.28 -13.50
C ILE C 304 38.44 -37.58 -14.76
N ARG C 305 37.58 -36.70 -15.26
CA ARG C 305 37.87 -35.90 -16.42
C ARG C 305 37.54 -34.44 -16.14
N GLN C 306 38.51 -33.57 -16.33
CA GLN C 306 38.30 -32.15 -16.09
C GLN C 306 37.47 -31.52 -17.18
N ALA C 307 36.81 -30.44 -16.83
CA ALA C 307 36.04 -29.69 -17.79
C ALA C 307 36.95 -29.09 -18.84
N HIS C 308 36.43 -29.00 -20.05
CA HIS C 308 37.17 -28.43 -21.17
C HIS C 308 36.25 -27.59 -22.08
N CYS C 309 36.83 -26.61 -22.84
CA CYS C 309 36.09 -25.82 -23.86
C CYS C 309 36.69 -25.89 -25.26
N ASN C 310 35.79 -26.09 -26.25
CA ASN C 310 36.08 -26.13 -27.70
C ASN C 310 36.01 -24.78 -28.38
N ILE C 311 37.16 -24.29 -28.81
CA ILE C 311 37.27 -22.99 -29.44
C ILE C 311 37.82 -23.10 -30.86
N SER C 312 37.15 -22.50 -31.84
CA SER C 312 37.72 -22.59 -33.17
C SER C 312 38.96 -21.74 -33.25
N ARG C 313 40.07 -22.35 -33.63
CA ARG C 313 41.35 -21.67 -33.68
C ARG C 313 41.34 -20.58 -34.71
N VAL C 314 40.74 -20.88 -35.83
CA VAL C 314 40.71 -19.92 -36.89
C VAL C 314 39.82 -18.78 -36.56
N LYS C 315 38.63 -19.06 -36.03
CA LYS C 315 37.77 -17.95 -35.75
C LYS C 315 38.39 -17.05 -34.71
N TRP C 316 39.02 -17.63 -33.71
CA TRP C 316 39.62 -16.83 -32.67
C TRP C 316 40.71 -15.97 -33.23
N ASN C 317 41.56 -16.52 -34.09
CA ASN C 317 42.63 -15.72 -34.62
C ASN C 317 42.09 -14.60 -35.48
N ASN C 318 41.03 -14.87 -36.25
CA ASN C 318 40.51 -13.82 -37.09
C ASN C 318 39.86 -12.74 -36.27
N THR C 319 39.25 -13.14 -35.16
CA THR C 319 38.62 -12.20 -34.27
C THR C 319 39.66 -11.27 -33.73
N LEU C 320 40.78 -11.82 -33.29
CA LEU C 320 41.80 -10.96 -32.75
C LEU C 320 42.39 -10.05 -33.80
N LYS C 321 42.54 -10.52 -35.02
CA LYS C 321 43.11 -9.67 -36.04
C LYS C 321 42.25 -8.46 -36.29
N GLN C 322 40.94 -8.65 -36.39
CA GLN C 322 40.11 -7.49 -36.64
C GLN C 322 40.01 -6.56 -35.44
N ILE C 323 40.15 -7.10 -34.23
CA ILE C 323 40.13 -6.23 -33.06
C ILE C 323 41.37 -5.40 -33.06
N ALA C 324 42.50 -6.05 -33.32
CA ALA C 324 43.78 -5.37 -33.33
C ALA C 324 43.76 -4.29 -34.38
N THR C 325 43.09 -4.55 -35.50
CA THR C 325 43.01 -3.54 -36.54
C THR C 325 42.32 -2.31 -36.01
N LYS C 326 41.19 -2.49 -35.32
CA LYS C 326 40.50 -1.32 -34.80
C LYS C 326 41.33 -0.61 -33.75
N LEU C 327 42.07 -1.37 -32.96
CA LEU C 327 42.89 -0.73 -31.96
C LEU C 327 44.02 0.03 -32.65
N ARG C 328 44.54 -0.48 -33.77
CA ARG C 328 45.58 0.23 -34.49
C ARG C 328 45.06 1.54 -35.05
N GLU C 329 43.74 1.63 -35.29
CA GLU C 329 43.16 2.89 -35.73
C GLU C 329 43.08 3.88 -34.55
N GLN C 330 42.69 3.36 -33.36
CA GLN C 330 42.57 4.17 -32.15
C GLN C 330 43.90 4.66 -31.58
N PHE C 331 44.91 3.83 -31.70
CA PHE C 331 46.23 4.10 -31.19
C PHE C 331 47.08 4.36 -32.42
N LYS C 332 48.07 5.24 -32.27
CA LYS C 332 48.84 5.73 -33.44
C LYS C 332 49.72 4.65 -34.08
N ASN C 333 49.12 3.76 -34.87
CA ASN C 333 49.88 2.65 -35.51
C ASN C 333 50.89 2.11 -34.50
N LYS C 334 50.48 1.99 -33.24
CA LYS C 334 51.29 1.35 -32.19
C LYS C 334 51.07 -0.14 -32.34
N THR C 335 51.84 -0.95 -31.62
CA THR C 335 51.75 -2.40 -31.83
C THR C 335 50.75 -2.96 -30.86
N ILE C 336 49.91 -3.86 -31.31
CA ILE C 336 48.92 -4.40 -30.44
C ILE C 336 49.34 -5.72 -29.91
N ALA C 337 49.26 -5.87 -28.61
CA ALA C 337 49.59 -7.13 -28.01
C ALA C 337 48.61 -7.50 -26.93
N PHE C 338 48.39 -8.78 -26.77
CA PHE C 338 47.62 -9.28 -25.67
C PHE C 338 48.60 -10.01 -24.79
N ASN C 339 48.49 -9.89 -23.44
CA ASN C 339 49.41 -10.55 -22.51
C ASN C 339 48.75 -11.08 -21.21
N GLN C 340 47.87 -12.08 -21.34
CA GLN C 340 47.20 -12.81 -20.24
C GLN C 340 46.57 -11.90 -19.19
N SER C 341 46.89 -12.07 -17.91
CA SER C 341 46.30 -11.22 -16.88
C SER C 341 47.30 -10.77 -15.85
N SER C 342 47.13 -9.54 -15.40
CA SER C 342 47.98 -8.91 -14.41
C SER C 342 47.76 -9.40 -13.00
N GLY C 343 46.64 -10.07 -12.77
CA GLY C 343 46.33 -10.56 -11.44
C GLY C 343 44.97 -10.08 -10.95
N GLY C 344 44.51 -10.67 -9.85
CA GLY C 344 43.22 -10.35 -9.27
C GLY C 344 42.61 -11.61 -8.71
N ASP C 345 41.35 -11.52 -8.34
CA ASP C 345 40.60 -12.62 -7.78
C ASP C 345 40.60 -13.72 -8.82
N PRO C 346 40.62 -15.00 -8.45
CA PRO C 346 40.59 -16.13 -9.35
C PRO C 346 39.50 -16.04 -10.42
N GLU C 347 38.36 -15.45 -10.07
CA GLU C 347 37.23 -15.31 -10.99
C GLU C 347 37.49 -14.34 -12.14
N ILE C 348 38.47 -13.49 -11.96
CA ILE C 348 38.84 -12.48 -12.93
C ILE C 348 39.97 -13.02 -13.75
N VAL C 349 40.88 -13.70 -13.08
CA VAL C 349 42.04 -14.25 -13.72
C VAL C 349 41.61 -15.32 -14.71
N MET C 350 40.66 -16.14 -14.29
CA MET C 350 40.08 -17.19 -15.11
C MET C 350 38.79 -16.69 -15.71
N HIS C 351 38.34 -17.32 -16.78
CA HIS C 351 37.07 -16.91 -17.35
C HIS C 351 35.93 -17.56 -16.65
N SER C 352 35.14 -16.74 -15.98
CA SER C 352 34.03 -17.23 -15.21
C SER C 352 32.72 -17.17 -15.95
N PHE C 353 32.00 -18.27 -15.87
CA PHE C 353 30.66 -18.42 -16.42
C PHE C 353 29.92 -19.55 -15.73
N ASN C 354 28.62 -19.66 -15.96
CA ASN C 354 27.84 -20.70 -15.32
C ASN C 354 27.05 -21.52 -16.35
N CYS C 355 27.40 -22.81 -16.51
CA CYS C 355 26.80 -23.76 -17.45
C CYS C 355 25.79 -24.61 -16.69
N GLY C 356 24.53 -24.37 -16.93
CA GLY C 356 23.56 -25.05 -16.13
C GLY C 356 23.81 -24.56 -14.71
N GLY C 357 23.98 -25.47 -13.76
CA GLY C 357 24.24 -25.08 -12.39
C GLY C 357 25.71 -25.18 -11.98
N GLU C 358 26.59 -25.46 -12.95
CA GLU C 358 28.00 -25.66 -12.64
C GLU C 358 28.83 -24.42 -12.97
N PHE C 359 29.57 -23.95 -12.00
CA PHE C 359 30.39 -22.77 -12.21
C PHE C 359 31.78 -23.08 -12.69
N PHE C 360 32.09 -22.54 -13.86
CA PHE C 360 33.35 -22.74 -14.57
C PHE C 360 34.29 -21.60 -14.42
N TYR C 361 35.55 -21.95 -14.26
CA TYR C 361 36.67 -21.03 -14.18
C TYR C 361 37.76 -21.51 -15.13
N CYS C 362 37.68 -21.09 -16.41
CA CYS C 362 38.53 -21.59 -17.50
C CYS C 362 39.85 -20.85 -17.60
N ASN C 363 40.87 -21.62 -17.91
CA ASN C 363 42.20 -21.08 -18.12
C ASN C 363 42.30 -20.60 -19.57
N THR C 364 42.33 -19.29 -19.77
CA THR C 364 42.31 -18.59 -21.05
C THR C 364 43.66 -18.08 -21.44
N THR C 365 44.72 -18.54 -20.80
CA THR C 365 46.00 -17.96 -21.19
C THR C 365 46.36 -18.28 -22.63
N GLN C 366 45.84 -19.39 -23.17
CA GLN C 366 46.11 -19.79 -24.56
C GLN C 366 45.49 -18.83 -25.55
N LEU C 367 44.53 -18.05 -25.10
CA LEU C 367 43.84 -17.15 -25.99
C LEU C 367 44.41 -15.76 -26.02
N PHE C 368 45.23 -15.38 -25.05
CA PHE C 368 45.63 -13.99 -24.95
C PHE C 368 47.10 -13.65 -24.92
N ASN C 369 47.95 -14.32 -25.73
CA ASN C 369 49.37 -14.00 -25.83
C ASN C 369 49.79 -14.03 -27.31
N SER C 370 49.70 -12.85 -27.95
CA SER C 370 49.93 -12.64 -29.40
C SER C 370 50.14 -11.18 -29.71
N THR C 371 50.76 -10.90 -30.85
CA THR C 371 50.94 -9.50 -31.24
C THR C 371 50.73 -9.29 -32.72
N TRP C 372 50.40 -8.05 -33.11
CA TRP C 372 50.32 -7.64 -34.50
C TRP C 372 50.81 -6.19 -34.65
N ASN C 373 51.67 -5.92 -35.64
CA ASN C 373 52.15 -4.57 -36.02
C ASN C 373 51.83 -4.26 -37.50
N ASP C 374 50.71 -4.82 -38.01
CA ASP C 374 50.17 -4.72 -39.38
C ASP C 374 48.94 -5.61 -39.44
N HIS C 385 41.86 -27.51 -33.65
CA HIS C 385 41.48 -26.21 -33.14
C HIS C 385 42.16 -25.92 -31.75
N ILE C 386 41.48 -25.20 -30.81
CA ILE C 386 41.95 -24.87 -29.45
C ILE C 386 41.06 -25.48 -28.36
N THR C 387 41.64 -26.20 -27.36
CA THR C 387 40.88 -26.71 -26.22
C THR C 387 41.53 -26.15 -24.93
N LEU C 388 40.68 -25.53 -24.05
CA LEU C 388 41.13 -24.98 -22.75
C LEU C 388 40.64 -25.87 -21.63
N PRO C 389 41.44 -26.13 -20.58
CA PRO C 389 41.04 -26.83 -19.38
C PRO C 389 40.22 -25.85 -18.58
N CYS C 390 39.26 -26.34 -17.78
CA CYS C 390 38.42 -25.53 -16.89
C CYS C 390 38.28 -26.15 -15.51
N ARG C 391 38.23 -25.29 -14.51
CA ARG C 391 38.05 -25.72 -13.15
C ARG C 391 36.62 -25.52 -12.72
N ILE C 392 36.15 -26.32 -11.76
CA ILE C 392 34.78 -26.19 -11.26
C ILE C 392 34.75 -25.89 -9.77
N LYS C 393 33.90 -24.96 -9.37
CA LYS C 393 33.74 -24.62 -7.93
C LYS C 393 32.29 -24.66 -7.51
N GLN C 394 32.04 -24.98 -6.24
CA GLN C 394 30.70 -24.93 -5.71
C GLN C 394 30.41 -23.76 -4.76
N ILE C 395 31.44 -23.17 -4.12
CA ILE C 395 31.14 -22.03 -3.24
C ILE C 395 31.43 -20.75 -3.99
N ILE C 396 30.39 -20.00 -4.19
CA ILE C 396 30.45 -18.82 -4.99
C ILE C 396 30.26 -17.55 -4.18
N ASN C 397 31.20 -16.62 -4.31
CA ASN C 397 31.07 -15.35 -3.62
C ASN C 397 30.30 -14.41 -4.53
N MET C 398 29.03 -14.71 -4.64
CA MET C 398 28.20 -14.08 -5.62
C MET C 398 28.08 -12.61 -5.27
N TRP C 399 28.18 -11.78 -6.29
CA TRP C 399 28.06 -10.34 -6.25
C TRP C 399 29.04 -9.67 -5.31
N GLN C 400 30.06 -10.38 -4.85
CA GLN C 400 31.04 -9.86 -3.92
C GLN C 400 30.45 -9.32 -2.62
N LYS C 401 29.45 -9.97 -2.06
CA LYS C 401 28.93 -9.48 -0.81
C LYS C 401 29.62 -10.11 0.39
N VAL C 402 30.17 -9.28 1.23
CA VAL C 402 30.88 -9.78 2.38
C VAL C 402 29.93 -10.39 3.38
N GLY C 403 30.27 -11.58 3.83
CA GLY C 403 29.49 -12.29 4.81
C GLY C 403 28.40 -13.17 4.20
N LYS C 404 28.32 -13.19 2.86
CA LYS C 404 27.32 -14.00 2.21
C LYS C 404 27.97 -14.96 1.26
N ALA C 405 27.39 -16.14 1.11
CA ALA C 405 27.90 -17.04 0.11
C ALA C 405 26.82 -17.97 -0.41
N MET C 406 27.01 -18.41 -1.63
CA MET C 406 26.10 -19.34 -2.27
C MET C 406 26.74 -20.67 -2.58
N TYR C 407 26.01 -21.74 -2.34
CA TYR C 407 26.46 -23.06 -2.69
C TYR C 407 25.67 -23.65 -3.81
N ALA C 408 26.41 -24.14 -4.79
CA ALA C 408 25.80 -24.75 -5.94
C ALA C 408 25.77 -26.27 -5.79
N PRO C 409 24.60 -26.91 -5.67
CA PRO C 409 24.49 -28.32 -5.54
C PRO C 409 24.90 -28.82 -6.90
N PRO C 410 25.41 -30.02 -7.03
CA PRO C 410 25.86 -30.65 -8.24
C PRO C 410 24.76 -31.17 -9.12
N ILE C 411 25.11 -31.44 -10.36
CA ILE C 411 24.22 -32.16 -11.26
C ILE C 411 24.94 -33.45 -11.67
N ARG C 412 24.21 -34.40 -12.26
CA ARG C 412 24.69 -35.74 -12.63
C ARG C 412 25.89 -35.81 -13.57
N GLY C 413 26.04 -34.88 -14.49
CA GLY C 413 27.19 -34.97 -15.36
C GLY C 413 26.87 -34.95 -16.82
N GLN C 414 27.91 -35.11 -17.60
CA GLN C 414 27.83 -35.11 -19.06
C GLN C 414 27.11 -33.88 -19.54
N ILE C 415 27.53 -32.73 -19.05
CA ILE C 415 26.87 -31.48 -19.40
C ILE C 415 27.68 -30.64 -20.34
N ARG C 416 27.03 -30.18 -21.39
CA ARG C 416 27.68 -29.30 -22.34
C ARG C 416 26.77 -28.10 -22.65
N CYS C 417 27.37 -26.90 -22.77
CA CYS C 417 26.71 -25.66 -23.15
C CYS C 417 27.44 -25.03 -24.33
N SER C 418 26.69 -24.63 -25.35
CA SER C 418 27.28 -23.94 -26.49
C SER C 418 26.98 -22.46 -26.33
N SER C 419 27.99 -21.64 -26.13
CA SER C 419 27.74 -20.23 -25.88
C SER C 419 28.31 -19.34 -26.97
N ASN C 420 27.72 -18.14 -27.17
CA ASN C 420 28.15 -17.17 -28.20
C ASN C 420 29.03 -16.08 -27.60
N ILE C 421 30.30 -15.95 -28.08
CA ILE C 421 31.16 -14.84 -27.63
C ILE C 421 30.76 -13.68 -28.47
N THR C 422 30.24 -12.67 -27.80
CA THR C 422 29.75 -11.48 -28.47
C THR C 422 30.64 -10.30 -28.15
N GLY C 423 31.47 -10.44 -27.13
CA GLY C 423 32.37 -9.34 -26.82
C GLY C 423 33.39 -9.64 -25.73
N LEU C 424 34.25 -8.67 -25.54
CA LEU C 424 35.35 -8.75 -24.59
C LEU C 424 35.46 -7.55 -23.68
N LEU C 425 35.96 -7.77 -22.47
CA LEU C 425 36.26 -6.63 -21.61
C LEU C 425 37.77 -6.54 -21.44
N LEU C 426 38.35 -5.41 -21.86
CA LEU C 426 39.81 -5.21 -21.84
C LEU C 426 40.31 -3.95 -21.16
N THR C 427 41.52 -4.02 -20.61
CA THR C 427 42.19 -2.81 -20.12
C THR C 427 43.57 -2.65 -20.70
N ARG C 428 44.06 -1.41 -20.70
CA ARG C 428 45.39 -1.09 -21.16
C ARG C 428 46.39 -1.11 -20.03
N ASP C 429 47.62 -1.50 -20.31
CA ASP C 429 48.64 -1.34 -19.30
C ASP C 429 49.14 0.09 -19.33
N GLY C 430 49.48 0.53 -20.52
CA GLY C 430 50.04 1.85 -20.82
C GLY C 430 51.54 1.81 -20.55
N GLY C 431 51.87 1.63 -19.30
CA GLY C 431 53.24 1.55 -18.87
C GLY C 431 53.84 2.94 -18.74
N SER C 432 55.11 3.00 -18.34
CA SER C 432 55.84 4.26 -18.15
C SER C 432 56.89 4.47 -19.24
N ASN C 433 56.92 3.58 -20.20
CA ASN C 433 57.98 3.62 -21.19
C ASN C 433 57.69 4.57 -22.31
N GLU C 434 58.13 5.80 -22.13
CA GLU C 434 57.89 6.81 -23.15
C GLU C 434 59.14 7.13 -23.97
N ASN C 435 60.31 7.14 -23.31
CA ASN C 435 61.54 7.47 -24.01
C ASN C 435 62.19 6.31 -24.74
N LYS C 436 61.94 5.10 -24.28
CA LYS C 436 62.53 3.91 -24.87
C LYS C 436 61.50 2.81 -24.89
N THR C 437 61.49 1.99 -25.94
CA THR C 437 60.58 0.84 -26.04
C THR C 437 59.13 1.25 -25.76
N SER C 438 58.73 2.36 -26.35
CA SER C 438 57.43 2.96 -26.18
C SER C 438 56.40 2.51 -27.22
N GLU C 439 56.84 1.73 -28.21
CA GLU C 439 56.07 1.28 -29.38
C GLU C 439 54.96 0.24 -29.22
N THR C 440 54.84 -0.46 -28.09
CA THR C 440 53.79 -1.48 -27.98
C THR C 440 52.80 -1.22 -26.86
N GLU C 441 51.52 -1.34 -27.22
CA GLU C 441 50.38 -1.18 -26.32
C GLU C 441 49.81 -2.55 -25.95
N THR C 442 49.79 -2.90 -24.65
CA THR C 442 49.32 -4.22 -24.29
C THR C 442 47.98 -4.22 -23.60
N PHE C 443 47.14 -5.14 -24.04
CA PHE C 443 45.82 -5.28 -23.51
C PHE C 443 45.65 -6.57 -22.76
N ARG C 444 44.86 -6.53 -21.71
CA ARG C 444 44.58 -7.72 -20.95
C ARG C 444 43.09 -7.84 -20.65
N PRO C 445 42.53 -9.03 -20.45
CA PRO C 445 41.16 -9.26 -20.05
C PRO C 445 40.93 -8.60 -18.74
N ALA C 446 39.71 -8.15 -18.55
CA ALA C 446 39.28 -7.47 -17.36
C ALA C 446 37.86 -7.83 -17.06
N GLY C 447 37.41 -7.56 -15.85
CA GLY C 447 36.03 -7.83 -15.54
C GLY C 447 35.82 -7.82 -14.05
N GLY C 448 34.62 -8.22 -13.65
CA GLY C 448 34.23 -8.27 -12.24
C GLY C 448 33.28 -7.16 -11.88
N ASP C 449 33.25 -6.10 -12.67
CA ASP C 449 32.32 -5.05 -12.39
C ASP C 449 31.13 -5.35 -13.25
N MET C 450 30.07 -5.81 -12.64
CA MET C 450 28.92 -6.27 -13.36
C MET C 450 28.26 -5.22 -14.19
N ARG C 451 28.50 -3.97 -13.88
CA ARG C 451 27.84 -2.93 -14.61
C ARG C 451 28.29 -2.90 -16.05
N ASP C 452 29.43 -3.50 -16.36
CA ASP C 452 29.87 -3.48 -17.74
C ASP C 452 29.12 -4.52 -18.52
N ASN C 453 28.61 -5.55 -17.86
CA ASN C 453 27.89 -6.55 -18.59
C ASN C 453 26.60 -5.95 -19.06
N TRP C 454 26.07 -4.97 -18.31
CA TRP C 454 24.85 -4.38 -18.82
C TRP C 454 25.10 -3.14 -19.65
N ARG C 455 26.22 -2.42 -19.43
CA ARG C 455 26.49 -1.25 -20.25
C ARG C 455 26.67 -1.67 -21.68
N SER C 456 27.25 -2.84 -21.89
CA SER C 456 27.51 -3.33 -23.22
C SER C 456 26.25 -3.53 -24.03
N GLU C 457 25.09 -3.64 -23.38
CA GLU C 457 23.84 -3.81 -24.07
C GLU C 457 22.93 -2.59 -23.97
N LEU C 458 23.00 -1.87 -22.87
CA LEU C 458 22.12 -0.75 -22.64
C LEU C 458 22.62 0.56 -23.18
N TYR C 459 23.78 0.55 -23.78
CA TYR C 459 24.40 1.74 -24.36
C TYR C 459 23.51 2.46 -25.38
N LYS C 460 22.55 1.77 -25.96
CA LYS C 460 21.70 2.41 -26.95
C LYS C 460 20.48 3.07 -26.36
N TYR C 461 20.25 2.93 -25.05
CA TYR C 461 19.01 3.45 -24.51
C TYR C 461 19.15 4.56 -23.47
N LYS C 462 18.22 5.50 -23.53
CA LYS C 462 18.15 6.59 -22.56
C LYS C 462 16.72 6.77 -22.05
N VAL C 463 16.55 7.13 -20.79
CA VAL C 463 15.20 7.38 -20.29
C VAL C 463 14.90 8.85 -20.05
N VAL C 464 13.78 9.29 -20.61
CA VAL C 464 13.37 10.67 -20.46
C VAL C 464 11.93 10.75 -19.98
N LYS C 465 11.57 11.89 -19.41
CA LYS C 465 10.23 12.18 -18.94
C LYS C 465 9.50 13.11 -19.88
N ILE C 466 8.23 12.83 -20.09
CA ILE C 466 7.40 13.66 -20.96
C ILE C 466 6.97 14.92 -20.25
N GLU C 467 7.17 16.07 -20.89
CA GLU C 467 6.82 17.37 -20.30
C GLU C 467 5.80 18.14 -21.15
N PRO C 468 4.50 17.93 -20.99
CA PRO C 468 3.43 18.40 -21.86
C PRO C 468 3.11 19.89 -21.86
N LEU C 469 3.59 20.68 -20.90
CA LEU C 469 3.22 22.09 -20.95
C LEU C 469 4.30 23.01 -21.45
N GLY C 470 3.87 24.03 -22.17
CA GLY C 470 4.74 25.11 -22.60
C GLY C 470 3.91 26.25 -23.18
N VAL C 471 4.54 27.38 -23.43
CA VAL C 471 3.84 28.54 -23.97
C VAL C 471 4.56 29.09 -25.17
N ALA C 472 3.85 29.88 -25.96
CA ALA C 472 4.49 30.56 -27.10
C ALA C 472 3.67 31.81 -27.46
N PRO C 473 4.28 32.84 -28.07
CA PRO C 473 3.61 34.02 -28.52
C PRO C 473 2.70 33.75 -29.68
N THR C 474 1.56 34.37 -29.63
CA THR C 474 0.54 34.36 -30.65
C THR C 474 -0.31 35.61 -30.48
N LYS C 475 -1.49 35.62 -31.07
CA LYS C 475 -2.38 36.76 -30.91
C LYS C 475 -3.71 36.26 -30.36
N CYS C 476 -4.20 36.87 -29.29
CA CYS C 476 -5.44 36.40 -28.69
C CYS C 476 -5.96 37.39 -27.63
N LYS C 477 -7.18 37.15 -27.08
CA LYS C 477 -7.78 37.90 -25.97
C LYS C 477 -6.94 37.76 -24.69
N LEU D 13 7.65 11.35 -28.50
CA LEU D 13 6.73 10.55 -29.29
C LEU D 13 6.04 11.47 -30.30
N GLY D 14 5.99 11.04 -31.58
CA GLY D 14 5.42 11.80 -32.69
C GLY D 14 6.46 12.71 -33.29
N ALA D 15 6.04 13.68 -34.08
CA ALA D 15 7.01 14.52 -34.78
C ALA D 15 7.59 15.60 -33.90
N ALA D 16 8.41 15.19 -32.94
CA ALA D 16 9.02 16.17 -32.06
C ALA D 16 9.90 17.10 -32.88
N GLY D 17 10.56 16.55 -33.89
CA GLY D 17 11.45 17.33 -34.74
C GLY D 17 10.70 18.06 -35.85
N SER D 18 9.75 18.89 -35.49
CA SER D 18 8.98 19.60 -36.49
C SER D 18 8.72 20.97 -35.94
N THR D 19 8.33 21.88 -36.79
CA THR D 19 8.19 23.22 -36.29
C THR D 19 7.03 23.26 -35.37
N MET D 20 6.98 24.30 -34.54
CA MET D 20 5.88 24.36 -33.61
C MET D 20 4.53 24.47 -34.31
N GLY D 21 4.49 25.08 -35.49
CA GLY D 21 3.27 25.18 -36.25
C GLY D 21 2.82 23.78 -36.62
N ALA D 22 3.71 22.99 -37.20
CA ALA D 22 3.38 21.63 -37.60
C ALA D 22 2.97 20.81 -36.38
N ALA D 23 3.63 21.13 -35.31
CA ALA D 23 3.46 20.43 -34.10
C ALA D 23 2.20 20.86 -33.41
N SER D 24 1.43 21.81 -33.97
CA SER D 24 0.19 22.16 -33.34
C SER D 24 -0.75 20.98 -33.46
N MET D 25 -0.51 20.10 -34.43
CA MET D 25 -1.34 18.92 -34.53
C MET D 25 -0.70 17.85 -33.66
N THR D 26 0.63 17.80 -33.68
CA THR D 26 1.35 16.80 -32.86
C THR D 26 0.93 16.97 -31.40
N LEU D 27 0.80 18.23 -31.01
CA LEU D 27 0.43 18.73 -29.70
C LEU D 27 -0.79 18.09 -29.16
N THR D 28 -1.77 17.91 -30.00
CA THR D 28 -2.98 17.42 -29.48
C THR D 28 -2.97 15.90 -29.59
N VAL D 29 -2.20 15.38 -30.53
CA VAL D 29 -2.07 13.93 -30.72
C VAL D 29 -1.45 13.27 -29.52
N GLN D 30 -0.46 13.92 -28.96
CA GLN D 30 0.28 13.37 -27.84
C GLN D 30 -0.37 13.72 -26.53
N ALA D 31 -1.49 14.41 -26.54
CA ALA D 31 -2.14 14.79 -25.30
C ALA D 31 -3.07 13.68 -24.86
N ARG D 32 -2.52 12.50 -24.80
CA ARG D 32 -3.20 11.31 -24.38
C ARG D 32 -2.76 11.13 -23.02
N GLN D 33 -3.44 10.34 -22.24
CA GLN D 33 -2.88 10.24 -20.94
C GLN D 33 -1.74 9.27 -21.06
N LEU D 34 -0.56 9.78 -21.36
CA LEU D 34 0.61 8.95 -21.60
C LEU D 34 1.24 8.64 -20.28
N LEU D 35 0.60 9.21 -19.27
CA LEU D 35 0.76 9.14 -17.85
C LEU D 35 -0.08 7.99 -17.29
N SER D 36 -0.79 7.28 -18.16
CA SER D 36 -1.60 6.14 -17.77
C SER D 36 -1.69 5.11 -18.88
N GLY D 37 -1.79 3.86 -18.50
CA GLY D 37 -1.96 2.86 -19.53
C GLY D 37 -2.18 1.52 -18.92
N ILE D 38 -2.31 0.52 -19.76
CA ILE D 38 -2.59 -0.80 -19.28
C ILE D 38 -1.40 -1.70 -19.41
N VAL D 39 -0.96 -2.22 -18.29
CA VAL D 39 0.13 -3.17 -18.27
C VAL D 39 -0.42 -4.60 -18.51
N GLN D 40 -1.53 -4.96 -17.81
CA GLN D 40 -2.24 -6.23 -17.90
C GLN D 40 -3.62 -5.97 -17.31
N THR D 59 7.45 -8.99 -2.24
CA THR D 59 6.54 -7.87 -2.43
C THR D 59 7.22 -6.58 -2.97
N VAL D 60 8.57 -6.56 -3.14
CA VAL D 60 9.35 -5.38 -3.55
C VAL D 60 9.06 -4.88 -4.94
N TRP D 61 8.95 -5.76 -5.92
CA TRP D 61 8.71 -5.23 -7.25
C TRP D 61 7.35 -4.58 -7.30
N GLY D 62 6.38 -5.17 -6.59
CA GLY D 62 5.03 -4.65 -6.56
C GLY D 62 5.02 -3.27 -5.93
N ILE D 63 5.79 -3.09 -4.88
CA ILE D 63 5.84 -1.80 -4.23
C ILE D 63 6.46 -0.77 -5.12
N LYS D 64 7.56 -1.10 -5.77
CA LYS D 64 8.16 -0.10 -6.61
C LYS D 64 7.23 0.36 -7.71
N GLN D 65 6.50 -0.56 -8.33
CA GLN D 65 5.61 -0.13 -9.38
C GLN D 65 4.39 0.58 -8.86
N LEU D 66 3.90 0.22 -7.68
CA LEU D 66 2.75 0.92 -7.17
C LEU D 66 3.12 2.34 -6.88
N GLN D 67 4.32 2.55 -6.33
CA GLN D 67 4.74 3.89 -6.03
C GLN D 67 4.83 4.69 -7.31
N ALA D 68 5.34 4.07 -8.37
CA ALA D 68 5.46 4.78 -9.63
C ALA D 68 4.10 5.19 -10.16
N ARG D 69 3.11 4.31 -10.03
CA ARG D 69 1.79 4.63 -10.52
C ARG D 69 1.17 5.77 -9.77
N VAL D 70 1.36 5.81 -8.46
CA VAL D 70 0.80 6.88 -7.70
C VAL D 70 1.41 8.18 -8.11
N LEU D 71 2.72 8.19 -8.31
CA LEU D 71 3.37 9.42 -8.70
C LEU D 71 2.90 9.88 -10.06
N ALA D 72 2.66 8.95 -10.99
CA ALA D 72 2.17 9.37 -12.29
C ALA D 72 0.83 10.06 -12.15
N VAL D 73 0.00 9.56 -11.25
CA VAL D 73 -1.29 10.19 -11.01
C VAL D 73 -1.09 11.57 -10.46
N GLU D 74 -0.19 11.72 -9.51
CA GLU D 74 -0.01 13.05 -8.99
C GLU D 74 0.46 14.00 -10.05
N ARG D 75 1.35 13.57 -10.94
CA ARG D 75 1.80 14.50 -11.96
C ARG D 75 0.67 14.92 -12.86
N TYR D 76 -0.17 13.97 -13.22
CA TYR D 76 -1.29 14.30 -14.08
C TYR D 76 -2.15 15.34 -13.46
N LEU D 77 -2.51 15.12 -12.20
CA LEU D 77 -3.38 16.04 -11.53
C LEU D 77 -2.72 17.37 -11.32
N ARG D 78 -1.42 17.37 -11.06
CA ARG D 78 -0.71 18.60 -10.85
C ARG D 78 -0.86 19.50 -12.05
N ASP D 79 -0.75 18.93 -13.24
CA ASP D 79 -0.89 19.74 -14.43
C ASP D 79 -2.33 20.15 -14.65
N GLN D 80 -3.28 19.27 -14.37
CA GLN D 80 -4.65 19.66 -14.61
C GLN D 80 -5.06 20.77 -13.66
N GLN D 81 -4.53 20.72 -12.46
CA GLN D 81 -4.83 21.69 -11.45
C GLN D 81 -4.22 23.01 -11.83
N LEU D 82 -2.99 22.99 -12.32
CA LEU D 82 -2.33 24.20 -12.71
C LEU D 82 -3.06 24.86 -13.85
N LEU D 83 -3.51 24.05 -14.79
CA LEU D 83 -4.24 24.62 -15.88
C LEU D 83 -5.53 25.26 -15.36
N GLY D 84 -6.23 24.62 -14.44
CA GLY D 84 -7.44 25.24 -13.91
C GLY D 84 -7.13 26.59 -13.26
N ILE D 85 -6.00 26.67 -12.58
CA ILE D 85 -5.54 27.88 -11.90
C ILE D 85 -5.34 29.00 -12.89
N TRP D 86 -4.83 28.70 -14.06
CA TRP D 86 -4.58 29.66 -15.11
C TRP D 86 -5.81 29.94 -15.95
N GLY D 87 -6.94 29.32 -15.62
CA GLY D 87 -8.16 29.51 -16.40
C GLY D 87 -8.30 28.63 -17.65
N CYS D 88 -7.58 27.49 -17.68
CA CYS D 88 -7.55 26.55 -18.79
C CYS D 88 -8.20 25.24 -18.37
N SER D 89 -9.28 24.86 -19.03
CA SER D 89 -9.94 23.62 -18.68
C SER D 89 -10.47 22.95 -19.92
N GLY D 90 -9.89 21.81 -20.27
CA GLY D 90 -10.29 21.12 -21.47
C GLY D 90 -9.79 21.85 -22.71
N LYS D 91 -8.71 22.59 -22.55
CA LYS D 91 -8.17 23.38 -23.63
C LYS D 91 -6.81 22.87 -23.99
N LEU D 92 -6.61 22.57 -25.25
CA LEU D 92 -5.29 22.11 -25.67
C LEU D 92 -4.50 23.31 -26.08
N ILE D 93 -5.23 24.31 -26.59
CA ILE D 93 -4.67 25.59 -26.94
C ILE D 93 -5.49 26.57 -26.10
N CYS D 94 -4.90 27.18 -25.06
CA CYS D 94 -5.61 28.03 -24.12
C CYS D 94 -5.27 29.52 -24.25
N CYS D 95 -6.31 30.28 -24.56
CA CYS D 95 -6.18 31.71 -24.69
C CYS D 95 -5.82 32.32 -23.37
N THR D 96 -4.83 33.15 -23.39
CA THR D 96 -4.37 33.82 -22.20
C THR D 96 -4.82 35.25 -22.13
N ALA D 97 -4.46 35.86 -21.02
CA ALA D 97 -4.69 37.27 -20.75
C ALA D 97 -3.35 38.00 -20.55
N VAL D 98 -2.26 37.34 -20.92
CA VAL D 98 -0.94 37.94 -20.79
C VAL D 98 -0.30 38.18 -22.17
N PRO D 99 0.00 39.43 -22.57
CA PRO D 99 0.68 39.80 -23.81
C PRO D 99 2.07 39.20 -23.77
N TRP D 100 2.63 38.84 -24.90
CA TRP D 100 3.97 38.27 -24.82
C TRP D 100 4.94 39.39 -24.51
N ASN D 101 5.86 39.13 -23.57
CA ASN D 101 6.94 39.98 -23.13
C ASN D 101 8.19 39.64 -23.97
N ASN D 102 8.68 40.60 -24.78
CA ASN D 102 9.76 40.42 -25.76
C ASN D 102 11.13 40.11 -25.18
N SER D 103 11.30 40.25 -23.88
CA SER D 103 12.59 39.93 -23.32
C SER D 103 12.71 38.43 -23.29
N TRP D 104 11.59 37.75 -23.46
CA TRP D 104 11.54 36.33 -23.44
C TRP D 104 11.80 35.81 -24.83
N SER D 105 13.01 36.06 -25.32
CA SER D 105 13.43 35.60 -26.65
C SER D 105 12.41 35.86 -27.78
N ASN D 106 11.96 37.14 -27.93
CA ASN D 106 10.96 37.61 -28.90
C ASN D 106 10.98 36.92 -30.28
N ARG D 107 12.12 37.00 -31.04
CA ARG D 107 12.22 36.50 -32.43
C ARG D 107 11.11 37.11 -33.29
N SER D 108 10.19 36.29 -33.78
CA SER D 108 9.08 36.76 -34.57
C SER D 108 8.10 35.63 -34.52
N LEU D 109 6.89 35.82 -35.02
CA LEU D 109 6.03 34.67 -35.01
C LEU D 109 6.46 33.65 -36.06
N ASP D 110 6.89 34.07 -37.25
CA ASP D 110 7.23 33.04 -38.22
C ASP D 110 8.53 32.34 -37.87
N MET D 111 9.38 33.01 -37.14
CA MET D 111 10.65 32.45 -36.72
C MET D 111 10.47 31.31 -35.76
N ILE D 112 9.31 31.22 -35.14
CA ILE D 112 9.17 30.15 -34.21
C ILE D 112 8.16 29.18 -34.78
N TRP D 113 7.04 29.67 -35.25
CA TRP D 113 6.00 28.76 -35.67
C TRP D 113 6.36 28.02 -36.93
N ASN D 114 7.16 28.65 -37.79
CA ASN D 114 7.56 28.02 -39.01
C ASN D 114 9.06 27.68 -39.08
N ASN D 115 9.79 27.61 -37.93
CA ASN D 115 11.24 27.34 -37.92
C ASN D 115 11.63 26.46 -36.73
N MET D 116 11.56 27.00 -35.49
CA MET D 116 11.94 26.30 -34.26
C MET D 116 10.98 25.18 -33.87
N THR D 117 11.54 24.13 -33.29
CA THR D 117 10.79 23.00 -32.76
C THR D 117 10.39 23.32 -31.34
N TRP D 118 9.51 22.52 -30.75
CA TRP D 118 9.15 22.81 -29.37
C TRP D 118 10.29 22.56 -28.42
N ILE D 119 11.19 21.65 -28.75
CA ILE D 119 12.27 21.41 -27.84
C ILE D 119 13.14 22.63 -27.79
N GLU D 120 13.48 23.15 -28.95
CA GLU D 120 14.36 24.30 -29.02
C GLU D 120 13.74 25.51 -28.36
N TRP D 121 12.46 25.69 -28.60
CA TRP D 121 11.76 26.82 -28.07
C TRP D 121 11.75 26.79 -26.57
N GLU D 122 11.42 25.66 -25.99
CA GLU D 122 11.36 25.67 -24.55
C GLU D 122 12.71 25.91 -23.96
N ARG D 123 13.77 25.39 -24.58
CA ARG D 123 15.09 25.62 -24.00
C ARG D 123 15.38 27.11 -23.87
N GLU D 124 14.93 27.91 -24.83
CA GLU D 124 15.14 29.34 -24.75
C GLU D 124 14.22 30.02 -23.73
N ILE D 125 13.04 29.46 -23.52
CA ILE D 125 12.08 30.09 -22.62
C ILE D 125 12.18 29.59 -21.19
N ASP D 126 12.92 28.52 -20.95
CA ASP D 126 13.07 27.99 -19.59
C ASP D 126 13.38 29.06 -18.52
N ASN D 127 14.16 30.12 -18.86
CA ASN D 127 14.58 31.20 -17.96
C ASN D 127 13.42 31.96 -17.32
N TYR D 128 12.25 32.01 -17.98
CA TYR D 128 11.09 32.77 -17.58
C TYR D 128 9.96 31.91 -17.11
N THR D 129 10.17 30.61 -16.92
CA THR D 129 9.02 29.79 -16.58
C THR D 129 8.28 30.25 -15.34
N GLY D 130 8.99 30.57 -14.26
CA GLY D 130 8.30 30.98 -13.04
C GLY D 130 7.53 32.27 -13.25
N LEU D 131 8.16 33.20 -13.93
CA LEU D 131 7.56 34.49 -14.20
C LEU D 131 6.30 34.33 -15.01
N ILE D 132 6.38 33.49 -16.01
CA ILE D 132 5.26 33.28 -16.87
C ILE D 132 4.11 32.71 -16.13
N TYR D 133 4.36 31.70 -15.31
CA TYR D 133 3.26 31.10 -14.62
C TYR D 133 2.60 32.05 -13.66
N ASN D 134 3.37 32.88 -13.00
CA ASN D 134 2.79 33.80 -12.05
C ASN D 134 1.90 34.81 -12.77
N LEU D 135 2.36 35.24 -13.94
CA LEU D 135 1.60 36.17 -14.72
C LEU D 135 0.33 35.57 -15.26
N LEU D 136 0.39 34.29 -15.65
CA LEU D 136 -0.81 33.69 -16.20
C LEU D 136 -1.89 33.60 -15.17
N GLU D 137 -1.53 33.23 -13.95
CA GLU D 137 -2.57 33.15 -12.95
C GLU D 137 -3.19 34.48 -12.61
N GLU D 138 -2.35 35.50 -12.42
CA GLU D 138 -2.93 36.75 -12.02
C GLU D 138 -3.72 37.41 -13.10
N SER D 139 -3.26 37.37 -14.33
CA SER D 139 -4.02 38.08 -15.32
C SER D 139 -5.32 37.38 -15.67
N GLN D 140 -5.25 36.06 -15.91
CA GLN D 140 -6.47 35.41 -16.37
C GLN D 140 -7.54 35.27 -15.32
N ASN D 141 -7.17 34.98 -14.06
CA ASN D 141 -8.20 34.79 -13.06
C ASN D 141 -8.18 35.73 -11.88
N GLN D 142 -7.02 36.04 -11.32
CA GLN D 142 -7.13 36.84 -10.08
C GLN D 142 -7.51 38.32 -10.29
N GLN D 143 -7.07 38.93 -11.42
CA GLN D 143 -7.33 40.32 -11.79
C GLN D 143 -8.54 40.34 -12.70
N TRP E 7 -32.29 30.50 -1.05
CA TRP E 7 -31.59 29.67 -2.02
C TRP E 7 -30.27 29.14 -1.41
N VAL E 8 -29.99 27.83 -1.58
CA VAL E 8 -28.77 27.21 -1.03
C VAL E 8 -27.55 27.52 -1.89
N THR E 9 -26.55 28.19 -1.37
CA THR E 9 -25.39 28.48 -2.20
C THR E 9 -24.23 27.67 -1.75
N VAL E 10 -23.52 27.12 -2.73
CA VAL E 10 -22.36 26.29 -2.48
C VAL E 10 -21.08 27.09 -2.58
N TYR E 11 -20.25 26.97 -1.55
CA TYR E 11 -19.00 27.69 -1.51
C TYR E 11 -17.83 26.75 -1.39
N TYR E 12 -16.74 27.08 -2.06
CA TYR E 12 -15.51 26.31 -1.94
C TYR E 12 -14.31 27.16 -1.58
N GLY E 13 -13.57 26.73 -0.56
CA GLY E 13 -12.41 27.47 -0.06
C GLY E 13 -12.74 28.14 1.27
N VAL E 14 -13.80 27.65 1.90
CA VAL E 14 -14.31 28.13 3.17
C VAL E 14 -13.35 27.84 4.32
N PRO E 15 -12.98 28.84 5.14
CA PRO E 15 -12.01 28.73 6.22
C PRO E 15 -12.50 28.04 7.48
N VAL E 16 -12.82 26.76 7.38
CA VAL E 16 -13.26 25.98 8.52
C VAL E 16 -12.46 24.71 8.65
N TRP E 17 -12.51 24.13 9.84
CA TRP E 17 -11.80 22.90 10.09
C TRP E 17 -12.47 22.09 11.16
N LYS E 18 -12.09 20.82 11.22
CA LYS E 18 -12.54 19.93 12.26
C LYS E 18 -11.39 19.18 12.86
N GLU E 19 -11.48 18.84 14.13
CA GLU E 19 -10.41 18.04 14.71
C GLU E 19 -10.33 16.74 13.99
N ALA E 20 -9.13 16.33 13.64
CA ALA E 20 -8.99 15.10 12.90
C ALA E 20 -7.64 14.51 13.08
N THR E 21 -7.52 13.21 12.87
CA THR E 21 -6.21 12.63 12.98
C THR E 21 -5.72 12.13 11.65
N THR E 22 -4.46 12.39 11.41
CA THR E 22 -3.74 11.94 10.24
C THR E 22 -2.37 11.58 10.68
N THR E 23 -1.58 11.04 9.78
CA THR E 23 -0.21 10.69 10.09
C THR E 23 0.71 11.85 9.74
N LEU E 24 1.50 12.28 10.70
CA LEU E 24 2.43 13.38 10.49
C LEU E 24 3.75 12.82 10.06
N PHE E 25 4.56 13.63 9.41
CA PHE E 25 5.87 13.13 8.99
C PHE E 25 7.03 13.91 9.61
N CYS E 26 8.22 13.24 9.67
CA CYS E 26 9.48 13.76 10.18
C CYS E 26 10.13 14.77 9.24
N ALA E 27 10.60 15.85 9.82
CA ALA E 27 11.42 16.79 9.12
C ALA E 27 12.61 17.09 10.00
N SER E 28 13.75 17.24 9.39
CA SER E 28 14.98 17.48 10.10
C SER E 28 15.76 18.45 9.28
N ASP E 29 16.85 18.97 9.79
CA ASP E 29 17.57 19.95 8.98
C ASP E 29 17.72 19.51 7.51
N ALA E 30 18.19 18.28 7.28
CA ALA E 30 18.39 17.62 5.99
C ALA E 30 17.15 16.77 5.69
N ARG E 38 26.57 6.43 10.63
CA ARG E 38 25.62 7.53 10.52
C ARG E 38 24.49 7.38 11.56
N ASN E 39 23.56 8.37 11.59
CA ASN E 39 22.44 8.45 12.54
C ASN E 39 21.19 7.73 12.07
N VAL E 40 20.33 7.38 13.03
CA VAL E 40 19.04 6.81 12.69
C VAL E 40 18.05 7.83 12.20
N TRP E 41 18.12 9.05 12.69
CA TRP E 41 17.22 10.02 12.13
C TRP E 41 17.95 10.43 10.90
N ALA E 42 17.36 10.03 9.80
CA ALA E 42 17.94 10.10 8.49
C ALA E 42 16.84 10.33 7.49
N THR E 43 17.22 10.77 6.30
CA THR E 43 16.27 11.14 5.28
C THR E 43 15.43 10.04 4.63
N HIS E 44 15.70 8.78 4.95
CA HIS E 44 14.80 7.75 4.42
C HIS E 44 13.46 7.92 5.15
N CYS E 45 13.52 8.39 6.42
CA CYS E 45 12.32 8.67 7.22
C CYS E 45 11.99 10.18 7.40
N CYS E 46 12.98 11.09 7.20
CA CYS E 46 12.88 12.55 7.41
C CYS E 46 13.10 13.36 6.12
N VAL E 47 12.52 14.54 6.06
CA VAL E 47 12.73 15.40 4.89
C VAL E 47 13.32 16.72 5.39
N PRO E 48 13.86 17.61 4.54
CA PRO E 48 14.39 18.91 4.90
C PRO E 48 13.34 19.80 5.50
N THR E 49 13.76 20.70 6.39
CA THR E 49 12.81 21.63 6.99
C THR E 49 12.57 22.85 6.15
N ASP E 50 11.49 23.53 6.50
CA ASP E 50 11.11 24.81 5.94
C ASP E 50 11.94 25.88 6.64
N PRO E 51 12.81 26.63 5.96
CA PRO E 51 13.64 27.67 6.55
C PRO E 51 12.81 28.86 7.05
N ASN E 52 11.55 28.97 6.61
CA ASN E 52 10.72 30.08 7.02
C ASN E 52 9.25 29.70 7.25
N PRO E 53 8.94 28.89 8.27
CA PRO E 53 7.62 28.37 8.58
C PRO E 53 6.83 29.46 9.30
N GLN E 54 6.54 30.53 8.62
CA GLN E 54 5.89 31.67 9.25
C GLN E 54 4.52 31.34 9.80
N GLU E 55 4.30 31.73 11.06
CA GLU E 55 3.04 31.51 11.74
C GLU E 55 1.97 32.45 11.22
N VAL E 56 0.75 31.95 11.17
CA VAL E 56 -0.35 32.81 10.80
C VAL E 56 -1.27 32.99 11.96
N VAL E 57 -1.48 34.20 12.39
CA VAL E 57 -2.35 34.34 13.55
C VAL E 57 -3.79 34.32 13.14
N LEU E 58 -4.56 33.45 13.76
CA LEU E 58 -5.95 33.36 13.43
C LEU E 58 -6.64 34.34 14.31
N GLU E 59 -6.55 35.57 13.92
CA GLU E 59 -7.03 36.62 14.77
C GLU E 59 -8.49 36.37 15.16
N ASN E 60 -8.78 36.48 16.48
CA ASN E 60 -10.09 36.34 17.11
C ASN E 60 -10.81 35.00 16.86
N VAL E 61 -10.12 33.86 17.10
CA VAL E 61 -10.71 32.51 17.04
C VAL E 61 -10.44 31.93 18.40
N THR E 62 -11.20 30.92 18.79
CA THR E 62 -10.96 30.26 20.06
C THR E 62 -10.84 28.80 19.78
N GLU E 63 -9.86 28.16 20.39
CA GLU E 63 -9.69 26.74 20.16
C GLU E 63 -9.44 26.03 21.47
N ASN E 64 -10.10 24.91 21.69
CA ASN E 64 -9.89 24.14 22.90
C ASN E 64 -8.78 23.12 22.71
N PHE E 65 -7.72 23.28 23.47
CA PHE E 65 -6.56 22.42 23.38
C PHE E 65 -6.55 21.45 24.51
N ASN E 66 -5.88 20.33 24.31
CA ASN E 66 -5.73 19.36 25.36
C ASN E 66 -4.45 18.61 25.17
N MET E 67 -3.53 18.78 26.12
CA MET E 67 -2.27 18.09 26.02
C MET E 67 -2.45 16.62 26.33
N TRP E 68 -3.46 16.28 27.09
CA TRP E 68 -3.66 14.90 27.44
C TRP E 68 -4.59 14.36 26.38
N LYS E 69 -4.44 13.08 26.05
CA LYS E 69 -5.25 12.46 24.99
C LYS E 69 -5.03 13.19 23.68
N ASN E 70 -3.78 13.54 23.44
CA ASN E 70 -3.35 14.21 22.24
C ASN E 70 -2.65 13.21 21.34
N ASP E 71 -3.23 12.93 20.19
CA ASP E 71 -2.69 11.87 19.36
C ASP E 71 -1.34 12.19 18.78
N MET E 72 -0.89 13.44 18.85
CA MET E 72 0.41 13.75 18.33
C MET E 72 1.44 13.08 19.21
N VAL E 73 1.09 12.91 20.49
CA VAL E 73 1.98 12.29 21.44
C VAL E 73 2.03 10.85 21.11
N GLU E 74 0.87 10.30 20.81
CA GLU E 74 0.84 8.89 20.51
C GLU E 74 1.63 8.57 19.26
N GLN E 75 1.59 9.43 18.25
CA GLN E 75 2.38 9.12 17.09
C GLN E 75 3.84 9.23 17.39
N MET E 76 4.25 10.24 18.15
CA MET E 76 5.66 10.35 18.40
C MET E 76 6.15 9.09 19.07
N HIS E 77 5.36 8.57 20.00
CA HIS E 77 5.72 7.37 20.70
C HIS E 77 5.86 6.21 19.73
N GLU E 78 4.87 6.01 18.87
CA GLU E 78 4.92 4.86 17.99
C GLU E 78 6.04 4.91 16.98
N ASP E 79 6.36 6.09 16.48
CA ASP E 79 7.41 6.12 15.49
C ASP E 79 8.77 6.01 16.10
N ILE E 80 8.96 6.51 17.31
CA ILE E 80 10.25 6.36 17.91
C ILE E 80 10.48 4.88 18.14
N ILE E 81 9.44 4.17 18.59
CA ILE E 81 9.62 2.76 18.81
C ILE E 81 9.96 2.08 17.52
N SER E 82 9.25 2.40 16.46
CA SER E 82 9.52 1.73 15.22
C SER E 82 10.94 1.98 14.76
N LEU E 83 11.43 3.21 14.88
CA LEU E 83 12.77 3.49 14.43
C LEU E 83 13.75 2.65 15.20
N TRP E 84 13.58 2.56 16.51
CA TRP E 84 14.48 1.74 17.29
C TRP E 84 14.43 0.27 16.89
N ASP E 85 13.25 -0.25 16.62
CA ASP E 85 13.18 -1.64 16.27
C ASP E 85 13.82 -1.90 14.92
N GLN E 86 13.64 -1.00 13.97
CA GLN E 86 14.23 -1.20 12.66
C GLN E 86 15.72 -1.10 12.72
N SER E 87 16.22 -0.21 13.57
CA SER E 87 17.64 0.00 13.69
C SER E 87 18.32 -1.20 14.30
N LEU E 88 17.70 -1.83 15.29
CA LEU E 88 18.30 -2.98 15.94
C LEU E 88 18.03 -4.28 15.21
N LYS E 89 16.95 -4.34 14.45
CA LYS E 89 16.57 -5.55 13.77
C LYS E 89 17.70 -6.35 13.14
N PRO E 90 18.57 -5.79 12.27
CA PRO E 90 19.63 -6.51 11.58
C PRO E 90 20.96 -6.73 12.33
N CYS E 91 21.04 -6.33 13.62
CA CYS E 91 22.25 -6.32 14.42
C CYS E 91 22.49 -7.68 15.07
N VAL E 92 23.64 -7.80 15.72
CA VAL E 92 24.09 -9.07 16.25
C VAL E 92 23.33 -9.62 17.45
N LYS E 93 22.89 -10.86 17.35
CA LYS E 93 22.22 -11.49 18.47
C LYS E 93 23.28 -11.89 19.45
N LEU E 94 23.04 -11.71 20.73
CA LEU E 94 24.02 -12.12 21.71
C LEU E 94 23.62 -13.39 22.42
N THR E 95 22.66 -14.11 21.85
CA THR E 95 22.18 -15.33 22.44
C THR E 95 23.25 -16.40 22.63
N PRO E 96 24.30 -16.54 21.78
CA PRO E 96 25.35 -17.52 21.94
C PRO E 96 26.10 -17.37 23.25
N LEU E 97 25.97 -16.20 23.88
CA LEU E 97 26.66 -15.92 25.12
C LEU E 97 25.89 -16.25 26.41
N CYS E 98 24.63 -16.78 26.33
CA CYS E 98 23.80 -17.06 27.50
C CYS E 98 24.18 -18.39 28.16
N VAL E 99 25.39 -18.39 28.71
CA VAL E 99 26.01 -19.52 29.38
C VAL E 99 26.48 -19.08 30.75
N THR E 100 26.79 -20.02 31.61
CA THR E 100 27.23 -19.66 32.94
C THR E 100 28.59 -19.02 32.94
N LEU E 101 28.72 -17.90 33.63
CA LEU E 101 29.95 -17.16 33.77
C LEU E 101 30.69 -17.51 35.07
N ASN E 102 32.04 -17.55 34.98
CA ASN E 102 33.03 -17.72 36.03
C ASN E 102 33.54 -16.32 36.41
N CYS E 103 32.95 -15.66 37.46
CA CYS E 103 33.23 -14.23 37.73
C CYS E 103 33.93 -14.00 39.07
N THR E 104 34.89 -13.08 39.05
CA THR E 104 35.59 -12.66 40.27
C THR E 104 35.45 -11.16 40.55
N ASP E 105 36.38 -10.35 40.06
CA ASP E 105 36.42 -8.90 40.30
C ASP E 105 37.05 -8.22 39.08
N TYR E 106 37.18 -6.88 39.06
CA TYR E 106 37.73 -6.05 37.95
C TYR E 106 37.04 -6.34 36.62
N GLU E 127 33.98 1.70 45.89
CA GLU E 127 33.31 1.09 44.75
C GLU E 127 33.23 -0.46 44.86
N ARG E 128 34.33 -1.10 45.31
CA ARG E 128 34.56 -2.56 45.46
C ARG E 128 34.32 -3.36 44.17
N GLY E 129 33.56 -4.46 44.24
CA GLY E 129 33.34 -5.34 43.09
C GLY E 129 32.28 -4.84 42.13
N GLU E 130 32.48 -3.63 41.61
CA GLU E 130 31.59 -2.95 40.70
C GLU E 130 31.60 -3.58 39.35
N ILE E 131 32.80 -3.94 38.93
CA ILE E 131 33.05 -4.51 37.62
C ILE E 131 33.68 -5.86 37.82
N LYS E 132 33.17 -6.87 37.17
CA LYS E 132 33.75 -8.17 37.31
C LYS E 132 34.37 -8.68 36.01
N ASN E 133 35.52 -9.37 36.16
CA ASN E 133 36.23 -10.10 35.13
C ASN E 133 35.63 -11.50 35.09
N CYS E 134 34.83 -11.78 34.04
CA CYS E 134 34.09 -13.02 33.88
C CYS E 134 34.65 -13.83 32.72
N SER E 135 34.86 -15.09 33.01
CA SER E 135 35.36 -16.06 32.06
C SER E 135 34.28 -17.02 31.65
N PHE E 136 34.29 -17.39 30.39
CA PHE E 136 33.28 -18.28 29.89
C PHE E 136 33.72 -19.11 28.70
N ASN E 137 32.97 -20.20 28.43
CA ASN E 137 33.14 -21.12 27.33
C ASN E 137 32.09 -20.87 26.24
N ILE E 138 32.51 -20.38 25.04
CA ILE E 138 31.58 -20.21 23.93
C ILE E 138 31.69 -21.56 23.24
N THR E 139 30.67 -22.39 23.39
CA THR E 139 30.79 -23.80 23.00
C THR E 139 30.38 -24.13 21.59
N THR E 140 29.99 -23.11 20.89
CA THR E 140 29.57 -23.21 19.51
C THR E 140 30.49 -22.30 18.76
N SER E 141 30.24 -21.01 18.87
CA SER E 141 31.03 -19.99 18.25
C SER E 141 31.04 -20.26 16.77
N ILE E 142 32.21 -20.28 16.23
CA ILE E 142 32.42 -20.54 14.84
C ILE E 142 33.38 -21.72 14.78
N ARG E 143 33.08 -22.70 13.91
CA ARG E 143 33.89 -23.91 13.71
C ARG E 143 33.74 -25.01 14.77
N ASP E 144 32.77 -24.84 15.65
CA ASP E 144 32.41 -25.81 16.69
C ASP E 144 33.53 -26.27 17.63
N LYS E 145 34.34 -25.34 18.07
CA LYS E 145 35.39 -25.58 19.04
C LYS E 145 35.02 -24.81 20.26
N VAL E 146 35.39 -25.29 21.43
CA VAL E 146 35.05 -24.49 22.58
C VAL E 146 36.09 -23.42 22.76
N GLN E 147 35.65 -22.18 22.79
CA GLN E 147 36.55 -21.08 22.92
C GLN E 147 36.50 -20.43 24.28
N LYS E 148 37.60 -20.53 25.01
CA LYS E 148 37.63 -19.88 26.31
C LYS E 148 37.77 -18.40 26.02
N GLU E 149 36.98 -17.58 26.70
CA GLU E 149 36.98 -16.15 26.47
C GLU E 149 36.66 -15.37 27.74
N TYR E 150 37.03 -14.09 27.80
CA TYR E 150 36.64 -13.33 28.97
C TYR E 150 36.15 -11.95 28.58
N ALA E 151 35.39 -11.34 29.46
CA ALA E 151 34.93 -9.97 29.26
C ALA E 151 34.72 -9.26 30.58
N LEU E 152 34.79 -7.93 30.55
CA LEU E 152 34.54 -7.17 31.76
C LEU E 152 33.11 -6.61 31.77
N PHE E 153 32.36 -7.00 32.79
CA PHE E 153 30.95 -6.62 32.93
C PHE E 153 30.65 -5.87 34.20
N TYR E 154 29.61 -5.06 34.18
CA TYR E 154 29.21 -4.42 35.42
C TYR E 154 28.39 -5.40 36.21
N LYS E 155 28.45 -5.32 37.53
CA LYS E 155 27.71 -6.24 38.40
C LYS E 155 26.20 -6.15 38.23
N LEU E 156 25.74 -5.06 37.69
CA LEU E 156 24.33 -4.79 37.55
C LEU E 156 23.71 -5.62 36.45
N ASP E 157 24.54 -6.21 35.61
CA ASP E 157 24.08 -7.02 34.51
C ASP E 157 24.32 -8.50 34.83
N ILE E 158 24.68 -8.81 36.08
CA ILE E 158 25.03 -10.17 36.45
C ILE E 158 24.12 -10.77 37.55
N VAL E 159 23.63 -11.99 37.30
CA VAL E 159 22.74 -12.69 38.23
C VAL E 159 23.34 -13.95 38.87
N PRO E 160 23.42 -14.04 40.19
CA PRO E 160 23.96 -15.18 40.90
C PRO E 160 23.18 -16.46 40.60
N ILE E 161 23.90 -17.60 40.58
CA ILE E 161 23.35 -18.95 40.40
C ILE E 161 24.42 -19.93 40.90
N ASN E 167 29.06 -20.84 45.49
CA ASN E 167 29.78 -20.86 44.22
C ASN E 167 29.91 -19.39 43.75
N ASN E 168 30.54 -19.18 42.58
CA ASN E 168 30.75 -17.87 41.94
C ASN E 168 30.26 -17.92 40.50
N SER E 169 29.17 -18.66 40.31
CA SER E 169 28.54 -18.86 39.02
C SER E 169 27.46 -17.83 38.76
N TYR E 170 27.50 -17.22 37.58
CA TYR E 170 26.53 -16.19 37.22
C TYR E 170 25.89 -16.27 35.83
N ARG E 171 24.69 -15.74 35.70
CA ARG E 171 23.95 -15.61 34.45
C ARG E 171 23.86 -14.16 34.02
N LEU E 172 23.50 -13.90 32.78
CA LEU E 172 23.30 -12.52 32.35
C LEU E 172 21.93 -12.05 32.89
N ILE E 173 21.80 -10.77 33.19
CA ILE E 173 20.54 -10.26 33.75
C ILE E 173 19.30 -10.59 32.96
N ASN E 174 19.38 -10.56 31.66
CA ASN E 174 18.25 -10.93 30.83
C ASN E 174 18.65 -12.03 29.85
N CYS E 175 19.42 -13.03 30.34
CA CYS E 175 19.99 -14.16 29.61
C CYS E 175 18.84 -14.92 28.94
N ASN E 176 17.90 -15.33 29.77
CA ASN E 176 16.71 -16.03 29.35
C ASN E 176 15.52 -15.06 29.32
N THR E 177 14.37 -15.51 28.77
CA THR E 177 13.05 -14.83 28.67
C THR E 177 12.96 -13.69 27.64
N SER E 178 14.08 -13.28 27.10
CA SER E 178 14.15 -12.24 26.10
C SER E 178 15.38 -12.36 25.24
N VAL E 179 15.42 -11.63 24.14
CA VAL E 179 16.60 -11.62 23.29
C VAL E 179 17.32 -10.32 23.37
N ILE E 180 18.60 -10.42 23.69
CA ILE E 180 19.43 -9.28 23.76
C ILE E 180 20.17 -9.13 22.45
N LYS E 181 20.03 -8.00 21.81
CA LYS E 181 20.78 -7.73 20.60
C LYS E 181 21.74 -6.60 20.85
N GLN E 182 22.88 -6.66 20.20
CA GLN E 182 23.87 -5.62 20.28
C GLN E 182 23.54 -4.51 19.36
N ALA E 183 23.59 -3.29 19.83
CA ALA E 183 23.36 -2.23 18.88
C ALA E 183 24.52 -2.23 17.89
N CYS E 184 24.23 -1.95 16.59
CA CYS E 184 25.23 -1.86 15.53
C CYS E 184 26.15 -0.66 15.78
N PRO E 185 27.48 -0.83 15.73
CA PRO E 185 28.48 0.17 16.02
C PRO E 185 28.49 1.31 15.02
N LYS E 186 27.85 1.09 13.88
CA LYS E 186 27.80 2.08 12.83
C LYS E 186 26.59 2.97 12.96
N VAL E 187 25.72 2.70 13.94
CA VAL E 187 24.49 3.44 14.05
C VAL E 187 24.41 4.26 15.32
N SER E 188 24.23 5.56 15.15
CA SER E 188 24.10 6.43 16.30
C SER E 188 22.65 6.81 16.52
N PHE E 189 22.36 7.23 17.75
CA PHE E 189 21.02 7.65 18.09
C PHE E 189 21.07 9.01 18.71
N GLU E 190 21.31 9.99 17.88
CA GLU E 190 21.48 11.32 18.39
C GLU E 190 20.16 12.03 18.42
N PRO E 191 19.86 12.78 19.46
CA PRO E 191 18.65 13.52 19.62
C PRO E 191 18.61 14.82 18.82
N ILE E 192 18.52 14.67 17.52
CA ILE E 192 18.44 15.79 16.60
C ILE E 192 17.04 16.35 16.72
N PRO E 193 16.81 17.65 16.91
CA PRO E 193 15.47 18.16 17.01
C PRO E 193 14.68 17.75 15.80
N ILE E 194 13.53 17.17 16.02
CA ILE E 194 12.67 16.76 14.92
C ILE E 194 11.43 17.57 14.86
N HIS E 195 11.09 18.02 13.68
CA HIS E 195 9.90 18.80 13.50
C HIS E 195 8.85 17.90 12.93
N TYR E 196 7.63 17.96 13.44
CA TYR E 196 6.59 17.18 12.79
C TYR E 196 5.85 18.11 11.89
N CYS E 197 5.53 17.66 10.67
CA CYS E 197 4.86 18.46 9.65
C CYS E 197 3.57 17.78 9.18
N ALA E 198 2.57 18.62 8.92
CA ALA E 198 1.29 18.16 8.43
C ALA E 198 1.33 17.80 6.94
N PRO E 199 0.57 16.79 6.50
CA PRO E 199 0.35 16.44 5.13
C PRO E 199 -0.58 17.44 4.52
N ALA E 200 -0.57 17.56 3.22
CA ALA E 200 -1.50 18.46 2.58
C ALA E 200 -2.93 18.11 2.94
N GLY E 201 -3.72 19.14 3.22
CA GLY E 201 -5.12 19.00 3.62
C GLY E 201 -5.30 19.15 5.12
N PHE E 202 -4.19 19.12 5.83
CA PHE E 202 -4.14 19.25 7.28
C PHE E 202 -3.33 20.42 7.76
N ALA E 203 -3.62 20.84 8.97
CA ALA E 203 -2.91 21.94 9.56
C ALA E 203 -2.71 21.72 11.03
N ILE E 204 -1.68 22.35 11.57
CA ILE E 204 -1.47 22.21 12.99
C ILE E 204 -1.74 23.54 13.62
N LEU E 205 -2.56 23.53 14.64
CA LEU E 205 -2.85 24.76 15.33
C LEU E 205 -1.97 24.77 16.55
N LYS E 206 -1.47 25.95 16.88
CA LYS E 206 -0.61 26.10 18.02
C LYS E 206 -1.15 27.15 18.98
N CYS E 207 -1.06 26.88 20.29
CA CYS E 207 -1.48 27.77 21.35
C CYS E 207 -0.31 28.62 21.85
N ASN E 208 -0.43 29.94 21.70
CA ASN E 208 0.62 30.83 22.15
C ASN E 208 0.28 31.52 23.46
N ASP E 209 -0.79 31.10 24.11
CA ASP E 209 -1.15 31.74 25.37
C ASP E 209 -0.13 31.49 26.44
N LYS E 210 0.07 32.49 27.27
CA LYS E 210 0.99 32.32 28.37
C LYS E 210 0.25 31.61 29.45
N LYS E 211 0.97 30.79 30.19
CA LYS E 211 0.46 30.07 31.32
C LYS E 211 -0.72 29.18 30.96
N PHE E 212 -0.67 28.56 29.79
CA PHE E 212 -1.71 27.64 29.43
C PHE E 212 -1.53 26.45 30.37
N ASN E 213 -2.61 25.98 31.02
CA ASN E 213 -2.59 24.93 32.05
C ASN E 213 -2.67 23.50 31.49
N GLY E 214 -2.64 23.32 30.16
CA GLY E 214 -2.69 22.04 29.46
C GLY E 214 -4.05 21.72 28.90
N THR E 215 -5.08 22.43 29.30
CA THR E 215 -6.35 22.11 28.71
C THR E 215 -7.34 23.27 28.72
N GLY E 216 -8.23 23.28 27.75
CA GLY E 216 -9.27 24.29 27.74
C GLY E 216 -9.00 25.29 26.62
N PRO E 217 -9.75 26.39 26.56
CA PRO E 217 -9.70 27.37 25.52
C PRO E 217 -8.35 28.04 25.50
N CYS E 218 -7.90 28.41 24.31
CA CYS E 218 -6.71 29.17 24.03
C CYS E 218 -7.19 30.30 23.14
N THR E 219 -6.78 31.50 23.47
CA THR E 219 -7.18 32.67 22.70
C THR E 219 -6.19 33.02 21.58
N ASN E 220 -4.87 33.08 21.88
CA ASN E 220 -3.87 33.46 20.88
C ASN E 220 -3.44 32.22 20.09
N VAL E 221 -4.28 31.84 19.11
CA VAL E 221 -4.11 30.64 18.30
C VAL E 221 -3.54 30.98 16.95
N SER E 222 -2.47 30.29 16.59
CA SER E 222 -1.86 30.52 15.29
C SER E 222 -1.79 29.22 14.52
N THR E 223 -1.67 29.33 13.22
CA THR E 223 -1.57 28.15 12.40
C THR E 223 -0.17 27.99 11.90
N VAL E 224 0.32 26.77 12.02
CA VAL E 224 1.65 26.49 11.57
C VAL E 224 1.69 25.31 10.63
N GLN E 225 2.77 25.25 9.89
CA GLN E 225 3.00 24.15 8.96
C GLN E 225 3.60 22.90 9.65
N CYS E 226 4.49 23.15 10.64
CA CYS E 226 5.27 22.16 11.36
C CYS E 226 5.42 22.65 12.80
N THR E 227 5.77 21.73 13.68
CA THR E 227 6.05 22.04 15.07
C THR E 227 7.46 22.53 15.19
N HIS E 228 7.80 23.04 16.37
CA HIS E 228 9.18 23.40 16.65
C HIS E 228 9.94 22.10 16.71
N GLY E 229 11.25 22.16 16.63
CA GLY E 229 11.94 20.89 16.68
C GLY E 229 11.98 20.38 18.09
N ILE E 230 11.66 19.12 18.25
CA ILE E 230 11.71 18.48 19.54
C ILE E 230 12.76 17.42 19.55
N ARG E 231 13.69 17.53 20.46
CA ARG E 231 14.71 16.52 20.55
C ARG E 231 14.11 15.31 21.22
N PRO E 232 14.17 14.11 20.64
CA PRO E 232 13.62 12.87 21.16
C PRO E 232 14.51 12.31 22.23
N VAL E 233 14.63 13.06 23.31
CA VAL E 233 15.48 12.70 24.42
C VAL E 233 14.72 11.83 25.36
N VAL E 234 15.33 10.74 25.76
CA VAL E 234 14.72 9.85 26.69
C VAL E 234 15.31 9.93 28.04
N SER E 235 14.47 10.17 29.02
CA SER E 235 14.91 10.22 30.39
C SER E 235 13.81 9.87 31.33
N THR E 236 14.21 9.60 32.56
CA THR E 236 13.30 9.34 33.66
C THR E 236 13.64 10.23 34.85
N GLN E 237 12.59 10.70 35.51
CA GLN E 237 12.56 11.59 36.68
C GLN E 237 12.77 13.03 36.26
N LEU E 238 13.90 13.30 35.66
CA LEU E 238 14.21 14.65 35.25
C LEU E 238 14.31 14.73 33.74
N LEU E 239 13.60 15.70 33.18
CA LEU E 239 13.52 15.98 31.75
C LEU E 239 14.71 16.77 31.29
N LEU E 240 15.31 16.31 30.19
CA LEU E 240 16.48 16.96 29.61
C LEU E 240 16.29 17.50 28.19
N ASN E 241 16.96 18.64 27.90
CA ASN E 241 17.09 19.40 26.67
C ASN E 241 15.73 19.81 26.03
N GLY E 242 14.70 20.14 26.84
CA GLY E 242 13.39 20.56 26.36
C GLY E 242 13.34 22.06 26.25
N SER E 243 12.14 22.56 26.02
CA SER E 243 11.97 23.99 25.91
C SER E 243 11.71 24.57 27.27
N LEU E 244 11.87 25.87 27.39
CA LEU E 244 11.58 26.54 28.64
C LEU E 244 10.32 27.33 28.57
N ALA E 245 9.71 27.48 29.73
CA ALA E 245 8.52 28.28 29.95
C ALA E 245 8.89 29.74 29.75
N GLU E 246 7.95 30.54 29.28
CA GLU E 246 8.24 31.94 29.01
C GLU E 246 8.48 32.86 30.19
N LYS E 247 7.68 32.74 31.26
CA LYS E 247 7.79 33.71 32.35
C LYS E 247 8.10 33.17 33.73
N GLU E 248 7.55 32.02 34.05
CA GLU E 248 7.66 31.45 35.37
C GLU E 248 7.59 29.97 35.23
N VAL E 249 7.81 29.26 36.31
CA VAL E 249 7.67 27.82 36.26
C VAL E 249 6.20 27.52 36.14
N VAL E 250 5.83 26.67 35.20
CA VAL E 250 4.44 26.33 35.03
C VAL E 250 4.23 24.87 35.31
N ILE E 251 3.30 24.61 36.19
CA ILE E 251 3.03 23.25 36.59
C ILE E 251 1.70 22.80 36.06
N ARG E 252 1.71 21.72 35.31
CA ARG E 252 0.49 21.24 34.69
C ARG E 252 0.11 19.86 35.16
N SER E 253 -1.18 19.62 35.26
CA SER E 253 -1.70 18.30 35.60
C SER E 253 -3.06 18.12 35.04
N GLN E 254 -3.38 16.89 34.68
CA GLN E 254 -4.74 16.62 34.24
C GLN E 254 -5.80 16.95 35.30
N ASN E 255 -5.47 16.69 36.59
CA ASN E 255 -6.28 16.90 37.77
C ASN E 255 -5.32 16.83 38.97
N PHE E 256 -5.19 17.91 39.78
CA PHE E 256 -4.26 17.91 40.92
C PHE E 256 -4.71 17.05 42.09
N THR E 257 -6.01 16.93 42.27
CA THR E 257 -6.58 16.10 43.31
C THR E 257 -6.25 14.66 42.99
N ASN E 258 -6.34 14.30 41.73
CA ASN E 258 -6.08 12.92 41.42
C ASN E 258 -4.60 12.67 41.46
N ASN E 259 -4.17 12.12 42.58
CA ASN E 259 -2.76 11.90 42.85
C ASN E 259 -2.18 10.76 42.05
N ALA E 260 -2.97 10.11 41.24
CA ALA E 260 -2.46 9.05 40.39
C ALA E 260 -1.89 9.63 39.11
N LYS E 261 -2.05 10.93 38.90
CA LYS E 261 -1.55 11.54 37.68
C LYS E 261 -0.23 12.23 37.88
N VAL E 262 0.57 12.23 36.83
CA VAL E 262 1.87 12.87 36.84
C VAL E 262 1.79 14.35 36.62
N ILE E 263 2.49 15.06 37.46
CA ILE E 263 2.57 16.49 37.38
C ILE E 263 3.79 16.82 36.56
N ILE E 264 3.61 17.66 35.56
CA ILE E 264 4.70 18.03 34.71
C ILE E 264 5.14 19.44 35.00
N VAL E 265 6.39 19.58 35.37
CA VAL E 265 6.90 20.88 35.73
C VAL E 265 7.83 21.42 34.69
N GLN E 266 7.46 22.54 34.09
CA GLN E 266 8.29 23.15 33.08
C GLN E 266 8.95 24.39 33.62
N LEU E 267 10.26 24.42 33.58
CA LEU E 267 10.98 25.53 34.15
C LEU E 267 11.08 26.64 33.13
N ASN E 268 11.21 27.92 33.58
CA ASN E 268 11.47 29.09 32.71
C ASN E 268 12.97 29.44 32.62
N GLU E 269 13.85 28.66 33.29
CA GLU E 269 15.29 28.82 33.38
C GLU E 269 15.88 27.44 33.46
N SER E 270 16.89 27.14 32.66
CA SER E 270 17.47 25.81 32.74
C SER E 270 18.56 25.73 33.78
N VAL E 271 18.89 24.52 34.15
CA VAL E 271 20.02 24.28 35.03
C VAL E 271 20.99 23.36 34.31
N VAL E 272 22.24 23.74 34.23
CA VAL E 272 23.17 22.88 33.52
C VAL E 272 23.84 21.93 34.45
N ILE E 273 23.86 20.66 34.02
CA ILE E 273 24.53 19.57 34.79
C ILE E 273 25.50 18.89 33.81
N ASN E 274 26.71 18.57 34.26
CA ASN E 274 27.63 17.79 33.38
C ASN E 274 27.88 16.45 34.02
N CYS E 275 27.79 15.37 33.24
CA CYS E 275 27.98 14.03 33.82
C CYS E 275 29.12 13.33 33.10
N THR E 276 29.78 12.37 33.76
CA THR E 276 30.88 11.64 33.17
C THR E 276 31.04 10.21 33.60
N ARG E 277 31.66 9.47 32.70
CA ARG E 277 32.11 8.12 32.92
C ARG E 277 33.63 8.14 32.67
N PRO E 278 34.44 8.33 33.73
CA PRO E 278 35.87 8.57 33.72
C PRO E 278 36.70 7.33 33.54
N ASN E 279 36.07 6.17 33.52
CA ASN E 279 36.86 4.98 33.53
C ASN E 279 37.35 4.57 32.15
N ASN E 280 38.55 5.08 31.83
CA ASN E 280 39.26 4.90 30.58
C ASN E 280 39.48 3.38 30.35
N ASN E 281 39.20 2.88 29.11
CA ASN E 281 39.29 1.44 28.80
C ASN E 281 39.63 1.14 27.37
N THR E 282 39.75 -0.14 27.08
CA THR E 282 40.00 -0.63 25.75
C THR E 282 38.87 -1.56 25.38
N ARG E 283 38.61 -1.64 24.08
CA ARG E 283 37.56 -2.48 23.56
C ARG E 283 38.10 -3.80 23.08
N LYS E 284 37.36 -4.84 23.38
CA LYS E 284 37.71 -6.17 22.95
C LYS E 284 36.69 -6.71 21.97
N SER E 285 37.17 -7.10 20.81
CA SER E 285 36.31 -7.61 19.76
C SER E 285 36.32 -9.13 19.79
N ILE E 286 35.17 -9.72 20.07
CA ILE E 286 35.04 -11.15 20.20
C ILE E 286 34.26 -11.78 19.05
N HIS E 287 34.87 -12.75 18.40
CA HIS E 287 34.19 -13.34 17.26
C HIS E 287 33.20 -14.37 17.75
N ILE E 288 31.93 -13.97 17.82
CA ILE E 288 30.88 -14.90 18.32
C ILE E 288 30.04 -15.44 17.16
N ALA E 289 29.44 -14.56 16.39
CA ALA E 289 28.54 -14.99 15.30
C ALA E 289 29.38 -15.55 14.17
N PRO E 290 28.84 -16.37 13.25
CA PRO E 290 29.67 -17.00 12.25
C PRO E 290 30.37 -15.87 11.51
N GLY E 291 29.66 -14.80 11.19
CA GLY E 291 30.41 -13.73 10.53
C GLY E 291 30.44 -12.45 11.33
N ARG E 292 29.71 -12.40 12.44
CA ARG E 292 29.63 -11.10 13.13
C ARG E 292 30.51 -11.02 14.37
N TRP E 293 30.38 -9.94 15.12
CA TRP E 293 31.23 -9.68 16.27
C TRP E 293 30.52 -9.04 17.43
N PHE E 294 30.98 -9.38 18.62
CA PHE E 294 30.54 -8.82 19.88
C PHE E 294 31.55 -7.89 20.44
N TYR E 295 31.10 -6.75 20.90
CA TYR E 295 32.04 -5.80 21.44
C TYR E 295 31.87 -5.58 22.90
N THR E 296 32.93 -5.81 23.63
CA THR E 296 32.93 -5.69 25.08
C THR E 296 34.11 -4.91 25.57
N THR E 297 34.22 -4.80 26.89
CA THR E 297 35.34 -4.12 27.50
C THR E 297 36.41 -5.16 27.77
N GLY E 298 37.62 -4.89 27.29
CA GLY E 298 38.73 -5.82 27.43
C GLY E 298 39.64 -5.50 28.59
N ALA E 299 39.82 -4.22 28.82
CA ALA E 299 40.73 -3.79 29.87
C ALA E 299 40.40 -2.43 30.36
N ILE E 300 40.87 -2.13 31.55
CA ILE E 300 40.71 -0.83 32.15
C ILE E 300 42.06 -0.15 32.23
N ILE E 301 42.10 1.09 31.79
CA ILE E 301 43.33 1.87 31.78
C ILE E 301 43.35 2.81 32.95
N GLY E 302 44.33 2.64 33.83
CA GLY E 302 44.37 3.49 35.01
C GLY E 302 43.43 2.93 36.05
N ASP E 303 43.09 3.75 37.03
CA ASP E 303 42.26 3.26 38.13
C ASP E 303 40.79 3.34 37.82
N ILE E 304 39.98 2.88 38.77
CA ILE E 304 38.54 2.90 38.64
C ILE E 304 37.94 3.91 39.59
N ARG E 305 37.08 4.76 39.06
CA ARG E 305 36.38 5.78 39.82
C ARG E 305 34.90 5.77 39.51
N GLN E 306 34.07 6.02 40.51
CA GLN E 306 32.65 6.05 40.27
C GLN E 306 32.24 7.17 39.32
N ALA E 307 31.30 6.82 38.42
CA ALA E 307 30.73 7.75 37.45
C ALA E 307 29.97 8.79 38.24
N HIS E 308 29.89 9.99 37.72
CA HIS E 308 29.22 11.03 38.49
C HIS E 308 28.67 12.19 37.68
N CYS E 309 27.75 12.98 38.29
CA CYS E 309 27.20 14.22 37.72
C CYS E 309 27.42 15.40 38.65
N ASN E 310 27.84 16.51 38.05
CA ASN E 310 28.09 17.76 38.75
C ASN E 310 26.94 18.76 38.55
N ILE E 311 26.18 19.07 39.64
CA ILE E 311 25.04 20.00 39.63
C ILE E 311 25.26 21.12 40.67
N SER E 312 24.92 22.35 40.30
CA SER E 312 25.13 23.47 41.19
C SER E 312 24.23 23.48 42.40
N ARG E 313 24.82 23.74 43.57
CA ARG E 313 24.06 23.80 44.80
C ARG E 313 23.03 24.89 44.78
N VAL E 314 23.45 26.02 44.25
CA VAL E 314 22.62 27.18 44.20
C VAL E 314 21.56 27.07 43.16
N LYS E 315 21.93 26.64 41.97
CA LYS E 315 20.89 26.64 40.98
C LYS E 315 19.83 25.65 41.37
N TRP E 316 20.24 24.52 41.93
CA TRP E 316 19.26 23.54 42.26
C TRP E 316 18.26 23.96 43.31
N ASN E 317 18.68 24.49 44.51
CA ASN E 317 17.71 24.85 45.54
C ASN E 317 16.92 26.11 45.18
N ASN E 318 17.45 27.04 44.32
CA ASN E 318 16.71 28.21 43.85
C ASN E 318 15.58 27.73 42.95
N THR E 319 15.85 26.71 42.16
CA THR E 319 14.85 26.14 41.29
C THR E 319 13.77 25.52 42.14
N LEU E 320 14.16 24.80 43.19
CA LEU E 320 13.13 24.20 44.00
C LEU E 320 12.30 25.25 44.67
N LYS E 321 12.91 26.35 45.09
CA LYS E 321 12.12 27.38 45.73
C LYS E 321 11.02 27.84 44.78
N GLN E 322 11.36 28.02 43.50
CA GLN E 322 10.37 28.48 42.54
C GLN E 322 9.25 27.46 42.36
N ILE E 323 9.62 26.18 42.32
CA ILE E 323 8.64 25.14 42.13
C ILE E 323 7.73 25.06 43.31
N ALA E 324 8.32 25.08 44.48
CA ALA E 324 7.58 24.99 45.71
C ALA E 324 6.63 26.14 45.80
N THR E 325 7.03 27.32 45.35
CA THR E 325 6.13 28.44 45.43
C THR E 325 4.89 28.16 44.64
N LYS E 326 5.06 27.66 43.43
CA LYS E 326 3.90 27.38 42.62
C LYS E 326 3.05 26.28 43.21
N LEU E 327 3.67 25.28 43.79
CA LEU E 327 2.88 24.22 44.37
C LEU E 327 2.13 24.75 45.59
N ARG E 328 2.74 25.64 46.37
CA ARG E 328 2.05 26.21 47.51
C ARG E 328 0.81 26.93 47.06
N GLU E 329 0.88 27.59 45.92
CA GLU E 329 -0.31 28.27 45.44
C GLU E 329 -1.36 27.23 45.07
N GLN E 330 -0.94 26.17 44.39
CA GLN E 330 -1.87 25.14 43.93
C GLN E 330 -2.55 24.40 45.03
N PHE E 331 -1.84 24.15 46.09
CA PHE E 331 -2.37 23.39 47.18
C PHE E 331 -2.80 24.21 48.36
N LYS E 332 -2.87 25.52 48.23
CA LYS E 332 -3.46 26.34 49.31
C LYS E 332 -2.60 26.41 50.58
N ASN E 333 -1.30 26.65 50.47
CA ASN E 333 -0.45 26.94 51.65
C ASN E 333 0.00 25.73 52.47
N LYS E 334 -0.38 24.53 52.10
CA LYS E 334 0.17 23.40 52.89
C LYS E 334 1.66 23.32 52.55
N THR E 335 2.48 22.78 53.44
CA THR E 335 3.95 22.79 53.19
C THR E 335 4.33 21.91 52.00
N ILE E 336 5.29 22.34 51.17
CA ILE E 336 5.77 21.45 50.13
C ILE E 336 7.03 20.75 50.51
N ALA E 337 7.01 19.44 50.44
CA ALA E 337 8.22 18.70 50.74
C ALA E 337 8.62 17.84 49.56
N PHE E 338 9.92 17.71 49.39
CA PHE E 338 10.48 16.86 48.35
C PHE E 338 11.14 15.68 49.02
N ASN E 339 10.83 14.46 48.53
CA ASN E 339 11.32 13.20 49.05
C ASN E 339 11.79 12.30 47.89
N GLN E 340 12.34 11.12 48.21
CA GLN E 340 12.88 10.12 47.29
C GLN E 340 11.84 9.26 46.61
N SER E 341 12.17 8.76 45.44
CA SER E 341 11.27 7.82 44.80
C SER E 341 11.17 6.57 45.63
N SER E 342 9.97 6.05 45.74
CA SER E 342 9.70 4.82 46.46
C SER E 342 9.29 3.68 45.54
N GLY E 343 9.49 3.86 44.24
CA GLY E 343 9.04 2.87 43.25
C GLY E 343 9.91 1.64 43.17
N GLY E 344 9.49 0.68 42.34
CA GLY E 344 10.23 -0.57 42.25
C GLY E 344 11.07 -0.76 40.99
N ASP E 345 11.05 0.20 40.11
CA ASP E 345 11.74 0.10 38.84
C ASP E 345 13.12 0.76 38.90
N PRO E 346 14.24 0.07 38.72
CA PRO E 346 15.57 0.64 38.74
C PRO E 346 15.68 1.86 37.83
N GLU E 347 14.89 1.91 36.76
CA GLU E 347 14.89 3.02 35.81
C GLU E 347 14.31 4.28 36.40
N ILE E 348 13.47 4.14 37.41
CA ILE E 348 12.79 5.23 38.05
C ILE E 348 13.43 5.62 39.33
N VAL E 349 13.84 4.66 40.14
CA VAL E 349 14.39 5.06 41.41
C VAL E 349 15.70 5.78 41.17
N MET E 350 16.41 5.41 40.12
CA MET E 350 17.62 6.10 39.71
C MET E 350 17.19 7.06 38.62
N HIS E 351 17.90 8.14 38.46
CA HIS E 351 17.65 9.00 37.32
C HIS E 351 18.20 8.31 36.12
N SER E 352 17.50 8.36 34.99
CA SER E 352 18.03 7.63 33.85
C SER E 352 18.16 8.44 32.59
N PHE E 353 19.34 8.32 31.96
CA PHE E 353 19.67 9.00 30.71
C PHE E 353 20.77 8.30 29.94
N ASN E 354 21.00 8.73 28.72
CA ASN E 354 22.04 8.14 27.90
C ASN E 354 22.99 9.23 27.36
N CYS E 355 24.28 9.17 27.79
CA CYS E 355 25.37 10.08 27.44
C CYS E 355 26.23 9.41 26.38
N GLY E 356 26.18 9.90 25.17
CA GLY E 356 26.87 9.16 24.14
C GLY E 356 26.22 7.79 24.12
N GLY E 357 27.02 6.74 24.19
CA GLY E 357 26.52 5.37 24.18
C GLY E 357 26.45 4.74 25.57
N GLU E 358 26.70 5.52 26.61
CA GLU E 358 26.73 5.01 27.97
C GLU E 358 25.43 5.28 28.71
N PHE E 359 24.80 4.23 29.19
CA PHE E 359 23.56 4.38 29.91
C PHE E 359 23.79 4.56 31.39
N PHE E 360 23.32 5.71 31.87
CA PHE E 360 23.50 6.14 33.24
C PHE E 360 22.30 6.02 34.12
N TYR E 361 22.57 5.55 35.31
CA TYR E 361 21.63 5.43 36.40
C TYR E 361 22.21 6.21 37.56
N CYS E 362 21.67 7.42 37.84
CA CYS E 362 22.26 8.33 38.81
C CYS E 362 21.41 8.48 40.06
N ASN E 363 22.09 8.57 41.15
CA ASN E 363 21.45 8.67 42.44
C ASN E 363 21.10 10.12 42.76
N THR E 364 19.79 10.44 42.78
CA THR E 364 19.21 11.75 42.99
C THR E 364 18.56 11.89 44.33
N THR E 365 18.83 10.96 45.25
CA THR E 365 18.18 11.07 46.56
C THR E 365 18.71 12.26 47.29
N GLN E 366 19.86 12.71 46.85
CA GLN E 366 20.55 13.86 47.36
C GLN E 366 19.86 15.14 46.94
N LEU E 367 19.15 15.13 45.81
CA LEU E 367 18.53 16.35 45.35
C LEU E 367 17.13 16.53 45.87
N PHE E 368 16.37 15.46 45.90
CA PHE E 368 14.97 15.62 46.32
C PHE E 368 14.81 15.38 47.82
N ASN E 369 15.41 16.28 48.61
CA ASN E 369 15.47 16.17 50.08
C ASN E 369 15.37 17.56 50.74
N SER E 370 14.14 18.11 50.83
CA SER E 370 13.91 19.47 51.38
C SER E 370 12.48 19.76 51.82
N THR E 371 12.33 20.79 52.68
CA THR E 371 11.00 21.25 53.10
C THR E 371 10.82 22.75 52.89
N TRP E 372 9.85 23.11 52.04
CA TRP E 372 9.61 24.52 51.68
C TRP E 372 8.24 24.95 52.19
N ASN E 373 8.21 25.59 53.35
CA ASN E 373 7.05 26.42 53.78
C ASN E 373 7.46 27.89 53.62
N ASP E 374 6.97 28.76 54.50
CA ASP E 374 7.67 30.03 54.81
C ASP E 374 9.19 29.75 54.88
N HIS E 385 30.50 21.92 44.41
CA HIS E 385 29.20 21.59 43.84
C HIS E 385 28.70 20.25 44.41
N ILE E 386 27.49 19.81 43.97
CA ILE E 386 26.86 18.56 44.39
C ILE E 386 27.27 17.46 43.43
N THR E 387 27.82 16.40 43.96
CA THR E 387 28.22 15.33 43.10
C THR E 387 27.26 14.18 43.29
N LEU E 388 26.62 13.78 42.22
CA LEU E 388 25.68 12.69 42.28
C LEU E 388 26.44 11.48 41.80
N PRO E 389 26.54 10.40 42.56
CA PRO E 389 27.22 9.20 42.16
C PRO E 389 26.32 8.58 41.12
N CYS E 390 26.90 7.86 40.14
CA CYS E 390 26.18 7.17 39.08
C CYS E 390 26.74 5.77 38.84
N ARG E 391 25.92 4.98 38.20
CA ARG E 391 26.23 3.63 37.77
C ARG E 391 25.98 3.50 36.29
N ILE E 392 26.66 2.54 35.68
CA ILE E 392 26.52 2.30 34.26
C ILE E 392 26.04 0.89 33.99
N LYS E 393 25.13 0.73 33.04
CA LYS E 393 24.67 -0.62 32.68
C LYS E 393 24.88 -0.91 31.21
N GLN E 394 25.12 -2.19 30.88
CA GLN E 394 25.23 -2.60 29.50
C GLN E 394 23.91 -3.18 28.94
N ILE E 395 23.02 -3.74 29.77
CA ILE E 395 21.77 -4.31 29.22
C ILE E 395 20.57 -3.46 29.55
N ILE E 396 19.91 -2.99 28.50
CA ILE E 396 18.82 -2.07 28.64
C ILE E 396 17.45 -2.61 28.21
N ASN E 397 16.48 -2.59 29.12
CA ASN E 397 15.13 -3.04 28.78
C ASN E 397 14.32 -1.87 28.27
N MET E 398 14.67 -1.44 27.09
CA MET E 398 14.12 -0.22 26.55
C MET E 398 12.65 -0.41 26.27
N TRP E 399 11.87 0.64 26.53
CA TRP E 399 10.41 0.70 26.28
C TRP E 399 9.57 -0.18 27.14
N GLN E 400 10.16 -0.93 28.05
CA GLN E 400 9.42 -1.93 28.78
C GLN E 400 8.79 -2.91 27.80
N LYS E 401 9.50 -3.25 26.73
CA LYS E 401 8.97 -4.19 25.78
C LYS E 401 9.37 -5.60 26.15
N VAL E 402 8.39 -6.41 26.46
CA VAL E 402 8.68 -7.74 26.92
C VAL E 402 9.18 -8.60 25.79
N GLY E 403 10.28 -9.30 26.06
CA GLY E 403 10.89 -10.18 25.08
C GLY E 403 12.06 -9.53 24.35
N LYS E 404 12.28 -8.24 24.56
CA LYS E 404 13.38 -7.60 23.87
C LYS E 404 14.31 -6.92 24.84
N ALA E 405 15.58 -6.86 24.47
CA ALA E 405 16.56 -6.12 25.24
C ALA E 405 17.70 -5.71 24.34
N MET E 406 18.43 -4.68 24.72
CA MET E 406 19.57 -4.33 23.91
C MET E 406 20.85 -4.16 24.71
N TYR E 407 21.95 -4.43 24.03
CA TYR E 407 23.27 -4.28 24.60
C TYR E 407 23.99 -3.05 24.09
N ALA E 408 24.61 -2.36 25.03
CA ALA E 408 25.41 -1.16 24.78
C ALA E 408 26.92 -1.40 24.86
N PRO E 409 27.66 -1.45 23.73
CA PRO E 409 29.10 -1.64 23.67
C PRO E 409 29.76 -0.45 24.33
N PRO E 410 30.97 -0.58 24.85
CA PRO E 410 31.77 0.47 25.47
C PRO E 410 32.27 1.45 24.43
N ILE E 411 32.51 2.68 24.86
CA ILE E 411 33.03 3.73 23.99
C ILE E 411 34.41 4.29 24.40
N ARG E 412 35.20 3.47 25.09
CA ARG E 412 36.58 3.74 25.56
C ARG E 412 36.73 4.66 26.80
N GLY E 413 35.63 5.15 27.36
CA GLY E 413 35.64 5.94 28.58
C GLY E 413 36.04 7.39 28.35
N GLN E 414 36.19 8.13 29.45
CA GLN E 414 36.56 9.54 29.41
C GLN E 414 35.55 10.33 28.62
N ILE E 415 34.29 10.06 28.90
CA ILE E 415 33.21 10.78 28.27
C ILE E 415 32.47 11.66 29.22
N ARG E 416 32.29 12.92 28.83
CA ARG E 416 31.52 13.84 29.65
C ARG E 416 30.52 14.55 28.73
N CYS E 417 29.24 14.67 29.18
CA CYS E 417 28.15 15.34 28.47
C CYS E 417 27.57 16.45 29.33
N SER E 418 27.39 17.61 28.73
CA SER E 418 26.71 18.69 29.44
C SER E 418 25.30 18.68 28.95
N SER E 419 24.35 18.85 29.84
CA SER E 419 22.95 18.83 29.42
C SER E 419 22.11 19.83 30.18
N ASN E 420 20.94 20.16 29.59
CA ASN E 420 19.98 21.13 30.11
C ASN E 420 18.85 20.46 30.89
N ILE E 421 18.70 20.82 32.17
CA ILE E 421 17.59 20.38 33.01
C ILE E 421 16.49 21.35 32.72
N THR E 422 15.41 20.86 32.15
CA THR E 422 14.33 21.73 31.73
C THR E 422 13.04 21.47 32.45
N GLY E 423 12.95 20.35 33.15
CA GLY E 423 11.71 20.08 33.86
C GLY E 423 11.70 18.77 34.61
N LEU E 424 10.65 18.59 35.37
CA LEU E 424 10.52 17.41 36.20
C LEU E 424 9.23 16.66 36.03
N LEU E 425 9.30 15.36 36.23
CA LEU E 425 8.10 14.56 36.31
C LEU E 425 8.02 14.10 37.73
N LEU E 426 6.93 14.44 38.41
CA LEU E 426 6.83 14.05 39.80
C LEU E 426 5.39 13.82 40.21
N THR E 427 5.17 13.08 41.28
CA THR E 427 3.82 12.89 41.79
C THR E 427 3.68 13.23 43.25
N ARG E 428 2.47 13.58 43.60
CA ARG E 428 2.08 13.84 44.98
C ARG E 428 1.61 12.52 45.52
N ASP E 429 1.87 12.19 46.79
CA ASP E 429 1.30 10.91 47.23
C ASP E 429 0.60 10.80 48.57
N GLY E 430 0.36 11.91 49.28
CA GLY E 430 -0.30 11.76 50.57
C GLY E 430 -1.80 11.75 50.45
N GLY E 431 -2.50 11.59 51.58
CA GLY E 431 -3.96 11.59 51.61
C GLY E 431 -4.53 11.07 52.93
N SER E 432 -5.86 11.18 53.10
CA SER E 432 -6.58 10.74 54.30
C SER E 432 -5.92 11.25 55.58
N ASN E 433 -5.58 12.52 55.59
CA ASN E 433 -4.90 13.07 56.73
C ASN E 433 -5.39 14.39 57.31
N GLU E 434 -6.61 14.82 57.02
CA GLU E 434 -6.99 16.14 57.52
C GLU E 434 -7.02 16.23 59.04
N ASN E 435 -7.34 15.12 59.69
CA ASN E 435 -7.36 15.09 61.13
C ASN E 435 -6.33 14.12 61.66
N LYS E 436 -5.30 13.80 60.85
CA LYS E 436 -4.29 12.85 61.27
C LYS E 436 -2.87 13.40 61.27
N THR E 437 -2.52 14.21 60.26
CA THR E 437 -1.15 14.69 60.14
C THR E 437 -1.15 16.18 59.94
N SER E 438 0.05 16.76 59.91
CA SER E 438 0.21 18.18 59.66
C SER E 438 -0.07 18.47 58.20
N GLU E 439 -0.25 19.73 57.87
CA GLU E 439 -0.55 20.11 56.53
C GLU E 439 0.67 20.22 55.64
N THR E 440 1.19 19.06 55.25
CA THR E 440 2.33 18.96 54.36
C THR E 440 2.05 18.00 53.22
N GLU E 441 2.34 18.44 52.01
CA GLU E 441 2.20 17.61 50.84
C GLU E 441 3.58 17.13 50.46
N THR E 442 3.70 15.89 50.04
CA THR E 442 4.99 15.38 49.64
C THR E 442 4.98 14.96 48.21
N PHE E 443 6.03 15.35 47.52
CA PHE E 443 6.20 15.02 46.14
C PHE E 443 7.46 14.20 45.95
N ARG E 444 7.40 13.25 45.02
CA ARG E 444 8.52 12.38 44.75
C ARG E 444 8.75 12.28 43.25
N PRO E 445 9.98 12.07 42.76
CA PRO E 445 10.30 11.87 41.36
C PRO E 445 9.50 10.73 40.81
N ALA E 446 9.10 10.86 39.56
CA ALA E 446 8.27 9.87 38.90
C ALA E 446 8.61 9.75 37.44
N GLY E 447 8.17 8.68 36.79
CA GLY E 447 8.44 8.57 35.37
C GLY E 447 8.30 7.16 34.85
N GLY E 448 8.96 6.90 33.74
CA GLY E 448 8.97 5.61 33.06
C GLY E 448 8.02 5.53 31.90
N ASP E 449 7.07 6.44 31.82
CA ASP E 449 6.16 6.43 30.71
C ASP E 449 6.73 7.42 29.74
N MET E 450 7.29 6.94 28.67
CA MET E 450 8.02 7.78 27.75
C MET E 450 7.11 8.82 27.10
N ARG E 451 5.81 8.57 27.09
CA ARG E 451 4.90 9.49 26.47
C ARG E 451 4.80 10.77 27.25
N ASP E 452 5.23 10.76 28.50
CA ASP E 452 5.16 11.95 29.31
C ASP E 452 6.25 12.89 28.88
N ASN E 453 7.35 12.36 28.38
CA ASN E 453 8.41 13.25 28.01
C ASN E 453 8.00 13.97 26.78
N TRP E 454 7.34 13.23 25.91
CA TRP E 454 6.94 13.81 24.66
C TRP E 454 5.74 14.70 24.81
N ARG E 455 4.88 14.38 25.73
CA ARG E 455 3.72 15.21 25.95
C ARG E 455 4.15 16.58 26.39
N SER E 456 5.20 16.67 27.18
CA SER E 456 5.62 17.96 27.70
C SER E 456 6.05 18.94 26.61
N GLU E 457 6.34 18.47 25.40
CA GLU E 457 6.72 19.36 24.31
C GLU E 457 5.63 19.55 23.27
N LEU E 458 4.53 18.83 23.40
CA LEU E 458 3.46 18.88 22.42
C LEU E 458 2.19 19.44 22.98
N TYR E 459 2.28 19.99 24.15
CA TYR E 459 1.11 20.48 24.86
C TYR E 459 0.41 21.62 24.18
N LYS E 460 1.13 22.32 23.34
CA LYS E 460 0.57 23.47 22.66
C LYS E 460 0.11 23.16 21.25
N TYR E 461 0.13 21.91 20.81
CA TYR E 461 -0.28 21.66 19.43
C TYR E 461 -1.51 20.77 19.27
N LYS E 462 -2.29 21.06 18.24
CA LYS E 462 -3.46 20.26 17.87
C LYS E 462 -3.55 20.04 16.35
N VAL E 463 -4.00 18.86 15.93
CA VAL E 463 -4.14 18.63 14.48
C VAL E 463 -5.57 18.68 14.00
N VAL E 464 -5.80 19.46 12.95
CA VAL E 464 -7.13 19.57 12.40
C VAL E 464 -7.10 19.34 10.90
N LYS E 465 -8.26 18.99 10.34
CA LYS E 465 -8.41 18.80 8.91
C LYS E 465 -9.13 19.99 8.35
N ILE E 466 -8.74 20.40 7.17
CA ILE E 466 -9.38 21.53 6.54
C ILE E 466 -10.54 21.06 5.70
N GLU E 467 -11.70 21.71 5.89
CA GLU E 467 -12.91 21.34 5.18
C GLU E 467 -13.43 22.50 4.33
N PRO E 468 -12.96 22.65 3.08
CA PRO E 468 -13.21 23.79 2.21
C PRO E 468 -14.64 23.93 1.68
N LEU E 469 -15.49 22.92 1.81
CA LEU E 469 -16.85 23.07 1.31
C LEU E 469 -17.83 23.42 2.38
N GLY E 470 -18.81 24.22 2.00
CA GLY E 470 -19.90 24.57 2.89
C GLY E 470 -21.03 25.25 2.14
N VAL E 471 -22.14 25.46 2.81
CA VAL E 471 -23.29 26.08 2.17
C VAL E 471 -23.90 27.16 3.03
N ALA E 472 -24.66 28.06 2.43
CA ALA E 472 -25.38 29.09 3.20
C ALA E 472 -26.51 29.68 2.35
N PRO E 473 -27.59 30.24 2.93
CA PRO E 473 -28.65 30.89 2.20
C PRO E 473 -28.27 32.19 1.54
N THR E 474 -28.77 32.39 0.32
CA THR E 474 -28.63 33.61 -0.46
C THR E 474 -29.95 33.87 -1.17
N LYS E 475 -30.01 34.96 -1.94
CA LYS E 475 -31.21 35.22 -2.72
C LYS E 475 -31.05 34.88 -4.20
N CYS E 476 -29.96 34.24 -4.57
CA CYS E 476 -29.72 34.00 -5.99
C CYS E 476 -30.24 32.63 -6.49
N LYS E 477 -31.10 32.68 -7.55
CA LYS E 477 -31.73 31.59 -8.33
C LYS E 477 -31.68 30.18 -7.72
N LEU F 13 -5.47 28.48 6.08
CA LEU F 13 -6.46 29.31 6.76
C LEU F 13 -6.17 30.81 6.58
N GLY F 14 -6.92 31.66 7.30
CA GLY F 14 -6.91 33.10 7.20
C GLY F 14 -7.73 33.68 8.32
N ALA F 15 -8.48 34.74 8.05
CA ALA F 15 -9.29 35.37 9.09
C ALA F 15 -10.56 34.58 9.32
N ALA F 16 -10.40 33.43 9.94
CA ALA F 16 -11.47 32.49 10.21
C ALA F 16 -12.43 33.03 11.25
N GLY F 17 -11.98 34.02 12.01
CA GLY F 17 -12.80 34.61 13.05
C GLY F 17 -13.69 35.72 12.49
N SER F 18 -13.58 36.01 11.19
CA SER F 18 -14.38 37.08 10.60
C SER F 18 -15.77 36.57 10.32
N THR F 19 -16.70 37.45 10.00
CA THR F 19 -18.03 36.94 9.70
C THR F 19 -18.00 36.24 8.38
N MET F 20 -19.01 35.44 8.08
CA MET F 20 -18.96 34.73 6.82
C MET F 20 -18.89 35.64 5.63
N GLY F 21 -19.64 36.73 5.71
CA GLY F 21 -19.68 37.67 4.61
C GLY F 21 -18.30 38.20 4.39
N ALA F 22 -17.65 38.67 5.44
CA ALA F 22 -16.33 39.22 5.27
C ALA F 22 -15.37 38.18 4.75
N ALA F 23 -15.47 36.97 5.25
CA ALA F 23 -14.56 35.94 4.86
C ALA F 23 -14.64 35.62 3.40
N SER F 24 -15.85 35.69 2.86
CA SER F 24 -16.06 35.30 1.49
C SER F 24 -15.42 36.23 0.50
N MET F 25 -15.07 37.42 0.91
CA MET F 25 -14.53 38.39 -0.02
C MET F 25 -13.17 37.99 -0.53
N THR F 26 -12.48 37.10 0.18
CA THR F 26 -11.18 36.64 -0.23
C THR F 26 -11.23 35.14 -0.48
N LEU F 27 -12.42 34.58 -0.68
CA LEU F 27 -12.60 33.14 -0.87
C LEU F 27 -11.76 32.69 -2.06
N THR F 28 -11.68 33.57 -3.06
CA THR F 28 -10.96 33.36 -4.29
C THR F 28 -9.52 33.00 -4.07
N VAL F 29 -8.89 33.64 -3.10
CA VAL F 29 -7.50 33.39 -2.88
C VAL F 29 -7.25 32.53 -1.66
N GLN F 30 -8.27 32.36 -0.81
CA GLN F 30 -8.12 31.45 0.31
C GLN F 30 -7.96 30.07 -0.27
N ALA F 31 -8.63 29.84 -1.40
CA ALA F 31 -8.57 28.58 -2.10
C ALA F 31 -7.25 28.49 -2.88
N ARG F 32 -6.17 28.33 -2.11
CA ARG F 32 -4.80 28.32 -2.58
C ARG F 32 -4.38 27.02 -3.23
N GLN F 33 -5.24 26.01 -3.13
CA GLN F 33 -4.95 24.71 -3.70
C GLN F 33 -3.64 24.15 -3.23
N LEU F 34 -3.47 24.08 -1.92
CA LEU F 34 -2.22 23.61 -1.36
C LEU F 34 -2.19 22.10 -1.30
N LEU F 35 -2.12 21.52 -2.48
CA LEU F 35 -2.14 20.09 -2.71
C LEU F 35 -0.71 19.59 -2.80
N SER F 36 -0.49 18.33 -2.47
CA SER F 36 0.84 17.82 -2.62
C SER F 36 1.16 17.80 -4.10
N GLY F 37 2.43 17.69 -4.44
CA GLY F 37 2.82 17.64 -5.85
C GLY F 37 2.95 19.04 -6.44
N ILE F 38 1.85 19.82 -6.40
CA ILE F 38 1.88 21.20 -6.87
C ILE F 38 2.70 21.99 -5.87
N VAL F 39 2.57 21.65 -4.58
CA VAL F 39 3.41 22.21 -3.54
C VAL F 39 4.89 21.73 -3.68
N GLN F 40 5.11 20.44 -4.01
CA GLN F 40 6.41 19.79 -4.22
C GLN F 40 6.67 19.75 -5.71
N THR F 59 9.24 -2.14 4.09
CA THR F 59 9.52 -1.04 4.99
C THR F 59 8.16 -0.34 5.30
N VAL F 60 7.83 -0.25 6.62
CA VAL F 60 6.60 0.38 7.09
C VAL F 60 6.53 1.87 6.80
N TRP F 61 7.69 2.54 6.78
CA TRP F 61 7.67 3.95 6.48
C TRP F 61 7.18 4.12 5.07
N GLY F 62 7.65 3.25 4.18
CA GLY F 62 7.30 3.37 2.79
C GLY F 62 5.81 3.20 2.63
N ILE F 63 5.26 2.28 3.39
CA ILE F 63 3.84 2.05 3.31
C ILE F 63 3.06 3.25 3.80
N LYS F 64 3.43 3.78 4.94
CA LYS F 64 2.69 4.91 5.46
C LYS F 64 2.77 6.11 4.55
N GLN F 65 3.95 6.36 3.97
CA GLN F 65 4.15 7.50 3.12
C GLN F 65 3.33 7.36 1.84
N LEU F 66 3.27 6.14 1.31
CA LEU F 66 2.51 5.91 0.11
C LEU F 66 1.04 6.03 0.37
N GLN F 67 0.57 5.52 1.50
CA GLN F 67 -0.84 5.60 1.79
C GLN F 67 -1.26 7.03 1.93
N ALA F 68 -0.41 7.84 2.55
CA ALA F 68 -0.76 9.23 2.70
C ALA F 68 -0.90 9.92 1.36
N ARG F 69 -0.02 9.60 0.42
CA ARG F 69 -0.16 10.26 -0.87
C ARG F 69 -1.44 9.85 -1.55
N VAL F 70 -1.79 8.58 -1.44
CA VAL F 70 -3.00 8.13 -2.07
C VAL F 70 -4.20 8.81 -1.48
N LEU F 71 -4.23 8.93 -0.16
CA LEU F 71 -5.36 9.55 0.46
C LEU F 71 -5.48 11.00 0.08
N ALA F 72 -4.36 11.71 -0.07
CA ALA F 72 -4.44 13.10 -0.47
C ALA F 72 -5.10 13.22 -1.82
N VAL F 73 -4.79 12.29 -2.71
CA VAL F 73 -5.39 12.31 -4.02
C VAL F 73 -6.86 12.04 -3.92
N GLU F 74 -7.23 11.06 -3.12
CA GLU F 74 -8.63 10.74 -3.01
C GLU F 74 -9.41 11.90 -2.47
N ARG F 75 -8.87 12.63 -1.50
CA ARG F 75 -9.61 13.75 -0.96
C ARG F 75 -9.79 14.83 -1.99
N TYR F 76 -8.74 15.11 -2.74
CA TYR F 76 -8.82 16.13 -3.75
C TYR F 76 -9.89 15.82 -4.74
N LEU F 77 -9.86 14.61 -5.25
CA LEU F 77 -10.81 14.24 -6.24
C LEU F 77 -12.19 14.21 -5.67
N ARG F 78 -12.37 13.75 -4.43
CA ARG F 78 -13.72 13.69 -3.91
C ARG F 78 -14.41 15.02 -3.99
N ASP F 79 -13.73 16.11 -3.64
CA ASP F 79 -14.40 17.38 -3.72
C ASP F 79 -14.65 17.78 -5.16
N GLN F 80 -13.73 17.48 -6.06
CA GLN F 80 -13.97 17.88 -7.41
C GLN F 80 -15.10 17.09 -8.04
N GLN F 81 -15.25 15.84 -7.64
CA GLN F 81 -16.28 14.98 -8.16
C GLN F 81 -17.62 15.47 -7.69
N LEU F 82 -17.70 15.90 -6.44
CA LEU F 82 -18.95 16.35 -5.90
C LEU F 82 -19.38 17.65 -6.55
N LEU F 83 -18.44 18.55 -6.77
CA LEU F 83 -18.80 19.78 -7.43
C LEU F 83 -19.24 19.46 -8.83
N GLY F 84 -18.60 18.48 -9.46
CA GLY F 84 -19.02 18.10 -10.80
C GLY F 84 -20.47 17.60 -10.78
N ILE F 85 -20.83 16.82 -9.78
CA ILE F 85 -22.19 16.29 -9.67
C ILE F 85 -23.19 17.39 -9.56
N TRP F 86 -22.90 18.40 -8.77
CA TRP F 86 -23.82 19.50 -8.60
C TRP F 86 -23.79 20.49 -9.76
N GLY F 87 -22.91 20.29 -10.74
CA GLY F 87 -22.77 21.25 -11.82
C GLY F 87 -22.04 22.55 -11.40
N CYS F 88 -21.17 22.46 -10.37
CA CYS F 88 -20.43 23.53 -9.73
C CYS F 88 -18.95 23.49 -10.10
N SER F 89 -18.56 22.56 -10.94
CA SER F 89 -17.17 22.48 -11.26
C SER F 89 -16.72 23.75 -11.92
N GLY F 90 -15.57 24.25 -11.51
CA GLY F 90 -14.97 25.45 -12.08
C GLY F 90 -15.40 26.72 -11.35
N LYS F 91 -16.34 26.62 -10.43
CA LYS F 91 -16.79 27.82 -9.75
C LYS F 91 -16.38 27.85 -8.29
N LEU F 92 -16.06 29.04 -7.84
CA LEU F 92 -15.74 29.27 -6.45
C LEU F 92 -17.02 29.33 -5.63
N ILE F 93 -18.00 30.01 -6.22
CA ILE F 93 -19.32 30.19 -5.64
C ILE F 93 -20.31 29.70 -6.68
N CYS F 94 -21.14 28.69 -6.33
CA CYS F 94 -22.08 28.03 -7.21
C CYS F 94 -23.54 28.24 -6.83
N CYS F 95 -24.30 28.72 -7.80
CA CYS F 95 -25.72 28.90 -7.65
C CYS F 95 -26.43 27.58 -7.81
N THR F 96 -27.34 27.34 -6.91
CA THR F 96 -28.14 26.13 -6.87
C THR F 96 -29.47 26.22 -7.54
N ALA F 97 -30.18 25.09 -7.47
CA ALA F 97 -31.54 24.94 -7.94
C ALA F 97 -32.45 24.54 -6.76
N VAL F 98 -31.93 24.66 -5.53
CA VAL F 98 -32.65 24.32 -4.31
C VAL F 98 -32.93 25.57 -3.48
N PRO F 99 -34.19 25.93 -3.21
CA PRO F 99 -34.60 27.07 -2.39
C PRO F 99 -34.07 26.83 -1.00
N TRP F 100 -33.71 27.87 -0.27
CA TRP F 100 -33.26 27.58 1.06
C TRP F 100 -34.46 27.12 1.87
N ASN F 101 -34.30 26.03 2.60
CA ASN F 101 -35.26 25.43 3.51
C ASN F 101 -35.01 26.02 4.91
N ASN F 102 -35.93 26.88 5.39
CA ASN F 102 -35.76 27.62 6.64
C ASN F 102 -35.94 26.78 7.88
N SER F 103 -36.26 25.50 7.72
CA SER F 103 -36.40 24.68 8.90
C SER F 103 -35.02 24.27 9.35
N TRP F 104 -34.01 24.58 8.53
CA TRP F 104 -32.66 24.29 8.88
C TRP F 104 -32.12 25.33 9.87
N SER F 105 -32.69 26.54 9.88
CA SER F 105 -32.25 27.63 10.77
C SER F 105 -33.25 28.79 10.78
N ASN F 106 -33.50 29.40 11.96
CA ASN F 106 -34.39 30.56 12.14
C ASN F 106 -33.69 31.91 11.91
N ARG F 107 -32.38 31.92 11.60
CA ARG F 107 -31.59 33.14 11.44
C ARG F 107 -31.82 33.82 10.10
N SER F 108 -31.88 35.15 10.15
CA SER F 108 -32.02 35.97 8.98
C SER F 108 -30.72 36.04 8.23
N LEU F 109 -30.73 36.52 7.00
CA LEU F 109 -29.46 36.63 6.30
C LEU F 109 -28.52 37.55 7.03
N ASP F 110 -29.04 38.55 7.69
CA ASP F 110 -28.15 39.46 8.35
C ASP F 110 -27.38 38.74 9.45
N MET F 111 -28.07 37.88 10.18
CA MET F 111 -27.42 37.12 11.24
C MET F 111 -26.47 36.08 10.70
N ILE F 112 -26.85 35.51 9.61
CA ILE F 112 -26.06 34.47 9.04
C ILE F 112 -24.77 34.99 8.46
N TRP F 113 -24.87 36.05 7.69
CA TRP F 113 -23.70 36.55 7.02
C TRP F 113 -22.89 37.60 7.72
N ASN F 114 -23.50 38.51 8.48
CA ASN F 114 -22.72 39.58 9.09
C ASN F 114 -22.62 39.55 10.63
N ASN F 115 -22.88 38.39 11.22
CA ASN F 115 -22.87 38.11 12.66
C ASN F 115 -22.02 36.87 12.92
N MET F 116 -22.47 35.70 12.40
CA MET F 116 -21.82 34.39 12.51
C MET F 116 -20.62 34.22 11.60
N THR F 117 -19.68 33.38 12.04
CA THR F 117 -18.50 32.99 11.29
C THR F 117 -18.81 31.70 10.55
N TRP F 118 -17.94 31.28 9.63
CA TRP F 118 -18.20 30.04 8.91
C TRP F 118 -18.16 28.82 9.80
N ILE F 119 -17.36 28.87 10.85
CA ILE F 119 -17.27 27.73 11.73
C ILE F 119 -18.58 27.57 12.45
N GLU F 120 -19.08 28.66 12.98
CA GLU F 120 -20.32 28.63 13.72
C GLU F 120 -21.47 28.20 12.84
N TRP F 121 -21.45 28.70 11.63
CA TRP F 121 -22.50 28.41 10.70
C TRP F 121 -22.55 26.97 10.31
N GLU F 122 -21.41 26.40 9.94
CA GLU F 122 -21.48 25.01 9.54
C GLU F 122 -21.87 24.17 10.70
N ARG F 123 -21.46 24.52 11.91
CA ARG F 123 -21.89 23.68 12.99
C ARG F 123 -23.41 23.76 13.15
N GLU F 124 -24.00 24.95 13.04
CA GLU F 124 -25.44 25.06 13.22
C GLU F 124 -26.22 24.18 12.25
N ILE F 125 -25.73 24.07 11.03
CA ILE F 125 -26.43 23.27 10.05
C ILE F 125 -25.70 21.98 9.70
N ASP F 126 -24.80 21.53 10.56
CA ASP F 126 -24.06 20.31 10.25
C ASP F 126 -24.99 19.08 10.08
N ASN F 127 -26.11 19.05 10.83
CA ASN F 127 -27.11 17.98 10.86
C ASN F 127 -27.88 17.82 9.53
N TYR F 128 -27.85 18.83 8.63
CA TYR F 128 -28.57 18.80 7.37
C TYR F 128 -27.63 18.60 6.21
N THR F 129 -26.36 18.34 6.46
CA THR F 129 -25.45 18.24 5.33
C THR F 129 -25.85 17.19 4.32
N GLY F 130 -26.21 15.99 4.79
CA GLY F 130 -26.56 14.94 3.85
C GLY F 130 -27.78 15.32 3.05
N LEU F 131 -28.76 15.90 3.74
CA LEU F 131 -29.99 16.31 3.10
C LEU F 131 -29.74 17.36 2.05
N ILE F 132 -28.91 18.32 2.37
CA ILE F 132 -28.64 19.38 1.46
C ILE F 132 -27.97 18.85 0.24
N TYR F 133 -27.01 17.97 0.43
CA TYR F 133 -26.30 17.43 -0.70
C TYR F 133 -27.23 16.63 -1.59
N ASN F 134 -28.15 15.89 -1.00
CA ASN F 134 -29.07 15.10 -1.79
C ASN F 134 -29.98 16.00 -2.61
N LEU F 135 -30.40 17.10 -2.02
CA LEU F 135 -31.26 18.02 -2.72
C LEU F 135 -30.53 18.69 -3.85
N LEU F 136 -29.26 19.01 -3.64
CA LEU F 136 -28.49 19.65 -4.69
C LEU F 136 -28.32 18.67 -5.84
N GLU F 137 -28.04 17.41 -5.53
CA GLU F 137 -27.86 16.46 -6.60
C GLU F 137 -29.11 16.31 -7.42
N GLU F 138 -30.25 16.19 -6.79
CA GLU F 138 -31.44 16.00 -7.60
C GLU F 138 -31.83 17.23 -8.38
N SER F 139 -31.82 18.39 -7.75
CA SER F 139 -32.34 19.57 -8.40
C SER F 139 -31.50 20.07 -9.56
N GLN F 140 -30.21 19.79 -9.53
CA GLN F 140 -29.35 20.24 -10.61
C GLN F 140 -29.13 19.19 -11.69
N ASN F 141 -29.74 18.01 -11.53
CA ASN F 141 -29.52 16.94 -12.51
C ASN F 141 -30.76 16.20 -12.93
N GLN F 142 -31.58 15.81 -11.98
CA GLN F 142 -32.69 14.94 -12.30
C GLN F 142 -33.92 15.76 -12.64
N GLN F 143 -34.04 16.93 -12.00
CA GLN F 143 -35.20 17.80 -12.31
C GLN F 143 -34.86 19.00 -13.23
N GLU F 144 -33.58 19.45 -13.26
CA GLU F 144 -33.03 20.61 -13.99
C GLU F 144 -33.99 21.82 -14.00
N VAL G 2 -19.75 48.24 18.52
CA VAL G 2 -20.91 48.56 17.70
C VAL G 2 -20.75 49.95 17.04
N GLN G 3 -20.49 51.00 17.87
CA GLN G 3 -20.33 52.40 17.47
C GLN G 3 -18.98 52.71 16.86
N LEU G 4 -19.01 53.64 15.93
CA LEU G 4 -17.82 54.13 15.27
C LEU G 4 -17.70 55.60 15.52
N LEU G 5 -16.58 56.04 16.06
CA LEU G 5 -16.47 57.47 16.32
C LEU G 5 -15.30 58.10 15.58
N GLU G 6 -15.62 59.06 14.73
CA GLU G 6 -14.65 59.77 13.94
C GLU G 6 -13.91 60.83 14.75
N SER G 7 -12.72 61.19 14.28
CA SER G 7 -11.95 62.26 14.87
C SER G 7 -11.00 62.76 13.81
N GLY G 8 -10.35 63.88 14.06
CA GLY G 8 -9.35 64.39 13.14
C GLY G 8 -9.10 65.84 13.47
N PRO G 9 -8.12 66.49 12.83
CA PRO G 9 -7.77 67.89 13.06
C PRO G 9 -8.99 68.80 13.01
N GLY G 10 -9.89 68.52 12.05
CA GLY G 10 -11.15 69.23 11.82
C GLY G 10 -10.94 70.38 10.84
N LEU G 11 -9.69 70.77 10.73
CA LEU G 11 -9.19 71.84 9.90
C LEU G 11 -7.76 71.58 9.51
N VAL G 12 -7.53 71.61 8.22
CA VAL G 12 -6.21 71.43 7.65
C VAL G 12 -5.97 72.56 6.69
N LYS G 13 -4.72 72.78 6.35
CA LYS G 13 -4.36 73.81 5.42
C LYS G 13 -4.38 73.24 4.00
N PRO G 14 -4.50 74.08 2.97
CA PRO G 14 -4.28 73.70 1.61
C PRO G 14 -2.88 73.16 1.61
N SER G 15 -2.65 72.16 0.80
CA SER G 15 -1.38 71.44 0.67
C SER G 15 -0.97 70.60 1.89
N GLU G 16 -1.86 70.48 2.89
CA GLU G 16 -1.59 69.63 4.03
C GLU G 16 -2.23 68.26 3.85
N THR G 17 -1.51 67.19 4.19
CA THR G 17 -2.06 65.83 4.09
C THR G 17 -3.09 65.60 5.18
N LEU G 18 -4.24 65.06 4.80
CA LEU G 18 -5.29 64.83 5.77
C LEU G 18 -5.23 63.43 6.36
N SER G 19 -5.30 63.36 7.69
CA SER G 19 -5.30 62.06 8.37
C SER G 19 -6.40 61.96 9.45
N LEU G 20 -7.36 61.05 9.24
CA LEU G 20 -8.49 60.88 10.16
C LEU G 20 -8.54 59.52 10.83
N THR G 21 -8.46 59.50 12.17
CA THR G 21 -8.49 58.24 12.90
C THR G 21 -9.89 57.98 13.51
N CYS G 22 -10.45 56.78 13.29
CA CYS G 22 -11.76 56.37 13.80
C CYS G 22 -11.63 55.14 14.68
N THR G 23 -12.32 55.20 15.80
CA THR G 23 -12.30 54.17 16.81
C THR G 23 -13.50 53.27 16.80
N VAL G 24 -13.26 51.98 16.96
CA VAL G 24 -14.33 51.02 17.02
C VAL G 24 -14.54 50.63 18.47
N SER G 25 -15.75 50.88 18.98
CA SER G 25 -16.05 50.70 20.39
C SER G 25 -16.34 49.29 20.90
N GLY G 26 -16.72 48.37 20.04
CA GLY G 26 -17.14 47.05 20.51
C GLY G 26 -16.43 45.92 19.85
N VAL G 27 -17.04 45.44 18.80
CA VAL G 27 -16.58 44.29 18.07
C VAL G 27 -15.18 44.60 17.49
N PRO G 28 -14.19 43.71 17.67
CA PRO G 28 -12.83 43.85 17.20
C PRO G 28 -12.82 44.10 15.73
N ILE G 29 -11.87 44.88 15.29
CA ILE G 29 -11.86 45.26 13.92
C ILE G 29 -11.62 44.17 12.87
N SER G 30 -11.15 43.01 13.26
CA SER G 30 -10.94 41.95 12.29
C SER G 30 -12.25 41.26 11.86
N ARG G 31 -13.35 41.55 12.54
CA ARG G 31 -14.63 40.88 12.28
C ARG G 31 -15.31 41.26 10.95
N HIS G 32 -15.15 42.50 10.50
CA HIS G 32 -15.83 42.98 9.29
C HIS G 32 -14.91 43.87 8.48
N TYR G 33 -15.37 44.33 7.33
CA TYR G 33 -14.60 45.23 6.50
C TYR G 33 -14.74 46.66 6.95
N TRP G 34 -13.72 47.43 6.68
CA TRP G 34 -13.68 48.83 7.02
C TRP G 34 -13.83 49.69 5.80
N ASN G 35 -14.57 50.78 5.90
CA ASN G 35 -14.71 51.62 4.74
C ASN G 35 -14.85 53.12 5.06
N TRP G 36 -14.30 53.97 4.19
CA TRP G 36 -14.52 55.41 4.32
C TRP G 36 -15.29 55.97 3.14
N ILE G 37 -16.19 56.88 3.46
CA ILE G 37 -17.04 57.62 2.53
C ILE G 37 -17.02 59.10 2.88
N ARG G 38 -17.08 60.00 1.92
CA ARG G 38 -17.18 61.41 2.28
C ARG G 38 -18.34 62.11 1.60
N GLN G 39 -18.81 63.18 2.21
CA GLN G 39 -19.88 63.96 1.61
C GLN G 39 -19.56 65.44 1.60
N SER G 40 -19.31 65.98 0.42
CA SER G 40 -18.99 67.39 0.31
C SER G 40 -20.27 68.12 0.72
N PRO G 41 -20.23 69.30 1.32
CA PRO G 41 -21.45 70.01 1.70
C PRO G 41 -22.34 70.19 0.50
N GLY G 42 -23.62 69.86 0.67
CA GLY G 42 -24.61 70.02 -0.40
C GLY G 42 -24.61 68.89 -1.43
N LYS G 43 -23.76 67.89 -1.25
CA LYS G 43 -23.60 66.79 -2.18
C LYS G 43 -24.07 65.47 -1.61
N GLY G 44 -24.22 64.47 -2.47
CA GLY G 44 -24.58 63.13 -2.04
C GLY G 44 -23.30 62.42 -1.64
N LEU G 45 -23.34 61.13 -1.47
CA LEU G 45 -22.15 60.45 -0.99
C LEU G 45 -21.14 60.07 -2.06
N GLU G 46 -19.86 60.15 -1.69
CA GLU G 46 -18.74 59.72 -2.51
C GLU G 46 -17.94 58.64 -1.80
N TRP G 47 -17.84 57.46 -2.40
CA TRP G 47 -17.11 56.38 -1.78
C TRP G 47 -15.62 56.63 -1.86
N ILE G 48 -14.87 56.37 -0.79
CA ILE G 48 -13.42 56.54 -0.87
C ILE G 48 -12.71 55.25 -1.07
N GLY G 49 -12.99 54.29 -0.21
CA GLY G 49 -12.29 53.02 -0.29
C GLY G 49 -12.53 52.09 0.88
N TYR G 50 -12.11 50.84 0.70
CA TYR G 50 -12.26 49.87 1.77
C TYR G 50 -10.98 49.15 1.98
N ILE G 51 -10.81 48.72 3.21
CA ILE G 51 -9.72 47.89 3.65
C ILE G 51 -10.22 46.79 4.55
N PHE G 52 -9.32 45.91 4.90
CA PHE G 52 -9.64 44.86 5.83
C PHE G 52 -8.46 44.53 6.69
N PHE G 53 -8.66 43.58 7.56
CA PHE G 53 -7.65 43.08 8.45
C PHE G 53 -6.40 42.69 7.68
N ASN G 54 -6.61 41.97 6.60
CA ASN G 54 -5.58 41.52 5.70
C ASN G 54 -5.39 42.62 4.64
N GLY G 55 -4.69 42.32 3.56
CA GLY G 55 -4.38 43.35 2.55
C GLY G 55 -5.45 43.58 1.49
N ASN G 56 -6.64 43.02 1.66
CA ASN G 56 -7.70 43.21 0.68
C ASN G 56 -8.21 44.63 0.80
N ALA G 57 -8.03 45.41 -0.26
CA ALA G 57 -8.40 46.81 -0.27
C ALA G 57 -8.71 47.31 -1.66
N ASN G 58 -9.48 48.39 -1.74
CA ASN G 58 -9.75 49.05 -3.00
C ASN G 58 -10.05 50.51 -2.79
N TYR G 59 -9.79 51.31 -3.82
CA TYR G 59 -10.05 52.74 -3.72
C TYR G 59 -10.67 53.36 -4.96
N ASN G 60 -11.38 54.45 -4.74
CA ASN G 60 -11.99 55.27 -5.77
C ASN G 60 -10.90 55.93 -6.58
N PRO G 61 -10.81 55.72 -7.90
CA PRO G 61 -9.80 56.25 -8.80
C PRO G 61 -9.57 57.75 -8.68
N SER G 62 -10.57 58.53 -8.27
CA SER G 62 -10.35 59.96 -8.14
C SER G 62 -9.35 60.29 -7.03
N LEU G 63 -9.28 59.40 -6.04
CA LEU G 63 -8.38 59.54 -4.92
C LEU G 63 -7.31 58.49 -4.91
N LYS G 64 -7.53 57.34 -5.53
CA LYS G 64 -6.66 56.17 -5.42
C LYS G 64 -5.17 56.44 -5.35
N SER G 65 -4.63 57.29 -6.20
CA SER G 65 -3.18 57.51 -6.27
C SER G 65 -2.59 58.15 -5.00
N ARG G 66 -3.46 58.74 -4.19
CA ARG G 66 -3.09 59.40 -2.97
C ARG G 66 -3.73 58.82 -1.72
N VAL G 67 -4.44 57.70 -1.81
CA VAL G 67 -5.14 57.26 -0.61
C VAL G 67 -4.87 55.88 -0.11
N THR G 68 -4.63 55.85 1.19
CA THR G 68 -4.47 54.60 1.89
C THR G 68 -5.24 54.70 3.19
N ILE G 69 -5.69 53.58 3.68
CA ILE G 69 -6.29 53.55 5.00
C ILE G 69 -5.48 52.55 5.84
N SER G 70 -4.99 52.96 7.00
CA SER G 70 -4.21 52.06 7.85
C SER G 70 -5.09 51.26 8.81
N VAL G 71 -4.51 50.18 9.35
CA VAL G 71 -5.17 49.33 10.34
C VAL G 71 -4.34 49.18 11.61
N ASP G 72 -4.93 49.48 12.76
CA ASP G 72 -4.25 49.29 14.03
C ASP G 72 -5.02 48.24 14.79
N MET G 73 -4.53 47.00 14.74
CA MET G 73 -5.30 45.94 15.35
C MET G 73 -5.26 46.04 16.86
N SER G 74 -4.14 46.50 17.39
CA SER G 74 -3.98 46.51 18.84
C SER G 74 -4.98 47.44 19.50
N LYS G 75 -5.24 48.57 18.87
CA LYS G 75 -6.15 49.52 19.45
C LYS G 75 -7.53 49.56 18.80
N ASN G 76 -7.82 48.64 17.87
CA ASN G 76 -9.09 48.70 17.15
C ASN G 76 -9.34 50.08 16.50
N GLN G 77 -8.28 50.61 15.87
CA GLN G 77 -8.36 51.90 15.19
C GLN G 77 -8.03 51.81 13.73
N PHE G 78 -8.59 52.73 12.97
CA PHE G 78 -8.22 52.84 11.56
C PHE G 78 -7.96 54.26 11.21
N SER G 79 -7.14 54.47 10.18
CA SER G 79 -6.91 55.86 9.79
C SER G 79 -6.82 56.14 8.31
N LEU G 80 -7.61 57.10 7.87
CA LEU G 80 -7.68 57.48 6.48
C LEU G 80 -6.70 58.57 6.14
N THR G 81 -5.81 58.30 5.20
CA THR G 81 -4.85 59.31 4.81
C THR G 81 -4.97 59.71 3.35
N LEU G 82 -5.16 61.01 3.11
CA LEU G 82 -5.27 61.54 1.75
C LEU G 82 -4.18 62.53 1.40
N ARG G 83 -3.30 62.13 0.50
CA ARG G 83 -2.19 63.00 0.10
C ARG G 83 -2.62 63.93 -1.01
N SER G 84 -3.49 64.85 -0.65
CA SER G 84 -4.04 65.81 -1.58
C SER G 84 -3.58 67.16 -1.19
N VAL G 85 -4.00 68.12 -1.97
CA VAL G 85 -3.65 69.49 -1.70
C VAL G 85 -4.84 70.45 -1.72
N THR G 86 -6.00 70.00 -2.17
CA THR G 86 -7.07 70.97 -2.44
C THR G 86 -8.15 71.17 -1.39
N ALA G 87 -8.86 72.28 -1.54
CA ALA G 87 -9.94 72.60 -0.65
C ALA G 87 -11.21 71.93 -1.09
N ALA G 88 -11.11 71.26 -2.23
CA ALA G 88 -12.21 70.53 -2.79
C ALA G 88 -12.43 69.26 -1.98
N ASP G 89 -11.50 68.97 -1.06
CA ASP G 89 -11.62 67.80 -0.23
C ASP G 89 -12.36 68.16 1.06
N THR G 90 -12.87 69.40 1.18
CA THR G 90 -13.66 69.71 2.36
C THR G 90 -14.88 68.83 2.27
N ALA G 91 -15.12 68.08 3.32
CA ALA G 91 -16.24 67.15 3.32
C ALA G 91 -16.48 66.61 4.68
N VAL G 92 -17.66 66.03 4.88
CA VAL G 92 -17.85 65.28 6.09
C VAL G 92 -17.38 63.89 5.81
N TYR G 93 -16.47 63.42 6.61
CA TYR G 93 -15.95 62.10 6.41
C TYR G 93 -16.65 61.15 7.32
N TYR G 94 -17.05 60.02 6.77
CA TYR G 94 -17.74 59.04 7.52
C TYR G 94 -16.99 57.71 7.58
N CYS G 95 -16.95 57.17 8.78
CA CYS G 95 -16.38 55.93 9.21
C CYS G 95 -17.49 54.88 9.20
N VAL G 96 -17.40 53.91 8.30
CA VAL G 96 -18.50 52.98 8.26
C VAL G 96 -17.95 51.55 8.28
N ARG G 97 -18.76 50.57 8.66
CA ARG G 97 -18.26 49.18 8.52
C ARG G 97 -19.02 48.47 7.44
N GLU G 98 -18.29 47.68 6.69
CA GLU G 98 -18.82 46.94 5.58
C GLU G 98 -19.21 45.50 5.83
N LYS G 99 -20.46 45.27 5.50
CA LYS G 99 -21.17 44.02 5.58
C LYS G 99 -21.42 43.52 4.18
N SER G 100 -21.56 42.22 3.99
CA SER G 100 -21.85 41.70 2.65
C SER G 100 -22.47 40.33 2.67
N ILE G 101 -23.09 39.94 1.55
CA ILE G 101 -23.62 38.61 1.38
C ILE G 101 -22.79 37.97 0.28
N ALA G 102 -22.36 36.73 0.48
CA ALA G 102 -21.46 36.10 -0.49
C ALA G 102 -22.16 35.57 -1.74
N GLU G 103 -22.57 36.48 -2.59
CA GLU G 103 -23.25 36.12 -3.81
C GLU G 103 -22.40 36.52 -5.00
N GLU G 104 -22.89 36.17 -6.16
CA GLU G 104 -22.28 36.55 -7.41
C GLU G 104 -22.28 38.06 -7.44
N ASP G 105 -21.25 38.64 -7.99
CA ASP G 105 -21.07 40.10 -8.06
C ASP G 105 -20.82 40.81 -6.73
N ASN G 106 -20.40 40.09 -5.69
CA ASN G 106 -20.00 40.74 -4.44
C ASN G 106 -21.05 41.71 -3.95
N MET G 107 -22.21 41.19 -3.64
CA MET G 107 -23.30 42.05 -3.26
C MET G 107 -23.10 42.64 -1.86
N VAL G 108 -22.31 43.71 -1.83
CA VAL G 108 -21.97 44.43 -0.62
C VAL G 108 -23.19 45.16 -0.12
N ARG G 109 -23.42 45.06 1.18
CA ARG G 109 -24.55 45.64 1.86
C ARG G 109 -24.34 47.09 2.15
N TRP G 110 -25.41 47.84 2.30
CA TRP G 110 -25.24 49.20 2.71
C TRP G 110 -24.58 49.13 4.06
N PHE G 111 -23.74 50.08 4.33
CA PHE G 111 -22.93 50.07 5.52
C PHE G 111 -23.70 50.49 6.78
N ASP G 112 -24.52 49.57 7.33
CA ASP G 112 -25.41 49.86 8.47
C ASP G 112 -24.78 50.72 9.61
N PRO G 113 -23.63 50.36 10.19
CA PRO G 113 -22.99 51.13 11.23
C PRO G 113 -22.27 52.27 10.55
N TRP G 114 -23.05 53.30 10.24
CA TRP G 114 -22.53 54.42 9.46
C TRP G 114 -21.58 55.37 10.21
N GLY G 115 -21.66 55.44 11.53
CA GLY G 115 -20.80 56.40 12.23
C GLY G 115 -21.52 57.74 12.38
N GLN G 116 -20.80 58.78 12.82
CA GLN G 116 -21.46 60.05 13.09
C GLN G 116 -21.20 61.09 12.01
N GLY G 117 -19.96 61.10 11.55
CA GLY G 117 -19.47 62.01 10.54
C GLY G 117 -18.65 63.17 11.11
N THR G 118 -17.48 63.42 10.54
CA THR G 118 -16.65 64.51 11.02
C THR G 118 -16.35 65.50 9.89
N LEU G 119 -16.61 66.77 10.13
CA LEU G 119 -16.33 67.73 9.07
C LEU G 119 -14.93 68.21 9.08
N VAL G 120 -14.31 68.09 7.92
CA VAL G 120 -12.97 68.56 7.73
C VAL G 120 -12.99 69.74 6.81
N THR G 121 -12.50 70.85 7.32
CA THR G 121 -12.41 72.08 6.58
C THR G 121 -11.03 72.29 6.04
N VAL G 122 -10.91 72.67 4.79
CA VAL G 122 -9.58 72.99 4.29
C VAL G 122 -9.54 74.49 4.11
N SER G 123 -8.65 75.17 4.84
CA SER G 123 -8.59 76.63 4.78
C SER G 123 -7.24 77.19 5.24
N SER G 124 -6.77 78.29 4.60
CA SER G 124 -5.51 78.98 4.91
C SER G 124 -5.72 79.99 6.06
N SER H 1 -17.95 53.21 -14.86
CA SER H 1 -18.27 52.15 -13.91
C SER H 1 -19.74 51.70 -14.05
N TYR H 2 -20.68 52.36 -13.32
CA TYR H 2 -22.10 52.04 -13.32
C TYR H 2 -22.92 53.29 -13.06
N GLU H 3 -24.07 53.41 -13.72
CA GLU H 3 -24.96 54.52 -13.53
C GLU H 3 -26.11 54.28 -12.59
N LEU H 4 -26.27 55.17 -11.60
CA LEU H 4 -27.42 55.19 -10.74
C LEU H 4 -28.04 56.57 -10.83
N THR H 5 -29.25 56.63 -11.34
CA THR H 5 -29.90 57.92 -11.55
C THR H 5 -31.21 58.04 -10.83
N GLN H 6 -31.35 59.12 -10.10
CA GLN H 6 -32.53 59.41 -9.32
C GLN H 6 -33.06 60.77 -9.73
N PRO H 7 -34.38 61.05 -9.59
CA PRO H 7 -34.93 62.35 -9.83
C PRO H 7 -34.41 63.21 -8.69
N PRO H 8 -34.17 64.52 -8.90
CA PRO H 8 -33.82 65.48 -7.87
C PRO H 8 -34.79 65.54 -6.69
N SER H 9 -36.08 65.35 -6.95
CA SER H 9 -37.07 65.40 -5.89
C SER H 9 -38.40 64.79 -6.26
N VAL H 10 -39.16 64.45 -5.22
CA VAL H 10 -40.55 64.05 -5.28
C VAL H 10 -41.30 64.82 -4.21
N SER H 11 -42.61 64.90 -4.30
CA SER H 11 -43.39 65.57 -3.26
C SER H 11 -44.71 64.89 -3.01
N VAL H 12 -45.02 64.67 -1.75
CA VAL H 12 -46.28 64.04 -1.38
C VAL H 12 -47.00 64.81 -0.30
N ALA H 13 -48.30 64.59 -0.22
CA ALA H 13 -49.06 65.11 0.89
C ALA H 13 -48.77 64.22 2.08
N PRO H 14 -48.84 64.71 3.32
CA PRO H 14 -48.66 63.89 4.48
C PRO H 14 -49.68 62.76 4.43
N GLY H 15 -49.23 61.56 4.75
CA GLY H 15 -50.11 60.39 4.77
C GLY H 15 -50.15 59.66 3.45
N LYS H 16 -49.53 60.22 2.42
CA LYS H 16 -49.52 59.61 1.11
C LYS H 16 -48.21 58.89 0.87
N THR H 17 -48.20 58.01 -0.13
CA THR H 17 -47.01 57.24 -0.45
C THR H 17 -46.06 57.90 -1.42
N ALA H 18 -44.78 57.92 -1.06
CA ALA H 18 -43.74 58.41 -1.93
C ALA H 18 -43.21 57.29 -2.78
N ARG H 19 -42.93 57.58 -4.03
CA ARG H 19 -42.30 56.61 -4.92
C ARG H 19 -41.01 57.21 -5.38
N ILE H 20 -39.94 56.73 -4.80
CA ILE H 20 -38.64 57.30 -5.03
C ILE H 20 -37.92 56.35 -5.95
N THR H 21 -37.60 56.77 -7.14
CA THR H 21 -37.01 55.82 -8.06
C THR H 21 -35.52 56.04 -8.28
N CYS H 22 -34.87 54.97 -8.80
CA CYS H 22 -33.46 54.90 -9.18
C CYS H 22 -33.35 54.02 -10.43
N GLY H 23 -32.65 54.49 -11.45
CA GLY H 23 -32.47 53.66 -12.62
C GLY H 23 -31.01 53.31 -12.84
N GLY H 24 -30.77 52.31 -13.68
CA GLY H 24 -29.40 51.92 -14.05
C GLY H 24 -29.43 50.71 -14.99
N ASN H 25 -28.28 50.37 -15.56
CA ASN H 25 -28.23 49.27 -16.52
C ASN H 25 -28.34 47.94 -15.85
N ASN H 26 -29.45 47.25 -16.07
CA ASN H 26 -29.72 46.02 -15.41
C ASN H 26 -29.70 46.24 -13.92
N LEU H 27 -30.25 47.37 -13.49
CA LEU H 27 -30.28 47.64 -12.07
C LEU H 27 -31.04 46.56 -11.33
N GLY H 28 -32.06 45.96 -11.95
CA GLY H 28 -32.86 44.95 -11.30
C GLY H 28 -32.12 43.62 -11.12
N THR H 29 -30.91 43.49 -11.66
CA THR H 29 -30.17 42.25 -11.52
C THR H 29 -29.15 42.40 -10.38
N LYS H 30 -29.06 43.60 -9.82
CA LYS H 30 -28.10 43.87 -8.77
C LYS H 30 -28.82 44.05 -7.46
N SER H 31 -28.17 43.80 -6.36
CA SER H 31 -28.84 44.11 -5.12
C SER H 31 -28.90 45.62 -5.04
N VAL H 32 -30.03 46.18 -4.64
CA VAL H 32 -30.12 47.63 -4.55
C VAL H 32 -30.52 48.04 -3.18
N HIS H 33 -29.70 48.85 -2.58
CA HIS H 33 -29.91 49.29 -1.24
C HIS H 33 -30.35 50.72 -1.22
N TRP H 34 -31.14 51.09 -0.23
CA TRP H 34 -31.55 52.47 -0.07
C TRP H 34 -31.35 52.96 1.34
N TYR H 35 -31.12 54.25 1.46
CA TYR H 35 -30.90 54.89 2.74
C TYR H 35 -31.50 56.29 2.85
N GLN H 36 -31.79 56.67 4.09
CA GLN H 36 -32.42 57.93 4.46
C GLN H 36 -31.51 58.88 5.19
N GLN H 37 -31.32 60.07 4.63
CA GLN H 37 -30.48 61.04 5.31
C GLN H 37 -31.22 62.29 5.74
N LYS H 38 -31.27 62.50 7.04
CA LYS H 38 -31.90 63.69 7.56
C LYS H 38 -30.84 64.77 7.47
N PRO H 39 -31.16 66.02 7.13
CA PRO H 39 -30.18 67.07 7.05
C PRO H 39 -29.39 67.17 8.33
N GLY H 40 -28.07 67.23 8.21
CA GLY H 40 -27.17 67.37 9.34
C GLY H 40 -26.85 66.05 10.03
N GLN H 41 -27.48 64.98 9.58
CA GLN H 41 -27.30 63.67 10.21
C GLN H 41 -26.61 62.66 9.33
N ALA H 42 -26.03 61.65 9.95
CA ALA H 42 -25.54 60.51 9.21
C ALA H 42 -26.77 59.77 8.66
N PRO H 43 -26.71 59.17 7.48
CA PRO H 43 -27.74 58.37 6.87
C PRO H 43 -27.92 57.03 7.55
N VAL H 44 -29.10 56.44 7.34
CA VAL H 44 -29.39 55.08 7.80
C VAL H 44 -29.97 54.22 6.68
N ASN H 45 -29.65 52.95 6.65
CA ASN H 45 -30.27 52.09 5.65
C ASN H 45 -31.73 51.95 5.95
N VAL H 46 -32.56 52.04 4.92
CA VAL H 46 -33.97 51.80 5.13
C VAL H 46 -34.45 50.54 4.45
N ILE H 47 -33.68 50.04 3.49
CA ILE H 47 -33.99 48.78 2.81
C ILE H 47 -32.70 48.26 2.17
N TYR H 48 -32.47 46.94 2.21
CA TYR H 48 -31.26 46.37 1.60
C TYR H 48 -31.51 45.38 0.45
N TYR H 49 -32.75 44.97 0.29
CA TYR H 49 -33.13 44.12 -0.85
C TYR H 49 -34.57 44.34 -1.17
N ASP H 50 -35.04 43.68 -2.20
CA ASP H 50 -36.43 43.79 -2.56
C ASP H 50 -37.22 43.22 -1.40
N SER H 51 -38.05 44.08 -0.83
CA SER H 51 -38.88 43.81 0.34
C SER H 51 -38.15 43.51 1.66
N ASP H 52 -36.83 43.72 1.73
CA ASP H 52 -36.12 43.45 2.99
C ASP H 52 -35.63 44.69 3.70
N ARG H 53 -36.32 45.01 4.80
CA ARG H 53 -36.10 46.19 5.64
C ARG H 53 -35.24 45.76 6.84
N PRO H 54 -34.35 46.61 7.36
CA PRO H 54 -33.57 46.38 8.55
C PRO H 54 -34.41 46.59 9.77
N SER H 55 -33.99 46.02 10.89
CA SER H 55 -34.69 46.34 12.10
C SER H 55 -34.39 47.79 12.42
N GLY H 56 -35.29 48.41 13.16
CA GLY H 56 -35.11 49.80 13.57
C GLY H 56 -35.82 50.75 12.60
N ILE H 57 -36.21 50.25 11.44
CA ILE H 57 -36.90 51.06 10.46
C ILE H 57 -38.34 50.58 10.41
N PRO H 58 -39.33 51.48 10.50
CA PRO H 58 -40.76 51.21 10.54
C PRO H 58 -41.31 50.72 9.23
N GLU H 59 -42.49 50.13 9.35
CA GLU H 59 -43.32 49.51 8.31
C GLU H 59 -43.70 50.41 7.16
N ARG H 60 -43.49 51.71 7.31
CA ARG H 60 -43.75 52.64 6.25
C ARG H 60 -42.83 52.29 5.09
N PHE H 61 -41.64 51.78 5.42
CA PHE H 61 -40.64 51.49 4.43
C PHE H 61 -40.72 50.11 3.79
N SER H 62 -40.75 50.14 2.48
CA SER H 62 -40.80 48.98 1.62
C SER H 62 -40.18 49.42 0.31
N GLY H 63 -40.09 48.53 -0.64
CA GLY H 63 -39.50 48.86 -1.91
C GLY H 63 -39.23 47.59 -2.66
N SER H 64 -38.92 47.74 -3.93
CA SER H 64 -38.71 46.60 -4.82
C SER H 64 -37.89 46.93 -6.04
N LYS H 65 -37.48 45.92 -6.80
CA LYS H 65 -36.76 46.22 -8.03
C LYS H 65 -37.22 45.34 -9.20
N SER H 66 -37.20 45.89 -10.39
CA SER H 66 -37.56 45.15 -11.59
C SER H 66 -36.98 45.79 -12.84
N GLY H 67 -36.58 44.98 -13.81
CA GLY H 67 -36.08 45.56 -15.04
C GLY H 67 -34.85 46.40 -14.76
N ASN H 68 -34.89 47.66 -15.16
CA ASN H 68 -33.77 48.56 -14.98
C ASN H 68 -34.09 49.63 -13.92
N THR H 69 -35.14 49.42 -13.12
CA THR H 69 -35.55 50.40 -12.11
C THR H 69 -35.74 49.82 -10.72
N ALA H 70 -35.29 50.58 -9.74
CA ALA H 70 -35.50 50.25 -8.34
C ALA H 70 -36.37 51.33 -7.74
N THR H 71 -37.25 50.95 -6.83
CA THR H 71 -38.08 51.92 -6.15
C THR H 71 -38.08 51.75 -4.65
N LEU H 72 -37.94 52.86 -3.98
CA LEU H 72 -38.09 52.93 -2.55
C LEU H 72 -39.49 53.44 -2.31
N THR H 73 -40.25 52.67 -1.59
CA THR H 73 -41.62 53.04 -1.34
C THR H 73 -41.82 53.42 0.10
N ILE H 74 -42.35 54.60 0.33
CA ILE H 74 -42.60 54.96 1.71
C ILE H 74 -44.05 55.28 1.84
N SER H 75 -44.81 54.44 2.53
CA SER H 75 -46.24 54.70 2.62
C SER H 75 -46.52 55.58 3.80
N ARG H 76 -47.69 56.21 3.83
CA ARG H 76 -48.06 57.00 4.98
C ARG H 76 -46.93 57.94 5.38
N VAL H 77 -46.38 58.67 4.42
CA VAL H 77 -45.22 59.50 4.71
C VAL H 77 -45.52 60.55 5.74
N GLU H 78 -44.63 60.61 6.72
CA GLU H 78 -44.79 61.54 7.81
C GLU H 78 -43.95 62.78 7.59
N ALA H 79 -44.27 63.87 8.27
CA ALA H 79 -43.44 65.07 8.15
C ALA H 79 -42.02 64.74 8.61
N GLY H 80 -41.90 63.80 9.54
CA GLY H 80 -40.62 63.37 10.08
C GLY H 80 -39.77 62.64 9.04
N ASP H 81 -40.35 62.28 7.90
CA ASP H 81 -39.66 61.60 6.83
C ASP H 81 -39.15 62.57 5.78
N GLU H 82 -39.32 63.88 5.98
CA GLU H 82 -38.73 64.75 4.98
C GLU H 82 -37.24 64.43 5.03
N ALA H 83 -36.68 64.04 3.89
CA ALA H 83 -35.28 63.60 3.88
C ALA H 83 -34.77 63.40 2.47
N ASP H 84 -33.45 63.26 2.34
CA ASP H 84 -32.86 62.89 1.07
C ASP H 84 -32.69 61.38 1.01
N TYR H 85 -33.34 60.75 0.04
CA TYR H 85 -33.25 59.30 -0.04
C TYR H 85 -32.37 58.91 -1.19
N TYR H 86 -31.56 57.92 -0.96
CA TYR H 86 -30.60 57.52 -1.96
C TYR H 86 -30.55 56.04 -2.21
N CYS H 87 -30.14 55.64 -3.44
CA CYS H 87 -29.87 54.26 -3.84
C CYS H 87 -28.34 53.97 -3.86
N GLN H 88 -28.02 52.70 -3.63
CA GLN H 88 -26.67 52.13 -3.67
C GLN H 88 -26.56 50.75 -4.31
N VAL H 89 -25.54 50.56 -5.13
CA VAL H 89 -25.23 49.24 -5.66
C VAL H 89 -23.75 49.01 -5.54
N TRP H 90 -23.33 47.77 -5.60
CA TRP H 90 -21.92 47.52 -5.66
C TRP H 90 -21.58 47.15 -7.09
N ASP H 91 -20.54 47.75 -7.63
CA ASP H 91 -20.10 47.45 -8.97
C ASP H 91 -18.93 46.50 -8.98
N SER H 92 -19.20 45.23 -9.22
CA SER H 92 -18.20 44.17 -9.15
C SER H 92 -17.13 44.26 -10.22
N SER H 93 -17.38 45.04 -11.27
CA SER H 93 -16.38 45.12 -12.32
C SER H 93 -15.27 46.08 -11.94
N ARG H 94 -15.52 46.90 -10.93
CA ARG H 94 -14.57 47.88 -10.46
C ARG H 94 -14.26 47.58 -9.03
N ASP H 95 -15.18 46.79 -8.46
CA ASP H 95 -15.30 46.38 -7.06
C ASP H 95 -15.38 47.62 -6.18
N GLN H 96 -16.27 48.52 -6.59
CA GLN H 96 -16.49 49.79 -5.90
C GLN H 96 -17.93 50.10 -5.58
N CYS H 97 -18.14 50.91 -4.56
CA CYS H 97 -19.50 51.32 -4.24
C CYS H 97 -19.97 52.44 -5.14
N VAL H 98 -21.19 52.29 -5.64
CA VAL H 98 -21.78 53.30 -6.49
C VAL H 98 -23.01 53.88 -5.81
N PHE H 99 -23.04 55.19 -5.70
CA PHE H 99 -24.18 55.87 -5.09
C PHE H 99 -24.95 56.65 -6.13
N GLY H 100 -26.25 56.79 -5.92
CA GLY H 100 -27.08 57.59 -6.80
C GLY H 100 -27.02 59.06 -6.43
N ILE H 101 -27.79 59.85 -7.15
CA ILE H 101 -27.85 61.29 -6.97
C ILE H 101 -28.44 61.73 -5.66
N GLY H 102 -29.56 61.12 -5.29
CA GLY H 102 -30.30 61.45 -4.10
C GLY H 102 -31.55 62.22 -4.46
N THR H 103 -32.68 61.81 -3.90
CA THR H 103 -33.96 62.42 -4.17
C THR H 103 -34.49 63.12 -2.95
N LYS H 104 -34.77 64.40 -3.06
CA LYS H 104 -35.37 65.06 -1.93
C LYS H 104 -36.83 64.74 -1.85
N VAL H 105 -37.29 64.27 -0.71
CA VAL H 105 -38.70 64.00 -0.55
C VAL H 105 -39.31 65.05 0.32
N THR H 106 -40.22 65.80 -0.28
CA THR H 106 -40.95 66.88 0.35
C THR H 106 -42.24 66.35 0.91
N VAL H 107 -42.55 66.73 2.14
CA VAL H 107 -43.82 66.30 2.72
C VAL H 107 -44.61 67.59 2.99
N LEU H 108 -45.78 67.75 2.34
CA LEU H 108 -46.60 68.97 2.37
C LEU H 108 -47.32 69.09 3.71
N VAL I 2 -12.39 -11.78 32.71
CA VAL I 2 -11.20 -11.39 33.45
C VAL I 2 -11.15 -12.12 34.79
N GLN I 3 -9.92 -12.54 35.17
CA GLN I 3 -9.59 -13.24 36.41
C GLN I 3 -8.39 -12.59 37.05
N LEU I 4 -8.32 -12.72 38.36
CA LEU I 4 -7.17 -12.23 39.07
C LEU I 4 -7.00 -13.19 40.24
N LEU I 5 -5.83 -13.79 40.38
CA LEU I 5 -5.67 -14.81 41.39
C LEU I 5 -4.53 -14.64 42.39
N GLU I 6 -4.88 -14.62 43.67
CA GLU I 6 -3.89 -14.52 44.73
C GLU I 6 -3.28 -15.88 45.01
N SER I 7 -2.10 -15.85 45.58
CA SER I 7 -1.46 -17.06 46.08
C SER I 7 -2.28 -17.51 47.26
N GLY I 8 -1.97 -18.69 47.80
CA GLY I 8 -2.77 -19.17 48.92
C GLY I 8 -2.41 -18.50 50.22
N ALA I 9 -3.05 -18.98 51.29
CA ALA I 9 -2.89 -18.47 52.65
C ALA I 9 -1.56 -18.85 53.23
N GLU I 10 -1.12 -18.07 54.22
CA GLU I 10 0.16 -18.29 54.89
C GLU I 10 0.11 -17.97 56.38
N VAL I 11 0.99 -18.62 57.15
CA VAL I 11 1.11 -18.33 58.58
C VAL I 11 2.54 -17.99 58.99
N LYS I 12 2.69 -16.85 59.66
CA LYS I 12 3.97 -16.34 60.11
C LYS I 12 4.01 -15.99 61.58
N LYS I 13 5.21 -15.94 62.12
CA LYS I 13 5.38 -15.51 63.49
C LYS I 13 5.57 -14.01 63.49
N PRO I 14 5.32 -13.29 64.58
CA PRO I 14 5.63 -11.89 64.69
C PRO I 14 7.12 -11.66 64.40
N GLY I 15 7.43 -10.53 63.76
CA GLY I 15 8.79 -10.16 63.39
C GLY I 15 9.17 -10.85 62.08
N ALA I 16 8.16 -11.23 61.31
CA ALA I 16 8.37 -11.98 60.07
C ALA I 16 8.06 -11.19 58.82
N SER I 17 8.20 -11.85 57.68
CA SER I 17 7.86 -11.24 56.41
C SER I 17 7.15 -12.25 55.52
N VAL I 18 6.27 -11.74 54.65
CA VAL I 18 5.50 -12.57 53.73
C VAL I 18 5.53 -12.06 52.30
N ARG I 19 5.50 -12.97 51.35
CA ARG I 19 5.45 -12.65 49.93
C ARG I 19 4.20 -13.20 49.28
N VAL I 20 3.29 -12.31 48.91
CA VAL I 20 2.04 -12.73 48.32
C VAL I 20 1.94 -12.36 46.85
N SER I 21 1.82 -13.35 45.99
CA SER I 21 1.70 -13.05 44.57
C SER I 21 0.23 -12.87 44.20
N CYS I 22 0.00 -12.25 43.03
CA CYS I 22 -1.29 -12.04 42.38
C CYS I 22 -1.13 -12.03 40.84
N GLU I 23 -1.71 -13.04 40.21
CA GLU I 23 -1.59 -13.24 38.77
C GLU I 23 -2.77 -12.70 38.00
N ALA I 24 -2.50 -11.96 36.93
CA ALA I 24 -3.55 -11.40 36.10
C ALA I 24 -3.87 -12.24 34.89
N SER I 25 -5.13 -12.21 34.46
CA SER I 25 -5.49 -12.86 33.21
C SER I 25 -6.69 -12.24 32.51
N GLY I 26 -6.64 -12.25 31.18
CA GLY I 26 -7.77 -11.82 30.35
C GLY I 26 -7.79 -10.35 29.93
N TYR I 27 -6.77 -9.60 30.29
CA TYR I 27 -6.73 -8.20 29.92
C TYR I 27 -5.28 -7.79 29.84
N THR I 28 -4.99 -6.68 29.20
CA THR I 28 -3.61 -6.25 29.17
C THR I 28 -3.18 -5.78 30.54
N PHE I 29 -2.14 -6.38 31.08
CA PHE I 29 -1.70 -6.06 32.42
C PHE I 29 -1.42 -4.59 32.59
N THR I 30 -0.71 -4.04 31.63
CA THR I 30 -0.22 -2.67 31.66
C THR I 30 -1.27 -1.63 31.39
N LYS I 31 -2.49 -2.05 31.15
CA LYS I 31 -3.53 -1.10 30.91
C LYS I 31 -4.16 -0.57 32.20
N TYR I 32 -4.03 -1.32 33.31
CA TYR I 32 -4.72 -0.91 34.54
C TYR I 32 -3.83 -0.86 35.76
N PHE I 33 -4.18 -0.03 36.71
CA PHE I 33 -3.48 0.03 37.99
C PHE I 33 -3.89 -1.15 38.82
N ILE I 34 -3.05 -1.58 39.74
CA ILE I 34 -3.48 -2.63 40.66
C ILE I 34 -3.42 -2.18 42.09
N HIS I 35 -4.52 -2.34 42.81
CA HIS I 35 -4.59 -1.94 44.21
C HIS I 35 -4.58 -3.12 45.12
N TRP I 36 -4.03 -2.91 46.31
CA TRP I 36 -4.08 -3.87 47.38
C TRP I 36 -4.84 -3.30 48.55
N VAL I 37 -5.72 -4.12 49.08
CA VAL I 37 -6.60 -3.83 50.19
C VAL I 37 -6.62 -4.99 51.16
N ARG I 38 -6.71 -4.74 52.45
CA ARG I 38 -6.83 -5.89 53.34
C ARG I 38 -8.09 -5.81 54.16
N GLN I 39 -8.65 -6.97 54.42
CA GLN I 39 -9.83 -7.04 55.25
C GLN I 39 -9.47 -7.56 56.60
N ALA I 40 -9.56 -6.69 57.58
CA ALA I 40 -9.15 -7.11 58.90
C ALA I 40 -10.40 -7.43 59.67
N PRO I 41 -10.46 -8.52 60.43
CA PRO I 41 -11.63 -8.86 61.19
C PRO I 41 -11.98 -7.71 62.09
N GLY I 42 -13.24 -7.32 62.08
CA GLY I 42 -13.72 -6.25 62.94
C GLY I 42 -13.48 -4.84 62.41
N HIS I 43 -12.80 -4.70 61.26
CA HIS I 43 -12.51 -3.35 60.80
C HIS I 43 -12.96 -3.00 59.39
N GLY I 44 -13.62 -3.90 58.69
CA GLY I 44 -13.96 -3.59 57.31
C GLY I 44 -12.68 -3.62 56.48
N LEU I 45 -12.64 -2.78 55.45
CA LEU I 45 -11.51 -2.80 54.56
C LEU I 45 -10.56 -1.62 54.72
N GLU I 46 -9.29 -1.92 54.62
CA GLU I 46 -8.24 -0.93 54.65
C GLU I 46 -7.44 -0.90 53.36
N TRP I 47 -7.39 0.25 52.72
CA TRP I 47 -6.59 0.34 51.52
C TRP I 47 -5.15 0.39 51.90
N ILE I 48 -4.32 -0.33 51.18
CA ILE I 48 -2.91 -0.34 51.47
C ILE I 48 -2.07 0.43 50.50
N GLY I 49 -2.27 0.16 49.23
CA GLY I 49 -1.38 0.74 48.24
C GLY I 49 -1.68 0.30 46.84
N TRP I 50 -0.86 0.76 45.91
CA TRP I 50 -0.99 0.38 44.52
C TRP I 50 0.27 0.47 43.74
N ILE I 51 0.23 -0.21 42.58
CA ILE I 51 1.29 -0.08 41.62
C ILE I 51 0.73 0.38 40.32
N ASN I 52 1.59 0.97 39.53
CA ASN I 52 1.25 1.44 38.21
C ASN I 52 1.08 0.35 37.18
N THR I 53 1.87 -0.71 37.33
CA THR I 53 2.02 -1.90 36.47
C THR I 53 2.80 -1.66 35.20
N LEU I 54 2.93 -0.42 34.74
CA LEU I 54 3.73 -0.19 33.58
C LEU I 54 5.06 0.38 33.96
N THR I 55 5.05 1.28 34.93
CA THR I 55 6.25 1.94 35.37
C THR I 55 6.60 1.54 36.78
N SER I 56 5.79 0.71 37.38
CA SER I 56 5.97 0.32 38.78
C SER I 56 6.09 1.51 39.69
N GLY I 57 5.26 2.53 39.42
CA GLY I 57 5.21 3.67 40.28
C GLY I 57 4.40 3.13 41.41
N VAL I 58 4.56 3.68 42.59
CA VAL I 58 3.80 3.18 43.70
C VAL I 58 3.19 4.25 44.54
N ASN I 59 2.25 3.82 45.35
CA ASN I 59 1.71 4.66 46.39
C ASN I 59 1.40 3.79 47.59
N TYR I 60 1.88 4.20 48.76
CA TYR I 60 1.60 3.41 49.94
C TYR I 60 0.99 4.24 51.03
N ALA I 61 0.09 3.63 51.79
CA ALA I 61 -0.46 4.27 52.96
C ALA I 61 0.65 4.49 53.96
N ARG I 62 0.52 5.51 54.78
CA ARG I 62 1.55 5.92 55.72
C ARG I 62 2.02 4.83 56.64
N ASN I 63 1.11 3.98 57.08
CA ASN I 63 1.49 2.95 58.04
C ASN I 63 2.19 1.77 57.42
N PHE I 64 2.41 1.82 56.12
CA PHE I 64 3.13 0.83 55.40
C PHE I 64 4.45 1.37 54.86
N GLN I 65 4.74 2.64 55.08
CA GLN I 65 5.95 3.11 54.47
C GLN I 65 7.11 2.57 55.26
N GLY I 66 8.07 2.02 54.54
CA GLY I 66 9.26 1.44 55.16
C GLY I 66 9.10 -0.06 55.42
N ARG I 67 7.88 -0.59 55.31
CA ARG I 67 7.70 -2.00 55.54
C ARG I 67 7.12 -2.71 54.33
N LEU I 68 6.42 -1.98 53.48
CA LEU I 68 5.80 -2.58 52.32
C LEU I 68 6.41 -2.23 50.99
N THR I 69 6.68 -3.23 50.19
CA THR I 69 7.13 -3.06 48.84
C THR I 69 6.19 -3.76 47.86
N LEU I 70 5.81 -3.05 46.81
CA LEU I 70 4.98 -3.66 45.80
C LEU I 70 5.73 -3.63 44.50
N THR I 71 5.83 -4.79 43.87
CA THR I 71 6.57 -4.86 42.62
C THR I 71 5.85 -5.67 41.55
N ARG I 72 6.38 -5.67 40.34
CA ARG I 72 5.75 -6.45 39.27
C ARG I 72 6.72 -7.03 38.30
N ASP I 73 6.28 -8.07 37.61
CA ASP I 73 7.03 -8.70 36.54
C ASP I 73 6.16 -8.75 35.29
N LEU I 74 6.52 -7.95 34.32
CA LEU I 74 5.72 -7.81 33.14
C LEU I 74 5.62 -9.10 32.36
N SER I 75 6.66 -9.91 32.38
CA SER I 75 6.66 -11.10 31.54
C SER I 75 5.69 -12.17 31.98
N THR I 76 5.19 -12.06 33.19
CA THR I 76 4.26 -13.03 33.72
C THR I 76 2.96 -12.36 34.10
N GLU I 77 2.85 -11.05 33.81
CA GLU I 77 1.69 -10.26 34.19
C GLU I 77 1.31 -10.52 35.65
N THR I 78 2.33 -10.46 36.51
CA THR I 78 2.14 -10.73 37.94
C THR I 78 2.65 -9.63 38.84
N VAL I 79 1.90 -9.39 39.89
CA VAL I 79 2.23 -8.40 40.90
C VAL I 79 2.44 -9.04 42.25
N TYR I 80 3.42 -8.53 42.98
CA TYR I 80 3.72 -9.07 44.27
C TYR I 80 3.71 -8.10 45.41
N MET I 81 3.25 -8.59 46.55
CA MET I 81 3.31 -7.89 47.79
C MET I 81 4.33 -8.44 48.74
N ASP I 82 5.33 -7.62 49.05
CA ASP I 82 6.39 -8.01 49.96
C ASP I 82 6.24 -7.20 51.24
N LEU I 83 5.79 -7.85 52.30
CA LEU I 83 5.55 -7.11 53.53
C LEU I 83 6.38 -7.64 54.68
N ARG I 84 7.12 -6.75 55.34
CA ARG I 84 7.97 -7.12 56.46
C ARG I 84 7.51 -6.56 57.79
N ASN I 85 8.19 -6.99 58.86
CA ASN I 85 7.93 -6.61 60.23
C ASN I 85 6.49 -6.90 60.61
N LEU I 86 6.05 -8.09 60.22
CA LEU I 86 4.71 -8.54 60.48
C LEU I 86 4.44 -8.70 61.94
N LYS I 87 3.27 -8.21 62.34
CA LYS I 87 2.74 -8.23 63.69
C LYS I 87 1.45 -9.03 63.71
N SER I 88 1.00 -9.46 64.88
CA SER I 88 -0.27 -10.18 64.96
C SER I 88 -1.45 -9.30 64.54
N ASP I 89 -1.25 -7.99 64.59
CA ASP I 89 -2.22 -6.98 64.23
C ASP I 89 -2.45 -6.96 62.73
N ASP I 90 -1.57 -7.59 61.97
CA ASP I 90 -1.66 -7.59 60.54
C ASP I 90 -2.42 -8.79 60.03
N THR I 91 -3.01 -9.59 60.92
CA THR I 91 -3.78 -10.69 60.37
C THR I 91 -4.94 -10.09 59.62
N ALA I 92 -5.06 -10.46 58.36
CA ALA I 92 -6.10 -9.94 57.49
C ALA I 92 -6.14 -10.73 56.21
N VAL I 93 -7.20 -10.58 55.44
CA VAL I 93 -7.19 -11.17 54.13
C VAL I 93 -6.74 -10.14 53.13
N TYR I 94 -5.69 -10.43 52.42
CA TYR I 94 -5.11 -9.49 51.51
C TYR I 94 -5.60 -9.73 50.11
N TYR I 95 -6.20 -8.72 49.53
CA TYR I 95 -6.76 -8.79 48.22
C TYR I 95 -6.10 -7.82 47.24
N CYS I 96 -6.03 -8.22 45.97
CA CYS I 96 -5.64 -7.42 44.83
C CYS I 96 -6.86 -7.20 43.91
N ALA I 97 -6.91 -6.04 43.24
CA ALA I 97 -7.97 -5.76 42.23
C ALA I 97 -7.54 -4.71 41.21
N ARG I 98 -8.12 -4.73 40.00
CA ARG I 98 -7.79 -3.70 39.02
C ARG I 98 -8.40 -2.37 39.35
N GLY I 99 -7.57 -1.37 39.40
CA GLY I 99 -8.01 -0.04 39.67
C GLY I 99 -8.61 0.59 38.47
N GLY I 100 -9.65 1.34 38.73
CA GLY I 100 -10.28 2.18 37.75
C GLY I 100 -10.62 1.57 36.40
N ARG I 101 -10.23 2.31 35.40
CA ARG I 101 -10.48 2.05 34.02
C ARG I 101 -9.16 2.07 33.33
N GLY I 102 -9.15 2.34 32.05
CA GLY I 102 -7.85 2.29 31.44
C GLY I 102 -7.04 3.42 32.02
N TYR I 103 -5.74 3.24 32.02
CA TYR I 103 -4.83 4.22 32.52
C TYR I 103 -5.12 5.61 31.96
N ASP I 104 -5.40 5.69 30.67
CA ASP I 104 -5.64 6.96 30.03
C ASP I 104 -7.10 7.45 30.17
N GLU I 105 -7.43 7.84 31.38
CA GLU I 105 -8.75 8.35 31.77
C GLU I 105 -8.52 9.26 32.99
N PRO I 106 -9.12 10.46 33.08
CA PRO I 106 -8.93 11.40 34.19
C PRO I 106 -9.01 10.79 35.59
N TRP I 107 -9.92 9.87 35.84
CA TRP I 107 -10.01 9.19 37.12
C TRP I 107 -9.75 7.72 37.01
N GLY I 108 -8.95 7.34 36.02
CA GLY I 108 -8.67 5.97 35.68
C GLY I 108 -8.02 5.10 36.73
N ALA I 109 -7.52 5.66 37.81
CA ALA I 109 -6.95 4.80 38.86
C ALA I 109 -8.00 4.42 39.92
N TYR I 110 -9.20 5.00 39.84
CA TYR I 110 -10.18 4.84 40.90
C TYR I 110 -11.58 4.46 40.44
N THR I 111 -12.41 4.00 41.40
CA THR I 111 -13.85 3.65 41.28
C THR I 111 -14.22 2.28 40.72
N TRP I 112 -13.25 1.42 40.45
CA TRP I 112 -13.59 0.11 39.92
C TRP I 112 -13.25 -1.03 40.81
N LEU I 113 -12.05 -1.59 40.72
CA LEU I 113 -11.72 -2.74 41.51
C LEU I 113 -12.68 -3.86 41.15
N ASP I 114 -13.04 -4.00 39.88
CA ASP I 114 -13.95 -5.08 39.55
C ASP I 114 -13.44 -6.49 39.86
N PRO I 115 -12.29 -6.94 39.33
CA PRO I 115 -11.83 -8.28 39.47
C PRO I 115 -11.15 -8.51 40.76
N TRP I 116 -11.85 -8.48 41.85
CA TRP I 116 -11.14 -8.73 43.08
C TRP I 116 -10.73 -10.18 43.04
N GLY I 117 -9.54 -10.48 43.53
CA GLY I 117 -9.12 -11.85 43.58
C GLY I 117 -9.82 -12.50 44.76
N GLN I 118 -9.54 -13.77 45.03
CA GLN I 118 -10.28 -14.45 46.08
C GLN I 118 -9.85 -14.01 47.47
N GLY I 119 -8.66 -13.46 47.59
CA GLY I 119 -8.15 -13.00 48.86
C GLY I 119 -7.29 -14.03 49.56
N SER I 120 -6.10 -13.62 49.97
CA SER I 120 -5.25 -14.55 50.69
C SER I 120 -5.11 -14.21 52.15
N LEU I 121 -5.51 -15.15 52.99
CA LEU I 121 -5.39 -14.90 54.40
C LEU I 121 -3.98 -15.04 54.88
N VAL I 122 -3.53 -14.02 55.58
CA VAL I 122 -2.24 -14.10 56.19
C VAL I 122 -2.46 -13.96 57.67
N THR I 123 -1.98 -14.94 58.40
CA THR I 123 -2.11 -14.96 59.84
C THR I 123 -0.78 -14.83 60.47
N VAL I 124 -0.71 -13.94 61.44
CA VAL I 124 0.53 -13.75 62.15
C VAL I 124 0.22 -14.07 63.61
N SER I 125 0.94 -15.02 64.17
CA SER I 125 0.67 -15.45 65.53
C SER I 125 1.86 -16.14 66.20
N SER I 126 2.04 -15.95 67.53
CA SER I 126 3.08 -16.58 68.34
C SER I 126 2.63 -17.98 68.78
N SER J 3 -14.42 3.39 57.80
CA SER J 3 -13.32 4.23 58.23
C SER J 3 -13.64 5.72 57.98
N TYR J 4 -13.09 6.61 58.87
CA TYR J 4 -13.23 8.08 58.81
C TYR J 4 -14.68 8.52 58.76
N GLU J 5 -15.06 9.24 57.72
CA GLU J 5 -16.39 9.75 57.55
C GLU J 5 -17.42 8.74 57.11
N LEU J 6 -17.02 7.54 56.69
CA LEU J 6 -18.00 6.62 56.15
C LEU J 6 -18.67 5.83 57.26
N THR J 7 -19.49 6.55 57.99
CA THR J 7 -20.16 6.12 59.18
C THR J 7 -21.41 5.31 58.91
N GLN J 8 -21.19 4.11 58.42
CA GLN J 8 -22.27 3.21 58.11
C GLN J 8 -22.86 2.64 59.41
N PRO J 9 -24.16 2.31 59.45
CA PRO J 9 -24.81 1.65 60.55
C PRO J 9 -24.28 0.26 60.59
N ALA J 10 -24.26 -0.36 61.75
CA ALA J 10 -23.76 -1.72 61.82
C ALA J 10 -24.60 -2.69 61.01
N SER J 11 -25.92 -2.50 61.01
CA SER J 11 -26.80 -3.40 60.31
C SER J 11 -28.15 -2.81 59.95
N VAL J 12 -28.76 -3.44 58.97
CA VAL J 12 -30.12 -3.19 58.51
C VAL J 12 -30.84 -4.52 58.29
N SER J 13 -32.15 -4.46 58.21
CA SER J 13 -32.92 -5.65 57.90
C SER J 13 -34.26 -5.25 57.33
N GLY J 14 -34.96 -6.24 56.82
CA GLY J 14 -36.31 -6.06 56.32
C GLY J 14 -36.83 -7.35 55.76
N SER J 15 -38.14 -7.39 55.50
CA SER J 15 -38.78 -8.56 54.96
C SER J 15 -38.52 -8.66 53.48
N PRO J 16 -38.66 -9.84 52.86
CA PRO J 16 -38.59 -9.97 51.43
C PRO J 16 -39.65 -9.07 50.82
N GLY J 17 -39.26 -8.35 49.79
CA GLY J 17 -40.11 -7.44 49.07
C GLY J 17 -40.05 -6.02 49.62
N GLN J 18 -39.45 -5.86 50.78
CA GLN J 18 -39.33 -4.57 51.42
C GLN J 18 -38.30 -3.72 50.75
N SER J 19 -38.55 -2.44 50.60
CA SER J 19 -37.52 -1.58 50.08
C SER J 19 -36.76 -1.02 51.26
N ILE J 20 -35.45 -1.12 51.23
CA ILE J 20 -34.62 -0.63 52.34
C ILE J 20 -33.49 0.30 51.92
N THR J 21 -32.97 1.08 52.87
CA THR J 21 -31.82 1.93 52.55
C THR J 21 -30.65 1.74 53.50
N ILE J 22 -29.47 1.65 52.91
CA ILE J 22 -28.17 1.54 53.55
C ILE J 22 -27.40 2.81 53.27
N SER J 23 -26.86 3.45 54.29
CA SER J 23 -26.16 4.71 54.00
C SER J 23 -24.96 4.93 54.92
N CYS J 24 -24.03 5.83 54.51
CA CYS J 24 -22.84 6.23 55.26
C CYS J 24 -22.81 7.73 55.39
N THR J 25 -23.40 8.37 54.41
CA THR J 25 -23.46 9.81 54.31
C THR J 25 -22.21 10.49 54.85
N GLY J 26 -21.03 10.12 54.34
CA GLY J 26 -19.81 10.72 54.84
C GLY J 26 -19.72 12.16 54.34
N SER J 27 -19.03 13.03 55.05
CA SER J 27 -18.95 14.40 54.59
C SER J 27 -17.91 14.67 53.51
N SER J 28 -16.89 13.84 53.41
CA SER J 28 -15.85 14.09 52.44
C SER J 28 -16.22 13.52 51.10
N ILE J 29 -17.29 14.04 50.55
CA ILE J 29 -17.76 13.60 49.28
C ILE J 29 -17.41 14.58 48.21
N GLY J 30 -17.70 15.85 48.46
CA GLY J 30 -17.58 16.92 47.47
C GLY J 30 -16.24 17.10 46.79
N SER J 31 -15.13 16.78 47.46
CA SER J 31 -13.81 16.96 46.84
C SER J 31 -13.51 15.93 45.76
N TYR J 32 -14.29 14.85 45.72
CA TYR J 32 -14.13 13.78 44.77
C TYR J 32 -15.38 13.75 43.97
N ASP J 33 -16.41 14.15 44.69
CA ASP J 33 -17.80 14.17 44.31
C ASP J 33 -18.27 12.80 43.86
N LEU J 34 -17.84 11.77 44.57
CA LEU J 34 -18.22 10.43 44.17
C LEU J 34 -18.19 9.37 45.27
N VAL J 35 -19.29 8.66 45.46
CA VAL J 35 -19.27 7.53 46.38
C VAL J 35 -19.81 6.33 45.65
N SER J 36 -19.02 5.30 45.53
CA SER J 36 -19.45 4.09 44.81
C SER J 36 -19.84 3.04 45.85
N TRP J 37 -20.49 1.96 45.40
CA TRP J 37 -20.87 0.92 46.37
C TRP J 37 -20.43 -0.48 46.02
N TYR J 38 -20.08 -1.19 47.07
CA TYR J 38 -19.67 -2.58 47.02
C TYR J 38 -20.53 -3.49 47.88
N GLN J 39 -20.61 -4.73 47.46
CA GLN J 39 -21.33 -5.81 48.15
C GLN J 39 -20.47 -7.02 48.35
N GLN J 40 -20.54 -7.63 49.53
CA GLN J 40 -19.75 -8.82 49.77
C GLN J 40 -20.49 -9.94 50.48
N TYR J 41 -20.30 -11.15 50.00
CA TYR J 41 -20.91 -12.30 50.61
C TYR J 41 -19.89 -12.95 51.51
N PRO J 42 -20.27 -13.56 52.62
CA PRO J 42 -19.35 -14.25 53.49
C PRO J 42 -18.53 -15.26 52.73
N GLY J 43 -17.24 -15.26 52.94
CA GLY J 43 -16.33 -16.18 52.29
C GLY J 43 -15.93 -15.77 50.87
N LYS J 44 -16.43 -14.62 50.42
CA LYS J 44 -16.18 -14.16 49.07
C LYS J 44 -15.51 -12.81 49.01
N ALA J 45 -14.92 -12.52 47.86
CA ALA J 45 -14.36 -11.22 47.57
C ALA J 45 -15.53 -10.27 47.35
N PRO J 46 -15.40 -8.97 47.64
CA PRO J 46 -16.40 -7.95 47.40
C PRO J 46 -16.53 -7.65 45.91
N LYS J 47 -17.67 -7.13 45.48
CA LYS J 47 -17.88 -6.72 44.09
C LYS J 47 -18.53 -5.36 43.98
N VAL J 48 -18.34 -4.69 42.86
CA VAL J 48 -19.00 -3.41 42.65
C VAL J 48 -20.44 -3.59 42.25
N ILE J 49 -21.32 -2.89 42.94
CA ILE J 49 -22.72 -2.88 42.59
C ILE J 49 -23.08 -1.55 41.91
N ILE J 50 -22.46 -0.48 42.39
CA ILE J 50 -22.67 0.84 41.84
C ILE J 50 -21.41 1.56 41.46
N PHE J 51 -21.35 2.04 40.24
CA PHE J 51 -20.25 2.83 39.75
C PHE J 51 -20.48 4.28 39.94
N GLU J 52 -19.40 4.97 40.19
CA GLU J 52 -19.45 6.40 40.32
C GLU J 52 -20.60 6.66 41.22
N VAL J 53 -21.51 7.50 40.78
CA VAL J 53 -22.69 7.70 41.55
C VAL J 53 -23.87 7.18 40.78
N SER J 54 -24.43 6.15 41.35
CA SER J 54 -25.59 5.43 40.87
C SER J 54 -25.56 4.85 39.45
N LYS J 55 -24.40 4.46 38.92
CA LYS J 55 -24.40 3.82 37.62
C LYS J 55 -24.35 2.31 37.78
N ARG J 56 -25.38 1.66 37.32
CA ARG J 56 -25.48 0.22 37.49
C ARG J 56 -24.84 -0.54 36.34
N PRO J 57 -23.78 -1.32 36.55
CA PRO J 57 -23.08 -2.08 35.54
C PRO J 57 -23.85 -3.31 35.16
N SER J 58 -23.48 -3.89 34.04
CA SER J 58 -24.11 -5.12 33.64
C SER J 58 -23.86 -6.18 34.70
N GLY J 59 -24.89 -6.97 34.95
CA GLY J 59 -24.82 -8.05 35.92
C GLY J 59 -25.44 -7.65 37.26
N VAL J 60 -25.69 -6.36 37.44
CA VAL J 60 -26.28 -5.89 38.67
C VAL J 60 -27.76 -5.60 38.49
N SER J 61 -28.54 -6.12 39.43
CA SER J 61 -29.98 -5.97 39.47
C SER J 61 -30.42 -4.55 39.67
N HIS J 62 -31.55 -4.21 39.06
CA HIS J 62 -32.18 -2.91 39.09
C HIS J 62 -32.71 -2.53 40.45
N ARG J 63 -32.70 -3.52 41.34
CA ARG J 63 -33.11 -3.32 42.70
C ARG J 63 -32.14 -2.34 43.37
N PHE J 64 -30.89 -2.30 42.89
CA PHE J 64 -29.86 -1.51 43.51
C PHE J 64 -29.65 -0.17 42.83
N SER J 65 -30.02 0.89 43.52
CA SER J 65 -29.90 2.24 42.99
C SER J 65 -29.52 3.20 44.10
N GLY J 66 -28.46 3.96 43.93
CA GLY J 66 -28.02 4.83 45.00
C GLY J 66 -28.44 6.28 44.85
N SER J 67 -27.90 7.10 45.75
CA SER J 67 -28.15 8.52 45.80
C SER J 67 -27.02 9.27 46.45
N LYS J 68 -26.73 10.45 45.92
CA LYS J 68 -25.72 11.32 46.48
C LYS J 68 -26.23 12.76 46.45
N SER J 69 -26.09 13.43 47.58
CA SER J 69 -26.51 14.82 47.69
C SER J 69 -25.95 15.55 48.89
N GLY J 70 -25.14 16.56 48.70
CA GLY J 70 -24.56 17.17 49.88
C GLY J 70 -23.72 16.10 50.52
N ASN J 71 -23.98 15.79 51.79
CA ASN J 71 -23.21 14.77 52.47
C ASN J 71 -23.90 13.43 52.40
N THR J 72 -24.98 13.35 51.63
CA THR J 72 -25.73 12.12 51.48
C THR J 72 -24.98 11.16 50.60
N ALA J 73 -24.92 9.93 51.04
CA ALA J 73 -24.35 8.83 50.33
C ALA J 73 -25.10 7.61 50.78
N ALA J 74 -25.95 7.12 49.88
CA ALA J 74 -26.83 6.02 50.20
C ALA J 74 -27.12 5.08 49.04
N LEU J 75 -27.46 3.86 49.41
CA LEU J 75 -27.88 2.77 48.57
C LEU J 75 -29.28 2.31 48.88
N THR J 76 -30.16 2.30 47.89
CA THR J 76 -31.49 1.78 48.15
C THR J 76 -31.65 0.47 47.42
N ILE J 77 -32.15 -0.52 48.14
CA ILE J 77 -32.43 -1.81 47.55
C ILE J 77 -33.93 -2.02 47.54
N SER J 78 -34.51 -1.92 46.37
CA SER J 78 -35.95 -2.01 46.26
C SER J 78 -36.36 -3.45 46.14
N GLY J 79 -37.49 -3.83 46.71
CA GLY J 79 -37.90 -5.21 46.43
C GLY J 79 -36.93 -6.24 46.99
N LEU J 80 -36.45 -6.03 48.21
CA LEU J 80 -35.42 -6.87 48.83
C LEU J 80 -35.60 -8.36 48.70
N GLN J 81 -34.54 -9.03 48.25
CA GLN J 81 -34.56 -10.47 48.11
C GLN J 81 -33.72 -11.12 49.18
N VAL J 82 -33.99 -12.39 49.45
CA VAL J 82 -33.20 -13.14 50.41
C VAL J 82 -31.76 -13.22 49.95
N GLU J 83 -31.59 -13.35 48.66
CA GLU J 83 -30.30 -13.45 48.01
C GLU J 83 -29.46 -12.18 48.16
N ASP J 84 -30.04 -11.07 48.62
CA ASP J 84 -29.32 -9.82 48.79
C ASP J 84 -28.64 -9.76 50.15
N GLU J 85 -28.81 -10.80 51.00
CA GLU J 85 -28.13 -10.76 52.29
C GLU J 85 -26.64 -10.61 52.03
N ALA J 86 -26.02 -9.59 52.61
CA ALA J 86 -24.60 -9.30 52.37
C ALA J 86 -24.11 -8.17 53.25
N ILE J 87 -22.81 -7.96 53.26
CA ILE J 87 -22.26 -6.77 53.90
C ILE J 87 -22.10 -5.73 52.79
N TYR J 88 -22.56 -4.52 53.03
CA TYR J 88 -22.45 -3.46 52.02
C TYR J 88 -21.51 -2.38 52.45
N HIS J 89 -20.79 -1.80 51.49
CA HIS J 89 -19.80 -0.78 51.80
C HIS J 89 -19.81 0.45 50.90
N CYS J 90 -19.56 1.64 51.49
CA CYS J 90 -19.30 2.90 50.78
C CYS J 90 -17.82 2.96 50.40
N TYR J 91 -17.58 3.49 49.21
CA TYR J 91 -16.25 3.75 48.71
C TYR J 91 -16.08 5.21 48.39
N SER J 92 -15.08 5.83 48.95
CA SER J 92 -14.87 7.25 48.72
C SER J 92 -13.40 7.52 48.58
N TYR J 93 -13.08 8.77 48.37
CA TYR J 93 -11.71 9.16 48.18
C TYR J 93 -11.45 10.53 48.72
N ASP J 94 -10.35 10.67 49.40
CA ASP J 94 -9.91 11.95 49.93
C ASP J 94 -8.41 11.94 49.82
N ASP J 95 -7.96 11.97 48.56
CA ASP J 95 -6.57 11.82 48.14
C ASP J 95 -6.04 10.42 48.44
N MET J 96 -6.92 9.54 48.84
CA MET J 96 -6.64 8.15 49.17
C MET J 96 -7.96 7.40 49.22
N ILE J 97 -7.95 6.11 48.93
CA ILE J 97 -9.18 5.34 49.05
C ILE J 97 -9.57 5.02 50.47
N ILE J 98 -10.81 5.33 50.78
CA ILE J 98 -11.37 5.05 52.09
C ILE J 98 -12.57 4.14 51.94
N PHE J 99 -12.60 3.06 52.70
CA PHE J 99 -13.76 2.18 52.66
C PHE J 99 -14.50 2.30 53.96
N GLY J 100 -15.81 2.17 53.90
CA GLY J 100 -16.61 2.18 55.11
C GLY J 100 -16.49 0.86 55.84
N GLY J 101 -16.82 0.88 57.13
CA GLY J 101 -16.77 -0.34 57.96
C GLY J 101 -17.70 -1.41 57.42
N GLY J 102 -18.82 -0.94 56.86
CA GLY J 102 -19.82 -1.80 56.25
C GLY J 102 -21.08 -1.94 57.08
N THR J 103 -22.19 -2.19 56.39
CA THR J 103 -23.49 -2.40 57.01
C THR J 103 -23.96 -3.78 56.72
N ARG J 104 -24.32 -4.52 57.75
CA ARG J 104 -24.74 -5.87 57.52
C ARG J 104 -26.22 -5.98 57.27
N LEU J 105 -26.57 -6.44 56.09
CA LEU J 105 -27.94 -6.62 55.69
C LEU J 105 -28.41 -8.03 55.77
N THR J 106 -29.45 -8.26 56.55
CA THR J 106 -30.04 -9.57 56.64
C THR J 106 -31.46 -9.51 56.12
N VAL J 107 -32.03 -10.64 55.78
CA VAL J 107 -33.37 -10.62 55.23
C VAL J 107 -34.27 -11.50 56.11
N LEU J 108 -35.39 -10.94 56.58
CA LEU J 108 -36.34 -11.53 57.51
C LEU J 108 -37.26 -12.48 56.76
N VAL K 2 -45.87 -8.09 -31.66
CA VAL K 2 -45.69 -6.62 -31.61
C VAL K 2 -46.99 -5.79 -31.56
N GLN K 3 -48.16 -6.45 -31.58
CA GLN K 3 -49.50 -5.84 -31.60
C GLN K 3 -49.96 -5.39 -30.23
N LEU K 4 -50.66 -4.28 -30.21
CA LEU K 4 -51.16 -3.74 -28.96
C LEU K 4 -52.66 -3.80 -28.98
N LEU K 5 -53.20 -4.50 -28.01
CA LEU K 5 -54.64 -4.67 -27.94
C LEU K 5 -55.26 -4.04 -26.73
N GLU K 6 -55.97 -2.95 -26.96
CA GLU K 6 -56.63 -2.17 -25.92
C GLU K 6 -57.93 -2.82 -25.49
N SER K 7 -58.36 -2.52 -24.28
CA SER K 7 -59.62 -3.03 -23.77
C SER K 7 -60.10 -2.08 -22.72
N GLY K 8 -61.32 -2.26 -22.27
CA GLY K 8 -61.86 -1.44 -21.19
C GLY K 8 -63.35 -1.58 -21.20
N PRO K 9 -64.06 -1.00 -20.23
CA PRO K 9 -65.51 -1.06 -20.11
C PRO K 9 -66.22 -0.67 -21.39
N GLY K 10 -65.67 0.35 -22.07
CA GLY K 10 -66.16 0.89 -23.33
C GLY K 10 -67.18 2.00 -23.07
N LEU K 11 -67.70 1.98 -21.86
CA LEU K 11 -68.70 2.88 -21.35
C LEU K 11 -68.62 3.00 -19.85
N VAL K 12 -68.51 4.22 -19.39
CA VAL K 12 -68.49 4.54 -17.98
C VAL K 12 -69.52 5.61 -17.72
N LYS K 13 -69.87 5.79 -16.48
CA LYS K 13 -70.81 6.82 -16.11
C LYS K 13 -70.05 8.11 -15.82
N PRO K 14 -70.73 9.25 -15.88
CA PRO K 14 -70.22 10.50 -15.38
C PRO K 14 -69.92 10.19 -13.94
N SER K 15 -68.88 10.80 -13.44
CA SER K 15 -68.37 10.62 -12.07
C SER K 15 -67.76 9.24 -11.80
N GLU K 16 -67.59 8.41 -12.82
CA GLU K 16 -66.95 7.12 -12.64
C GLU K 16 -65.51 7.13 -13.14
N THR K 17 -64.60 6.55 -12.36
CA THR K 17 -63.18 6.45 -12.74
C THR K 17 -62.98 5.47 -13.88
N LEU K 18 -62.18 5.87 -14.86
CA LEU K 18 -61.90 5.01 -16.00
C LEU K 18 -60.61 4.26 -15.85
N SER K 19 -60.61 2.96 -16.17
CA SER K 19 -59.39 2.17 -16.16
C SER K 19 -59.27 1.30 -17.42
N LEU K 20 -58.29 1.60 -18.26
CA LEU K 20 -58.08 0.87 -19.52
C LEU K 20 -56.79 0.06 -19.54
N THR K 21 -56.91 -1.25 -19.71
CA THR K 21 -55.71 -2.08 -19.74
C THR K 21 -55.44 -2.70 -21.12
N CYS K 22 -54.22 -2.51 -21.67
CA CYS K 22 -53.81 -3.05 -22.97
C CYS K 22 -52.77 -4.16 -22.79
N THR K 23 -52.79 -5.10 -23.72
CA THR K 23 -51.85 -6.21 -23.72
C THR K 23 -50.91 -6.17 -24.90
N VAL K 24 -49.64 -6.43 -24.64
CA VAL K 24 -48.61 -6.44 -25.65
C VAL K 24 -48.28 -7.87 -26.08
N SER K 25 -48.50 -8.16 -27.36
CA SER K 25 -48.31 -9.52 -27.89
C SER K 25 -46.87 -9.90 -28.24
N GLY K 26 -45.98 -8.93 -28.32
CA GLY K 26 -44.62 -9.15 -28.77
C GLY K 26 -43.57 -9.13 -27.70
N VAL K 27 -42.41 -8.60 -28.06
CA VAL K 27 -41.27 -8.54 -27.19
C VAL K 27 -41.73 -7.90 -25.88
N PRO K 28 -41.28 -8.41 -24.71
CA PRO K 28 -41.69 -7.99 -23.40
C PRO K 28 -41.59 -6.52 -23.21
N ILE K 29 -42.50 -6.03 -22.40
CA ILE K 29 -42.67 -4.61 -22.18
C ILE K 29 -41.51 -3.85 -21.59
N SER K 30 -40.54 -4.51 -21.00
CA SER K 30 -39.41 -3.77 -20.46
C SER K 30 -38.46 -3.27 -21.55
N ARG K 31 -38.64 -3.75 -22.78
CA ARG K 31 -37.75 -3.41 -23.87
C ARG K 31 -37.88 -1.95 -24.35
N HIS K 32 -39.07 -1.37 -24.27
CA HIS K 32 -39.31 -0.02 -24.79
C HIS K 32 -40.16 0.83 -23.89
N TYR K 33 -40.37 2.08 -24.28
CA TYR K 33 -41.22 3.01 -23.55
C TYR K 33 -42.61 2.87 -24.03
N TRP K 34 -43.56 3.19 -23.20
CA TRP K 34 -44.95 3.07 -23.61
C TRP K 34 -45.71 4.34 -23.36
N ASN K 35 -46.68 4.60 -24.22
CA ASN K 35 -47.47 5.80 -24.09
C ASN K 35 -48.94 5.59 -24.29
N TRP K 36 -49.69 6.49 -23.69
CA TRP K 36 -51.12 6.56 -23.91
C TRP K 36 -51.45 7.87 -24.59
N ILE K 37 -52.38 7.77 -25.50
CA ILE K 37 -52.84 8.92 -26.26
C ILE K 37 -54.30 8.78 -26.63
N ARG K 38 -55.02 9.89 -26.74
CA ARG K 38 -56.41 9.76 -27.15
C ARG K 38 -56.82 10.73 -28.24
N GLN K 39 -57.85 10.33 -28.98
CA GLN K 39 -58.42 11.18 -30.01
C GLN K 39 -59.90 11.40 -29.81
N SER K 40 -60.27 12.60 -29.41
CA SER K 40 -61.69 12.88 -29.23
C SER K 40 -62.26 12.89 -30.63
N PRO K 41 -63.48 12.44 -30.89
CA PRO K 41 -64.06 12.51 -32.19
C PRO K 41 -64.03 13.94 -32.69
N GLY K 42 -63.63 14.12 -33.94
CA GLY K 42 -63.56 15.44 -34.56
C GLY K 42 -62.25 16.18 -34.28
N LYS K 43 -61.38 15.59 -33.48
CA LYS K 43 -60.13 16.21 -33.09
C LYS K 43 -58.89 15.45 -33.58
N GLY K 44 -57.73 16.07 -33.36
CA GLY K 44 -56.45 15.48 -33.65
C GLY K 44 -56.03 14.74 -32.40
N LEU K 45 -54.75 14.49 -32.20
CA LEU K 45 -54.41 13.70 -31.04
C LEU K 45 -53.99 14.52 -29.84
N GLU K 46 -54.35 14.02 -28.66
CA GLU K 46 -53.94 14.59 -27.39
C GLU K 46 -53.16 13.58 -26.59
N TRP K 47 -51.90 13.89 -26.31
CA TRP K 47 -51.02 12.99 -25.58
C TRP K 47 -51.42 12.91 -24.13
N ILE K 48 -51.40 11.71 -23.56
CA ILE K 48 -51.75 11.58 -22.15
C ILE K 48 -50.54 11.47 -21.26
N GLY K 49 -49.63 10.58 -21.62
CA GLY K 49 -48.47 10.37 -20.77
C GLY K 49 -47.62 9.18 -21.17
N TYR K 50 -46.46 9.05 -20.53
CA TYR K 50 -45.61 7.92 -20.82
C TYR K 50 -45.16 7.26 -19.56
N ILE K 51 -44.86 5.99 -19.72
CA ILE K 51 -44.32 5.08 -18.73
C ILE K 51 -43.19 4.25 -19.24
N PHE K 52 -42.49 3.65 -18.31
CA PHE K 52 -41.45 2.73 -18.65
C PHE K 52 -41.37 1.66 -17.59
N PHE K 53 -40.46 0.74 -17.77
CA PHE K 53 -40.24 -0.36 -16.85
C PHE K 53 -40.05 0.11 -15.42
N ASN K 54 -39.20 1.10 -15.28
CA ASN K 54 -38.87 1.71 -14.02
C ASN K 54 -39.82 2.87 -13.77
N GLY K 55 -39.51 3.76 -12.84
CA GLY K 55 -40.43 4.83 -12.46
C GLY K 55 -40.37 6.08 -13.36
N ASN K 56 -39.68 5.98 -14.50
CA ASN K 56 -39.56 7.10 -15.41
C ASN K 56 -40.90 7.26 -16.16
N ALA K 57 -41.60 8.36 -15.87
CA ALA K 57 -42.92 8.62 -16.44
C ALA K 57 -43.19 10.12 -16.49
N ASN K 58 -44.13 10.53 -17.35
CA ASN K 58 -44.55 11.93 -17.45
C ASN K 58 -45.97 12.03 -17.96
N TYR K 59 -46.62 13.13 -17.64
CA TYR K 59 -48.00 13.33 -18.07
C TYR K 59 -48.29 14.70 -18.62
N ASN K 60 -49.31 14.76 -19.46
CA ASN K 60 -49.82 15.99 -20.01
C ASN K 60 -50.49 16.77 -18.89
N PRO K 61 -50.05 17.99 -18.54
CA PRO K 61 -50.55 18.82 -17.46
C PRO K 61 -52.05 19.03 -17.46
N SER K 62 -52.71 18.95 -18.62
CA SER K 62 -54.15 19.16 -18.63
C SER K 62 -54.90 18.01 -17.96
N LEU K 63 -54.24 16.87 -17.89
CA LEU K 63 -54.77 15.65 -17.28
C LEU K 63 -54.04 15.28 -16.01
N LYS K 64 -52.75 15.62 -15.96
CA LYS K 64 -51.80 15.15 -14.95
C LYS K 64 -52.32 14.93 -13.54
N SER K 65 -53.06 15.85 -12.97
CA SER K 65 -53.45 15.70 -11.57
C SER K 65 -54.38 14.52 -11.30
N ARG K 66 -55.03 14.02 -12.34
CA ARG K 66 -55.96 12.91 -12.21
C ARG K 66 -55.49 11.66 -12.96
N VAL K 67 -54.27 11.67 -13.50
CA VAL K 67 -53.88 10.49 -14.28
C VAL K 67 -52.62 9.80 -13.87
N THR K 68 -52.73 8.49 -13.80
CA THR K 68 -51.58 7.67 -13.56
C THR K 68 -51.63 6.51 -14.54
N ILE K 69 -50.48 6.01 -14.90
CA ILE K 69 -50.42 4.82 -15.73
C ILE K 69 -49.56 3.77 -15.05
N SER K 70 -50.07 2.55 -14.90
CA SER K 70 -49.32 1.48 -14.28
C SER K 70 -48.70 0.50 -15.27
N VAL K 71 -47.77 -0.31 -14.75
CA VAL K 71 -47.10 -1.37 -15.50
C VAL K 71 -47.22 -2.73 -14.82
N ASP K 72 -47.68 -3.75 -15.55
CA ASP K 72 -47.76 -5.10 -15.03
C ASP K 72 -46.81 -6.00 -15.80
N MET K 73 -45.67 -6.31 -15.19
CA MET K 73 -44.68 -7.08 -15.92
C MET K 73 -45.08 -8.50 -16.19
N SER K 74 -45.79 -9.12 -15.26
CA SER K 74 -46.09 -10.54 -15.42
C SER K 74 -47.02 -10.78 -16.60
N LYS K 75 -47.85 -9.79 -16.90
CA LYS K 75 -48.77 -9.95 -18.00
C LYS K 75 -48.42 -9.17 -19.25
N ASN K 76 -47.29 -8.47 -19.27
CA ASN K 76 -47.02 -7.59 -20.42
C ASN K 76 -48.20 -6.64 -20.69
N GLN K 77 -48.70 -6.00 -19.63
CA GLN K 77 -49.83 -5.08 -19.74
C GLN K 77 -49.62 -3.70 -19.13
N PHE K 78 -50.34 -2.72 -19.67
CA PHE K 78 -50.30 -1.38 -19.11
C PHE K 78 -51.68 -0.94 -18.78
N SER K 79 -51.80 -0.08 -17.79
CA SER K 79 -53.14 0.39 -17.46
C SER K 79 -53.25 1.85 -17.14
N LEU K 80 -54.12 2.50 -17.89
CA LEU K 80 -54.36 3.90 -17.78
C LEU K 80 -55.53 4.22 -16.89
N THR K 81 -55.29 4.96 -15.82
CA THR K 81 -56.37 5.32 -14.92
C THR K 81 -56.62 6.81 -14.87
N LEU K 82 -57.87 7.19 -15.15
CA LEU K 82 -58.27 8.58 -15.11
C LEU K 82 -59.29 8.86 -14.02
N ARG K 83 -58.85 9.58 -13.00
CA ARG K 83 -59.70 9.88 -11.86
C ARG K 83 -60.49 11.12 -12.17
N SER K 84 -61.40 10.97 -13.10
CA SER K 84 -62.17 12.08 -13.60
C SER K 84 -63.61 11.87 -13.36
N VAL K 85 -64.34 12.88 -13.74
CA VAL K 85 -65.77 12.84 -13.61
C VAL K 85 -66.52 13.23 -14.88
N THR K 86 -65.82 13.76 -15.88
CA THR K 86 -66.53 14.36 -17.00
C THR K 86 -66.66 13.58 -18.29
N ALA K 87 -67.57 14.05 -19.13
CA ALA K 87 -67.82 13.41 -20.42
C ALA K 87 -66.89 13.93 -21.46
N ALA K 88 -66.07 14.89 -21.06
CA ALA K 88 -65.08 15.49 -21.91
C ALA K 88 -63.99 14.48 -22.19
N ASP K 89 -63.96 13.38 -21.43
CA ASP K 89 -62.95 12.39 -21.63
C ASP K 89 -63.41 11.32 -22.63
N THR K 90 -64.58 11.51 -23.26
CA THR K 90 -64.96 10.55 -24.27
C THR K 90 -63.95 10.67 -25.39
N ALA K 91 -63.34 9.56 -25.78
CA ALA K 91 -62.31 9.57 -26.82
C ALA K 91 -61.94 8.17 -27.23
N VAL K 92 -61.24 8.05 -28.35
CA VAL K 92 -60.64 6.77 -28.65
C VAL K 92 -59.26 6.77 -28.04
N TYR K 93 -58.98 5.78 -27.24
CA TYR K 93 -57.73 5.68 -26.55
C TYR K 93 -56.84 4.68 -27.22
N TYR K 94 -55.56 4.98 -27.24
CA TYR K 94 -54.59 4.07 -27.82
C TYR K 94 -53.41 3.82 -26.87
N CYS K 95 -52.89 2.58 -26.96
CA CYS K 95 -51.71 2.05 -26.32
C CYS K 95 -50.64 2.00 -27.41
N VAL K 96 -49.56 2.76 -27.26
CA VAL K 96 -48.57 2.82 -28.35
C VAL K 96 -47.16 2.52 -27.83
N ARG K 97 -46.32 1.86 -28.65
CA ARG K 97 -44.92 1.58 -28.24
C ARG K 97 -44.01 2.69 -28.70
N GLU K 98 -43.22 3.22 -27.78
CA GLU K 98 -42.27 4.28 -28.08
C GLU K 98 -40.87 3.84 -28.37
N LYS K 99 -40.44 4.33 -29.50
CA LYS K 99 -39.12 4.15 -30.02
C LYS K 99 -38.47 5.52 -29.96
N SER K 100 -37.17 5.58 -29.84
CA SER K 100 -36.49 6.89 -29.83
C SER K 100 -35.04 6.79 -30.23
N ILE K 101 -34.47 7.90 -30.68
CA ILE K 101 -33.04 7.94 -30.95
C ILE K 101 -32.35 8.84 -29.96
N ALA K 102 -31.52 8.28 -29.13
CA ALA K 102 -30.88 9.07 -28.11
C ALA K 102 -30.16 10.25 -28.68
N GLU K 103 -30.42 11.44 -28.14
CA GLU K 103 -29.78 12.64 -28.65
C GLU K 103 -30.22 13.85 -27.84
N GLU K 104 -29.57 14.98 -28.06
CA GLU K 104 -30.09 16.23 -27.55
C GLU K 104 -31.50 16.37 -28.12
N ASP K 105 -32.46 16.71 -27.28
CA ASP K 105 -33.87 16.85 -27.64
C ASP K 105 -34.63 15.55 -27.92
N ASN K 106 -34.08 14.43 -27.49
CA ASN K 106 -34.69 13.09 -27.47
C ASN K 106 -35.06 12.40 -28.78
N MET K 107 -35.55 13.12 -29.77
CA MET K 107 -35.91 12.51 -31.04
C MET K 107 -36.85 11.36 -30.83
N VAL K 108 -37.93 11.61 -30.11
CA VAL K 108 -38.90 10.58 -29.83
C VAL K 108 -39.68 10.34 -31.09
N ARG K 109 -39.79 9.07 -31.44
CA ARG K 109 -40.47 8.66 -32.65
C ARG K 109 -41.96 8.69 -32.50
N TRP K 110 -42.60 8.49 -33.62
CA TRP K 110 -44.04 8.52 -33.73
C TRP K 110 -44.78 7.43 -33.00
N PHE K 111 -44.09 6.42 -32.54
CA PHE K 111 -44.70 5.31 -31.87
C PHE K 111 -45.33 4.38 -32.93
N ASP K 112 -44.46 3.69 -33.67
CA ASP K 112 -44.86 2.88 -34.82
C ASP K 112 -46.07 1.94 -34.63
N PRO K 113 -46.09 1.02 -33.66
CA PRO K 113 -47.19 0.15 -33.43
C PRO K 113 -48.22 0.95 -32.68
N TRP K 114 -49.03 1.68 -33.42
CA TRP K 114 -50.00 2.57 -32.81
C TRP K 114 -51.07 1.82 -32.01
N GLY K 115 -51.38 0.61 -32.39
CA GLY K 115 -52.39 -0.11 -31.63
C GLY K 115 -53.73 0.01 -32.31
N GLN K 116 -54.61 -0.93 -32.02
CA GLN K 116 -55.91 -0.86 -32.68
C GLN K 116 -56.78 0.30 -32.21
N GLY K 117 -56.75 0.56 -30.91
CA GLY K 117 -57.52 1.61 -30.27
C GLY K 117 -58.83 1.11 -29.71
N THR K 118 -59.33 1.80 -28.69
CA THR K 118 -60.62 1.46 -28.11
C THR K 118 -61.43 2.71 -27.84
N LEU K 119 -62.74 2.63 -28.00
CA LEU K 119 -63.56 3.80 -27.73
C LEU K 119 -64.19 3.78 -26.38
N VAL K 120 -64.02 4.86 -25.66
CA VAL K 120 -64.64 5.00 -24.37
C VAL K 120 -65.64 6.11 -24.38
N THR K 121 -66.87 5.74 -24.04
CA THR K 121 -67.99 6.66 -23.97
C THR K 121 -68.33 7.00 -22.53
N VAL K 122 -68.59 8.26 -22.24
CA VAL K 122 -69.03 8.59 -20.91
C VAL K 122 -70.50 9.00 -21.04
N SER K 123 -71.40 8.27 -20.38
CA SER K 123 -72.83 8.55 -20.51
C SER K 123 -73.66 8.00 -19.35
N SER K 124 -74.73 8.72 -18.93
CA SER K 124 -75.65 8.34 -17.85
C SER K 124 -76.74 7.41 -18.40
N SER L 1 -45.71 25.59 -24.03
CA SER L 1 -44.87 24.45 -24.37
C SER L 1 -44.21 24.65 -25.77
N TYR L 2 -44.87 24.20 -26.87
CA TYR L 2 -44.38 24.30 -28.23
C TYR L 2 -45.54 24.40 -29.19
N GLU L 3 -45.39 25.20 -30.24
CA GLU L 3 -46.43 25.34 -31.23
C GLU L 3 -46.20 24.56 -32.50
N LEU L 4 -47.20 23.78 -32.91
CA LEU L 4 -47.20 23.12 -34.19
C LEU L 4 -48.41 23.52 -34.96
N THR L 5 -48.21 24.18 -36.08
CA THR L 5 -49.33 24.68 -36.85
C THR L 5 -49.35 24.17 -38.27
N GLN L 6 -50.49 23.63 -38.66
CA GLN L 6 -50.71 23.06 -39.97
C GLN L 6 -51.89 23.76 -40.62
N PRO L 7 -51.98 23.83 -41.95
CA PRO L 7 -53.13 24.35 -42.65
C PRO L 7 -54.24 23.34 -42.43
N PRO L 8 -55.49 23.74 -42.21
CA PRO L 8 -56.63 22.85 -42.09
C PRO L 8 -56.82 21.87 -43.24
N SER L 9 -56.48 22.28 -44.47
CA SER L 9 -56.64 21.39 -45.60
C SER L 9 -55.86 21.80 -46.82
N VAL L 10 -55.64 20.81 -47.70
CA VAL L 10 -55.09 20.98 -49.04
C VAL L 10 -55.94 20.17 -50.00
N SER L 11 -55.83 20.45 -51.29
CA SER L 11 -56.52 19.66 -52.30
C SER L 11 -55.69 19.56 -53.55
N VAL L 12 -55.49 18.33 -54.02
CA VAL L 12 -54.71 18.14 -55.23
C VAL L 12 -55.40 17.25 -56.25
N ALA L 13 -55.00 17.38 -57.50
CA ALA L 13 -55.47 16.48 -58.52
C ALA L 13 -54.72 15.16 -58.37
N PRO L 14 -55.28 14.01 -58.73
CA PRO L 14 -54.59 12.76 -58.70
C PRO L 14 -53.34 12.87 -59.54
N GLY L 15 -52.25 12.33 -59.04
CA GLY L 15 -50.97 12.33 -59.74
C GLY L 15 -50.11 13.53 -59.38
N LYS L 16 -50.67 14.50 -58.67
CA LYS L 16 -49.94 15.69 -58.30
C LYS L 16 -49.33 15.51 -56.95
N THR L 17 -48.42 16.40 -56.59
CA THR L 17 -47.77 16.30 -55.30
C THR L 17 -48.42 17.17 -54.22
N ALA L 18 -48.75 16.54 -53.09
CA ALA L 18 -49.31 17.26 -51.97
C ALA L 18 -48.19 17.94 -51.22
N ARG L 19 -48.44 19.15 -50.75
CA ARG L 19 -47.48 19.86 -49.93
C ARG L 19 -48.12 20.21 -48.61
N ILE L 20 -47.87 19.39 -47.62
CA ILE L 20 -48.52 19.51 -46.35
C ILE L 20 -47.53 20.11 -45.38
N THR L 21 -47.81 21.28 -44.86
CA THR L 21 -46.78 21.89 -44.03
C THR L 21 -47.16 21.90 -42.56
N CYS L 22 -46.14 22.11 -41.71
CA CYS L 22 -46.20 22.26 -40.26
C CYS L 22 -45.13 23.26 -39.82
N GLY L 23 -45.51 24.27 -39.06
CA GLY L 23 -44.52 25.23 -38.61
C GLY L 23 -44.35 25.23 -37.10
N GLY L 24 -43.24 25.84 -36.65
CA GLY L 24 -42.97 25.97 -35.20
C GLY L 24 -41.63 26.66 -34.92
N ASN L 25 -41.38 26.98 -33.65
CA ASN L 25 -40.19 27.72 -33.26
C ASN L 25 -38.94 26.87 -33.26
N ASN L 26 -38.04 27.16 -34.18
CA ASN L 26 -36.84 26.36 -34.38
C ASN L 26 -37.29 24.97 -34.69
N LEU L 27 -38.33 24.85 -35.49
CA LEU L 27 -38.81 23.54 -35.83
C LEU L 27 -37.72 22.74 -36.49
N GLY L 28 -36.88 23.39 -37.29
CA GLY L 28 -35.80 22.75 -38.00
C GLY L 28 -34.72 22.13 -37.11
N THR L 29 -34.69 22.46 -35.81
CA THR L 29 -33.67 21.89 -34.93
C THR L 29 -34.25 20.74 -34.11
N LYS L 30 -35.53 20.45 -34.30
CA LYS L 30 -36.23 19.41 -33.58
C LYS L 30 -36.59 18.30 -34.55
N SER L 31 -36.83 17.10 -34.06
CA SER L 31 -37.28 16.11 -35.03
C SER L 31 -38.68 16.48 -35.44
N VAL L 32 -39.08 16.14 -36.67
CA VAL L 32 -40.47 16.32 -37.05
C VAL L 32 -40.97 15.07 -37.70
N HIS L 33 -41.96 14.45 -37.09
CA HIS L 33 -42.51 13.21 -37.56
C HIS L 33 -43.85 13.45 -38.18
N TRP L 34 -44.20 12.64 -39.15
CA TRP L 34 -45.50 12.73 -39.79
C TRP L 34 -46.22 11.41 -39.90
N TYR L 35 -47.54 11.45 -39.82
CA TYR L 35 -48.34 10.26 -39.99
C TYR L 35 -49.62 10.47 -40.79
N GLN L 36 -50.11 9.36 -41.33
CA GLN L 36 -51.31 9.27 -42.16
C GLN L 36 -52.47 8.59 -41.44
N GLN L 37 -53.62 9.25 -41.38
CA GLN L 37 -54.75 8.62 -40.75
C GLN L 37 -55.95 8.44 -41.65
N LYS L 38 -56.32 7.19 -41.85
CA LYS L 38 -57.48 6.89 -42.65
C LYS L 38 -58.65 7.00 -41.70
N PRO L 39 -59.80 7.51 -42.10
CA PRO L 39 -60.91 7.68 -41.21
C PRO L 39 -61.35 6.34 -40.67
N GLY L 40 -61.59 6.31 -39.37
CA GLY L 40 -62.05 5.11 -38.68
C GLY L 40 -60.90 4.18 -38.31
N GLN L 41 -59.69 4.52 -38.72
CA GLN L 41 -58.54 3.68 -38.46
C GLN L 41 -57.56 4.28 -37.49
N ALA L 42 -56.79 3.40 -36.86
CA ALA L 42 -55.67 3.85 -36.11
C ALA L 42 -54.69 4.43 -37.15
N PRO L 43 -53.97 5.51 -36.87
CA PRO L 43 -52.98 6.13 -37.74
C PRO L 43 -51.70 5.32 -37.90
N VAL L 44 -50.97 5.59 -38.99
CA VAL L 44 -49.66 4.99 -39.24
C VAL L 44 -48.57 6.00 -39.61
N ASN L 45 -47.35 5.82 -39.12
CA ASN L 45 -46.27 6.74 -39.47
C ASN L 45 -45.91 6.67 -40.93
N VAL L 46 -45.67 7.82 -41.54
CA VAL L 46 -45.20 7.82 -42.91
C VAL L 46 -43.78 8.33 -43.01
N ILE L 47 -43.45 9.36 -42.24
CA ILE L 47 -42.12 9.98 -42.24
C ILE L 47 -41.62 10.21 -40.82
N TYR L 48 -40.34 9.99 -40.59
CA TYR L 48 -39.78 10.27 -39.26
C TYR L 48 -38.97 11.53 -39.25
N TYR L 49 -38.25 11.73 -40.34
CA TYR L 49 -37.35 12.86 -40.43
C TYR L 49 -37.19 13.26 -41.85
N ASP L 50 -36.40 14.31 -42.02
CA ASP L 50 -36.06 14.77 -43.33
C ASP L 50 -35.39 13.61 -44.02
N SER L 51 -35.97 13.22 -45.14
CA SER L 51 -35.52 12.11 -45.95
C SER L 51 -35.40 10.79 -45.19
N ASP L 52 -36.32 10.50 -44.28
CA ASP L 52 -36.27 9.24 -43.53
C ASP L 52 -37.67 8.65 -43.36
N ARG L 53 -37.95 7.60 -44.15
CA ARG L 53 -39.23 6.89 -44.28
C ARG L 53 -39.06 5.42 -43.81
N PRO L 54 -40.02 4.84 -43.08
CA PRO L 54 -40.04 3.45 -42.66
C PRO L 54 -40.37 2.52 -43.77
N SER L 55 -40.01 1.26 -43.60
CA SER L 55 -40.45 0.30 -44.58
C SER L 55 -41.94 0.16 -44.40
N GLY L 56 -42.60 -0.27 -45.47
CA GLY L 56 -44.03 -0.47 -45.46
C GLY L 56 -44.73 0.76 -46.04
N ILE L 57 -44.00 1.86 -46.14
CA ILE L 57 -44.55 3.07 -46.69
C ILE L 57 -43.83 3.28 -48.02
N PRO L 58 -44.56 3.47 -49.12
CA PRO L 58 -44.06 3.62 -50.47
C PRO L 58 -43.34 4.92 -50.70
N GLU L 59 -42.61 4.93 -51.80
CA GLU L 59 -41.77 6.01 -52.32
C GLU L 59 -42.50 7.31 -52.61
N ARG L 60 -43.81 7.30 -52.57
CA ARG L 60 -44.59 8.51 -52.76
C ARG L 60 -44.26 9.44 -51.60
N PHE L 61 -43.98 8.86 -50.44
CA PHE L 61 -43.75 9.66 -49.27
C PHE L 61 -42.32 10.11 -49.06
N SER L 62 -42.19 11.39 -48.80
CA SER L 62 -40.92 12.00 -48.52
C SER L 62 -41.22 13.25 -47.73
N GLY L 63 -40.20 13.92 -47.25
CA GLY L 63 -40.43 15.15 -46.54
C GLY L 63 -39.12 15.76 -46.12
N SER L 64 -39.20 17.01 -45.70
CA SER L 64 -38.01 17.76 -45.32
C SER L 64 -38.28 18.90 -44.39
N LYS L 65 -37.22 19.46 -43.81
CA LYS L 65 -37.42 20.62 -42.96
C LYS L 65 -36.31 21.67 -43.09
N SER L 66 -36.70 22.93 -42.94
CA SER L 66 -35.77 24.05 -42.94
C SER L 66 -36.32 25.23 -42.16
N GLY L 67 -35.45 25.91 -41.41
CA GLY L 67 -35.93 27.07 -40.67
C GLY L 67 -36.99 26.64 -39.69
N ASN L 68 -38.15 27.28 -39.77
CA ASN L 68 -39.28 27.00 -38.91
C ASN L 68 -40.36 26.17 -39.60
N THR L 69 -40.07 25.63 -40.79
CA THR L 69 -41.09 24.89 -41.52
C THR L 69 -40.70 23.48 -41.94
N ALA L 70 -41.62 22.56 -41.72
CA ALA L 70 -41.46 21.18 -42.15
C ALA L 70 -42.53 20.88 -43.17
N THR L 71 -42.19 20.05 -44.14
CA THR L 71 -43.16 19.65 -45.14
C THR L 71 -43.20 18.17 -45.37
N LEU L 72 -44.41 17.65 -45.42
CA LEU L 72 -44.67 16.29 -45.80
C LEU L 72 -45.04 16.34 -47.26
N THR L 73 -44.28 15.64 -48.05
CA THR L 73 -44.46 15.65 -49.46
C THR L 73 -45.00 14.33 -49.95
N ILE L 74 -46.12 14.37 -50.66
CA ILE L 74 -46.61 13.10 -51.16
C ILE L 74 -46.69 13.21 -52.65
N SER L 75 -45.80 12.55 -53.35
CA SER L 75 -45.79 12.69 -54.79
C SER L 75 -46.77 11.73 -55.40
N ARG L 76 -47.18 11.99 -56.63
CA ARG L 76 -48.05 11.05 -57.32
C ARG L 76 -49.21 10.64 -56.45
N VAL L 77 -49.90 11.62 -55.87
CA VAL L 77 -50.95 11.30 -54.92
C VAL L 77 -52.04 10.46 -55.52
N GLU L 78 -52.38 9.40 -54.79
CA GLU L 78 -53.39 8.46 -55.21
C GLU L 78 -54.70 8.73 -54.51
N ALA L 79 -55.81 8.26 -55.04
CA ALA L 79 -57.08 8.41 -54.35
C ALA L 79 -57.02 7.74 -52.97
N GLY L 80 -56.21 6.69 -52.86
CA GLY L 80 -56.06 5.95 -51.63
C GLY L 80 -55.29 6.73 -50.56
N ASP L 81 -54.75 7.89 -50.91
CA ASP L 81 -54.03 8.73 -49.98
C ASP L 81 -54.93 9.79 -49.40
N GLU L 82 -56.22 9.80 -49.75
CA GLU L 82 -57.04 10.79 -49.06
C GLU L 82 -56.92 10.41 -47.60
N ALA L 83 -56.52 11.35 -46.77
CA ALA L 83 -56.31 11.05 -45.35
C ALA L 83 -56.07 12.31 -44.58
N ASP L 84 -56.14 12.21 -43.26
CA ASP L 84 -55.70 13.33 -42.48
C ASP L 84 -54.19 13.16 -42.29
N TYR L 85 -53.43 14.23 -42.35
CA TYR L 85 -52.01 14.09 -42.06
C TYR L 85 -51.62 15.02 -40.97
N TYR L 86 -50.78 14.54 -40.11
CA TYR L 86 -50.40 15.30 -38.94
C TYR L 86 -48.91 15.29 -38.68
N CYS L 87 -48.40 16.35 -38.02
CA CYS L 87 -47.02 16.46 -37.53
C CYS L 87 -46.94 16.20 -36.01
N GLN L 88 -45.80 15.64 -35.61
CA GLN L 88 -45.41 15.38 -34.21
C GLN L 88 -44.00 15.82 -33.91
N VAL L 89 -43.83 16.49 -32.80
CA VAL L 89 -42.54 16.97 -32.32
C VAL L 89 -42.42 16.65 -30.84
N TRP L 90 -41.22 16.43 -30.33
CA TRP L 90 -41.12 16.20 -28.89
C TRP L 90 -40.70 17.46 -28.19
N ASP L 91 -41.48 17.89 -27.24
CA ASP L 91 -41.12 19.10 -26.54
C ASP L 91 -40.22 18.78 -25.40
N SER L 92 -38.93 18.78 -25.68
CA SER L 92 -37.91 18.38 -24.74
C SER L 92 -37.80 19.31 -23.53
N SER L 93 -38.39 20.51 -23.61
CA SER L 93 -38.28 21.41 -22.48
C SER L 93 -39.30 21.04 -21.42
N ARG L 94 -40.33 20.30 -21.82
CA ARG L 94 -41.40 19.87 -20.94
C ARG L 94 -41.45 18.35 -20.82
N ASP L 95 -40.74 17.71 -21.76
CA ASP L 95 -40.67 16.27 -21.97
C ASP L 95 -42.06 15.73 -22.25
N GLN L 96 -42.76 16.46 -23.11
CA GLN L 96 -44.12 16.13 -23.53
C GLN L 96 -44.22 15.95 -25.02
N CYS L 97 -45.22 15.23 -25.47
CA CYS L 97 -45.40 15.06 -26.90
C CYS L 97 -46.32 16.13 -27.44
N VAL L 98 -45.93 16.79 -28.52
CA VAL L 98 -46.78 17.83 -29.10
C VAL L 98 -47.20 17.47 -30.52
N PHE L 99 -48.49 17.64 -30.79
CA PHE L 99 -49.04 17.38 -32.12
C PHE L 99 -49.62 18.62 -32.75
N GLY L 100 -49.60 18.65 -34.07
CA GLY L 100 -50.20 19.75 -34.82
C GLY L 100 -51.69 19.56 -34.98
N ILE L 101 -52.29 20.49 -35.72
CA ILE L 101 -53.72 20.54 -35.96
C ILE L 101 -54.24 19.40 -36.80
N GLY L 102 -53.53 19.12 -37.87
CA GLY L 102 -53.90 18.10 -38.83
C GLY L 102 -54.42 18.73 -40.10
N THR L 103 -53.98 18.22 -41.22
CA THR L 103 -54.35 18.73 -42.52
C THR L 103 -55.20 17.72 -43.25
N LYS L 104 -56.36 18.13 -43.70
CA LYS L 104 -57.19 17.23 -44.46
C LYS L 104 -56.69 17.24 -45.88
N VAL L 105 -56.30 16.10 -46.40
CA VAL L 105 -55.82 16.09 -47.77
C VAL L 105 -56.80 15.43 -48.70
N THR L 106 -57.33 16.25 -49.60
CA THR L 106 -58.33 15.87 -50.59
C THR L 106 -57.67 15.46 -51.88
N VAL L 107 -58.14 14.36 -52.46
CA VAL L 107 -57.61 13.96 -53.75
C VAL L 107 -58.79 14.00 -54.73
N LEU L 108 -58.69 14.82 -55.79
CA LEU L 108 -59.76 15.08 -56.76
C LEU L 108 -59.89 13.90 -57.72
N VAL M 2 9.38 -34.29 -19.01
CA VAL M 2 8.80 -34.80 -17.78
C VAL M 2 9.06 -36.31 -17.77
N GLN M 3 9.56 -36.85 -16.65
CA GLN M 3 9.92 -38.28 -16.49
C GLN M 3 9.37 -38.93 -15.24
N LEU M 4 9.07 -40.21 -15.38
CA LEU M 4 8.68 -41.03 -14.25
C LEU M 4 9.75 -42.09 -14.09
N LEU M 5 10.00 -42.48 -12.86
CA LEU M 5 11.00 -43.51 -12.60
C LEU M 5 10.48 -44.61 -11.70
N GLU M 6 10.39 -45.81 -12.22
CA GLU M 6 9.90 -46.92 -11.40
C GLU M 6 11.02 -47.58 -10.63
N SER M 7 10.62 -48.25 -9.56
CA SER M 7 11.50 -49.08 -8.77
C SER M 7 11.87 -50.29 -9.60
N GLY M 8 12.79 -51.12 -9.12
CA GLY M 8 13.18 -52.25 -9.94
C GLY M 8 12.16 -53.38 -9.87
N ALA M 9 12.48 -54.49 -10.55
CA ALA M 9 11.64 -55.68 -10.66
C ALA M 9 11.69 -56.46 -9.36
N GLU M 10 10.66 -57.27 -9.12
CA GLU M 10 10.58 -58.06 -7.92
C GLU M 10 9.94 -59.44 -8.16
N VAL M 11 10.30 -60.42 -7.31
CA VAL M 11 9.72 -61.75 -7.41
C VAL M 11 9.13 -62.20 -6.07
N LYS M 12 7.87 -62.59 -6.10
CA LYS M 12 7.11 -63.00 -4.94
C LYS M 12 6.43 -64.35 -5.07
N LYS M 13 6.14 -64.98 -3.96
CA LYS M 13 5.36 -66.20 -3.97
C LYS M 13 3.89 -65.82 -3.93
N PRO M 14 2.96 -66.69 -4.31
CA PRO M 14 1.55 -66.47 -4.13
C PRO M 14 1.27 -66.26 -2.64
N GLY M 15 0.30 -65.41 -2.33
CA GLY M 15 -0.10 -65.05 -0.97
C GLY M 15 0.85 -64.02 -0.39
N ALA M 16 1.52 -63.31 -1.29
CA ALA M 16 2.55 -62.31 -0.92
C ALA M 16 2.12 -60.88 -1.15
N SER M 17 3.00 -59.93 -0.82
CA SER M 17 2.70 -58.53 -1.07
C SER M 17 3.92 -57.82 -1.65
N VAL M 18 3.66 -56.81 -2.48
CA VAL M 18 4.71 -56.01 -3.10
C VAL M 18 4.44 -54.53 -2.95
N ARG M 19 5.51 -53.75 -2.81
CA ARG M 19 5.42 -52.31 -2.76
C ARG M 19 6.20 -51.70 -3.89
N VAL M 20 5.49 -51.13 -4.85
CA VAL M 20 6.14 -50.56 -6.03
C VAL M 20 6.04 -49.06 -6.01
N SER M 21 7.16 -48.39 -6.15
CA SER M 21 7.12 -46.94 -6.14
C SER M 21 7.44 -46.37 -7.52
N CYS M 22 6.95 -45.11 -7.76
CA CYS M 22 7.27 -44.28 -8.92
C CYS M 22 7.64 -42.88 -8.45
N GLU M 23 8.77 -42.39 -8.92
CA GLU M 23 9.19 -41.02 -8.62
C GLU M 23 8.86 -40.13 -9.81
N ALA M 24 8.31 -38.96 -9.57
CA ALA M 24 8.02 -38.09 -10.71
C ALA M 24 8.88 -36.85 -10.70
N SER M 25 9.26 -36.38 -11.89
CA SER M 25 10.00 -35.12 -11.99
C SER M 25 9.74 -34.33 -13.27
N GLY M 26 9.79 -33.00 -13.15
CA GLY M 26 9.63 -32.07 -14.27
C GLY M 26 8.25 -31.41 -14.36
N TYR M 27 7.30 -31.93 -13.62
CA TYR M 27 5.95 -31.40 -13.60
C TYR M 27 5.43 -31.56 -12.20
N THR M 28 4.95 -30.47 -11.61
CA THR M 28 4.52 -30.52 -10.23
C THR M 28 3.53 -31.63 -10.01
N PHE M 29 3.86 -32.48 -9.05
CA PHE M 29 3.12 -33.68 -8.72
C PHE M 29 1.64 -33.43 -8.49
N THR M 30 1.31 -32.36 -7.80
CA THR M 30 -0.06 -32.09 -7.42
C THR M 30 -0.91 -31.48 -8.53
N LYS M 31 -0.35 -31.27 -9.70
CA LYS M 31 -1.13 -30.72 -10.79
C LYS M 31 -1.82 -31.76 -11.65
N TYR M 32 -1.55 -33.05 -11.41
CA TYR M 32 -2.12 -34.10 -12.24
C TYR M 32 -2.39 -35.41 -11.53
N PHE M 33 -3.31 -36.19 -12.10
CA PHE M 33 -3.67 -37.51 -11.59
C PHE M 33 -2.64 -38.54 -11.99
N ILE M 34 -2.42 -39.54 -11.17
CA ILE M 34 -1.54 -40.61 -11.60
C ILE M 34 -2.27 -41.92 -11.71
N HIS M 35 -2.15 -42.53 -12.87
CA HIS M 35 -2.78 -43.81 -13.14
C HIS M 35 -1.76 -44.92 -13.16
N TRP M 36 -2.21 -46.08 -12.67
CA TRP M 36 -1.46 -47.31 -12.70
C TRP M 36 -2.13 -48.28 -13.66
N VAL M 37 -1.30 -48.88 -14.50
CA VAL M 37 -1.71 -49.84 -15.51
C VAL M 37 -0.73 -50.99 -15.52
N ARG M 38 -1.18 -52.19 -15.85
CA ARG M 38 -0.22 -53.27 -15.96
C ARG M 38 -0.30 -53.98 -17.29
N GLN M 39 0.85 -54.45 -17.75
CA GLN M 39 0.92 -55.21 -18.97
C GLN M 39 1.10 -56.66 -18.70
N ALA M 40 0.11 -57.41 -19.13
CA ALA M 40 0.09 -58.84 -18.90
C ALA M 40 0.21 -59.49 -20.26
N PRO M 41 1.36 -60.02 -20.66
CA PRO M 41 1.58 -60.51 -21.99
C PRO M 41 0.48 -61.47 -22.38
N GLY M 42 -0.04 -61.28 -23.58
CA GLY M 42 -1.13 -62.08 -24.11
C GLY M 42 -2.50 -61.41 -23.89
N HIS M 43 -2.55 -60.40 -23.02
CA HIS M 43 -3.80 -59.72 -22.71
C HIS M 43 -3.82 -58.23 -23.06
N GLY M 44 -2.67 -57.68 -23.47
CA GLY M 44 -2.60 -56.25 -23.67
C GLY M 44 -2.49 -55.60 -22.30
N LEU M 45 -3.08 -54.41 -22.17
CA LEU M 45 -2.99 -53.66 -20.95
C LEU M 45 -4.27 -53.72 -20.14
N GLU M 46 -4.11 -53.68 -18.83
CA GLU M 46 -5.22 -53.62 -17.90
C GLU M 46 -5.13 -52.40 -17.01
N TRP M 47 -6.18 -51.60 -16.99
CA TRP M 47 -6.18 -50.43 -16.12
C TRP M 47 -6.41 -50.91 -14.71
N ILE M 48 -5.67 -50.38 -13.76
CA ILE M 48 -5.88 -50.80 -12.40
C ILE M 48 -6.60 -49.78 -11.57
N GLY M 49 -6.07 -48.57 -11.59
CA GLY M 49 -6.58 -47.55 -10.71
C GLY M 49 -5.82 -46.25 -10.81
N TRP M 50 -6.29 -45.25 -10.10
CA TRP M 50 -5.64 -43.96 -10.05
C TRP M 50 -5.75 -43.30 -8.73
N ILE M 51 -4.82 -42.38 -8.51
CA ILE M 51 -4.78 -41.55 -7.34
C ILE M 51 -4.78 -40.10 -7.78
N ASN M 52 -5.54 -39.29 -7.08
CA ASN M 52 -5.65 -37.87 -7.36
C ASN M 52 -4.38 -37.06 -7.20
N THR M 53 -3.55 -37.45 -6.23
CA THR M 53 -2.29 -36.84 -5.77
C THR M 53 -2.45 -35.57 -4.97
N LEU M 54 -3.60 -34.90 -5.05
CA LEU M 54 -3.80 -33.72 -4.25
C LEU M 54 -4.64 -34.08 -3.06
N THR M 55 -5.72 -34.78 -3.34
CA THR M 55 -6.67 -35.17 -2.33
C THR M 55 -6.58 -36.64 -2.03
N SER M 56 -5.70 -37.31 -2.73
CA SER M 56 -5.53 -38.75 -2.65
C SER M 56 -6.82 -39.51 -2.82
N GLY M 57 -7.75 -38.98 -3.59
CA GLY M 57 -8.92 -39.75 -3.86
C GLY M 57 -8.42 -40.85 -4.74
N VAL M 58 -9.05 -42.01 -4.66
CA VAL M 58 -8.67 -43.09 -5.51
C VAL M 58 -9.84 -43.74 -6.17
N ASN M 59 -9.55 -44.45 -7.22
CA ASN M 59 -10.54 -45.21 -7.95
C ASN M 59 -9.92 -46.47 -8.48
N TYR M 60 -10.56 -47.60 -8.23
CA TYR M 60 -10.02 -48.89 -8.64
C TYR M 60 -11.00 -49.74 -9.38
N ALA M 61 -10.47 -50.61 -10.22
CA ALA M 61 -11.26 -51.62 -10.89
C ALA M 61 -11.81 -52.57 -9.83
N ARG M 62 -12.98 -53.15 -10.07
CA ARG M 62 -13.61 -54.01 -9.08
C ARG M 62 -12.78 -55.23 -8.69
N ASN M 63 -11.98 -55.75 -9.58
CA ASN M 63 -11.24 -56.94 -9.27
C ASN M 63 -10.02 -56.71 -8.38
N PHE M 64 -9.79 -55.46 -7.96
CA PHE M 64 -8.74 -55.08 -7.03
C PHE M 64 -9.29 -54.62 -5.70
N GLN M 65 -10.61 -54.68 -5.52
CA GLN M 65 -11.14 -54.10 -4.31
C GLN M 65 -10.66 -54.86 -3.10
N GLY M 66 -10.19 -54.10 -2.13
CA GLY M 66 -9.76 -54.64 -0.86
C GLY M 66 -8.33 -55.18 -0.91
N ARG M 67 -7.73 -55.22 -2.09
CA ARG M 67 -6.41 -55.81 -2.23
C ARG M 67 -5.38 -54.75 -2.55
N LEU M 68 -5.79 -53.74 -3.29
CA LEU M 68 -4.87 -52.68 -3.64
C LEU M 68 -5.12 -51.36 -2.95
N THR M 69 -4.05 -50.78 -2.40
CA THR M 69 -4.09 -49.46 -1.82
C THR M 69 -3.06 -48.56 -2.50
N LEU M 70 -3.46 -47.35 -2.86
CA LEU M 70 -2.50 -46.43 -3.44
C LEU M 70 -2.29 -45.29 -2.49
N THR M 71 -1.06 -44.83 -2.40
CA THR M 71 -0.79 -43.69 -1.56
C THR M 71 0.24 -42.76 -2.17
N ARG M 72 0.38 -41.60 -1.59
CA ARG M 72 1.37 -40.65 -2.09
C ARG M 72 2.06 -39.90 -0.98
N ASP M 73 3.29 -39.51 -1.25
CA ASP M 73 4.08 -38.68 -0.36
C ASP M 73 4.39 -37.36 -1.04
N LEU M 74 3.71 -36.32 -0.59
CA LEU M 74 3.85 -35.04 -1.24
C LEU M 74 5.26 -34.50 -1.14
N SER M 75 5.94 -34.78 -0.03
CA SER M 75 7.26 -34.17 0.19
C SER M 75 8.32 -34.73 -0.72
N THR M 76 8.05 -35.86 -1.36
CA THR M 76 9.01 -36.49 -2.23
C THR M 76 8.47 -36.63 -3.64
N GLU M 77 7.27 -36.11 -3.89
CA GLU M 77 6.63 -36.25 -5.20
C GLU M 77 6.68 -37.70 -5.68
N THR M 78 6.33 -38.61 -4.77
CA THR M 78 6.38 -40.05 -5.03
C THR M 78 5.05 -40.76 -4.77
N VAL M 79 4.72 -41.67 -5.66
CA VAL M 79 3.50 -42.45 -5.55
C VAL M 79 3.81 -43.93 -5.35
N TYR M 80 3.03 -44.58 -4.51
CA TYR M 80 3.23 -45.99 -4.23
C TYR M 80 2.02 -46.86 -4.48
N MET M 81 2.31 -48.10 -4.91
CA MET M 81 1.32 -49.13 -5.11
C MET M 81 1.53 -50.26 -4.11
N ASP M 82 0.61 -50.38 -3.16
CA ASP M 82 0.72 -51.41 -2.14
C ASP M 82 -0.25 -52.54 -2.47
N LEU M 83 0.27 -53.64 -3.00
CA LEU M 83 -0.61 -54.71 -3.43
C LEU M 83 -0.39 -55.97 -2.62
N ARG M 84 -1.46 -56.45 -1.98
CA ARG M 84 -1.35 -57.63 -1.10
C ARG M 84 -1.99 -58.84 -1.72
N ASN M 85 -1.76 -60.01 -1.13
CA ASN M 85 -2.40 -61.24 -1.57
C ASN M 85 -2.22 -61.48 -3.05
N LEU M 86 -0.98 -61.36 -3.46
CA LEU M 86 -0.54 -61.56 -4.82
C LEU M 86 -0.70 -62.98 -5.24
N LYS M 87 -1.18 -63.17 -6.45
CA LYS M 87 -1.38 -64.47 -7.09
C LYS M 87 -0.51 -64.57 -8.34
N SER M 88 -0.35 -65.76 -8.89
CA SER M 88 0.44 -65.91 -10.12
C SER M 88 -0.22 -65.17 -11.29
N ASP M 89 -1.50 -64.90 -11.14
CA ASP M 89 -2.36 -64.20 -12.07
C ASP M 89 -1.94 -62.74 -12.21
N ASP M 90 -1.19 -62.25 -11.24
CA ASP M 90 -0.77 -60.87 -11.18
C ASP M 90 0.60 -60.64 -11.81
N THR M 91 1.19 -61.66 -12.43
CA THR M 91 2.46 -61.36 -13.07
C THR M 91 2.19 -60.39 -14.20
N ALA M 92 2.87 -59.26 -14.16
CA ALA M 92 2.68 -58.20 -15.15
C ALA M 92 3.74 -57.12 -14.99
N VAL M 93 3.87 -56.26 -15.99
CA VAL M 93 4.73 -55.10 -15.83
C VAL M 93 3.87 -53.94 -15.39
N TYR M 94 4.20 -53.37 -14.27
CA TYR M 94 3.40 -52.29 -13.73
C TYR M 94 4.02 -50.96 -14.09
N TYR M 95 3.17 -50.04 -14.50
CA TYR M 95 3.62 -48.72 -14.88
C TYR M 95 2.81 -47.61 -14.22
N CYS M 96 3.48 -46.44 -14.01
CA CYS M 96 2.84 -45.16 -13.65
C CYS M 96 2.86 -44.36 -14.95
N ALA M 97 1.78 -43.67 -15.28
CA ALA M 97 1.82 -42.94 -16.54
C ALA M 97 1.15 -41.57 -16.63
N ARG M 98 1.43 -40.60 -15.73
CA ARG M 98 0.90 -39.21 -15.82
C ARG M 98 -0.59 -38.94 -15.75
N GLY M 99 -1.40 -39.82 -16.26
CA GLY M 99 -2.80 -39.56 -16.23
C GLY M 99 -3.16 -38.58 -17.31
N GLY M 100 -4.19 -37.81 -17.05
CA GLY M 100 -4.70 -36.95 -18.08
C GLY M 100 -3.98 -35.64 -18.20
N ARG M 101 -4.63 -34.77 -18.95
CA ARG M 101 -4.06 -33.48 -19.27
C ARG M 101 -3.73 -32.66 -18.05
N GLY M 102 -4.55 -32.76 -17.03
CA GLY M 102 -4.28 -31.99 -15.82
C GLY M 102 -5.51 -31.98 -14.95
N TYR M 103 -5.35 -31.60 -13.71
CA TYR M 103 -6.48 -31.62 -12.79
C TYR M 103 -7.59 -30.63 -13.15
N ASP M 104 -7.26 -29.37 -13.40
CA ASP M 104 -8.30 -28.38 -13.67
C ASP M 104 -8.72 -28.31 -15.14
N GLU M 105 -9.37 -29.35 -15.59
CA GLU M 105 -9.81 -29.53 -16.98
C GLU M 105 -11.06 -30.44 -17.04
N PRO M 106 -12.13 -30.13 -17.82
CA PRO M 106 -13.36 -30.92 -17.92
C PRO M 106 -13.14 -32.42 -18.12
N TRP M 107 -12.15 -32.80 -18.92
CA TRP M 107 -11.77 -34.19 -19.15
C TRP M 107 -10.34 -34.45 -18.74
N GLY M 108 -9.89 -33.68 -17.76
CA GLY M 108 -8.54 -33.62 -17.24
C GLY M 108 -7.89 -34.87 -16.72
N ALA M 109 -8.67 -35.82 -16.21
CA ALA M 109 -8.10 -37.04 -15.69
C ALA M 109 -7.82 -38.03 -16.80
N TYR M 110 -8.23 -37.69 -18.02
CA TYR M 110 -8.13 -38.55 -19.17
C TYR M 110 -7.49 -37.86 -20.38
N THR M 111 -7.38 -38.63 -21.48
CA THR M 111 -6.94 -38.27 -22.85
C THR M 111 -5.44 -38.07 -23.08
N TRP M 112 -4.63 -38.16 -22.05
CA TRP M 112 -3.24 -37.82 -22.23
C TRP M 112 -2.29 -39.02 -22.11
N LEU M 113 -1.79 -39.30 -20.91
CA LEU M 113 -0.82 -40.38 -20.66
C LEU M 113 0.45 -40.23 -21.50
N ASP M 114 0.94 -39.00 -21.69
CA ASP M 114 2.17 -38.82 -22.44
C ASP M 114 3.43 -39.36 -21.69
N PRO M 115 3.84 -38.86 -20.51
CA PRO M 115 4.89 -39.45 -19.71
C PRO M 115 4.48 -40.81 -19.24
N TRP M 116 5.45 -41.70 -19.17
CA TRP M 116 5.36 -43.06 -18.67
C TRP M 116 6.70 -43.34 -18.07
N GLY M 117 6.85 -44.52 -17.53
CA GLY M 117 8.10 -44.92 -16.95
C GLY M 117 8.76 -45.98 -17.81
N GLN M 118 9.42 -46.91 -17.14
CA GLN M 118 10.14 -47.98 -17.77
C GLN M 118 9.30 -49.21 -17.54
N GLY M 119 8.64 -49.17 -16.41
CA GLY M 119 7.78 -50.23 -15.94
C GLY M 119 8.55 -51.15 -15.04
N SER M 120 7.85 -51.84 -14.17
CA SER M 120 8.49 -52.81 -13.29
C SER M 120 7.80 -54.13 -13.27
N LEU M 121 8.52 -55.15 -13.68
CA LEU M 121 7.94 -56.47 -13.68
C LEU M 121 7.86 -57.05 -12.32
N VAL M 122 6.68 -57.52 -12.00
CA VAL M 122 6.48 -58.21 -10.77
C VAL M 122 6.09 -59.60 -11.17
N THR M 123 6.85 -60.57 -10.70
CA THR M 123 6.59 -61.96 -11.01
C THR M 123 6.11 -62.65 -9.79
N VAL M 124 5.01 -63.38 -9.93
CA VAL M 124 4.52 -64.12 -8.81
C VAL M 124 4.50 -65.57 -9.23
N SER M 125 5.22 -66.40 -8.49
CA SER M 125 5.36 -67.81 -8.86
C SER M 125 5.72 -68.70 -7.68
N SER M 126 5.17 -69.94 -7.66
CA SER M 126 5.45 -70.96 -6.63
C SER M 126 6.73 -71.73 -6.97
N SER N 3 -16.79 -53.18 -20.96
CA SER N 3 -16.94 -53.30 -22.41
C SER N 3 -15.90 -54.31 -22.98
N TYR N 4 -14.63 -53.85 -23.14
CA TYR N 4 -13.46 -54.58 -23.69
C TYR N 4 -13.73 -55.01 -25.11
N GLU N 5 -14.37 -54.08 -25.82
CA GLU N 5 -14.81 -54.18 -27.20
C GLU N 5 -13.88 -53.55 -28.21
N LEU N 6 -12.71 -53.15 -27.77
CA LEU N 6 -11.81 -52.51 -28.69
C LEU N 6 -11.09 -53.63 -29.45
N THR N 7 -11.80 -54.16 -30.43
CA THR N 7 -11.46 -55.37 -31.15
C THR N 7 -10.44 -55.15 -32.22
N GLN N 8 -9.23 -54.90 -31.78
CA GLN N 8 -8.13 -54.67 -32.66
C GLN N 8 -7.74 -55.95 -33.37
N PRO N 9 -7.27 -55.90 -34.62
CA PRO N 9 -6.77 -57.04 -35.34
C PRO N 9 -5.54 -57.46 -34.61
N ALA N 10 -5.28 -58.76 -34.55
CA ALA N 10 -4.08 -59.19 -33.85
C ALA N 10 -2.84 -58.63 -34.51
N SER N 11 -2.86 -58.54 -35.83
CA SER N 11 -1.73 -58.02 -36.57
C SER N 11 -2.13 -57.46 -37.91
N VAL N 12 -1.29 -56.56 -38.39
CA VAL N 12 -1.38 -55.95 -39.71
C VAL N 12 0.00 -55.93 -40.35
N SER N 13 0.03 -55.75 -41.65
CA SER N 13 1.30 -55.63 -42.32
C SER N 13 1.19 -54.84 -43.61
N GLY N 14 2.34 -54.50 -44.14
CA GLY N 14 2.45 -53.82 -45.41
C GLY N 14 3.89 -53.48 -45.70
N SER N 15 4.16 -53.15 -46.95
CA SER N 15 5.49 -52.80 -47.41
C SER N 15 5.85 -51.37 -47.05
N PRO N 16 7.13 -50.98 -47.05
CA PRO N 16 7.52 -49.62 -46.88
C PRO N 16 6.86 -48.78 -47.97
N GLY N 17 6.32 -47.65 -47.57
CA GLY N 17 5.65 -46.72 -48.44
C GLY N 17 4.16 -46.99 -48.55
N GLN N 18 3.71 -48.11 -48.01
CA GLN N 18 2.32 -48.50 -48.05
C GLN N 18 1.50 -47.75 -47.04
N SER N 19 0.30 -47.33 -47.40
CA SER N 19 -0.55 -46.71 -46.40
C SER N 19 -1.42 -47.80 -45.80
N ILE N 20 -1.51 -47.83 -44.48
CA ILE N 20 -2.27 -48.86 -43.79
C ILE N 20 -3.30 -48.34 -42.78
N THR N 21 -4.28 -49.19 -42.45
CA THR N 21 -5.26 -48.86 -41.42
C THR N 21 -5.33 -49.92 -40.32
N ILE N 22 -5.34 -49.44 -39.10
CA ILE N 22 -5.48 -50.22 -37.89
C ILE N 22 -6.79 -49.77 -37.23
N SER N 23 -7.65 -50.69 -36.82
CA SER N 23 -8.91 -50.23 -36.24
C SER N 23 -9.33 -51.11 -35.07
N CYS N 24 -10.31 -50.66 -34.24
CA CYS N 24 -10.83 -51.39 -33.09
C CYS N 24 -12.33 -51.20 -32.99
N THR N 25 -12.78 -50.18 -33.68
CA THR N 25 -14.19 -49.84 -33.80
C THR N 25 -15.10 -50.27 -32.64
N GLY N 26 -14.80 -49.85 -31.40
CA GLY N 26 -15.66 -50.22 -30.27
C GLY N 26 -16.91 -49.37 -30.37
N SER N 27 -18.04 -49.79 -29.79
CA SER N 27 -19.24 -48.98 -29.90
C SER N 27 -19.33 -47.82 -28.91
N SER N 28 -18.65 -47.92 -27.77
CA SER N 28 -18.75 -46.86 -26.77
C SER N 28 -17.77 -45.75 -27.05
N ILE N 29 -17.97 -45.11 -28.18
CA ILE N 29 -17.12 -44.02 -28.58
C ILE N 29 -17.86 -42.75 -28.39
N GLY N 30 -19.03 -42.70 -29.03
CA GLY N 30 -19.86 -41.52 -29.18
C GLY N 30 -20.28 -40.85 -27.90
N SER N 31 -20.42 -41.61 -26.83
CA SER N 31 -20.83 -41.03 -25.58
C SER N 31 -19.72 -40.26 -24.87
N TYR N 32 -18.47 -40.42 -25.33
CA TYR N 32 -17.33 -39.75 -24.73
C TYR N 32 -16.70 -38.99 -25.85
N ASP N 33 -17.09 -39.43 -27.03
CA ASP N 33 -16.63 -38.99 -28.32
C ASP N 33 -15.12 -39.16 -28.32
N LEU N 34 -14.67 -40.31 -27.83
CA LEU N 34 -13.24 -40.51 -27.73
C LEU N 34 -12.60 -41.88 -27.77
N VAL N 35 -11.70 -42.06 -28.73
CA VAL N 35 -10.78 -43.17 -28.79
C VAL N 35 -9.42 -42.58 -29.12
N SER N 36 -8.45 -42.68 -28.23
CA SER N 36 -7.12 -42.14 -28.51
C SER N 36 -6.20 -43.29 -28.89
N TRP N 37 -5.01 -42.99 -29.42
CA TRP N 37 -4.12 -44.09 -29.80
C TRP N 37 -2.72 -43.99 -29.25
N TYR N 38 -2.20 -45.18 -28.94
CA TYR N 38 -0.86 -45.35 -28.44
C TYR N 38 -0.02 -46.31 -29.27
N GLN N 39 1.28 -46.10 -29.24
CA GLN N 39 2.25 -46.95 -29.91
C GLN N 39 3.30 -47.49 -28.98
N GLN N 40 3.45 -48.81 -28.91
CA GLN N 40 4.41 -49.41 -28.02
C GLN N 40 5.51 -50.18 -28.72
N TYR N 41 6.74 -49.91 -28.31
CA TYR N 41 7.88 -50.61 -28.87
C TYR N 41 8.35 -51.67 -27.89
N PRO N 42 8.97 -52.75 -28.35
CA PRO N 42 9.48 -53.78 -27.48
C PRO N 42 10.43 -53.16 -26.48
N GLY N 43 10.28 -53.50 -25.22
CA GLY N 43 11.15 -52.99 -24.18
C GLY N 43 10.77 -51.58 -23.70
N LYS N 44 9.69 -51.01 -24.23
CA LYS N 44 9.30 -49.65 -23.89
C LYS N 44 7.83 -49.53 -23.54
N ALA N 45 7.50 -48.47 -22.80
CA ALA N 45 6.14 -48.10 -22.50
C ALA N 45 5.49 -47.57 -23.78
N PRO N 46 4.16 -47.62 -23.94
CA PRO N 46 3.41 -47.02 -25.03
C PRO N 46 3.55 -45.50 -25.01
N LYS N 47 3.47 -44.86 -26.17
CA LYS N 47 3.49 -43.39 -26.25
C LYS N 47 2.26 -42.92 -26.98
N VAL N 48 1.87 -41.68 -26.77
CA VAL N 48 0.69 -41.19 -27.47
C VAL N 48 1.04 -40.86 -28.90
N ILE N 49 0.26 -41.38 -29.83
CA ILE N 49 0.41 -41.05 -31.24
C ILE N 49 -0.75 -40.18 -31.67
N ILE N 50 -1.91 -40.45 -31.11
CA ILE N 50 -3.09 -39.66 -31.38
C ILE N 50 -3.68 -39.16 -30.09
N PHE N 51 -3.83 -37.87 -30.02
CA PHE N 51 -4.38 -37.15 -28.90
C PHE N 51 -5.86 -36.94 -29.11
N GLU N 52 -6.64 -37.25 -28.08
CA GLU N 52 -8.08 -37.17 -28.19
C GLU N 52 -8.41 -37.92 -29.44
N VAL N 53 -9.12 -37.29 -30.35
CA VAL N 53 -9.42 -37.96 -31.58
C VAL N 53 -8.77 -37.21 -32.71
N SER N 54 -7.88 -37.90 -33.36
CA SER N 54 -7.11 -37.45 -34.51
C SER N 54 -6.25 -36.20 -34.34
N LYS N 55 -5.86 -35.80 -33.12
CA LYS N 55 -4.96 -34.69 -33.01
C LYS N 55 -3.55 -35.22 -32.91
N ARG N 56 -2.60 -34.56 -33.54
CA ARG N 56 -1.25 -35.08 -33.49
C ARG N 56 -0.48 -34.45 -32.32
N PRO N 57 0.13 -35.22 -31.42
CA PRO N 57 0.96 -34.75 -30.33
C PRO N 57 2.21 -34.14 -30.91
N SER N 58 2.83 -33.23 -30.19
CA SER N 58 4.07 -32.70 -30.67
C SER N 58 5.09 -33.82 -30.70
N GLY N 59 5.93 -33.84 -31.73
CA GLY N 59 6.97 -34.85 -31.84
C GLY N 59 6.53 -36.08 -32.64
N VAL N 60 5.24 -36.16 -32.96
CA VAL N 60 4.71 -37.26 -33.71
C VAL N 60 4.72 -36.97 -35.20
N SER N 61 5.11 -37.97 -35.97
CA SER N 61 5.18 -37.91 -37.42
C SER N 61 3.85 -37.67 -38.10
N HIS N 62 3.91 -36.93 -39.20
CA HIS N 62 2.80 -36.53 -40.04
C HIS N 62 2.16 -37.68 -40.77
N ARG N 63 2.81 -38.84 -40.70
CA ARG N 63 2.29 -40.07 -41.25
C ARG N 63 1.03 -40.46 -40.49
N PHE N 64 0.96 -40.06 -39.22
CA PHE N 64 -0.12 -40.43 -38.34
C PHE N 64 -1.31 -39.49 -38.32
N SER N 65 -2.48 -40.09 -38.46
CA SER N 65 -3.78 -39.42 -38.38
C SER N 65 -4.79 -40.46 -37.96
N GLY N 66 -6.00 -40.06 -37.61
CA GLY N 66 -6.99 -41.06 -37.21
C GLY N 66 -8.37 -40.82 -37.82
N SER N 67 -9.33 -41.62 -37.36
CA SER N 67 -10.71 -41.56 -37.81
C SER N 67 -11.74 -41.99 -36.78
N LYS N 68 -12.84 -41.24 -36.76
CA LYS N 68 -13.99 -41.51 -35.91
C LYS N 68 -15.29 -41.31 -36.66
N SER N 69 -16.16 -42.31 -36.59
CA SER N 69 -17.47 -42.22 -37.25
C SER N 69 -18.47 -43.27 -36.79
N GLY N 70 -19.51 -42.88 -36.08
CA GLY N 70 -20.39 -43.92 -35.57
C GLY N 70 -19.57 -44.78 -34.64
N ASN N 71 -19.50 -46.07 -34.91
CA ASN N 71 -18.74 -46.99 -34.07
C ASN N 71 -17.33 -47.16 -34.61
N THR N 72 -16.96 -46.37 -35.61
CA THR N 72 -15.65 -46.45 -36.19
C THR N 72 -14.63 -45.79 -35.30
N ALA N 73 -13.54 -46.50 -35.12
CA ALA N 73 -12.38 -46.04 -34.41
C ALA N 73 -11.19 -46.62 -35.12
N ALA N 74 -10.40 -45.73 -35.72
CA ALA N 74 -9.26 -46.16 -36.52
C ALA N 74 -8.08 -45.20 -36.51
N LEU N 75 -6.94 -45.80 -36.78
CA LEU N 75 -5.64 -45.22 -36.96
C LEU N 75 -5.12 -45.38 -38.38
N THR N 76 -4.67 -44.29 -38.96
CA THR N 76 -4.11 -44.33 -40.30
C THR N 76 -2.64 -43.99 -40.28
N ILE N 77 -1.85 -44.84 -40.91
CA ILE N 77 -0.42 -44.57 -41.04
C ILE N 77 -0.09 -44.49 -42.53
N SER N 78 0.14 -43.29 -43.02
CA SER N 78 0.39 -43.10 -44.44
C SER N 78 1.85 -43.22 -44.74
N GLY N 79 2.20 -43.88 -45.84
CA GLY N 79 3.63 -43.91 -46.15
C GLY N 79 4.44 -44.71 -45.14
N LEU N 80 3.96 -45.89 -44.76
CA LEU N 80 4.56 -46.72 -43.72
C LEU N 80 6.05 -46.92 -43.79
N GLN N 81 6.70 -46.68 -42.65
CA GLN N 81 8.14 -46.84 -42.57
C GLN N 81 8.52 -48.05 -41.75
N VAL N 82 9.74 -48.52 -41.92
CA VAL N 82 10.25 -49.65 -41.15
C VAL N 82 10.26 -49.32 -39.66
N GLU N 83 10.59 -48.09 -39.35
CA GLU N 83 10.65 -47.60 -38.00
C GLU N 83 9.30 -47.62 -37.27
N ASP N 84 8.20 -47.79 -38.00
CA ASP N 84 6.87 -47.81 -37.43
C ASP N 84 6.48 -49.20 -36.94
N GLU N 85 7.36 -50.19 -37.10
CA GLU N 85 7.01 -51.51 -36.59
C GLU N 85 6.81 -51.36 -35.08
N ALA N 86 5.61 -51.71 -34.60
CA ALA N 86 5.23 -51.49 -33.20
C ALA N 86 3.88 -52.13 -32.90
N ILE N 87 3.49 -52.13 -31.63
CA ILE N 87 2.15 -52.57 -31.28
C ILE N 87 1.27 -51.36 -31.03
N TYR N 88 0.17 -51.28 -31.75
CA TYR N 88 -0.70 -50.12 -31.62
C TYR N 88 -1.88 -50.43 -30.74
N HIS N 89 -2.32 -49.45 -29.96
CA HIS N 89 -3.45 -49.67 -29.06
C HIS N 89 -4.52 -48.56 -29.08
N CYS N 90 -5.80 -48.99 -28.94
CA CYS N 90 -6.96 -48.11 -28.74
C CYS N 90 -7.19 -47.91 -27.26
N TYR N 91 -7.44 -46.66 -26.92
CA TYR N 91 -7.78 -46.23 -25.58
C TYR N 91 -9.14 -45.56 -25.55
N SER N 92 -10.02 -45.99 -24.67
CA SER N 92 -11.32 -45.33 -24.60
C SER N 92 -11.82 -45.25 -23.18
N TYR N 93 -12.82 -44.40 -22.93
CA TYR N 93 -13.35 -44.27 -21.59
C TYR N 93 -14.83 -44.59 -21.45
N ASP N 94 -15.18 -45.86 -21.28
CA ASP N 94 -16.59 -46.22 -21.17
C ASP N 94 -16.94 -46.18 -19.68
N ASP N 95 -16.87 -44.97 -19.13
CA ASP N 95 -16.96 -44.69 -17.68
C ASP N 95 -15.78 -45.36 -16.95
N MET N 96 -14.85 -45.88 -17.73
CA MET N 96 -13.70 -46.62 -17.29
C MET N 96 -12.65 -46.67 -18.37
N ILE N 97 -11.39 -46.73 -18.00
CA ILE N 97 -10.41 -46.92 -19.05
C ILE N 97 -10.35 -48.34 -19.52
N ILE N 98 -10.55 -48.46 -20.82
CA ILE N 98 -10.57 -49.69 -21.56
C ILE N 98 -9.47 -49.68 -22.60
N PHE N 99 -8.74 -50.77 -22.68
CA PHE N 99 -7.70 -50.86 -23.68
C PHE N 99 -7.99 -51.99 -24.64
N GLY N 100 -7.59 -51.80 -25.88
CA GLY N 100 -7.66 -52.88 -26.84
C GLY N 100 -6.47 -53.79 -26.61
N GLY N 101 -6.56 -55.04 -27.07
CA GLY N 101 -5.46 -56.00 -26.90
C GLY N 101 -4.19 -55.52 -27.55
N GLY N 102 -4.34 -54.81 -28.65
CA GLY N 102 -3.24 -54.25 -29.40
C GLY N 102 -3.01 -54.95 -30.72
N THR N 103 -2.55 -54.20 -31.71
CA THR N 103 -2.29 -54.70 -33.05
C THR N 103 -0.83 -54.73 -33.36
N ARG N 104 -0.33 -55.88 -33.76
CA ARG N 104 1.06 -55.95 -34.08
C ARG N 104 1.31 -55.60 -35.54
N LEU N 105 1.97 -54.49 -35.77
CA LEU N 105 2.30 -54.02 -37.11
C LEU N 105 3.71 -54.31 -37.48
N THR N 106 3.89 -55.04 -38.56
CA THR N 106 5.22 -55.36 -39.05
C THR N 106 5.39 -54.71 -40.41
N VAL N 107 6.65 -54.55 -40.85
CA VAL N 107 6.88 -53.91 -42.13
C VAL N 107 7.64 -54.89 -43.05
N LEU N 108 7.08 -55.13 -44.25
CA LEU N 108 7.53 -56.09 -45.26
C LEU N 108 8.70 -55.50 -46.08
N VAL O 2 39.55 9.92 6.60
CA VAL O 2 39.92 8.51 6.58
C VAL O 2 41.37 8.34 7.05
N GLN O 3 41.62 7.26 7.81
CA GLN O 3 42.94 6.84 8.26
C GLN O 3 43.43 5.69 7.45
N LEU O 4 44.58 5.86 6.86
CA LEU O 4 45.17 4.77 6.11
C LEU O 4 46.21 4.21 7.02
N LEU O 5 45.92 3.04 7.53
CA LEU O 5 46.79 2.45 8.52
C LEU O 5 47.66 1.36 7.96
N GLU O 6 48.94 1.62 7.97
CA GLU O 6 49.90 0.69 7.41
C GLU O 6 50.61 -0.11 8.49
N SER O 7 51.13 -1.24 8.08
CA SER O 7 51.94 -2.08 8.96
C SER O 7 53.26 -1.39 9.21
N GLY O 8 54.05 -1.89 10.16
CA GLY O 8 55.31 -1.25 10.50
C GLY O 8 56.47 -1.57 9.56
N ALA O 9 57.64 -1.06 9.95
CA ALA O 9 58.89 -1.21 9.21
C ALA O 9 59.50 -2.57 9.43
N GLU O 10 60.30 -3.01 8.46
CA GLU O 10 61.02 -4.27 8.59
C GLU O 10 62.32 -4.29 7.82
N VAL O 11 63.23 -5.17 8.24
CA VAL O 11 64.52 -5.32 7.58
C VAL O 11 64.72 -6.75 7.12
N LYS O 12 65.05 -6.91 5.86
CA LYS O 12 65.25 -8.20 5.24
C LYS O 12 66.59 -8.34 4.53
N LYS O 13 67.00 -9.57 4.29
CA LYS O 13 68.21 -9.82 3.53
C LYS O 13 67.83 -9.86 2.06
N PRO O 14 68.73 -9.66 1.11
CA PRO O 14 68.45 -9.79 -0.29
C PRO O 14 67.88 -11.17 -0.61
N GLY O 15 66.95 -11.22 -1.57
CA GLY O 15 66.26 -12.44 -1.97
C GLY O 15 65.01 -12.64 -1.10
N ALA O 16 64.63 -11.58 -0.42
CA ALA O 16 63.50 -11.55 0.50
C ALA O 16 62.15 -11.32 -0.12
N SER O 17 61.15 -11.49 0.71
CA SER O 17 59.80 -11.13 0.36
C SER O 17 59.19 -10.42 1.56
N VAL O 18 58.31 -9.46 1.30
CA VAL O 18 57.59 -8.73 2.35
C VAL O 18 56.12 -8.60 2.07
N ARG O 19 55.33 -8.46 3.12
CA ARG O 19 53.90 -8.25 3.03
C ARG O 19 53.47 -7.02 3.80
N VAL O 20 53.16 -5.96 3.08
CA VAL O 20 52.80 -4.73 3.76
C VAL O 20 51.31 -4.44 3.63
N SER O 21 50.61 -4.39 4.75
CA SER O 21 49.18 -4.13 4.73
C SER O 21 48.87 -2.63 4.79
N CYS O 22 47.63 -2.27 4.39
CA CYS O 22 47.03 -0.93 4.47
C CYS O 22 45.52 -1.05 4.72
N GLU O 23 45.07 -0.61 5.89
CA GLU O 23 43.66 -0.69 6.25
C GLU O 23 42.94 0.63 5.95
N ALA O 24 41.73 0.51 5.41
CA ALA O 24 40.87 1.65 5.07
C ALA O 24 39.93 2.11 6.19
N SER O 25 40.42 2.79 7.21
CA SER O 25 39.54 3.15 8.31
C SER O 25 38.79 4.45 8.04
N GLY O 26 37.82 4.38 7.12
CA GLY O 26 37.03 5.52 6.69
C GLY O 26 36.59 5.38 5.24
N TYR O 27 35.88 6.39 4.73
CA TYR O 27 35.29 6.33 3.40
C TYR O 27 34.56 5.01 3.33
N THR O 28 34.69 4.32 2.23
CA THR O 28 34.15 3.01 2.10
C THR O 28 35.29 2.26 1.48
N PHE O 29 35.26 0.96 1.43
CA PHE O 29 36.40 0.31 0.83
C PHE O 29 36.43 0.43 -0.67
N THR O 30 35.28 0.29 -1.27
CA THR O 30 35.09 0.34 -2.71
C THR O 30 35.03 1.78 -3.21
N LYS O 31 34.96 1.94 -4.53
CA LYS O 31 34.91 3.22 -5.26
C LYS O 31 36.20 4.02 -5.27
N TYR O 32 37.29 3.40 -4.88
CA TYR O 32 38.61 3.99 -4.94
C TYR O 32 39.65 3.02 -5.45
N PHE O 33 40.67 3.58 -6.02
CA PHE O 33 41.81 2.77 -6.36
C PHE O 33 42.80 2.98 -5.26
N ILE O 34 43.52 1.98 -4.87
CA ILE O 34 44.55 2.21 -3.89
C ILE O 34 45.84 2.13 -4.58
N HIS O 35 46.60 3.19 -4.44
CA HIS O 35 47.87 3.29 -5.11
C HIS O 35 49.00 3.05 -4.16
N TRP O 36 50.04 2.45 -4.68
CA TRP O 36 51.24 2.29 -3.93
C TRP O 36 52.36 2.98 -4.64
N VAL O 37 53.12 3.70 -3.84
CA VAL O 37 54.27 4.44 -4.30
C VAL O 37 55.41 4.17 -3.34
N ARG O 38 56.62 4.46 -3.75
CA ARG O 38 57.69 4.38 -2.78
C ARG O 38 58.59 5.58 -2.84
N GLN O 39 59.09 5.96 -1.68
CA GLN O 39 59.99 7.07 -1.62
C GLN O 39 61.38 6.60 -1.33
N ALA O 40 62.22 6.78 -2.31
CA ALA O 40 63.59 6.32 -2.23
C ALA O 40 64.41 7.58 -2.13
N PRO O 41 65.01 7.91 -0.99
CA PRO O 41 65.71 9.14 -0.80
C PRO O 41 66.71 9.34 -1.90
N GLY O 42 66.70 10.53 -2.47
CA GLY O 42 67.59 10.89 -3.57
C GLY O 42 66.94 10.70 -4.93
N HIS O 43 65.81 9.98 -4.99
CA HIS O 43 65.15 9.73 -6.26
C HIS O 43 63.75 10.33 -6.39
N GLY O 44 63.16 10.73 -5.27
CA GLY O 44 61.79 11.22 -5.30
C GLY O 44 60.81 10.06 -5.14
N LEU O 45 59.60 10.28 -5.64
CA LEU O 45 58.50 9.34 -5.49
C LEU O 45 58.25 8.52 -6.75
N GLU O 46 58.38 7.22 -6.61
CA GLU O 46 58.17 6.28 -7.70
C GLU O 46 56.80 5.65 -7.60
N TRP O 47 56.04 5.68 -8.68
CA TRP O 47 54.77 5.00 -8.65
C TRP O 47 54.99 3.53 -8.88
N ILE O 48 54.34 2.68 -8.12
CA ILE O 48 54.51 1.25 -8.30
C ILE O 48 53.35 0.60 -8.98
N GLY O 49 52.15 0.86 -8.48
CA GLY O 49 50.99 0.16 -8.97
C GLY O 49 49.72 0.54 -8.27
N TRP O 50 48.63 -0.06 -8.70
CA TRP O 50 47.34 0.14 -8.06
C TRP O 50 46.44 -1.03 -8.14
N ILE O 51 45.49 -1.02 -7.22
CA ILE O 51 44.45 -2.01 -7.21
C ILE O 51 43.08 -1.39 -7.17
N ASN O 52 42.21 -1.96 -7.96
CA ASN O 52 40.83 -1.59 -8.03
C ASN O 52 40.14 -2.28 -6.88
N THR O 53 39.71 -1.55 -5.86
CA THR O 53 39.20 -2.25 -4.69
C THR O 53 37.88 -2.92 -4.90
N LEU O 54 37.23 -2.63 -6.00
CA LEU O 54 35.97 -3.23 -6.27
C LEU O 54 36.14 -4.50 -7.05
N THR O 55 36.96 -4.46 -8.08
CA THR O 55 37.06 -5.60 -8.97
C THR O 55 38.23 -6.48 -8.73
N SER O 56 39.24 -6.02 -7.97
CA SER O 56 40.51 -6.69 -7.67
C SER O 56 41.54 -6.53 -8.75
N GLY O 57 41.17 -5.92 -9.87
CA GLY O 57 42.12 -5.80 -10.96
C GLY O 57 43.29 -4.93 -10.58
N VAL O 58 44.43 -5.22 -11.17
CA VAL O 58 45.64 -4.47 -10.89
C VAL O 58 46.37 -3.96 -12.10
N ASN O 59 47.23 -3.00 -11.83
CA ASN O 59 48.11 -2.41 -12.82
C ASN O 59 49.45 -2.11 -12.19
N TYR O 60 50.52 -2.53 -12.84
CA TYR O 60 51.82 -2.31 -12.25
C TYR O 60 52.82 -1.70 -13.21
N ALA O 61 53.80 -1.03 -12.64
CA ALA O 61 54.93 -0.52 -13.38
C ALA O 61 55.69 -1.72 -13.93
N ARG O 62 56.34 -1.54 -15.07
CA ARG O 62 57.02 -2.65 -15.72
C ARG O 62 58.11 -3.32 -14.89
N ASN O 63 58.78 -2.60 -14.03
CA ASN O 63 59.85 -3.21 -13.28
C ASN O 63 59.38 -4.10 -12.13
N PHE O 64 58.08 -4.17 -11.91
CA PHE O 64 57.53 -5.01 -10.88
C PHE O 64 56.73 -6.16 -11.47
N GLN O 65 56.78 -6.36 -12.78
CA GLN O 65 55.92 -7.39 -13.34
C GLN O 65 56.21 -8.79 -12.83
N GLY O 66 57.46 -9.06 -12.52
CA GLY O 66 57.84 -10.37 -12.00
C GLY O 66 58.04 -10.35 -10.48
N ARG O 67 57.69 -9.25 -9.82
CA ARG O 67 57.96 -9.14 -8.40
C ARG O 67 56.76 -8.83 -7.51
N LEU O 68 55.78 -8.09 -8.00
CA LEU O 68 54.70 -7.66 -7.14
C LEU O 68 53.35 -8.30 -7.39
N THR O 69 52.76 -8.78 -6.33
CA THR O 69 51.43 -9.33 -6.34
C THR O 69 50.59 -8.56 -5.32
N LEU O 70 49.86 -7.59 -5.81
CA LEU O 70 49.07 -6.70 -4.99
C LEU O 70 47.65 -7.21 -4.90
N THR O 71 47.15 -7.40 -3.69
CA THR O 71 45.79 -7.93 -3.55
C THR O 71 44.96 -7.20 -2.53
N ARG O 72 43.70 -7.57 -2.42
CA ARG O 72 42.83 -6.98 -1.42
C ARG O 72 41.88 -7.98 -0.82
N ASP O 73 41.46 -7.71 0.40
CA ASP O 73 40.46 -8.53 1.06
C ASP O 73 39.31 -7.64 1.52
N LEU O 74 38.18 -7.81 0.86
CA LEU O 74 37.04 -6.96 1.11
C LEU O 74 36.55 -7.07 2.53
N SER O 75 36.64 -8.26 3.12
CA SER O 75 36.04 -8.45 4.43
C SER O 75 36.75 -7.73 5.55
N THR O 76 37.98 -7.28 5.30
CA THR O 76 38.75 -6.60 6.31
C THR O 76 39.08 -5.21 5.84
N GLU O 77 38.55 -4.84 4.68
CA GLU O 77 38.83 -3.57 4.07
C GLU O 77 40.34 -3.31 4.01
N THR O 78 41.09 -4.32 3.61
CA THR O 78 42.55 -4.20 3.60
C THR O 78 43.25 -4.56 2.31
N VAL O 79 44.22 -3.73 1.96
CA VAL O 79 45.07 -3.96 0.81
C VAL O 79 46.43 -4.46 1.22
N TYR O 80 46.90 -5.49 0.52
CA TYR O 80 48.21 -6.06 0.82
C TYR O 80 49.16 -6.04 -0.33
N MET O 81 50.34 -5.49 -0.08
CA MET O 81 51.37 -5.43 -1.10
C MET O 81 52.40 -6.50 -0.86
N ASP O 82 52.40 -7.56 -1.66
CA ASP O 82 53.37 -8.63 -1.50
C ASP O 82 54.47 -8.52 -2.52
N LEU O 83 55.63 -8.14 -2.06
CA LEU O 83 56.74 -7.91 -2.97
C LEU O 83 57.80 -8.98 -2.80
N ARG O 84 58.18 -9.60 -3.90
CA ARG O 84 59.15 -10.68 -3.95
C ARG O 84 60.51 -10.26 -4.48
N ASN O 85 61.50 -11.11 -4.24
CA ASN O 85 62.85 -10.95 -4.77
C ASN O 85 63.46 -9.61 -4.44
N LEU O 86 63.32 -9.21 -3.20
CA LEU O 86 63.81 -7.92 -2.74
C LEU O 86 65.32 -7.83 -2.76
N LYS O 87 65.78 -6.68 -3.25
CA LYS O 87 67.18 -6.31 -3.35
C LYS O 87 67.48 -5.10 -2.49
N SER O 88 68.75 -4.77 -2.29
CA SER O 88 69.13 -3.57 -1.55
C SER O 88 68.66 -2.32 -2.28
N ASP O 89 68.42 -2.47 -3.58
CA ASP O 89 67.95 -1.45 -4.51
C ASP O 89 66.55 -1.01 -4.15
N ASP O 90 65.84 -1.84 -3.41
CA ASP O 90 64.47 -1.60 -3.07
C ASP O 90 64.32 -0.95 -1.71
N THR O 91 65.41 -0.54 -1.07
CA THR O 91 65.17 0.11 0.20
C THR O 91 64.44 1.41 -0.10
N ALA O 92 63.30 1.57 0.53
CA ALA O 92 62.44 2.74 0.33
C ALA O 92 61.33 2.76 1.34
N VAL O 93 60.66 3.89 1.46
CA VAL O 93 59.47 3.91 2.26
C VAL O 93 58.30 3.61 1.37
N TYR O 94 57.54 2.59 1.72
CA TYR O 94 56.43 2.20 0.91
C TYR O 94 55.17 2.76 1.49
N TYR O 95 54.44 3.46 0.66
CA TYR O 95 53.21 4.11 1.07
C TYR O 95 52.02 3.64 0.27
N CYS O 96 50.84 3.64 0.91
CA CYS O 96 49.55 3.43 0.28
C CYS O 96 48.86 4.79 0.24
N ALA O 97 48.02 4.98 -0.76
CA ALA O 97 47.22 6.20 -0.85
C ALA O 97 45.89 5.90 -1.49
N ARG O 98 44.92 6.76 -1.23
CA ARG O 98 43.60 6.55 -1.81
C ARG O 98 43.67 6.86 -3.27
N GLY O 99 42.57 6.65 -3.95
CA GLY O 99 42.49 6.82 -5.37
C GLY O 99 42.34 8.24 -5.71
N GLY O 100 41.75 8.49 -6.84
CA GLY O 100 41.60 9.81 -7.29
C GLY O 100 40.28 10.28 -6.81
N ARG O 101 39.71 11.15 -7.58
CA ARG O 101 38.45 11.77 -7.24
C ARG O 101 37.31 10.78 -7.01
N GLY O 102 37.41 9.53 -7.51
CA GLY O 102 36.37 8.53 -7.27
C GLY O 102 35.89 7.79 -8.51
N TYR O 103 35.31 6.62 -8.30
CA TYR O 103 34.83 5.86 -9.44
C TYR O 103 33.75 6.53 -10.17
N ASP O 104 33.75 6.25 -11.45
CA ASP O 104 32.84 6.72 -12.46
C ASP O 104 33.04 8.19 -12.78
N GLU O 105 34.09 8.79 -12.25
CA GLU O 105 34.47 10.12 -12.65
C GLU O 105 35.38 9.93 -13.85
N PRO O 106 35.49 10.91 -14.76
CA PRO O 106 36.34 10.85 -15.95
C PRO O 106 37.76 10.43 -15.65
N TRP O 107 38.29 10.86 -14.52
CA TRP O 107 39.62 10.51 -14.11
C TRP O 107 39.62 10.07 -12.68
N GLY O 108 38.75 9.12 -12.37
CA GLY O 108 38.55 8.61 -11.00
C GLY O 108 39.77 8.06 -10.29
N ALA O 109 40.71 7.49 -11.03
CA ALA O 109 41.92 6.93 -10.46
C ALA O 109 43.00 7.96 -10.27
N TYR O 110 42.75 9.18 -10.72
CA TYR O 110 43.74 10.23 -10.72
C TYR O 110 43.20 11.56 -10.20
N THR O 111 44.07 12.58 -10.20
CA THR O 111 43.82 14.00 -9.81
C THR O 111 43.72 14.31 -8.32
N TRP O 112 43.85 13.30 -7.48
CA TRP O 112 43.67 13.59 -6.07
C TRP O 112 44.60 12.79 -5.14
N LEU O 113 44.34 11.53 -4.80
CA LEU O 113 45.26 10.80 -3.90
C LEU O 113 45.52 11.58 -2.63
N ASP O 114 44.51 12.19 -2.00
CA ASP O 114 44.89 12.98 -0.84
C ASP O 114 45.20 12.20 0.44
N PRO O 115 44.37 11.32 0.97
CA PRO O 115 44.74 10.61 2.15
C PRO O 115 45.84 9.63 1.80
N TRP O 116 46.88 9.62 2.62
CA TRP O 116 48.05 8.74 2.52
C TRP O 116 48.28 8.06 3.85
N GLY O 117 48.84 6.86 3.81
CA GLY O 117 49.16 6.19 5.05
C GLY O 117 50.54 6.54 5.57
N GLN O 118 50.90 5.92 6.67
CA GLN O 118 52.17 6.16 7.27
C GLN O 118 53.12 5.19 6.65
N GLY O 119 53.71 5.60 5.56
CA GLY O 119 54.49 4.66 4.78
C GLY O 119 55.55 4.01 5.62
N SER O 120 55.74 2.73 5.35
CA SER O 120 56.66 1.88 6.05
C SER O 120 58.00 1.69 5.41
N LEU O 121 59.05 1.93 6.17
CA LEU O 121 60.36 1.71 5.62
C LEU O 121 60.69 0.24 5.55
N VAL O 122 61.10 -0.17 4.38
CA VAL O 122 61.56 -1.51 4.19
C VAL O 122 63.00 -1.41 3.78
N THR O 123 63.85 -2.06 4.55
CA THR O 123 65.26 -2.03 4.26
C THR O 123 65.76 -3.38 3.91
N VAL O 124 66.53 -3.43 2.84
CA VAL O 124 67.09 -4.68 2.45
C VAL O 124 68.59 -4.53 2.53
N SER O 125 69.21 -5.39 3.30
CA SER O 125 70.65 -5.28 3.53
C SER O 125 71.29 -6.61 3.91
N SER O 126 72.52 -6.88 3.41
CA SER O 126 73.32 -8.08 3.70
C SER O 126 74.13 -7.86 4.98
N SER P 3 60.50 12.16 -12.20
CA SER P 3 61.60 13.09 -12.44
C SER P 3 61.92 13.27 -13.96
N TYR P 4 61.51 12.28 -14.80
CA TYR P 4 61.67 12.21 -16.26
C TYR P 4 61.08 13.40 -17.02
N GLU P 5 59.83 13.71 -16.76
CA GLU P 5 59.21 14.92 -17.30
C GLU P 5 59.12 15.96 -16.21
N LEU P 6 58.92 15.53 -14.99
CA LEU P 6 58.74 16.48 -13.91
C LEU P 6 60.05 16.88 -13.29
N THR P 7 60.77 17.65 -14.08
CA THR P 7 62.10 18.14 -13.87
C THR P 7 62.11 19.36 -12.97
N GLN P 8 61.80 19.13 -11.72
CA GLN P 8 61.72 20.19 -10.73
C GLN P 8 63.09 20.75 -10.40
N PRO P 9 63.19 22.01 -9.97
CA PRO P 9 64.41 22.63 -9.48
C PRO P 9 64.73 21.93 -8.20
N ALA P 10 66.01 21.80 -7.87
CA ALA P 10 66.37 21.14 -6.64
C ALA P 10 65.88 21.87 -5.42
N SER P 11 65.93 23.19 -5.46
CA SER P 11 65.51 23.99 -4.34
C SER P 11 65.16 25.40 -4.73
N VAL P 12 64.36 26.00 -3.86
CA VAL P 12 63.98 27.40 -3.90
C VAL P 12 64.08 27.98 -2.51
N SER P 13 64.14 29.29 -2.43
CA SER P 13 64.15 29.93 -1.13
C SER P 13 63.65 31.35 -1.27
N GLY P 14 63.38 31.96 -0.13
CA GLY P 14 62.99 33.34 -0.07
C GLY P 14 62.69 33.73 1.35
N SER P 15 62.59 35.03 1.59
CA SER P 15 62.32 35.58 2.90
C SER P 15 60.86 35.43 3.24
N PRO P 16 60.47 35.50 4.52
CA PRO P 16 59.09 35.55 4.91
C PRO P 16 58.47 36.74 4.21
N GLY P 17 57.31 36.54 3.65
CA GLY P 17 56.55 37.56 2.94
C GLY P 17 56.86 37.59 1.45
N GLN P 18 57.89 36.87 1.04
CA GLN P 18 58.30 36.82 -0.37
C GLN P 18 57.40 35.93 -1.17
N SER P 19 57.09 36.32 -2.39
CA SER P 19 56.34 35.41 -3.23
C SER P 19 57.34 34.63 -4.07
N ILE P 20 57.17 33.32 -4.11
CA ILE P 20 58.08 32.44 -4.86
C ILE P 20 57.37 31.50 -5.83
N THR P 21 58.12 30.95 -6.79
CA THR P 21 57.56 29.98 -7.73
C THR P 21 58.38 28.68 -7.82
N ILE P 22 57.68 27.55 -7.82
CA ILE P 22 58.23 26.20 -8.00
C ILE P 22 57.68 25.64 -9.31
N SER P 23 58.51 25.07 -10.20
CA SER P 23 57.92 24.62 -11.48
C SER P 23 58.52 23.37 -12.17
N CYS P 24 57.73 22.81 -13.14
CA CYS P 24 58.05 21.71 -14.04
C CYS P 24 57.74 22.11 -15.48
N THR P 25 58.59 21.67 -16.41
CA THR P 25 58.44 21.96 -17.82
C THR P 25 58.24 20.72 -18.68
N GLY P 26 57.82 19.62 -18.06
CA GLY P 26 57.63 18.39 -18.79
C GLY P 26 56.55 18.43 -19.85
N SER P 27 56.79 17.73 -20.97
CA SER P 27 55.86 17.71 -22.11
C SER P 27 54.78 16.68 -21.98
N SER P 28 54.08 16.78 -20.87
CA SER P 28 52.98 15.93 -20.52
C SER P 28 51.97 16.87 -19.96
N ILE P 29 52.47 18.03 -19.58
CA ILE P 29 51.67 18.99 -18.89
C ILE P 29 50.57 19.54 -19.78
N GLY P 30 50.91 19.87 -21.03
CA GLY P 30 49.86 20.38 -21.90
C GLY P 30 48.98 19.27 -22.46
N SER P 31 49.52 18.06 -22.58
CA SER P 31 48.82 16.94 -23.17
C SER P 31 47.71 16.37 -22.31
N TYR P 32 47.97 16.24 -21.01
CA TYR P 32 47.01 15.70 -20.06
C TYR P 32 46.68 16.76 -19.05
N ASP P 33 45.45 17.21 -18.98
CA ASP P 33 45.14 18.29 -18.06
C ASP P 33 44.84 17.76 -16.66
N LEU P 34 45.86 17.15 -16.06
CA LEU P 34 45.74 16.46 -14.79
C LEU P 34 46.82 16.84 -13.79
N VAL P 35 47.61 17.86 -14.11
CA VAL P 35 48.75 18.24 -13.29
C VAL P 35 48.41 18.92 -12.00
N SER P 36 48.94 18.38 -10.91
CA SER P 36 48.63 18.84 -9.56
C SER P 36 49.89 18.90 -8.71
N TRP P 37 49.73 19.31 -7.43
CA TRP P 37 50.90 19.47 -6.54
C TRP P 37 50.69 18.89 -5.15
N TYR P 38 51.80 18.37 -4.60
CA TYR P 38 51.83 17.82 -3.25
C TYR P 38 52.89 18.48 -2.38
N GLN P 39 52.62 18.53 -1.09
CA GLN P 39 53.57 19.07 -0.12
C GLN P 39 53.89 18.08 0.97
N GLN P 40 55.17 17.88 1.21
CA GLN P 40 55.59 16.94 2.24
C GLN P 40 56.50 17.54 3.29
N TYR P 41 56.16 17.29 4.53
CA TYR P 41 56.99 17.71 5.63
C TYR P 41 57.80 16.50 6.02
N PRO P 42 59.04 16.61 6.44
CA PRO P 42 59.84 15.49 6.85
C PRO P 42 59.10 14.71 7.91
N GLY P 43 59.09 13.39 7.76
CA GLY P 43 58.44 12.51 8.71
C GLY P 43 56.95 12.29 8.41
N LYS P 44 56.43 12.97 7.40
CA LYS P 44 55.02 12.87 7.03
C LYS P 44 54.83 12.39 5.60
N ALA P 45 53.63 11.88 5.31
CA ALA P 45 53.29 11.55 3.94
C ALA P 45 52.98 12.87 3.24
N PRO P 46 53.17 13.01 1.93
CA PRO P 46 52.77 14.16 1.13
C PRO P 46 51.26 14.39 1.16
N LYS P 47 50.83 15.65 1.08
CA LYS P 47 49.39 15.99 1.02
C LYS P 47 49.10 16.79 -0.23
N VAL P 48 47.86 16.79 -0.69
CA VAL P 48 47.56 17.59 -1.87
C VAL P 48 47.41 19.04 -1.53
N ILE P 49 48.11 19.89 -2.27
CA ILE P 49 47.99 21.33 -2.11
C ILE P 49 47.28 21.93 -3.31
N ILE P 50 47.46 21.31 -4.46
CA ILE P 50 46.77 21.71 -5.68
C ILE P 50 45.99 20.53 -6.14
N PHE P 51 44.72 20.75 -6.37
CA PHE P 51 43.74 19.78 -6.78
C PHE P 51 43.51 19.81 -8.28
N GLU P 52 43.45 18.65 -8.93
CA GLU P 52 43.28 18.68 -10.38
C GLU P 52 44.34 19.62 -10.87
N VAL P 53 43.94 20.62 -11.63
CA VAL P 53 44.90 21.54 -12.12
C VAL P 53 44.58 22.91 -11.64
N SER P 54 45.49 23.44 -10.87
CA SER P 54 45.43 24.77 -10.29
C SER P 54 44.25 25.04 -9.36
N LYS P 55 43.57 24.03 -8.84
CA LYS P 55 42.50 24.31 -7.91
C LYS P 55 43.01 24.12 -6.51
N ARG P 56 42.38 24.75 -5.57
CA ARG P 56 42.82 24.57 -4.22
C ARG P 56 41.91 23.56 -3.51
N PRO P 57 42.43 22.56 -2.80
CA PRO P 57 41.68 21.65 -1.98
C PRO P 57 41.09 22.42 -0.82
N SER P 58 39.99 21.94 -0.28
CA SER P 58 39.46 22.61 0.88
C SER P 58 40.46 22.45 2.00
N GLY P 59 40.63 23.50 2.80
CA GLY P 59 41.52 23.44 3.95
C GLY P 59 42.95 23.89 3.64
N VAL P 60 43.24 24.11 2.38
CA VAL P 60 44.55 24.54 1.95
C VAL P 60 44.64 26.05 1.90
N SER P 61 45.77 26.56 2.35
CA SER P 61 46.07 27.98 2.38
C SER P 61 46.04 28.63 1.02
N HIS P 62 45.50 29.84 1.00
CA HIS P 62 45.31 30.68 -0.17
C HIS P 62 46.60 31.18 -0.75
N ARG P 63 47.68 30.99 -0.01
CA ARG P 63 48.99 31.38 -0.47
C ARG P 63 49.36 30.52 -1.66
N PHE P 64 48.81 29.31 -1.70
CA PHE P 64 49.15 28.35 -2.72
C PHE P 64 48.19 28.43 -3.89
N SER P 65 48.71 28.68 -5.07
CA SER P 65 47.92 28.78 -6.28
C SER P 65 48.67 28.21 -7.47
N GLY P 66 48.03 27.34 -8.23
CA GLY P 66 48.74 26.77 -9.37
C GLY P 66 48.54 27.58 -10.64
N SER P 67 49.36 27.28 -11.63
CA SER P 67 49.29 27.88 -12.94
C SER P 67 49.79 26.95 -14.02
N LYS P 68 49.21 27.04 -15.20
CA LYS P 68 49.68 26.23 -16.32
C LYS P 68 49.72 27.05 -17.60
N SER P 69 50.77 26.87 -18.41
CA SER P 69 50.84 27.56 -19.71
C SER P 69 50.86 26.60 -20.88
N GLY P 70 51.13 25.33 -20.62
CA GLY P 70 51.21 24.31 -21.65
C GLY P 70 52.63 23.85 -21.77
N ASN P 71 52.82 22.57 -21.46
CA ASN P 71 54.12 21.92 -21.37
C ASN P 71 54.99 22.68 -20.39
N THR P 72 54.33 23.17 -19.36
CA THR P 72 54.88 23.88 -18.24
C THR P 72 53.78 24.24 -17.28
N ALA P 73 54.11 24.15 -16.02
CA ALA P 73 53.20 24.48 -14.94
C ALA P 73 53.99 24.87 -13.70
N ALA P 74 53.33 25.61 -12.85
CA ALA P 74 53.99 26.06 -11.66
C ALA P 74 53.09 26.27 -10.46
N LEU P 75 53.72 26.21 -9.32
CA LEU P 75 53.10 26.51 -8.05
C LEU P 75 53.58 27.84 -7.54
N THR P 76 52.65 28.72 -7.27
CA THR P 76 52.99 30.01 -6.73
C THR P 76 52.66 30.01 -5.27
N ILE P 77 53.63 30.42 -4.45
CA ILE P 77 53.39 30.57 -3.04
C ILE P 77 53.52 32.03 -2.72
N SER P 78 52.41 32.70 -2.51
CA SER P 78 52.40 34.13 -2.28
C SER P 78 52.54 34.45 -0.82
N GLY P 79 53.37 35.42 -0.48
CA GLY P 79 53.40 35.74 0.93
C GLY P 79 54.00 34.60 1.76
N LEU P 80 55.11 34.03 1.29
CA LEU P 80 55.76 32.87 1.91
C LEU P 80 55.95 32.93 3.40
N GLN P 81 55.53 31.89 4.08
CA GLN P 81 55.69 31.83 5.52
C GLN P 81 56.72 30.81 5.91
N VAL P 82 57.24 30.93 7.11
CA VAL P 82 58.22 29.97 7.62
C VAL P 82 57.65 28.58 7.67
N GLU P 83 56.39 28.49 8.03
CA GLU P 83 55.68 27.24 8.15
C GLU P 83 55.51 26.49 6.83
N ASP P 84 55.82 27.15 5.70
CA ASP P 84 55.69 26.53 4.39
C ASP P 84 56.96 25.77 4.02
N GLU P 85 57.99 25.79 4.88
CA GLU P 85 59.18 25.02 4.53
C GLU P 85 58.78 23.57 4.37
N ALA P 86 59.09 22.99 3.21
CA ALA P 86 58.69 21.61 2.88
C ALA P 86 59.32 21.17 1.57
N ILE P 87 59.21 19.88 1.26
CA ILE P 87 59.62 19.42 -0.05
C ILE P 87 58.35 19.40 -0.92
N TYR P 88 58.41 20.05 -2.06
CA TYR P 88 57.22 20.11 -2.91
C TYR P 88 57.35 19.25 -4.12
N HIS P 89 56.25 18.66 -4.54
CA HIS P 89 56.32 17.79 -5.69
C HIS P 89 55.28 18.09 -6.76
N CYS P 90 55.72 18.00 -8.03
CA CYS P 90 54.87 18.07 -9.22
C CYS P 90 54.29 16.68 -9.38
N TYR P 91 53.04 16.64 -9.77
CA TYR P 91 52.37 15.40 -10.11
C TYR P 91 51.72 15.48 -11.46
N SER P 92 51.84 14.43 -12.23
CA SER P 92 51.14 14.42 -13.49
C SER P 92 50.91 13.01 -13.94
N TYR P 93 50.08 12.87 -14.96
CA TYR P 93 49.80 11.59 -15.54
C TYR P 93 50.20 11.55 -16.99
N ASP P 94 51.41 11.10 -17.27
CA ASP P 94 51.88 11.11 -18.66
C ASP P 94 51.51 9.76 -19.21
N ASP P 95 50.21 9.49 -19.21
CA ASP P 95 49.63 8.19 -19.55
C ASP P 95 50.00 7.18 -18.43
N MET P 96 50.60 7.71 -17.37
CA MET P 96 51.12 7.02 -16.20
C MET P 96 51.42 8.00 -15.07
N ILE P 97 51.27 7.58 -13.81
CA ILE P 97 51.67 8.51 -12.77
C ILE P 97 53.14 8.67 -12.62
N ILE P 98 53.50 9.93 -12.66
CA ILE P 98 54.83 10.41 -12.49
C ILE P 98 54.86 11.52 -11.45
N PHE P 99 55.87 11.48 -10.62
CA PHE P 99 56.09 12.55 -9.67
C PHE P 99 57.44 13.14 -9.95
N GLY P 100 57.61 14.41 -9.66
CA GLY P 100 58.93 15.01 -9.82
C GLY P 100 59.83 14.64 -8.66
N GLY P 101 61.13 14.94 -8.82
CA GLY P 101 62.13 14.62 -7.80
C GLY P 101 61.82 15.34 -6.49
N GLY P 102 61.27 16.53 -6.61
CA GLY P 102 60.89 17.36 -5.50
C GLY P 102 61.77 18.58 -5.37
N THR P 103 61.18 19.70 -4.98
CA THR P 103 61.89 20.96 -4.82
C THR P 103 61.95 21.30 -3.37
N ARG P 104 63.13 21.52 -2.86
CA ARG P 104 63.21 21.82 -1.47
C ARG P 104 63.07 23.29 -1.20
N LEU P 105 62.00 23.65 -0.51
CA LEU P 105 61.73 25.04 -0.16
C LEU P 105 62.10 25.34 1.23
N THR P 106 62.99 26.30 1.40
CA THR P 106 63.39 26.73 2.71
C THR P 106 62.97 28.18 2.89
N VAL P 107 62.91 28.65 4.12
CA VAL P 107 62.50 30.03 4.31
C VAL P 107 63.62 30.77 5.07
N LEU P 108 64.05 31.91 4.51
CA LEU P 108 65.15 32.75 4.98
C LEU P 108 64.67 33.65 6.12
#